data_8SEV
#
_entry.id   8SEV
#
_cell.length_a   1.00
_cell.length_b   1.00
_cell.length_c   1.00
_cell.angle_alpha   90.00
_cell.angle_beta   90.00
_cell.angle_gamma   90.00
#
_symmetry.space_group_name_H-M   'P 1'
#
loop_
_entity.id
_entity.type
_entity.pdbx_description
1 polymer 'Ryanodine receptor 1'
2 non-polymer 'PHOSPHOTHIOPHOSPHORIC ACID-ADENYLATE ESTER'
3 non-polymer 'ZINC ION'
#
_entity_poly.entity_id   1
_entity_poly.type   'polypeptide(L)'
_entity_poly.pdbx_seq_one_letter_code
;MGDGGEGEDEVQFLRTDDEVVLQCSATVLKEQLKLCLAAEGFGNRLCFLEPTSNAQNVPPDLAICCFTLEQSLSVRALQE
MLANTVEAGVESSQGGGHRTLLYGHAILLRHAHSRMYLSCLTTSRSMTDKLAFDVGLQEDATGEACWWTMHPASKQRSEG
EKVRVGDDLILVSVSSERYLHLSTASGELQVDASFMQTLWNMNPICSCCEEGYVTGGHVLRLFHGHMDECLTISAADSDD
QRRLVYYEGGAVCTHARSLWRLEPLRISWSGSHLRWGQPLRIRHVTTGRYLALTEDQGLVVVDACKAHTKATSFCFRVSK
EKLDTAPKRDVEGMGPPEIKYGESLCFVQHVASGLWLTYAAPDPKALRLGVLKKKAILHQEGHMDDALFLTRCQQEESQA
ARMIHSTAGLYNQFIKGLDSFSGKPRGSGPPAGPALPIEAVILSLQDLIGYFEPPSEELQHEEKQSKLRSLRNRQSLFQE
EGMLSLVLNCIDRLNVYTTAAHFAEYAGEEAAESWKEIVNLLYELLASLIRGNRANCALFSTNLDWVVSKLDRLEASSGI
LEVLYCVLIESPEVLNIIQENHIKSIISLLDKHGRNHKVLDVLCSLCVCNGVAVRSNQDLITENLLPGRELLLQTNLINY
VTSIRPNIFVGRAEGSTQYGKWYFEVMVDEVVPFLTAQATHLRVGWALTEGYSPYPGGGEGWGGNGVGDDLYSYGFDGLH
LWTGHVARPVTSPGQHLLAPEDVVSCCLDLSVPSISFRINGCPVQGVFEAFNLDGLFFPVVSFSAGVKVRFLLGGRHGEF
KFLPPPGYAPCHEAVLPRERLRLEPIKEYRREGPRGPHLVGPSRCLSHTDFVPCPVDTVQIVLPPHLERIREKLAENIHE
LWALTRIEQGWTYGPVRDDNKRLHPCLVNFHSLPEPERNYNLQMSGETLKTLLALGCHVGMADEKAEDNLKKTKLPKTYM
MSNGYKPAPLDLSHVRLTPAQTTLVDRLAENGHNVWARDRVAQGWSYSAVQDIPARRNPRLVPYRLLDEATKRSNRDSLC
QAVRTLLGYGYNIEPPDQEPSQVENQSRWDRVRIFRAEKSYTVQSGRWYFEFEAVTTGEMRVGWARPELRPDVELGADEL
AYVFNGHRGQRWHLGSEPFGRPWQSGDVVGCMIDLTENTIIFTLNGEVLMSDSGSETAFREIEIGDGFLPVCSLGPGQVG
HLNLGQDVSSLRFFAICGLQEGFEPFAINMQRPVTTWFSKSLPQFEPVPPEHPHYEVARMDGTVDTPPCLRLAHRTWGSQ
NSLVEMLFLRLSLPVQFHQHFRCTAGATPLAPPGLQPPAEDEARAAEPDPDYENLRRSAGGWGEAEGGKEGTAKEGTPGG
TPQPGVEAQPVRAENEKDATTEKNKKRGFLFKAKKAAMMTQPPATPALPRLPHDVVPADNRDDPEIILNTTTYYYSVRVF
AGQEPSCVWVGWVTPDYHQHDMNFDLSKVRAVTVTMGDEQGNVHSSLKCSNCYMVWGGDFVSPGQQGRISHTDLVIGCLV
DLATGLMTFTANGKESNTFFQVEPNTKLFPAVFVLPTHQNVIQFELGKQKNIMPLSAAMFLSERKNPAPQCPPRLEVQML
MPVSWSRMPNHFLQVETRRAGERLGWAVQCQDPLTMMALHIPEENRCMDILELSERLDLQRFHSHTLRLYRAVCALGNNR
VAHALCSHVDQAQLLHALEDAHLPGPLRAGYYDLLISIHLESACRSRRSMLSEYIVPLTPETRAITLFPPGRKGGNARRH
GLPGVGVTTSLRPPHHFSPPCFVAALPAAGVAEAPARLSPAIPLEALRDKALRMLGEAVRDGGQHARDPVGGSVEFQFVP
VLKLVSTLLVMGIFGDEDVKQILKMIEPEVFTEEEEEEEEEEEEEEEEEEDEEEKEEDEEEEEKEDAEKEEEEAPEGEKE
DLEEGLLQMKLPESVKLQMCNLLEYFCDQELQHRVESLAAFAERYVDKLQANQRSRYALLMRAFTMSAAETARRTREFRS
PPQEQINMLLHFKDEADEEDCPLPEDIRQDLQDFHQDLLAHCGIQLEGEEEEPEEETSLSSRLRSLLETVRLVKKKEEKP
EEELPAEEKKPQSLQELVSHMVVRWAQEDYVQSPELVRAMFSLLHRQYDGLGELLRALPRAYTISPSSVEDTMSLLECLG
QIRSLLIVQMGPQEENLMIQSIGNIMNNKVFYQHPNLMRALGMHETVMEVMVNVLGGGETKEIRFPKMVTSCCRFLCYFC
RISRQNQRSMFDHLSYLLENSGIGLGMQGSTPLDVAAASVIDNNELALALQEQDLEKVVSYLAGCGLQSCPMLLAKGYPD
IGWNPCGGERYLDFLRFAVFVNGESVEENANVVVRLLIRKPECFGPALRGEGGSGLLAAIEEAIRISEDPARDGPGVRRD
RRREHFGEEPPEENRVHLGHAIMSFYAALIDLLGRCAPEMHLIQAGKGEALRIRAILRSLVPLDDLVGIISLPLQIPTLG
KDGALVQPKMSASFVPDHKASMVLFLDRVYGIENQDFLLHVLDVGFLPDMRAAASLDTATFSTTEMALALNRYLCLAVLP
LITKCAPLFAGTEHRAIMVDSMLHTVYRLSRGRSLTKAQRDVIEDCLMALCRYIRPSMLQHLLRRLVFDVPILNEFAKMP
LKLLTNHYERCWKYYCLPTGWANFGVTSEEELHLTRKLFWGIFDSLAHKKYDQELYRMAMPCLCAIAGALPPDYVDASYS
SKAEKKATVDAEGNFDPRPVETLNVIIPEKLDSFINKFAEYTHEKWAFDKIQNNWSYGENVDEELKTHPMLRPYKTFSEK
DKEIYRWPIKESLKAMIAWEWTIEKAREGEEERTEKKKTRKISQTAQTYDPREGYNPQPPDLSGVTLSRELQAMAEQLAE
NYHNTWGRKKKQELEAKGGGTHPLLVPYDTLTAKEKARDREKAQELLKFLQMNGYAVTRGLKDMELDTSSIEKRFAFGFL
QQLLRWMDISQEFIAHLEAVVSSGRVEKSPHEQEIKFFAKILLPLINQYFTNHCLYFLSTPAKVLGSGGHASNKEKEMIT
SLFCKLAALVRHRVSLFGTDAPAVVNCLHILARSLDARTVMKSGPEIVKAGLRSFFESASEDIEKMVENLRLGKVSQART
QVKGVGQNLTYTTVALLPVLTTLFQHIAQHQFGDDVILDDVQVSCYRTLCSIYSLGTTKNTYVEKLRPALGECLARLAAA
MPVAFLEPQLNEYNACSVYTTKSPRERAILGLPNSVEEMCPDIPVLDRLMADIGGLAESGARYTEMPHVIEITLPMLCSY
LPRWWERGPEAPPPALPAGAPPPCTAVTSDHLNSLLGNILRIIVNNLGIDEATWMKRLAVFAQPIVSRARPELLHSHFIP
TIGRLRKRAGKVVAEEEQLRLEAKAEAEEGELLVRDEFSVLCRDLYALYPLLIRYVDNNRAHWLTEPNANAEELFRMVGE
IFIYWSKSHNFKREEQNFVVQNEINNMSFLTADSKSKMAKAGDAQSGGSDQERTKKKRRGDRYSVQTSLIVATLKKMLPI
GLNMCAPTDQDLIMLAKTRYALKDTDEEVREFLQNNLHLQGKVEGSPSLRWQMALYRGLPGREEDADDPEKIVRRVQEVS
AVLYHLEQTEHPYKSKKAVWHKLLSKQRRRAVVACFRMTPLYNLPTHRACNMFLESYKAAWILTEDHSFEDRMIDDLSKA
GEQEEEEEEVEEKKPDPLHQLVLHFSRTALTEKSKLDEDYLYMAYADIMAKSCHLEEGGENGEAEEEEVEVSFEEKEMEK
QRLLYQQSRLHTRGAAEMVLQMISACKGETGAMVSSTLKLGISILNGGNAEVQQKMLDYLKDKKEVGFFQSIQALMQTCS
VLDLNAFERQNKAEGLGMVNEDGTVINRQNGEKVMADDEFTQDLFRFLQLLCEGHNNDFQNYLRTQTGNTTTINIIICTV
DYLLRLQESISDFYWYYSGKDVIEEQGKRNFSKAMSVAKQVFNSLTEYIQGPCTGNQQSLAHSRLWDAVVGFLHVFAHMM
MKLAQDSSQIELLKELLDLQKDMVVMLLSLLEGNVVNGMIARQMVDMLVESSSNVEMILKFFDMFLKLKDIVGSEAFQDY
VTDPRGLISKKDFQKAMDSQKQFTGPEIQFLLSCSEADENEMINFEEFANRFQEPARDIGFNVAVLLTNLSEHVPHDPRL
RNFLELAESILEYFRPYLGRIEIMGASRRIERIYFEISETNRAQWEMPQVKESKRQFIFDVVNEGGEAEKMELFVSFCED
TIFEMQIAAQISEPEGEPEADEDEGMGEAAAEGAEEGAAGAEGAAGTVAAGATARLAAAAARALRGLSYRSLRRRVRRLR
RLTAREAATALAALLWAVVARAGAAGAGAAAGALRLLWGSLFGGGLVEGAKKVTVTELLAGMPDPTSDEVHGEQPAGPGG
DADGAGEGEGEGDAAEGDGDEEVAGHEAGPGGAEGVVAVADGGPFRPEGAGGLGDMGDTTPAEPPTPEGSPILKRKLGVD
GEEEELVPEPEPEPEPEPEKADEENGEKEEVPEAPPEPPKKAPPSPPAKKEEAGGAGMEFWGELEVQRVKFLNYLSRNFY
TLRFLALFLAFAINFILLFYKVSDSPPGEDDMEGSAAGDLAGAGSGGGSGWGSGAGEEAEGDEDENMVYYFLEESTGYME
PALWCLSLLHTLVAFLCIIGYNCLKVPLVIFKREKELARKLEFDGLYITEQPGDDDVKGQWDRLVLNTPSFPSNYWDKFV
KRKVLDKHGDIFGRERIAELLGMDLASLEITAHNERKPDPPPGLLTWLMSIDVKYQIWKFGVIFTDNSFLYLGWYMVMSL
LGHYNNFFFAAHLLDIAMGVKTLRTILSSVTHNGKQLVMTVGLLAVVVYLYTVVAFNFFRKFYNKSEDEDEPDMKCDDMM
TCYLFHMYVGVRAGGGIGDEIEDPAGDEYELYRVVFDITFFFFVIVILLAIIQGLIIDAFGELRDQQEQVKEDMETKCFI
CGIGSDYFDTTPHGFETHTLEEHNLANYMFFLMYLINKDETEHTGQESYVWKMYQERCWDFFPAGDCFRKQYEDQLS
;
_entity_poly.pdbx_strand_id   A,B,C,D
#
loop_
_chem_comp.id
_chem_comp.type
_chem_comp.name
_chem_comp.formula
AGS non-polymer 'PHOSPHOTHIOPHOSPHORIC ACID-ADENYLATE ESTER' 'C10 H16 N5 O12 P3 S'
ZN non-polymer 'ZINC ION' 'Zn 2'
#
# COMPACT_ATOMS: atom_id res chain seq x y z
N ASN A 3950 8.51 66.77 -39.89
CA ASN A 3950 7.44 66.66 -40.89
C ASN A 3950 6.99 65.22 -41.03
N PHE A 3951 7.79 64.29 -40.51
CA PHE A 3951 7.46 62.88 -40.55
C PHE A 3951 6.30 62.51 -39.63
N SER A 3952 5.86 63.44 -38.78
CA SER A 3952 4.83 63.13 -37.79
C SER A 3952 3.53 62.70 -38.45
N LYS A 3953 3.13 63.41 -39.51
CA LYS A 3953 1.87 63.06 -40.19
C LYS A 3953 1.97 61.69 -40.86
N ALA A 3954 3.12 61.41 -41.49
CA ALA A 3954 3.30 60.11 -42.14
C ALA A 3954 3.27 58.98 -41.11
N MET A 3955 3.95 59.16 -39.98
CA MET A 3955 3.91 58.14 -38.95
C MET A 3955 2.52 58.00 -38.34
N SER A 3956 1.78 59.10 -38.20
CA SER A 3956 0.43 59.04 -37.66
C SER A 3956 -0.50 58.26 -38.58
N VAL A 3957 -0.42 58.52 -39.89
CA VAL A 3957 -1.30 57.80 -40.82
C VAL A 3957 -0.86 56.34 -40.93
N ALA A 3958 0.46 56.08 -40.83
CA ALA A 3958 0.92 54.70 -40.82
C ALA A 3958 0.42 53.97 -39.58
N LYS A 3959 0.33 54.66 -38.45
CA LYS A 3959 -0.23 54.07 -37.25
C LYS A 3959 -1.68 53.65 -37.46
N GLN A 3960 -2.49 54.50 -38.08
CA GLN A 3960 -3.86 54.15 -38.37
C GLN A 3960 -3.94 52.97 -39.35
N VAL A 3961 -3.07 52.97 -40.35
CA VAL A 3961 -3.05 51.87 -41.31
C VAL A 3961 -2.72 50.55 -40.61
N PHE A 3962 -1.73 50.59 -39.71
CA PHE A 3962 -1.34 49.38 -39.00
C PHE A 3962 -2.44 48.91 -38.07
N ASN A 3963 -3.12 49.84 -37.39
CA ASN A 3963 -4.23 49.47 -36.52
C ASN A 3963 -5.38 48.88 -37.32
N SER A 3964 -5.68 49.45 -38.50
CA SER A 3964 -6.72 48.87 -39.35
C SER A 3964 -6.33 47.48 -39.83
N LEU A 3965 -5.06 47.29 -40.18
CA LEU A 3965 -4.61 45.96 -40.60
C LEU A 3965 -4.75 44.96 -39.46
N THR A 3966 -4.44 45.39 -38.23
CA THR A 3966 -4.67 44.52 -37.08
C THR A 3966 -6.15 44.19 -36.91
N GLU A 3967 -7.01 45.19 -37.07
CA GLU A 3967 -8.45 44.98 -36.94
C GLU A 3967 -8.97 44.00 -37.98
N TYR A 3968 -8.44 44.05 -39.20
CA TYR A 3968 -8.90 43.14 -40.25
C TYR A 3968 -8.57 41.69 -39.94
N ILE A 3969 -7.64 41.42 -39.04
CA ILE A 3969 -7.16 40.05 -38.82
C ILE A 3969 -7.37 39.64 -37.37
N GLN A 3970 -7.46 40.60 -36.46
CA GLN A 3970 -7.74 40.29 -35.06
C GLN A 3970 -9.10 39.62 -34.94
N GLY A 3971 -9.21 38.70 -33.98
CA GLY A 3971 -10.35 37.83 -33.95
C GLY A 3971 -10.25 36.85 -35.10
N PRO A 3972 -9.30 35.90 -34.98
CA PRO A 3972 -8.74 35.23 -36.17
C PRO A 3972 -9.75 34.76 -37.20
N CYS A 3973 -9.66 35.35 -38.39
CA CYS A 3973 -10.45 34.93 -39.54
C CYS A 3973 -9.50 34.25 -40.52
N THR A 3974 -9.80 32.99 -40.86
CA THR A 3974 -8.89 32.21 -41.69
C THR A 3974 -8.69 32.86 -43.06
N GLY A 3975 -9.73 33.45 -43.63
CA GLY A 3975 -9.60 34.07 -44.94
C GLY A 3975 -8.67 35.27 -44.93
N ASN A 3976 -8.81 36.14 -43.93
CA ASN A 3976 -8.01 37.36 -43.87
C ASN A 3976 -6.52 37.05 -43.67
N GLN A 3977 -6.22 36.05 -42.84
CA GLN A 3977 -4.81 35.70 -42.61
C GLN A 3977 -4.13 35.24 -43.88
N GLN A 3978 -4.80 34.37 -44.65
CA GLN A 3978 -4.20 33.87 -45.88
C GLN A 3978 -4.20 34.96 -46.96
N SER A 3979 -5.17 35.87 -46.93
CA SER A 3979 -5.15 36.99 -47.86
C SER A 3979 -3.96 37.90 -47.60
N LEU A 3980 -3.69 38.20 -46.33
CA LEU A 3980 -2.54 39.03 -46.00
C LEU A 3980 -1.23 38.30 -46.29
N ALA A 3981 -1.17 37.00 -46.01
CA ALA A 3981 0.05 36.24 -46.27
C ALA A 3981 0.36 36.21 -47.76
N HIS A 3982 -0.64 35.99 -48.60
CA HIS A 3982 -0.46 35.94 -50.05
C HIS A 3982 -0.65 37.32 -50.68
N SER A 3983 0.15 38.29 -50.26
CA SER A 3983 0.06 39.64 -50.78
C SER A 3983 1.44 40.29 -50.70
N ARG A 3984 1.51 41.57 -51.04
CA ARG A 3984 2.76 42.33 -51.00
C ARG A 3984 2.98 43.02 -49.67
N LEU A 3985 2.31 42.56 -48.61
CA LEU A 3985 2.52 43.14 -47.28
C LEU A 3985 3.96 42.95 -46.82
N TRP A 3986 4.50 41.74 -47.00
CA TRP A 3986 5.81 41.42 -46.46
C TRP A 3986 6.90 42.25 -47.14
N ASP A 3987 6.76 42.50 -48.44
CA ASP A 3987 7.66 43.46 -49.09
C ASP A 3987 7.52 44.84 -48.49
N ALA A 3988 6.28 45.27 -48.24
CA ALA A 3988 6.04 46.52 -47.54
C ALA A 3988 6.37 46.42 -46.06
N VAL A 3989 6.37 45.21 -45.49
CA VAL A 3989 6.80 45.04 -44.11
C VAL A 3989 8.26 45.44 -43.97
N VAL A 3990 9.11 45.01 -44.90
CA VAL A 3990 10.49 45.47 -44.88
C VAL A 3990 10.54 46.75 -45.68
N GLY A 3991 10.05 47.84 -45.09
CA GLY A 3991 10.26 49.18 -45.56
C GLY A 3991 10.51 50.05 -44.36
N PHE A 3992 10.28 49.47 -43.18
CA PHE A 3992 10.34 50.16 -41.91
C PHE A 3992 11.48 49.69 -41.02
N LEU A 3993 11.81 48.40 -41.05
CA LEU A 3993 12.89 47.89 -40.21
C LEU A 3993 14.21 48.56 -40.56
N HIS A 3994 14.49 48.73 -41.86
CA HIS A 3994 15.59 49.57 -42.29
C HIS A 3994 15.50 50.96 -41.67
N VAL A 3995 14.33 51.59 -41.79
CA VAL A 3995 14.10 52.88 -41.15
C VAL A 3995 14.16 52.75 -39.63
N PHE A 3996 13.44 51.77 -39.07
CA PHE A 3996 13.35 51.63 -37.62
C PHE A 3996 14.71 51.46 -36.96
N ALA A 3997 15.70 50.97 -37.70
CA ALA A 3997 17.06 50.85 -37.17
C ALA A 3997 17.89 52.10 -37.48
N HIS A 3998 18.06 52.43 -38.77
CA HIS A 3998 18.98 53.50 -39.13
C HIS A 3998 18.49 54.87 -38.69
N MET A 3999 17.21 55.18 -38.91
CA MET A 3999 16.69 56.47 -38.48
C MET A 3999 16.66 56.59 -36.96
N MET A 4000 16.36 55.51 -36.24
CA MET A 4000 16.43 55.59 -34.78
C MET A 4000 17.84 55.86 -34.30
N MET A 4001 18.83 55.18 -34.89
CA MET A 4001 20.21 55.44 -34.48
C MET A 4001 20.65 56.84 -34.87
N LYS A 4002 20.11 57.38 -35.97
CA LYS A 4002 20.41 58.75 -36.34
C LYS A 4002 19.80 59.75 -35.36
N LEU A 4003 18.54 59.53 -34.98
CA LEU A 4003 17.83 60.46 -34.11
C LEU A 4003 18.23 60.34 -32.64
N ALA A 4004 18.79 59.20 -32.23
CA ALA A 4004 19.14 59.01 -30.83
C ALA A 4004 20.27 59.93 -30.41
N GLN A 4005 21.23 60.17 -31.29
CA GLN A 4005 22.37 61.02 -30.96
C GLN A 4005 21.93 62.45 -30.66
N ASP A 4006 21.01 62.99 -31.44
CA ASP A 4006 20.54 64.36 -31.26
C ASP A 4006 19.40 64.36 -30.24
N SER A 4007 19.56 65.18 -29.19
CA SER A 4007 18.56 65.22 -28.13
C SER A 4007 17.29 65.95 -28.55
N SER A 4008 17.31 66.65 -29.68
CA SER A 4008 16.13 67.38 -30.12
C SER A 4008 15.13 66.52 -30.89
N GLN A 4009 15.43 65.25 -31.11
CA GLN A 4009 14.59 64.36 -31.89
C GLN A 4009 13.80 63.37 -31.02
N ILE A 4010 13.57 63.70 -29.75
CA ILE A 4010 12.94 62.76 -28.83
C ILE A 4010 11.49 62.49 -29.23
N GLU A 4011 10.77 63.53 -29.67
CA GLU A 4011 9.38 63.34 -30.07
C GLU A 4011 9.27 62.45 -31.31
N LEU A 4012 10.12 62.66 -32.30
CA LEU A 4012 10.12 61.78 -33.46
C LEU A 4012 10.55 60.37 -33.08
N LEU A 4013 11.46 60.26 -32.11
CA LEU A 4013 11.86 58.96 -31.59
C LEU A 4013 10.66 58.22 -31.00
N LYS A 4014 9.86 58.92 -30.19
CA LYS A 4014 8.70 58.29 -29.57
C LYS A 4014 7.63 57.94 -30.61
N GLU A 4015 7.49 58.79 -31.64
CA GLU A 4015 6.56 58.47 -32.72
C GLU A 4015 6.99 57.19 -33.44
N LEU A 4016 8.28 57.04 -33.71
CA LEU A 4016 8.76 55.80 -34.29
C LEU A 4016 8.58 54.63 -33.33
N LEU A 4017 8.70 54.90 -32.02
CA LEU A 4017 8.51 53.85 -31.02
C LEU A 4017 7.10 53.27 -31.07
N ASP A 4018 6.07 54.13 -31.00
CA ASP A 4018 4.72 53.55 -31.01
C ASP A 4018 4.33 53.10 -32.41
N LEU A 4019 4.97 53.63 -33.46
CA LEU A 4019 4.76 53.09 -34.78
C LEU A 4019 5.21 51.63 -34.86
N GLN A 4020 6.42 51.34 -34.35
CA GLN A 4020 6.86 49.95 -34.38
C GLN A 4020 6.12 49.11 -33.37
N LYS A 4021 5.56 49.74 -32.32
CA LYS A 4021 4.68 49.00 -31.42
C LYS A 4021 3.44 48.50 -32.15
N ASP A 4022 2.79 49.38 -32.92
CA ASP A 4022 1.68 48.93 -33.74
C ASP A 4022 2.13 47.88 -34.77
N MET A 4023 3.32 48.06 -35.34
CA MET A 4023 3.82 47.08 -36.29
C MET A 4023 3.99 45.70 -35.64
N VAL A 4024 4.61 45.64 -34.47
CA VAL A 4024 4.87 44.34 -33.85
C VAL A 4024 3.58 43.71 -33.35
N VAL A 4025 2.62 44.51 -32.88
CA VAL A 4025 1.36 43.90 -32.50
C VAL A 4025 0.62 43.37 -33.73
N MET A 4026 0.75 44.05 -34.88
CA MET A 4026 0.18 43.51 -36.10
C MET A 4026 0.82 42.18 -36.48
N LEU A 4027 2.15 42.10 -36.41
CA LEU A 4027 2.84 40.86 -36.72
C LEU A 4027 2.42 39.73 -35.77
N LEU A 4028 2.28 40.05 -34.48
CA LEU A 4028 1.79 39.05 -33.54
C LEU A 4028 0.36 38.62 -33.88
N SER A 4029 -0.48 39.57 -34.29
CA SER A 4029 -1.85 39.24 -34.66
C SER A 4029 -1.90 38.32 -35.89
N LEU A 4030 -0.97 38.52 -36.83
CA LEU A 4030 -0.91 37.61 -37.98
C LEU A 4030 -0.59 36.19 -37.55
N LEU A 4031 0.14 36.02 -36.45
CA LEU A 4031 0.47 34.69 -35.94
C LEU A 4031 -0.54 34.27 -34.86
N GLU A 4032 -1.81 34.23 -35.26
CA GLU A 4032 -2.91 33.83 -34.40
C GLU A 4032 -3.53 32.57 -34.94
N GLY A 4033 -3.76 31.60 -34.07
CA GLY A 4033 -4.17 30.28 -34.53
C GLY A 4033 -3.12 29.61 -35.38
N ASN A 4034 -1.85 29.76 -35.00
CA ASN A 4034 -0.74 29.26 -35.79
C ASN A 4034 -0.70 27.74 -35.76
N VAL A 4035 -0.29 27.16 -36.90
CA VAL A 4035 -0.09 25.72 -37.03
C VAL A 4035 1.36 25.48 -37.38
N VAL A 4036 1.95 24.44 -36.78
CA VAL A 4036 3.35 24.12 -37.04
C VAL A 4036 3.55 23.81 -38.51
N ASN A 4037 4.62 24.37 -39.08
CA ASN A 4037 4.91 24.24 -40.51
C ASN A 4037 3.76 24.80 -41.35
N GLY A 4038 3.10 25.84 -40.85
CA GLY A 4038 2.06 26.49 -41.60
C GLY A 4038 2.62 27.48 -42.60
N MET A 4039 1.77 27.88 -43.56
CA MET A 4039 2.21 28.79 -44.61
C MET A 4039 2.67 30.13 -44.03
N ILE A 4040 1.91 30.68 -43.09
CA ILE A 4040 2.29 31.94 -42.47
C ILE A 4040 3.54 31.76 -41.61
N ALA A 4041 3.62 30.66 -40.86
CA ALA A 4041 4.80 30.42 -40.03
C ALA A 4041 6.05 30.25 -40.87
N ARG A 4042 5.99 29.46 -41.94
CA ARG A 4042 7.14 29.30 -42.81
C ARG A 4042 7.48 30.58 -43.55
N GLN A 4043 6.46 31.42 -43.83
CA GLN A 4043 6.72 32.66 -44.54
C GLN A 4043 7.35 33.72 -43.65
N MET A 4044 7.04 33.70 -42.35
CA MET A 4044 7.60 34.69 -41.43
C MET A 4044 9.11 34.58 -41.32
N VAL A 4045 9.64 33.36 -41.21
CA VAL A 4045 11.08 33.19 -41.01
C VAL A 4045 11.85 33.62 -42.25
N ASP A 4046 11.24 33.51 -43.44
CA ASP A 4046 11.88 34.04 -44.64
C ASP A 4046 12.12 35.54 -44.52
N MET A 4047 11.07 36.29 -44.18
CA MET A 4047 11.21 37.73 -43.99
C MET A 4047 12.23 38.04 -42.89
N LEU A 4048 12.21 37.24 -41.81
CA LEU A 4048 13.17 37.46 -40.74
C LEU A 4048 14.60 37.28 -41.22
N VAL A 4049 14.82 36.33 -42.12
CA VAL A 4049 16.16 36.12 -42.66
C VAL A 4049 16.55 37.28 -43.59
N GLU A 4050 15.64 37.71 -44.47
CA GLU A 4050 16.01 38.74 -45.45
C GLU A 4050 16.42 40.05 -44.79
N SER A 4051 15.86 40.37 -43.63
CA SER A 4051 16.17 41.61 -42.92
C SER A 4051 16.78 41.32 -41.55
N SER A 4052 17.65 40.31 -41.49
CA SER A 4052 18.23 39.91 -40.21
C SER A 4052 19.10 41.00 -39.61
N SER A 4053 19.90 41.68 -40.44
CA SER A 4053 20.77 42.73 -39.91
C SER A 4053 19.96 43.85 -39.28
N ASN A 4054 18.85 44.22 -39.92
CA ASN A 4054 17.97 45.23 -39.33
C ASN A 4054 17.40 44.76 -38.00
N VAL A 4055 17.08 43.46 -37.90
CA VAL A 4055 16.57 42.92 -36.63
C VAL A 4055 17.63 43.01 -35.54
N GLU A 4056 18.88 42.63 -35.86
CA GLU A 4056 19.94 42.72 -34.85
C GLU A 4056 20.18 44.17 -34.45
N MET A 4057 20.10 45.09 -35.41
CA MET A 4057 20.34 46.50 -35.09
C MET A 4057 19.20 47.10 -34.30
N ILE A 4058 17.96 46.67 -34.56
CA ILE A 4058 16.81 47.19 -33.83
C ILE A 4058 16.74 46.62 -32.44
N LEU A 4059 17.20 45.37 -32.25
CA LEU A 4059 17.14 44.75 -30.92
C LEU A 4059 18.05 45.46 -29.93
N LYS A 4060 19.27 45.82 -30.35
CA LYS A 4060 20.22 46.46 -29.45
C LYS A 4060 20.22 47.96 -29.65
N PRO A 4176 11.57 34.53 -18.59
CA PRO A 4176 11.37 35.03 -17.23
C PRO A 4176 10.05 35.77 -17.06
N TYR A 4177 9.66 36.55 -18.08
CA TYR A 4177 8.38 37.25 -18.08
C TYR A 4177 7.37 36.65 -19.04
N LEU A 4178 7.81 35.81 -19.98
CA LEU A 4178 6.89 35.20 -20.92
C LEU A 4178 6.00 34.19 -20.22
N GLY A 4179 4.72 34.20 -20.57
CA GLY A 4179 3.77 33.25 -20.04
C GLY A 4179 3.15 32.40 -21.14
N ARG A 4180 3.39 31.10 -21.10
CA ARG A 4180 2.94 30.20 -22.15
C ARG A 4180 1.87 29.26 -21.61
N ILE A 4181 0.70 29.25 -22.26
CA ILE A 4181 -0.38 28.33 -21.94
C ILE A 4181 -0.93 27.77 -23.23
N GLU A 4182 -1.68 26.68 -23.10
CA GLU A 4182 -2.34 26.03 -24.23
C GLU A 4182 -3.82 25.91 -23.94
N ILE A 4183 -4.65 26.28 -24.92
CA ILE A 4183 -6.10 26.22 -24.78
C ILE A 4183 -6.69 25.47 -25.96
N MET A 4184 -7.96 25.11 -25.83
CA MET A 4184 -8.76 24.56 -26.92
C MET A 4184 -9.55 25.72 -27.53
N GLY A 4185 -9.10 26.19 -28.69
CA GLY A 4185 -9.71 27.34 -29.32
C GLY A 4185 -11.05 26.98 -29.95
N ALA A 4186 -11.60 27.97 -30.65
CA ALA A 4186 -12.89 27.79 -31.32
C ALA A 4186 -12.82 26.79 -32.46
N SER A 4187 -11.63 26.43 -32.92
CA SER A 4187 -11.44 25.45 -33.98
C SER A 4187 -11.25 24.04 -33.45
N ARG A 4188 -11.44 23.83 -32.15
CA ARG A 4188 -11.27 22.53 -31.51
C ARG A 4188 -9.85 22.00 -31.68
N ARG A 4189 -8.89 22.91 -31.79
CA ARG A 4189 -7.48 22.57 -31.98
C ARG A 4189 -6.65 23.30 -30.93
N ILE A 4190 -5.64 22.62 -30.39
CA ILE A 4190 -4.84 23.19 -29.31
C ILE A 4190 -4.00 24.35 -29.85
N GLU A 4191 -4.09 25.49 -29.18
CA GLU A 4191 -3.31 26.67 -29.55
C GLU A 4191 -2.52 27.16 -28.33
N ARG A 4192 -1.38 27.77 -28.60
CA ARG A 4192 -0.50 28.28 -27.55
C ARG A 4192 -0.63 29.79 -27.47
N ILE A 4193 -0.76 30.30 -26.24
CA ILE A 4193 -0.93 31.73 -26.00
C ILE A 4193 0.28 32.25 -25.23
N TYR A 4194 0.82 33.36 -25.69
CA TYR A 4194 1.92 34.04 -25.02
C TYR A 4194 1.44 35.40 -24.53
N PHE A 4195 1.78 35.72 -23.28
CA PHE A 4195 1.38 36.99 -22.69
C PHE A 4195 2.53 37.48 -21.82
N GLU A 4196 2.26 38.51 -21.02
CA GLU A 4196 3.28 39.16 -20.20
C GLU A 4196 2.94 39.01 -18.73
N ILE A 4197 3.97 38.73 -17.92
CA ILE A 4197 3.83 38.60 -16.48
C ILE A 4197 4.70 39.66 -15.82
N SER A 4198 4.10 40.44 -14.93
CA SER A 4198 4.83 41.50 -14.24
C SER A 4198 5.70 40.92 -13.12
N GLU A 4199 6.69 41.70 -12.72
CA GLU A 4199 7.58 41.27 -11.64
C GLU A 4199 6.84 41.14 -10.32
N THR A 4200 5.92 42.07 -10.05
CA THR A 4200 5.20 42.04 -8.78
C THR A 4200 4.35 40.78 -8.65
N ASN A 4201 3.67 40.39 -9.74
CA ASN A 4201 2.84 39.20 -9.70
C ASN A 4201 3.66 37.95 -9.41
N ARG A 4202 4.80 37.80 -10.09
CA ARG A 4202 5.66 36.65 -9.84
C ARG A 4202 6.20 36.67 -8.41
N ALA A 4203 6.61 37.85 -7.93
CA ALA A 4203 7.13 37.95 -6.57
C ALA A 4203 6.09 37.56 -5.55
N GLN A 4204 4.84 38.00 -5.75
CA GLN A 4204 3.77 37.59 -4.85
C GLN A 4204 3.47 36.10 -4.96
N TRP A 4205 3.63 35.55 -6.16
CA TRP A 4205 3.41 34.12 -6.35
C TRP A 4205 4.43 33.29 -5.57
N GLU A 4206 5.68 33.75 -5.53
CA GLU A 4206 6.71 33.00 -4.81
C GLU A 4206 6.69 33.25 -3.31
N MET A 4207 5.77 34.06 -2.80
CA MET A 4207 5.70 34.31 -1.37
C MET A 4207 5.33 33.02 -0.63
N PRO A 4208 5.88 32.81 0.57
CA PRO A 4208 5.63 31.55 1.28
C PRO A 4208 4.17 31.31 1.62
N GLN A 4209 3.40 32.35 1.97
CA GLN A 4209 2.01 32.15 2.31
C GLN A 4209 1.20 31.72 1.08
N VAL A 4210 1.51 32.29 -0.09
CA VAL A 4210 0.86 31.87 -1.32
C VAL A 4210 1.24 30.43 -1.66
N LYS A 4211 2.49 30.05 -1.38
CA LYS A 4211 2.91 28.67 -1.58
C LYS A 4211 2.12 27.72 -0.69
N GLU A 4212 1.91 28.10 0.58
CA GLU A 4212 1.14 27.26 1.49
C GLU A 4212 -0.31 27.16 1.03
N SER A 4213 -0.89 28.26 0.57
CA SER A 4213 -2.25 28.23 0.04
C SER A 4213 -2.34 27.29 -1.17
N LYS A 4214 -1.35 27.36 -2.06
CA LYS A 4214 -1.32 26.47 -3.22
C LYS A 4214 -1.23 25.01 -2.79
N ARG A 4215 -0.36 24.71 -1.83
CA ARG A 4215 -0.23 23.33 -1.36
C ARG A 4215 -1.53 22.82 -0.75
N GLN A 4216 -2.19 23.66 0.06
CA GLN A 4216 -3.45 23.26 0.65
C GLN A 4216 -4.51 23.02 -0.42
N PHE A 4217 -4.57 23.90 -1.43
CA PHE A 4217 -5.54 23.72 -2.50
C PHE A 4217 -5.27 22.44 -3.28
N ILE A 4218 -4.00 22.16 -3.57
CA ILE A 4218 -3.64 20.95 -4.32
C ILE A 4218 -4.05 19.71 -3.54
N PHE A 4219 -3.75 19.70 -2.23
CA PHE A 4219 -4.13 18.57 -1.41
C PHE A 4219 -5.64 18.41 -1.36
N ASP A 4220 -6.37 19.52 -1.22
CA ASP A 4220 -7.83 19.44 -1.14
C ASP A 4220 -8.42 18.87 -2.42
N VAL A 4221 -7.91 19.32 -3.58
CA VAL A 4221 -8.47 18.86 -4.84
C VAL A 4221 -8.11 17.40 -5.10
N VAL A 4222 -6.85 17.03 -4.86
CA VAL A 4222 -6.41 15.67 -5.20
C VAL A 4222 -7.04 14.65 -4.25
N ASN A 4223 -7.08 14.96 -2.96
CA ASN A 4223 -7.58 13.99 -1.99
C ASN A 4223 -9.09 13.80 -2.12
N GLU A 4224 -9.86 14.86 -1.90
CA GLU A 4224 -11.32 14.81 -1.96
C GLU A 4224 -11.80 15.84 -3.00
N GLY A 4225 -11.90 15.38 -4.25
CA GLY A 4225 -12.37 16.24 -5.33
C GLY A 4225 -12.87 15.41 -6.49
N GLY A 4226 -13.61 16.07 -7.37
CA GLY A 4226 -14.16 15.45 -8.56
C GLY A 4226 -13.51 16.01 -9.81
N GLU A 4227 -13.34 15.14 -10.82
CA GLU A 4227 -12.72 15.58 -12.07
C GLU A 4227 -13.63 16.54 -12.83
N ALA A 4228 -14.95 16.35 -12.73
CA ALA A 4228 -15.88 17.22 -13.42
C ALA A 4228 -15.81 18.65 -12.90
N GLU A 4229 -15.70 18.81 -11.58
CA GLU A 4229 -15.68 20.12 -10.94
C GLU A 4229 -14.27 20.58 -10.56
N LYS A 4230 -13.24 19.87 -11.02
CA LYS A 4230 -11.87 20.27 -10.68
C LYS A 4230 -11.55 21.64 -11.26
N MET A 4231 -11.97 21.90 -12.49
CA MET A 4231 -11.64 23.16 -13.15
C MET A 4231 -12.34 24.33 -12.47
N GLU A 4232 -13.59 24.14 -12.03
CA GLU A 4232 -14.29 25.20 -11.31
C GLU A 4232 -13.56 25.55 -10.01
N LEU A 4233 -13.14 24.53 -9.26
CA LEU A 4233 -12.39 24.77 -8.04
C LEU A 4233 -11.07 25.47 -8.32
N PHE A 4234 -10.39 25.05 -9.41
CA PHE A 4234 -9.12 25.67 -9.76
C PHE A 4234 -9.31 27.14 -10.11
N VAL A 4235 -10.36 27.48 -10.86
CA VAL A 4235 -10.60 28.86 -11.23
C VAL A 4235 -10.97 29.69 -10.00
N SER A 4236 -11.76 29.12 -9.09
CA SER A 4236 -12.09 29.83 -7.86
C SER A 4236 -10.84 30.09 -7.02
N PHE A 4237 -9.95 29.10 -6.94
CA PHE A 4237 -8.70 29.29 -6.20
C PHE A 4237 -7.83 30.35 -6.87
N CYS A 4238 -7.79 30.38 -8.20
CA CYS A 4238 -7.04 31.41 -8.89
C CYS A 4238 -7.61 32.79 -8.60
N GLU A 4239 -8.95 32.92 -8.58
CA GLU A 4239 -9.56 34.19 -8.25
C GLU A 4239 -9.21 34.63 -6.83
N ASP A 4240 -9.26 33.70 -5.87
CA ASP A 4240 -8.90 34.02 -4.51
C ASP A 4240 -7.44 34.46 -4.41
N THR A 4241 -6.54 33.78 -5.13
CA THR A 4241 -5.14 34.15 -5.12
C THR A 4241 -4.93 35.53 -5.73
N ILE A 4242 -5.66 35.85 -6.80
CA ILE A 4242 -5.53 37.16 -7.44
C ILE A 4242 -6.01 38.26 -6.50
N PHE A 4243 -7.11 38.01 -5.79
CA PHE A 4243 -7.59 39.01 -4.83
C PHE A 4243 -6.60 39.18 -3.68
N GLU A 4244 -6.00 38.07 -3.22
CA GLU A 4244 -4.94 38.17 -2.22
C GLU A 4244 -3.79 39.02 -2.72
N MET A 4245 -3.37 38.80 -3.96
CA MET A 4245 -2.30 39.60 -4.54
C MET A 4245 -2.68 41.08 -4.58
N GLN A 4246 -3.92 41.38 -4.97
CA GLN A 4246 -4.36 42.76 -5.06
C GLN A 4246 -4.33 43.44 -3.70
N ILE A 4247 -4.89 42.81 -2.67
CA ILE A 4247 -4.93 43.45 -1.36
C ILE A 4247 -3.53 43.54 -0.76
N ALA A 4248 -2.68 42.53 -1.01
CA ALA A 4248 -1.31 42.60 -0.53
C ALA A 4248 -0.55 43.75 -1.17
N ALA A 4249 -0.75 43.97 -2.48
CA ALA A 4249 -0.15 45.13 -3.13
C ALA A 4249 -0.70 46.42 -2.57
N GLN A 4250 -1.99 46.47 -2.29
CA GLN A 4250 -2.60 47.67 -1.74
C GLN A 4250 -2.01 48.02 -0.38
N ILE A 4251 -1.84 47.03 0.48
CA ILE A 4251 -1.34 47.29 1.84
C ILE A 4251 0.17 47.45 1.90
N SER A 4252 0.89 47.12 0.83
CA SER A 4252 2.34 47.21 0.87
C SER A 4252 2.79 48.65 1.00
N GLU A 4253 3.81 48.87 1.83
CA GLU A 4253 4.33 50.21 2.08
C GLU A 4253 5.73 50.34 1.48
N PRO A 4254 5.95 51.31 0.59
CA PRO A 4254 7.26 51.54 -0.02
C PRO A 4254 8.28 52.10 0.96
N PHE A 4540 -7.00 69.45 10.49
CA PHE A 4540 -6.44 68.28 11.14
C PHE A 4540 -6.99 67.00 10.50
N TRP A 4541 -7.99 67.15 9.63
CA TRP A 4541 -8.56 66.00 8.94
C TRP A 4541 -7.65 65.48 7.83
N GLY A 4542 -6.82 66.35 7.25
CA GLY A 4542 -5.93 65.91 6.19
C GLY A 4542 -4.90 64.91 6.67
N GLU A 4543 -4.26 65.21 7.81
CA GLU A 4543 -3.30 64.28 8.39
C GLU A 4543 -3.97 63.04 8.98
N LEU A 4544 -5.24 63.15 9.37
CA LEU A 4544 -5.93 62.03 9.98
C LEU A 4544 -6.00 60.84 9.05
N GLU A 4545 -6.41 61.06 7.80
CA GLU A 4545 -6.52 59.97 6.84
C GLU A 4545 -5.16 59.33 6.56
N VAL A 4546 -4.12 60.16 6.39
CA VAL A 4546 -2.80 59.64 6.10
C VAL A 4546 -2.30 58.77 7.25
N GLN A 4547 -2.41 59.28 8.47
CA GLN A 4547 -1.95 58.53 9.64
C GLN A 4547 -2.75 57.25 9.83
N ARG A 4548 -4.07 57.32 9.63
CA ARG A 4548 -4.91 56.13 9.80
C ARG A 4548 -4.56 55.06 8.77
N VAL A 4549 -4.39 55.46 7.52
CA VAL A 4549 -4.05 54.48 6.48
C VAL A 4549 -2.68 53.89 6.73
N LYS A 4550 -1.70 54.71 7.13
CA LYS A 4550 -0.38 54.19 7.42
C LYS A 4550 -0.42 53.21 8.58
N PHE A 4551 -1.15 53.54 9.63
CA PHE A 4551 -1.28 52.64 10.78
C PHE A 4551 -1.92 51.33 10.39
N LEU A 4552 -3.00 51.41 9.60
CA LEU A 4552 -3.72 50.20 9.23
C LEU A 4552 -2.88 49.31 8.32
N ASN A 4553 -2.13 49.91 7.39
CA ASN A 4553 -1.24 49.12 6.54
C ASN A 4553 -0.12 48.50 7.34
N TYR A 4554 0.42 49.24 8.32
CA TYR A 4554 1.45 48.68 9.20
C TYR A 4554 0.93 47.49 9.98
N LEU A 4555 -0.30 47.58 10.48
CA LEU A 4555 -0.90 46.44 11.17
C LEU A 4555 -1.14 45.27 10.22
N SER A 4556 -1.60 45.56 9.00
CA SER A 4556 -1.91 44.48 8.06
C SER A 4556 -0.65 43.75 7.62
N ARG A 4557 0.46 44.48 7.45
CA ARG A 4557 1.70 43.84 7.01
C ARG A 4557 2.21 42.84 8.05
N ASN A 4558 2.11 43.18 9.33
CA ASN A 4558 2.66 42.36 10.41
C ASN A 4558 1.59 41.67 11.24
N PHE A 4559 0.54 41.14 10.60
CA PHE A 4559 -0.47 40.41 11.34
C PHE A 4559 0.12 39.17 12.02
N TYR A 4560 0.91 38.39 11.27
CA TYR A 4560 1.48 37.18 11.84
C TYR A 4560 2.57 37.49 12.86
N THR A 4561 3.30 38.59 12.66
CA THR A 4561 4.26 39.01 13.68
C THR A 4561 3.56 39.36 14.98
N LEU A 4562 2.41 40.04 14.89
CA LEU A 4562 1.64 40.34 16.10
C LEU A 4562 1.06 39.09 16.73
N ARG A 4563 0.65 38.11 15.92
CA ARG A 4563 0.17 36.84 16.47
C ARG A 4563 1.28 36.14 17.25
N PHE A 4564 2.49 36.10 16.66
CA PHE A 4564 3.62 35.48 17.36
C PHE A 4564 3.98 36.25 18.63
N LEU A 4565 3.89 37.58 18.58
CA LEU A 4565 4.16 38.38 19.77
C LEU A 4565 3.14 38.08 20.86
N ALA A 4566 1.87 37.92 20.49
CA ALA A 4566 0.86 37.56 21.47
C ALA A 4566 1.14 36.20 22.08
N LEU A 4567 1.56 35.24 21.25
CA LEU A 4567 1.89 33.92 21.77
C LEU A 4567 3.07 33.99 22.75
N PHE A 4568 4.11 34.74 22.40
CA PHE A 4568 5.26 34.90 23.28
C PHE A 4568 4.86 35.57 24.58
N LEU A 4569 3.98 36.58 24.51
CA LEU A 4569 3.51 37.23 25.72
C LEU A 4569 2.70 36.27 26.59
N ALA A 4570 1.94 35.37 25.96
CA ALA A 4570 1.23 34.36 26.72
C ALA A 4570 2.19 33.46 27.49
N PHE A 4571 3.27 33.02 26.82
CA PHE A 4571 4.26 32.22 27.54
C PHE A 4571 4.90 33.02 28.67
N ALA A 4572 5.22 34.29 28.42
CA ALA A 4572 5.85 35.10 29.47
C ALA A 4572 4.93 35.28 30.67
N ILE A 4573 3.65 35.56 30.42
CA ILE A 4573 2.71 35.76 31.52
C ILE A 4573 2.51 34.46 32.29
N ASN A 4574 2.39 33.33 31.59
CA ASN A 4574 2.23 32.05 32.29
C ASN A 4574 3.47 31.70 33.09
N PHE A 4575 4.66 31.99 32.56
CA PHE A 4575 5.87 31.75 33.34
C PHE A 4575 5.91 32.62 34.59
N ILE A 4576 5.46 33.87 34.48
CA ILE A 4576 5.38 34.72 35.67
C ILE A 4576 4.38 34.15 36.67
N LEU A 4577 3.22 33.71 36.19
CA LEU A 4577 2.21 33.11 37.06
C LEU A 4577 2.69 31.83 37.71
N LEU A 4578 3.67 31.16 37.13
CA LEU A 4578 4.27 29.98 37.75
C LEU A 4578 4.97 30.29 39.10
N PHE A 4579 5.05 31.54 39.55
CA PHE A 4579 5.71 31.88 40.81
C PHE A 4579 4.69 32.29 41.87
N TYR A 4580 3.46 31.82 41.75
CA TYR A 4580 2.38 32.22 42.62
C TYR A 4580 2.33 31.35 43.87
N LYS A 4581 1.92 31.96 44.98
CA LYS A 4581 1.63 31.25 46.23
C LYS A 4581 0.35 31.84 46.82
N VAL A 4582 -0.30 31.05 47.68
CA VAL A 4582 -1.53 31.50 48.35
C VAL A 4582 -1.32 31.37 49.85
N SER A 4583 -1.84 32.35 50.60
CA SER A 4583 -1.73 32.37 52.05
C SER A 4583 -2.96 33.03 52.64
N ASP A 4584 -3.26 32.66 53.88
CA ASP A 4584 -4.34 33.31 54.62
C ASP A 4584 -3.92 34.69 55.13
N SER A 4585 -2.66 34.82 55.55
CA SER A 4585 -2.13 36.11 56.00
C SER A 4585 -1.88 37.03 54.80
N PRO A 4586 -1.88 38.34 55.03
CA PRO A 4586 -1.58 39.28 53.94
C PRO A 4586 -0.18 39.06 53.38
N PRO A 4587 0.01 39.26 52.08
CA PRO A 4587 1.28 39.14 51.34
C PRO A 4587 2.46 39.75 52.08
N ASN A 4626 -11.98 30.98 55.88
CA ASN A 4626 -11.05 32.08 56.00
C ASN A 4626 -10.83 32.79 54.68
N MET A 4627 -10.50 34.08 54.74
CA MET A 4627 -10.20 34.82 53.52
C MET A 4627 -8.88 34.33 52.92
N VAL A 4628 -8.85 34.25 51.59
CA VAL A 4628 -7.67 33.83 50.85
C VAL A 4628 -7.17 35.00 50.02
N TYR A 4629 -5.86 35.25 50.09
CA TYR A 4629 -5.22 36.33 49.37
C TYR A 4629 -4.41 35.76 48.21
N TYR A 4630 -4.53 36.39 47.05
CA TYR A 4630 -3.90 35.92 45.82
C TYR A 4630 -2.71 36.83 45.54
N PHE A 4631 -1.52 36.40 45.97
CA PHE A 4631 -0.30 37.20 45.89
C PHE A 4631 0.79 36.42 45.20
N LEU A 4632 1.64 37.12 44.46
CA LEU A 4632 2.76 36.48 43.76
C LEU A 4632 4.03 36.70 44.57
N GLU A 4633 4.69 35.62 44.97
CA GLU A 4633 5.83 35.67 45.88
C GLU A 4633 7.08 35.23 45.16
N GLU A 4634 8.12 36.07 45.19
CA GLU A 4634 9.42 35.74 44.62
C GLU A 4634 10.45 36.70 45.20
N SER A 4635 11.72 36.45 44.88
CA SER A 4635 12.83 37.12 45.54
C SER A 4635 13.26 38.41 44.85
N THR A 4636 13.28 38.42 43.51
CA THR A 4636 13.85 39.56 42.79
C THR A 4636 13.07 40.84 43.04
N GLY A 4637 11.74 40.75 43.06
CA GLY A 4637 10.89 41.92 43.21
C GLY A 4637 10.50 42.58 41.92
N TYR A 4638 11.08 42.18 40.79
CA TYR A 4638 10.74 42.77 39.49
C TYR A 4638 9.66 42.01 38.75
N MET A 4639 9.13 40.94 39.33
CA MET A 4639 8.17 40.11 38.58
C MET A 4639 6.79 40.75 38.48
N GLU A 4640 6.34 41.43 39.53
CA GLU A 4640 5.00 42.02 39.45
C GLU A 4640 4.92 43.21 38.50
N PRO A 4641 5.91 44.12 38.42
CA PRO A 4641 5.82 45.16 37.37
C PRO A 4641 5.84 44.54 35.99
N ALA A 4642 6.65 43.49 35.81
CA ALA A 4642 6.70 42.80 34.53
C ALA A 4642 5.35 42.20 34.18
N LEU A 4643 4.70 41.57 35.16
CA LEU A 4643 3.40 40.97 34.91
C LEU A 4643 2.36 42.03 34.53
N TRP A 4644 2.34 43.14 35.28
CA TRP A 4644 1.38 44.19 34.99
C TRP A 4644 1.59 44.76 33.59
N CYS A 4645 2.84 45.13 33.28
CA CYS A 4645 3.14 45.70 31.96
C CYS A 4645 2.84 44.70 30.85
N LEU A 4646 3.18 43.42 31.07
CA LEU A 4646 2.95 42.40 30.05
C LEU A 4646 1.47 42.18 29.81
N SER A 4647 0.65 42.24 30.86
CA SER A 4647 -0.79 42.07 30.66
C SER A 4647 -1.39 43.25 29.91
N LEU A 4648 -1.06 44.48 30.31
CA LEU A 4648 -1.58 45.63 29.59
C LEU A 4648 -1.04 45.70 28.17
N LEU A 4649 0.14 45.14 27.92
CA LEU A 4649 0.67 45.07 26.56
C LEU A 4649 0.00 43.97 25.76
N HIS A 4650 -0.32 42.84 26.39
CA HIS A 4650 -0.92 41.72 25.68
C HIS A 4650 -2.34 42.04 25.26
N THR A 4651 -3.10 42.76 26.09
CA THR A 4651 -4.44 43.17 25.67
C THR A 4651 -4.38 44.05 24.43
N LEU A 4652 -3.44 45.01 24.43
CA LEU A 4652 -3.27 45.88 23.27
C LEU A 4652 -2.84 45.09 22.05
N VAL A 4653 -1.96 44.11 22.24
CA VAL A 4653 -1.50 43.29 21.12
C VAL A 4653 -2.66 42.49 20.54
N ALA A 4654 -3.53 41.95 21.39
CA ALA A 4654 -4.70 41.22 20.89
C ALA A 4654 -5.64 42.15 20.13
N PHE A 4655 -5.84 43.36 20.64
CA PHE A 4655 -6.68 44.33 19.92
C PHE A 4655 -6.08 44.65 18.55
N LEU A 4656 -4.77 44.85 18.49
CA LEU A 4656 -4.11 45.11 17.22
C LEU A 4656 -4.22 43.92 16.28
N CYS A 4657 -4.16 42.71 16.84
CA CYS A 4657 -4.33 41.51 16.03
C CYS A 4657 -5.71 41.46 15.40
N ILE A 4658 -6.75 41.79 16.17
CA ILE A 4658 -8.10 41.79 15.62
C ILE A 4658 -8.24 42.86 14.53
N ILE A 4659 -7.68 44.05 14.77
CA ILE A 4659 -7.76 45.11 13.76
C ILE A 4659 -7.04 44.70 12.48
N GLY A 4660 -5.85 44.10 12.62
CA GLY A 4660 -5.14 43.63 11.45
C GLY A 4660 -5.86 42.54 10.70
N TYR A 4661 -6.51 41.63 11.43
CA TYR A 4661 -7.32 40.59 10.80
C TYR A 4661 -8.46 41.21 10.01
N ASN A 4662 -9.13 42.21 10.60
CA ASN A 4662 -10.22 42.88 9.91
C ASN A 4662 -9.73 43.53 8.63
N CYS A 4663 -8.58 44.20 8.70
CA CYS A 4663 -8.08 44.91 7.53
C CYS A 4663 -7.36 44.03 6.52
N LEU A 4664 -7.09 42.76 6.87
CA LEU A 4664 -6.34 41.88 6.00
C LEU A 4664 -7.15 40.69 5.50
N LYS A 4665 -7.77 39.92 6.40
CA LYS A 4665 -8.41 38.67 6.03
C LYS A 4665 -9.91 38.80 5.79
N VAL A 4666 -10.57 39.79 6.40
CA VAL A 4666 -12.00 39.99 6.15
C VAL A 4666 -12.30 40.27 4.68
N PRO A 4667 -11.52 41.09 3.95
CA PRO A 4667 -11.84 41.30 2.53
C PRO A 4667 -11.91 40.03 1.72
N LEU A 4668 -11.07 39.03 2.01
CA LEU A 4668 -11.18 37.76 1.29
C LEU A 4668 -12.54 37.11 1.54
N VAL A 4669 -13.00 37.10 2.80
CA VAL A 4669 -14.29 36.50 3.10
C VAL A 4669 -15.42 37.24 2.41
N ILE A 4670 -15.37 38.57 2.43
CA ILE A 4670 -16.41 39.36 1.79
C ILE A 4670 -16.41 39.10 0.28
N PHE A 4671 -15.22 39.07 -0.33
CA PHE A 4671 -15.12 38.82 -1.76
C PHE A 4671 -15.66 37.45 -2.13
N LYS A 4672 -15.31 36.43 -1.34
CA LYS A 4672 -15.80 35.09 -1.62
C LYS A 4672 -17.33 35.02 -1.49
N ARG A 4673 -17.87 35.64 -0.44
CA ARG A 4673 -19.32 35.62 -0.25
C ARG A 4673 -20.04 36.32 -1.40
N GLU A 4674 -19.55 37.49 -1.80
CA GLU A 4674 -20.16 38.20 -2.90
C GLU A 4674 -20.04 37.42 -4.20
N LYS A 4675 -18.90 36.75 -4.41
CA LYS A 4675 -18.70 35.97 -5.62
C LYS A 4675 -19.70 34.82 -5.69
N GLU A 4676 -19.82 34.04 -4.62
CA GLU A 4676 -20.77 32.94 -4.62
C GLU A 4676 -22.20 33.44 -4.77
N LEU A 4677 -22.54 34.57 -4.12
CA LEU A 4677 -23.88 35.10 -4.25
C LEU A 4677 -24.18 35.55 -5.67
N ALA A 4678 -23.22 36.21 -6.32
CA ALA A 4678 -23.42 36.64 -7.70
C ALA A 4678 -23.57 35.45 -8.64
N ARG A 4679 -22.76 34.41 -8.45
CA ARG A 4679 -22.89 33.23 -9.30
C ARG A 4679 -24.23 32.52 -9.07
N LYS A 4680 -24.69 32.47 -7.81
CA LYS A 4680 -26.01 31.89 -7.53
C LYS A 4680 -27.12 32.71 -8.17
N LEU A 4681 -26.99 34.04 -8.13
CA LEU A 4681 -28.00 34.89 -8.75
C LEU A 4681 -28.03 34.70 -10.26
N GLU A 4682 -26.87 34.57 -10.88
CA GLU A 4682 -26.79 34.55 -12.34
C GLU A 4682 -27.04 33.16 -12.92
N PHE A 4683 -26.22 32.18 -12.55
CA PHE A 4683 -26.26 30.86 -13.17
C PHE A 4683 -27.11 29.86 -12.41
N ASP A 4684 -27.79 30.28 -11.35
CA ASP A 4684 -28.67 29.39 -10.59
C ASP A 4684 -30.07 29.96 -10.39
N GLY A 4685 -30.21 31.27 -10.29
CA GLY A 4685 -31.52 31.86 -10.01
C GLY A 4685 -32.03 31.49 -8.64
N LEU A 4686 -31.18 31.60 -7.63
CA LEU A 4686 -31.51 31.24 -6.26
C LEU A 4686 -32.73 32.00 -5.76
N TYR A 4687 -32.64 33.32 -5.69
CA TYR A 4687 -33.76 34.14 -5.26
C TYR A 4687 -34.75 34.43 -6.38
N ILE A 4688 -34.47 33.98 -7.59
CA ILE A 4688 -35.43 34.10 -8.69
C ILE A 4688 -36.35 32.89 -8.74
N THR A 4689 -35.80 31.69 -8.58
CA THR A 4689 -36.58 30.45 -8.64
C THR A 4689 -36.53 29.66 -7.34
N GLU A 4690 -35.33 29.38 -6.81
CA GLU A 4690 -35.19 28.43 -5.71
C GLU A 4690 -35.88 28.93 -4.45
N GLN A 4691 -35.55 30.15 -4.00
CA GLN A 4691 -36.12 30.76 -2.81
C GLN A 4691 -36.04 29.84 -1.60
N PRO A 4692 -34.86 29.66 -1.01
CA PRO A 4692 -34.75 28.77 0.16
C PRO A 4692 -35.61 29.26 1.30
N GLY A 4693 -36.29 28.32 1.96
CA GLY A 4693 -37.28 28.68 2.96
C GLY A 4693 -36.74 29.23 4.27
N ASP A 4694 -36.15 28.37 5.10
CA ASP A 4694 -35.60 28.83 6.37
C ASP A 4694 -34.25 28.19 6.68
N ASP A 4695 -33.99 27.01 6.12
CA ASP A 4695 -32.82 26.24 6.51
C ASP A 4695 -31.53 26.89 6.03
N ASP A 4696 -31.52 27.42 4.81
CA ASP A 4696 -30.34 28.08 4.29
C ASP A 4696 -30.16 29.43 4.96
N VAL A 4697 -29.65 29.43 6.19
CA VAL A 4697 -29.46 30.68 6.93
C VAL A 4697 -28.51 31.60 6.21
N LYS A 4698 -27.54 31.04 5.47
CA LYS A 4698 -26.65 31.86 4.67
C LYS A 4698 -27.43 32.64 3.63
N GLY A 4699 -28.34 31.98 2.91
CA GLY A 4699 -29.18 32.67 1.95
C GLY A 4699 -30.13 33.65 2.63
N GLN A 4700 -30.64 33.28 3.80
CA GLN A 4700 -31.54 34.18 4.51
C GLN A 4700 -30.85 35.48 4.89
N TRP A 4701 -29.59 35.39 5.33
CA TRP A 4701 -28.85 36.62 5.62
C TRP A 4701 -28.41 37.34 4.36
N ASP A 4702 -28.16 36.59 3.28
CA ASP A 4702 -27.76 37.22 2.02
C ASP A 4702 -28.91 37.93 1.33
N ARG A 4703 -30.16 37.63 1.72
CA ARG A 4703 -31.30 38.34 1.14
C ARG A 4703 -31.21 39.85 1.38
N LEU A 4704 -30.55 40.28 2.45
CA LEU A 4704 -30.58 41.69 2.82
C LEU A 4704 -29.63 42.54 1.97
N VAL A 4705 -28.72 41.93 1.22
CA VAL A 4705 -27.72 42.69 0.48
C VAL A 4705 -28.10 42.85 -1.00
N LEU A 4706 -29.15 42.18 -1.46
CA LEU A 4706 -29.49 42.22 -2.88
C LEU A 4706 -29.86 43.64 -3.33
N ASN A 4707 -30.60 44.37 -2.51
CA ASN A 4707 -31.11 45.68 -2.88
C ASN A 4707 -30.17 46.82 -2.49
N THR A 4708 -28.98 46.52 -2.00
CA THR A 4708 -28.05 47.56 -1.60
C THR A 4708 -27.44 48.23 -2.83
N PRO A 4709 -27.17 49.54 -2.75
CA PRO A 4709 -26.55 50.23 -3.90
C PRO A 4709 -25.15 49.75 -4.23
N SER A 4710 -24.46 49.10 -3.30
CA SER A 4710 -23.07 48.69 -3.47
C SER A 4710 -22.90 47.22 -3.09
N PHE A 4711 -23.76 46.37 -3.65
CA PHE A 4711 -23.67 44.94 -3.35
C PHE A 4711 -22.34 44.34 -3.75
N PRO A 4712 -21.83 44.50 -4.99
CA PRO A 4712 -20.50 43.93 -5.30
C PRO A 4712 -19.37 44.90 -5.03
N SER A 4713 -19.12 45.19 -3.76
CA SER A 4713 -18.09 46.16 -3.40
C SER A 4713 -16.69 45.59 -3.59
N ASN A 4714 -16.47 44.33 -3.21
CA ASN A 4714 -15.16 43.71 -3.35
C ASN A 4714 -15.04 42.86 -4.61
N TYR A 4715 -16.11 42.20 -5.03
CA TYR A 4715 -16.09 41.42 -6.26
C TYR A 4715 -15.94 42.35 -7.45
N TRP A 4716 -15.12 41.93 -8.41
CA TRP A 4716 -14.87 42.72 -9.63
C TRP A 4716 -15.88 42.40 -10.72
N ASP A 4717 -17.16 42.45 -10.37
CA ASP A 4717 -18.24 42.10 -11.29
C ASP A 4717 -19.36 43.12 -11.20
N LYS A 4718 -19.00 44.41 -11.30
CA LYS A 4718 -19.96 45.49 -11.11
C LYS A 4718 -21.17 45.37 -12.05
N PHE A 4719 -21.01 44.72 -13.19
CA PHE A 4719 -22.10 44.53 -14.15
C PHE A 4719 -22.95 43.31 -13.84
N VAL A 4720 -22.88 42.78 -12.61
CA VAL A 4720 -23.63 41.57 -12.27
C VAL A 4720 -25.13 41.85 -12.30
N LYS A 4721 -25.55 43.05 -11.88
CA LYS A 4721 -26.96 43.39 -11.91
C LYS A 4721 -27.49 43.39 -13.34
N ARG A 4722 -26.76 44.01 -14.26
CA ARG A 4722 -27.18 44.02 -15.66
C ARG A 4722 -27.16 42.61 -16.24
N LYS A 4723 -26.16 41.80 -15.86
CA LYS A 4723 -26.08 40.44 -16.38
C LYS A 4723 -27.26 39.60 -15.92
N VAL A 4724 -27.62 39.67 -14.64
CA VAL A 4724 -28.75 38.89 -14.16
C VAL A 4724 -30.06 39.43 -14.72
N LEU A 4725 -30.14 40.75 -14.95
CA LEU A 4725 -31.32 41.32 -15.58
C LEU A 4725 -31.49 40.74 -16.99
N ASP A 4726 -30.44 40.82 -17.81
CA ASP A 4726 -30.52 40.26 -19.15
C ASP A 4726 -30.77 38.75 -19.12
N LYS A 4727 -30.32 38.07 -18.06
CA LYS A 4727 -30.52 36.64 -17.97
C LYS A 4727 -31.98 36.28 -17.70
N HIS A 4728 -32.62 36.99 -16.77
CA HIS A 4728 -33.91 36.54 -16.26
C HIS A 4728 -35.10 37.42 -16.62
N GLY A 4729 -34.93 38.75 -16.66
CA GLY A 4729 -36.08 39.63 -16.73
C GLY A 4729 -36.92 39.47 -17.98
N ASP A 4730 -36.30 39.08 -19.10
CA ASP A 4730 -37.02 38.96 -20.37
C ASP A 4730 -38.15 37.96 -20.29
N ILE A 4731 -38.03 36.93 -19.46
CA ILE A 4731 -39.06 35.90 -19.33
C ILE A 4731 -39.72 35.95 -17.95
N PHE A 4732 -39.05 36.54 -16.97
CA PHE A 4732 -39.50 36.50 -15.59
C PHE A 4732 -40.11 37.82 -15.12
N GLY A 4733 -39.77 38.93 -15.77
CA GLY A 4733 -40.33 40.22 -15.40
C GLY A 4733 -39.25 41.26 -15.18
N ARG A 4734 -39.63 42.52 -15.39
CA ARG A 4734 -38.70 43.64 -15.30
C ARG A 4734 -38.81 44.40 -13.99
N GLU A 4735 -40.02 44.78 -13.58
CA GLU A 4735 -40.18 45.59 -12.37
C GLU A 4735 -39.81 44.80 -11.12
N ARG A 4736 -40.15 43.51 -11.07
CA ARG A 4736 -39.87 42.73 -9.86
C ARG A 4736 -38.38 42.55 -9.66
N ILE A 4737 -37.64 42.34 -10.75
CA ILE A 4737 -36.18 42.23 -10.65
C ILE A 4737 -35.59 43.54 -10.15
N ALA A 4738 -36.09 44.67 -10.66
CA ALA A 4738 -35.59 45.96 -10.20
C ALA A 4738 -35.88 46.18 -8.71
N GLU A 4739 -37.08 45.77 -8.26
CA GLU A 4739 -37.40 45.88 -6.85
C GLU A 4739 -36.50 44.98 -6.00
N LEU A 4740 -36.26 43.76 -6.46
CA LEU A 4740 -35.43 42.83 -5.70
C LEU A 4740 -33.99 43.30 -5.61
N LEU A 4741 -33.44 43.79 -6.72
CA LEU A 4741 -32.05 44.23 -6.77
C LEU A 4741 -31.87 45.69 -6.37
N GLY A 4742 -32.96 46.42 -6.18
CA GLY A 4742 -32.86 47.82 -5.80
C GLY A 4742 -32.20 48.70 -6.85
N MET A 4743 -32.52 48.46 -8.12
CA MET A 4743 -31.98 49.24 -9.22
C MET A 4743 -33.12 50.00 -9.92
N ASP A 4744 -32.81 51.21 -10.38
CA ASP A 4744 -33.78 52.02 -11.11
C ASP A 4744 -33.63 51.73 -12.60
N LEU A 4745 -34.71 51.24 -13.22
CA LEU A 4745 -34.66 50.89 -14.64
C LEU A 4745 -34.45 52.13 -15.50
N ALA A 4746 -35.09 53.25 -15.15
CA ALA A 4746 -34.91 54.47 -15.93
C ALA A 4746 -33.49 54.99 -15.83
N SER A 4747 -32.95 55.07 -14.62
CA SER A 4747 -31.59 55.56 -14.36
C SER A 4747 -31.34 56.92 -15.01
N ASP A 4772 -24.94 53.70 3.71
CA ASP A 4772 -25.49 52.39 3.39
C ASP A 4772 -25.51 51.50 4.63
N VAL A 4773 -26.52 51.72 5.48
CA VAL A 4773 -26.58 51.01 6.76
C VAL A 4773 -26.83 49.53 6.54
N LYS A 4774 -27.66 49.19 5.56
CA LYS A 4774 -28.02 47.78 5.36
C LYS A 4774 -26.84 46.96 4.87
N TYR A 4775 -26.04 47.51 3.95
CA TYR A 4775 -24.87 46.78 3.49
C TYR A 4775 -23.86 46.58 4.61
N GLN A 4776 -23.66 47.60 5.44
CA GLN A 4776 -22.77 47.46 6.58
C GLN A 4776 -23.28 46.41 7.55
N ILE A 4777 -24.60 46.37 7.77
CA ILE A 4777 -25.18 45.35 8.64
C ILE A 4777 -24.92 43.96 8.07
N TRP A 4778 -25.12 43.79 6.77
CA TRP A 4778 -24.87 42.49 6.15
C TRP A 4778 -23.40 42.09 6.26
N LYS A 4779 -22.50 43.04 6.02
CA LYS A 4779 -21.07 42.73 6.10
C LYS A 4779 -20.68 42.35 7.52
N PHE A 4780 -21.19 43.07 8.52
CA PHE A 4780 -20.86 42.74 9.90
C PHE A 4780 -21.46 41.39 10.30
N GLY A 4781 -22.66 41.07 9.81
CA GLY A 4781 -23.23 39.76 10.08
C GLY A 4781 -22.40 38.65 9.46
N VAL A 4782 -21.88 38.88 8.26
CA VAL A 4782 -20.99 37.89 7.64
C VAL A 4782 -19.71 37.75 8.45
N ILE A 4783 -19.17 38.86 8.93
CA ILE A 4783 -17.92 38.82 9.71
C ILE A 4783 -18.14 38.04 11.01
N PHE A 4784 -19.24 38.30 11.70
CA PHE A 4784 -19.48 37.68 13.00
C PHE A 4784 -19.76 36.19 12.89
N THR A 4785 -19.99 35.67 11.69
CA THR A 4785 -20.18 34.25 11.46
C THR A 4785 -18.86 33.52 11.23
N ASP A 4786 -17.82 34.25 10.81
CA ASP A 4786 -16.53 33.67 10.46
C ASP A 4786 -15.88 33.08 11.70
N ASN A 4787 -15.33 31.87 11.54
CA ASN A 4787 -14.74 31.17 12.69
C ASN A 4787 -13.49 31.87 13.20
N SER A 4788 -12.61 32.33 12.29
CA SER A 4788 -11.36 32.94 12.73
C SER A 4788 -11.60 34.24 13.47
N PHE A 4789 -12.52 35.07 12.98
CA PHE A 4789 -12.85 36.30 13.69
C PHE A 4789 -13.43 36.00 15.06
N LEU A 4790 -14.26 34.97 15.16
CA LEU A 4790 -14.80 34.58 16.45
C LEU A 4790 -13.72 34.10 17.40
N TYR A 4791 -12.74 33.36 16.88
CA TYR A 4791 -11.64 32.90 17.72
C TYR A 4791 -10.82 34.08 18.23
N LEU A 4792 -10.55 35.05 17.36
CA LEU A 4792 -9.81 36.23 17.78
C LEU A 4792 -10.61 37.05 18.79
N GLY A 4793 -11.93 37.13 18.60
CA GLY A 4793 -12.77 37.81 19.59
C GLY A 4793 -12.76 37.12 20.94
N TRP A 4794 -12.81 35.79 20.95
CA TRP A 4794 -12.67 35.02 22.19
C TRP A 4794 -11.32 35.21 22.85
N TYR A 4795 -10.24 35.24 22.06
CA TYR A 4795 -8.93 35.56 22.59
C TYR A 4795 -8.89 36.94 23.22
N MET A 4796 -9.49 37.94 22.58
CA MET A 4796 -9.59 39.27 23.17
C MET A 4796 -10.41 39.27 24.45
N VAL A 4797 -11.50 38.49 24.48
CA VAL A 4797 -12.34 38.44 25.67
C VAL A 4797 -11.58 37.84 26.85
N MET A 4798 -10.86 36.74 26.62
CA MET A 4798 -10.06 36.17 27.69
C MET A 4798 -8.90 37.10 28.08
N SER A 4799 -8.34 37.82 27.12
CA SER A 4799 -7.30 38.79 27.46
C SER A 4799 -7.86 39.90 28.36
N LEU A 4800 -9.07 40.36 28.07
CA LEU A 4800 -9.70 41.36 28.95
C LEU A 4800 -9.96 40.78 30.33
N LEU A 4801 -10.51 39.57 30.39
CA LEU A 4801 -10.82 38.95 31.68
C LEU A 4801 -9.57 38.61 32.47
N GLY A 4802 -8.41 38.48 31.81
CA GLY A 4802 -7.19 38.23 32.54
C GLY A 4802 -6.83 39.32 33.52
N HIS A 4803 -7.31 40.54 33.27
CA HIS A 4803 -7.13 41.62 34.24
C HIS A 4803 -7.98 41.41 35.47
N TYR A 4804 -9.19 40.85 35.30
CA TYR A 4804 -10.02 40.51 36.45
C TYR A 4804 -9.35 39.43 37.29
N ASN A 4805 -8.83 38.39 36.65
CA ASN A 4805 -8.09 37.33 37.34
C ASN A 4805 -6.95 36.91 36.40
N ASN A 4806 -5.72 37.03 36.89
CA ASN A 4806 -4.54 36.84 36.06
C ASN A 4806 -4.47 35.42 35.48
N PHE A 4807 -5.05 34.44 36.17
CA PHE A 4807 -4.98 33.07 35.71
C PHE A 4807 -5.83 32.81 34.47
N PHE A 4808 -6.69 33.75 34.08
CA PHE A 4808 -7.40 33.62 32.81
C PHE A 4808 -6.45 33.68 31.62
N PHE A 4809 -5.23 34.15 31.81
CA PHE A 4809 -4.22 34.14 30.77
C PHE A 4809 -3.68 32.74 30.48
N ALA A 4810 -4.02 31.76 31.31
CA ALA A 4810 -3.62 30.39 31.03
C ALA A 4810 -4.36 29.77 29.86
N ALA A 4811 -5.56 30.27 29.55
CA ALA A 4811 -6.33 29.77 28.42
C ALA A 4811 -5.75 30.19 27.08
N HIS A 4812 -4.79 31.11 27.08
CA HIS A 4812 -4.12 31.52 25.86
C HIS A 4812 -3.04 30.56 25.41
N LEU A 4813 -2.62 29.63 26.28
CA LEU A 4813 -1.72 28.58 25.86
C LEU A 4813 -2.38 27.62 24.88
N LEU A 4814 -3.71 27.59 24.83
CA LEU A 4814 -4.41 26.79 23.83
C LEU A 4814 -4.13 27.29 22.43
N ASP A 4815 -3.63 28.52 22.30
CA ASP A 4815 -3.31 29.07 20.98
C ASP A 4815 -2.16 28.34 20.31
N ILE A 4816 -1.37 27.57 21.06
CA ILE A 4816 -0.28 26.82 20.44
C ILE A 4816 -0.84 25.75 19.51
N ALA A 4817 -2.04 25.24 19.80
CA ALA A 4817 -2.65 24.25 18.93
C ALA A 4817 -3.01 24.85 17.58
N MET A 4818 -3.50 26.09 17.57
CA MET A 4818 -3.89 26.75 16.32
C MET A 4818 -2.78 27.57 15.70
N GLY A 4819 -1.63 27.68 16.37
CA GLY A 4819 -0.56 28.50 15.86
C GLY A 4819 0.53 27.74 15.12
N VAL A 4820 1.02 26.66 15.72
CA VAL A 4820 2.15 25.92 15.18
C VAL A 4820 1.65 24.83 14.24
N LYS A 4821 2.32 24.69 13.09
CA LYS A 4821 1.90 23.68 12.12
C LYS A 4821 2.14 22.26 12.64
N THR A 4822 3.25 22.04 13.34
CA THR A 4822 3.58 20.71 13.83
C THR A 4822 2.54 20.22 14.82
N LEU A 4823 2.12 21.08 15.74
CA LEU A 4823 1.09 20.70 16.70
C LEU A 4823 -0.24 20.46 16.00
N ARG A 4824 -0.53 21.24 14.95
CA ARG A 4824 -1.74 20.99 14.16
C ARG A 4824 -1.70 19.61 13.53
N THR A 4825 -0.57 19.23 12.95
CA THR A 4825 -0.46 17.91 12.33
C THR A 4825 -0.53 16.79 13.36
N ILE A 4826 0.02 17.01 14.55
CA ILE A 4826 -0.05 15.98 15.58
C ILE A 4826 -1.47 15.82 16.09
N LEU A 4827 -2.17 16.93 16.34
CA LEU A 4827 -3.55 16.87 16.82
C LEU A 4827 -4.53 16.45 15.73
N SER A 4828 -4.11 16.53 14.47
CA SER A 4828 -4.98 16.05 13.40
C SER A 4828 -5.21 14.56 13.50
N SER A 4829 -4.24 13.81 14.02
CA SER A 4829 -4.45 12.38 14.24
C SER A 4829 -5.56 12.14 15.25
N VAL A 4830 -5.61 12.94 16.31
CA VAL A 4830 -6.66 12.80 17.32
C VAL A 4830 -8.01 13.20 16.74
N THR A 4831 -8.04 14.33 16.03
CA THR A 4831 -9.32 14.87 15.56
C THR A 4831 -9.82 14.24 14.27
N HIS A 4832 -9.02 13.40 13.62
CA HIS A 4832 -9.47 12.74 12.39
C HIS A 4832 -10.60 11.75 12.66
N ASN A 4833 -10.54 11.07 13.80
CA ASN A 4833 -11.54 10.09 14.20
C ASN A 4833 -12.27 10.53 15.46
N GLY A 4834 -12.63 11.81 15.52
CA GLY A 4834 -13.33 12.31 16.69
C GLY A 4834 -14.69 11.67 16.89
N LYS A 4835 -15.42 11.47 15.80
CA LYS A 4835 -16.71 10.80 15.89
C LYS A 4835 -16.57 9.38 16.42
N GLN A 4836 -15.57 8.65 15.91
CA GLN A 4836 -15.35 7.28 16.38
C GLN A 4836 -14.92 7.26 17.85
N LEU A 4837 -14.09 8.23 18.26
CA LEU A 4837 -13.67 8.27 19.66
C LEU A 4837 -14.86 8.57 20.58
N VAL A 4838 -15.71 9.52 20.19
CA VAL A 4838 -16.91 9.80 20.98
C VAL A 4838 -17.81 8.57 21.06
N MET A 4839 -17.96 7.88 19.93
CA MET A 4839 -18.84 6.72 19.91
C MET A 4839 -18.29 5.58 20.76
N THR A 4840 -16.97 5.38 20.76
CA THR A 4840 -16.41 4.33 21.58
C THR A 4840 -16.41 4.71 23.06
N VAL A 4841 -16.33 6.01 23.39
CA VAL A 4841 -16.54 6.41 24.77
C VAL A 4841 -17.97 6.13 25.21
N GLY A 4842 -18.94 6.40 24.34
CA GLY A 4842 -20.32 6.05 24.65
C GLY A 4842 -20.53 4.56 24.80
N LEU A 4843 -19.86 3.77 23.97
CA LEU A 4843 -19.91 2.32 24.11
C LEU A 4843 -19.31 1.87 25.44
N LEU A 4844 -18.20 2.50 25.84
CA LEU A 4844 -17.62 2.22 27.15
C LEU A 4844 -18.61 2.52 28.26
N ALA A 4845 -19.30 3.66 28.17
CA ALA A 4845 -20.30 4.01 29.16
C ALA A 4845 -21.42 2.97 29.21
N VAL A 4846 -21.88 2.53 28.06
CA VAL A 4846 -22.98 1.55 28.01
C VAL A 4846 -22.55 0.22 28.62
N VAL A 4847 -21.36 -0.27 28.26
CA VAL A 4847 -20.93 -1.57 28.76
C VAL A 4847 -20.65 -1.50 30.26
N VAL A 4848 -20.09 -0.39 30.74
CA VAL A 4848 -19.89 -0.24 32.17
C VAL A 4848 -21.23 -0.14 32.89
N TYR A 4849 -22.24 0.47 32.27
CA TYR A 4849 -23.57 0.47 32.86
C TYR A 4849 -24.12 -0.96 32.97
N LEU A 4850 -23.88 -1.78 31.94
CA LEU A 4850 -24.35 -3.16 32.00
C LEU A 4850 -23.67 -3.92 33.14
N TYR A 4851 -22.35 -3.75 33.27
CA TYR A 4851 -21.64 -4.41 34.36
C TYR A 4851 -22.09 -3.87 35.71
N THR A 4852 -22.43 -2.58 35.77
CA THR A 4852 -23.00 -2.00 36.98
C THR A 4852 -24.33 -2.66 37.34
N VAL A 4853 -25.18 -2.88 36.34
CA VAL A 4853 -26.45 -3.55 36.57
C VAL A 4853 -26.23 -4.93 37.16
N VAL A 4854 -25.32 -5.69 36.55
CA VAL A 4854 -25.07 -7.05 37.03
C VAL A 4854 -24.51 -7.03 38.45
N ALA A 4855 -23.52 -6.19 38.71
CA ALA A 4855 -22.88 -6.16 40.02
C ALA A 4855 -23.86 -5.64 41.08
N PHE A 4856 -24.71 -4.71 40.71
CA PHE A 4856 -25.69 -4.18 41.66
C PHE A 4856 -26.74 -5.22 42.00
N ASN A 4857 -27.17 -6.01 41.02
CA ASN A 4857 -28.16 -7.03 41.30
C ASN A 4857 -27.58 -8.28 41.96
N PHE A 4858 -26.27 -8.49 41.90
CA PHE A 4858 -25.70 -9.71 42.47
C PHE A 4858 -24.48 -9.53 43.36
N PHE A 4859 -23.81 -8.38 43.34
CA PHE A 4859 -22.54 -8.23 44.06
C PHE A 4859 -22.52 -6.98 44.93
N ARG A 4860 -23.61 -6.70 45.65
CA ARG A 4860 -23.66 -5.51 46.48
C ARG A 4860 -22.73 -5.59 47.67
N LYS A 4861 -22.47 -6.81 48.16
CA LYS A 4861 -21.73 -6.98 49.41
C LYS A 4861 -20.29 -6.49 49.29
N PHE A 4862 -19.64 -6.76 48.16
CA PHE A 4862 -18.20 -6.58 48.06
C PHE A 4862 -17.77 -5.12 48.00
N TYR A 4863 -18.68 -4.21 47.63
CA TYR A 4863 -18.32 -2.80 47.45
C TYR A 4863 -18.34 -2.05 48.78
N ASN A 4864 -17.46 -2.48 49.68
CA ASN A 4864 -17.28 -1.85 50.98
C ASN A 4864 -15.92 -1.15 50.97
N LYS A 4865 -15.95 0.17 50.84
CA LYS A 4865 -14.71 0.95 50.77
C LYS A 4865 -14.24 1.44 52.13
N SER A 4866 -14.95 1.12 53.20
CA SER A 4866 -14.57 1.52 54.55
C SER A 4866 -14.28 0.28 55.37
N GLU A 4867 -13.09 0.21 55.95
CA GLU A 4867 -12.72 -0.92 56.80
C GLU A 4867 -13.26 -0.78 58.22
N ASP A 4868 -13.70 0.41 58.60
CA ASP A 4868 -14.23 0.64 59.95
C ASP A 4868 -15.66 0.11 60.02
N GLU A 4869 -15.91 -0.81 60.96
CA GLU A 4869 -17.23 -1.39 61.12
C GLU A 4869 -18.25 -0.37 61.61
N ASP A 4870 -17.79 0.73 62.21
CA ASP A 4870 -18.71 1.75 62.72
C ASP A 4870 -19.47 2.42 61.59
N GLU A 4871 -18.79 2.71 60.47
CA GLU A 4871 -19.39 3.38 59.32
C GLU A 4871 -19.14 2.56 58.07
N PRO A 4872 -19.96 1.54 57.82
CA PRO A 4872 -19.83 0.77 56.57
C PRO A 4872 -20.21 1.64 55.37
N ASP A 4873 -19.30 1.77 54.42
CA ASP A 4873 -19.48 2.62 53.25
C ASP A 4873 -19.74 1.73 52.04
N MET A 4874 -21.02 1.51 51.75
CA MET A 4874 -21.43 0.77 50.56
C MET A 4874 -21.48 1.71 49.37
N LYS A 4875 -20.74 1.36 48.31
CA LYS A 4875 -20.74 2.15 47.09
C LYS A 4875 -21.49 1.46 45.95
N CYS A 4876 -22.31 0.46 46.27
CA CYS A 4876 -23.19 -0.15 45.27
C CYS A 4876 -24.56 -0.47 45.85
N ASP A 4877 -25.03 0.33 46.81
CA ASP A 4877 -26.41 0.24 47.29
C ASP A 4877 -27.32 1.25 46.59
N ASP A 4878 -26.83 1.87 45.53
CA ASP A 4878 -27.57 2.85 44.74
C ASP A 4878 -27.10 2.73 43.31
N MET A 4879 -28.03 2.86 42.35
CA MET A 4879 -27.65 2.74 40.96
C MET A 4879 -26.72 3.86 40.53
N MET A 4880 -27.04 5.10 40.91
CA MET A 4880 -26.18 6.22 40.56
C MET A 4880 -24.81 6.09 41.20
N THR A 4881 -24.77 5.74 42.48
CA THR A 4881 -23.48 5.64 43.17
C THR A 4881 -22.65 4.50 42.61
N CYS A 4882 -23.26 3.34 42.34
CA CYS A 4882 -22.51 2.22 41.79
C CYS A 4882 -22.02 2.51 40.38
N TYR A 4883 -22.85 3.16 39.55
CA TYR A 4883 -22.40 3.53 38.22
C TYR A 4883 -21.26 4.54 38.27
N LEU A 4884 -21.34 5.51 39.17
CA LEU A 4884 -20.25 6.46 39.32
C LEU A 4884 -18.97 5.77 39.77
N PHE A 4885 -19.09 4.86 40.75
CA PHE A 4885 -17.92 4.13 41.22
C PHE A 4885 -17.31 3.31 40.10
N HIS A 4886 -18.14 2.62 39.33
CA HIS A 4886 -17.62 1.83 38.21
C HIS A 4886 -16.92 2.72 37.19
N MET A 4887 -17.64 3.67 36.61
CA MET A 4887 -17.07 4.56 35.58
C MET A 4887 -15.82 5.27 36.06
N TYR A 4888 -15.70 5.56 37.36
CA TYR A 4888 -14.51 6.25 37.84
C TYR A 4888 -13.36 5.26 38.05
N VAL A 4889 -13.50 4.35 39.01
CA VAL A 4889 -12.34 3.59 39.42
C VAL A 4889 -12.12 2.36 38.54
N GLY A 4890 -13.19 1.67 38.12
CA GLY A 4890 -12.98 0.46 37.34
C GLY A 4890 -12.41 0.73 35.96
N VAL A 4891 -12.58 1.94 35.45
CA VAL A 4891 -12.02 2.30 34.15
C VAL A 4891 -10.70 3.00 34.39
N ARG A 4892 -10.58 3.71 35.51
CA ARG A 4892 -9.34 4.40 35.83
C ARG A 4892 -8.28 3.50 36.47
N ALA A 4893 -8.62 2.26 36.79
CA ALA A 4893 -7.67 1.33 37.39
C ALA A 4893 -7.07 0.41 36.32
N GLY A 4894 -5.88 -0.11 36.62
CA GLY A 4894 -5.20 -0.98 35.67
C GLY A 4894 -5.72 -2.40 35.65
N GLY A 4895 -6.26 -2.88 36.76
CA GLY A 4895 -6.81 -4.21 36.85
C GLY A 4895 -8.31 -4.31 36.69
N GLY A 4896 -9.00 -3.17 36.54
CA GLY A 4896 -10.44 -3.19 36.39
C GLY A 4896 -11.17 -2.88 37.67
N ILE A 4897 -12.14 -3.71 38.03
CA ILE A 4897 -12.87 -3.54 39.28
C ILE A 4897 -12.51 -4.59 40.31
N GLY A 4898 -11.82 -5.67 39.94
CA GLY A 4898 -11.43 -6.67 40.91
C GLY A 4898 -10.34 -6.21 41.86
N ASP A 4899 -9.62 -5.16 41.51
CA ASP A 4899 -8.58 -4.60 42.36
C ASP A 4899 -9.09 -3.41 43.18
N GLU A 4900 -10.37 -3.08 43.09
CA GLU A 4900 -10.94 -1.99 43.85
C GLU A 4900 -11.96 -2.44 44.88
N ILE A 4901 -12.38 -3.71 44.87
CA ILE A 4901 -13.43 -4.20 45.76
C ILE A 4901 -12.94 -5.39 46.55
N GLU A 4902 -13.82 -5.96 47.36
CA GLU A 4902 -13.46 -7.05 48.25
C GLU A 4902 -13.07 -8.30 47.46
N ASP A 4903 -12.06 -9.00 47.98
CA ASP A 4903 -11.64 -10.27 47.38
C ASP A 4903 -12.73 -11.31 47.57
N PRO A 4904 -13.25 -11.91 46.50
CA PRO A 4904 -14.33 -12.90 46.64
C PRO A 4904 -13.86 -14.29 47.02
N ALA A 4905 -12.63 -14.46 47.46
CA ALA A 4905 -12.14 -15.80 47.84
C ALA A 4905 -12.92 -16.33 49.04
N GLY A 4906 -13.18 -17.64 49.01
CA GLY A 4906 -13.91 -18.27 50.09
C GLY A 4906 -15.34 -17.79 50.21
N ASP A 4907 -16.04 -17.70 49.09
CA ASP A 4907 -17.42 -17.21 49.07
C ASP A 4907 -18.24 -18.04 48.08
N GLU A 4908 -19.56 -17.96 48.24
CA GLU A 4908 -20.46 -18.69 47.35
C GLU A 4908 -20.32 -18.22 45.91
N TYR A 4909 -20.23 -16.91 45.70
CA TYR A 4909 -20.15 -16.32 44.37
C TYR A 4909 -18.72 -16.09 43.90
N GLU A 4910 -17.76 -16.87 44.40
CA GLU A 4910 -16.38 -16.70 43.97
C GLU A 4910 -16.22 -17.04 42.49
N LEU A 4911 -16.82 -18.15 42.05
CA LEU A 4911 -16.69 -18.55 40.66
C LEU A 4911 -17.41 -17.59 39.73
N TYR A 4912 -18.48 -16.94 40.20
CA TYR A 4912 -19.14 -15.92 39.41
C TYR A 4912 -18.34 -14.62 39.42
N ARG A 4913 -17.73 -14.27 40.56
CA ARG A 4913 -17.00 -13.02 40.65
C ARG A 4913 -15.72 -13.06 39.85
N VAL A 4914 -15.03 -14.21 39.80
CA VAL A 4914 -13.83 -14.29 38.99
C VAL A 4914 -14.16 -14.16 37.50
N VAL A 4915 -15.30 -14.68 37.06
CA VAL A 4915 -15.74 -14.43 35.70
C VAL A 4915 -16.08 -12.96 35.49
N PHE A 4916 -16.77 -12.35 36.47
CA PHE A 4916 -17.19 -10.96 36.35
C PHE A 4916 -16.00 -10.02 36.21
N ASP A 4917 -15.04 -10.13 37.11
CA ASP A 4917 -13.88 -9.23 37.08
C ASP A 4917 -13.03 -9.44 35.84
N ILE A 4918 -12.81 -10.70 35.44
CA ILE A 4918 -11.97 -10.95 34.28
C ILE A 4918 -12.66 -10.51 32.99
N THR A 4919 -13.97 -10.72 32.87
CA THR A 4919 -14.67 -10.19 31.70
C THR A 4919 -14.61 -8.68 31.67
N PHE A 4920 -14.80 -8.04 32.83
CA PHE A 4920 -14.63 -6.60 32.92
C PHE A 4920 -13.26 -6.18 32.42
N PHE A 4921 -12.22 -6.85 32.91
CA PHE A 4921 -10.85 -6.53 32.50
C PHE A 4921 -10.70 -6.66 31.00
N PHE A 4922 -10.88 -7.86 30.46
CA PHE A 4922 -10.70 -8.11 29.02
C PHE A 4922 -11.48 -7.11 28.17
N PHE A 4923 -12.77 -6.95 28.45
CA PHE A 4923 -13.61 -6.19 27.53
C PHE A 4923 -13.41 -4.68 27.68
N VAL A 4924 -13.41 -4.17 28.91
CA VAL A 4924 -13.30 -2.73 29.10
C VAL A 4924 -11.85 -2.29 29.06
N ILE A 4925 -11.01 -2.82 29.95
CA ILE A 4925 -9.67 -2.28 30.14
C ILE A 4925 -8.79 -2.56 28.93
N VAL A 4926 -8.82 -3.80 28.44
CA VAL A 4926 -7.90 -4.19 27.36
C VAL A 4926 -8.48 -3.78 26.01
N ILE A 4927 -9.61 -4.35 25.62
CA ILE A 4927 -10.11 -4.17 24.27
C ILE A 4927 -10.62 -2.75 24.05
N LEU A 4928 -11.39 -2.24 25.00
CA LEU A 4928 -12.06 -0.95 24.80
C LEU A 4928 -11.13 0.23 25.05
N LEU A 4929 -9.90 0.00 25.49
CA LEU A 4929 -8.87 1.03 25.47
C LEU A 4929 -7.79 0.78 24.43
N ALA A 4930 -7.72 -0.43 23.86
CA ALA A 4930 -6.89 -0.64 22.68
C ALA A 4930 -7.60 -0.16 21.42
N ILE A 4931 -8.93 -0.08 21.45
CA ILE A 4931 -9.66 0.47 20.32
C ILE A 4931 -9.29 1.93 20.08
N ILE A 4932 -9.14 2.70 21.16
CA ILE A 4932 -8.78 4.10 21.03
C ILE A 4932 -7.38 4.25 20.44
N GLN A 4933 -6.43 3.45 20.95
CA GLN A 4933 -5.07 3.49 20.42
C GLN A 4933 -5.03 3.07 18.96
N GLY A 4934 -5.80 2.04 18.60
CA GLY A 4934 -5.89 1.64 17.21
C GLY A 4934 -6.48 2.72 16.32
N LEU A 4935 -7.49 3.43 16.83
CA LEU A 4935 -8.06 4.54 16.07
C LEU A 4935 -7.01 5.62 15.82
N ILE A 4936 -6.24 5.97 16.85
CA ILE A 4936 -5.22 6.99 16.69
C ILE A 4936 -4.13 6.55 15.70
N ILE A 4937 -3.69 5.29 15.81
CA ILE A 4937 -2.64 4.78 14.93
C ILE A 4937 -3.14 4.73 13.49
N ASP A 4938 -4.38 4.28 13.29
CA ASP A 4938 -4.96 4.26 11.95
C ASP A 4938 -5.13 5.66 11.41
N ALA A 4939 -5.40 6.64 12.28
CA ALA A 4939 -5.46 8.02 11.84
C ALA A 4939 -4.10 8.50 11.34
N PHE A 4940 -3.05 8.19 12.08
CA PHE A 4940 -1.69 8.52 11.64
C PHE A 4940 -1.41 7.91 10.27
N GLY A 4941 -1.70 6.62 10.12
CA GLY A 4941 -1.49 5.92 8.86
C GLY A 4941 -2.29 6.49 7.71
N GLU A 4942 -3.55 6.84 7.97
CA GLU A 4942 -4.43 7.40 6.95
C GLU A 4942 -3.93 8.76 6.49
N LEU A 4943 -3.52 9.62 7.43
CA LEU A 4943 -3.00 10.91 7.03
C LEU A 4943 -1.72 10.75 6.21
N ARG A 4944 -0.83 9.86 6.65
CA ARG A 4944 0.42 9.64 5.94
C ARG A 4944 0.18 9.11 4.52
N ASP A 4945 -0.72 8.14 4.38
CA ASP A 4945 -0.94 7.57 3.05
C ASP A 4945 -1.74 8.52 2.17
N GLN A 4946 -2.57 9.38 2.76
CA GLN A 4946 -3.22 10.44 1.98
C GLN A 4946 -2.18 11.39 1.40
N GLN A 4947 -1.21 11.81 2.22
CA GLN A 4947 -0.15 12.67 1.70
C GLN A 4947 0.64 11.97 0.61
N GLU A 4948 0.97 10.69 0.81
CA GLU A 4948 1.71 9.95 -0.21
C GLU A 4948 0.91 9.84 -1.50
N GLN A 4949 -0.40 9.57 -1.39
CA GLN A 4949 -1.23 9.45 -2.59
C GLN A 4949 -1.33 10.77 -3.34
N VAL A 4950 -1.48 11.88 -2.62
CA VAL A 4950 -1.53 13.19 -3.28
C VAL A 4950 -0.22 13.46 -4.01
N LYS A 4951 0.91 13.20 -3.34
CA LYS A 4951 2.20 13.43 -3.99
C LYS A 4951 2.37 12.53 -5.22
N GLU A 4952 1.98 11.27 -5.11
CA GLU A 4952 2.16 10.33 -6.22
C GLU A 4952 1.29 10.74 -7.41
N ASP A 4953 0.03 11.13 -7.15
CA ASP A 4953 -0.84 11.59 -8.21
C ASP A 4953 -0.29 12.85 -8.87
N MET A 4954 0.26 13.77 -8.07
CA MET A 4954 0.80 15.00 -8.64
C MET A 4954 2.01 14.72 -9.51
N GLU A 4955 2.89 13.80 -9.08
CA GLU A 4955 4.10 13.53 -9.84
C GLU A 4955 3.90 12.55 -10.99
N THR A 4956 2.77 11.85 -11.05
CA THR A 4956 2.54 10.91 -12.14
C THR A 4956 1.60 11.40 -13.22
N LYS A 4957 0.82 12.45 -12.97
CA LYS A 4957 -0.13 12.96 -13.95
C LYS A 4957 -0.03 14.47 -14.01
N CYS A 4958 -0.38 15.02 -15.18
CA CYS A 4958 -0.45 16.47 -15.33
C CYS A 4958 -1.73 17.00 -14.71
N PHE A 4959 -1.61 18.13 -14.02
CA PHE A 4959 -2.77 18.69 -13.33
C PHE A 4959 -3.84 19.16 -14.30
N ILE A 4960 -3.44 19.74 -15.44
CA ILE A 4960 -4.39 20.36 -16.34
C ILE A 4960 -5.00 19.34 -17.29
N CYS A 4961 -4.15 18.56 -17.98
CA CYS A 4961 -4.63 17.67 -19.02
C CYS A 4961 -4.85 16.23 -18.55
N GLY A 4962 -4.17 15.81 -17.48
CA GLY A 4962 -4.35 14.47 -16.97
C GLY A 4962 -3.58 13.39 -17.70
N ILE A 4963 -2.79 13.73 -18.72
CA ILE A 4963 -2.00 12.73 -19.42
C ILE A 4963 -0.85 12.29 -18.53
N GLY A 4964 -0.64 10.98 -18.43
CA GLY A 4964 0.36 10.45 -17.53
C GLY A 4964 1.78 10.82 -17.93
N SER A 4965 2.67 10.71 -16.95
CA SER A 4965 4.08 11.03 -17.18
C SER A 4965 4.74 10.06 -18.14
N ASP A 4966 4.22 8.85 -18.27
CA ASP A 4966 4.83 7.87 -19.17
C ASP A 4966 4.80 8.34 -20.62
N TYR A 4967 3.77 9.11 -21.00
CA TYR A 4967 3.72 9.63 -22.36
C TYR A 4967 4.81 10.67 -22.59
N PHE A 4968 5.00 11.58 -21.65
CA PHE A 4968 5.98 12.65 -21.82
C PHE A 4968 7.41 12.19 -21.59
N ASP A 4969 7.62 11.06 -20.93
CA ASP A 4969 8.96 10.60 -20.62
C ASP A 4969 9.69 9.99 -21.81
N THR A 4970 9.12 9.99 -23.02
CA THR A 4970 9.85 9.48 -24.18
C THR A 4970 11.08 10.34 -24.46
N THR A 4971 10.90 11.65 -24.57
CA THR A 4971 12.02 12.56 -24.64
C THR A 4971 12.58 12.80 -23.24
N PRO A 4972 13.89 13.00 -23.12
CA PRO A 4972 14.48 13.23 -21.79
C PRO A 4972 13.88 14.45 -21.12
N HIS A 4973 13.58 14.31 -19.82
CA HIS A 4973 12.99 15.39 -19.02
C HIS A 4973 11.70 15.91 -19.64
N GLY A 4974 10.96 15.04 -20.34
CA GLY A 4974 9.76 15.49 -21.03
C GLY A 4974 8.67 15.93 -20.09
N PHE A 4975 8.42 15.16 -19.03
CA PHE A 4975 7.35 15.52 -18.09
C PHE A 4975 7.70 16.79 -17.33
N GLU A 4976 8.96 16.95 -16.93
CA GLU A 4976 9.36 18.16 -16.22
C GLU A 4976 9.14 19.39 -17.08
N THR A 4977 9.59 19.35 -18.34
CA THR A 4977 9.39 20.47 -19.24
C THR A 4977 7.91 20.73 -19.46
N HIS A 4978 7.12 19.67 -19.68
CA HIS A 4978 5.70 19.84 -19.92
C HIS A 4978 5.04 20.56 -18.75
N THR A 4979 5.24 20.05 -17.53
CA THR A 4979 4.59 20.64 -16.37
C THR A 4979 5.08 22.05 -16.09
N LEU A 4980 6.39 22.30 -16.21
CA LEU A 4980 6.91 23.61 -15.84
C LEU A 4980 6.63 24.69 -16.88
N GLU A 4981 6.51 24.33 -18.17
CA GLU A 4981 6.32 25.33 -19.21
C GLU A 4981 4.97 25.22 -19.89
N GLU A 4982 4.64 24.05 -20.45
CA GLU A 4982 3.47 23.93 -21.30
C GLU A 4982 2.17 24.04 -20.51
N HIS A 4983 2.07 23.30 -19.41
CA HIS A 4983 0.82 23.24 -18.66
C HIS A 4983 1.02 23.67 -17.20
N ASN A 4984 1.77 24.75 -16.99
CA ASN A 4984 2.00 25.23 -15.63
C ASN A 4984 0.74 25.92 -15.11
N LEU A 4985 0.23 25.43 -13.97
CA LEU A 4985 -0.96 26.04 -13.39
C LEU A 4985 -0.70 27.48 -12.97
N ALA A 4986 0.54 27.79 -12.56
CA ALA A 4986 0.89 29.17 -12.26
C ALA A 4986 0.73 30.04 -13.50
N ASN A 4987 1.08 29.52 -14.67
CA ASN A 4987 0.89 30.28 -15.90
C ASN A 4987 -0.59 30.51 -16.18
N TYR A 4988 -1.44 29.53 -15.88
CA TYR A 4988 -2.89 29.73 -16.06
C TYR A 4988 -3.40 30.81 -15.13
N MET A 4989 -2.97 30.80 -13.86
CA MET A 4989 -3.37 31.85 -12.94
C MET A 4989 -2.89 33.22 -13.41
N PHE A 4990 -1.64 33.29 -13.89
CA PHE A 4990 -1.11 34.56 -14.39
C PHE A 4990 -1.91 35.05 -15.59
N PHE A 4991 -2.28 34.14 -16.49
CA PHE A 4991 -3.08 34.54 -17.65
C PHE A 4991 -4.45 35.03 -17.24
N LEU A 4992 -5.08 34.37 -16.26
CA LEU A 4992 -6.40 34.81 -15.82
C LEU A 4992 -6.32 36.18 -15.18
N MET A 4993 -5.29 36.42 -14.37
CA MET A 4993 -5.09 37.75 -13.79
C MET A 4993 -4.82 38.78 -14.89
N TYR A 4994 -4.06 38.40 -15.92
CA TYR A 4994 -3.78 39.28 -17.03
C TYR A 4994 -5.06 39.67 -17.76
N LEU A 4995 -5.97 38.72 -17.95
CA LEU A 4995 -7.27 39.03 -18.54
C LEU A 4995 -8.07 39.97 -17.64
N ILE A 4996 -8.05 39.70 -16.33
CA ILE A 4996 -8.88 40.50 -15.42
C ILE A 4996 -8.41 41.96 -15.40
N ASN A 4997 -7.10 42.18 -15.28
CA ASN A 4997 -6.62 43.55 -15.13
C ASN A 4997 -6.41 44.27 -16.45
N LYS A 4998 -6.64 43.60 -17.59
CA LYS A 4998 -6.52 44.24 -18.90
C LYS A 4998 -7.86 44.77 -19.36
N ASP A 4999 -7.85 45.90 -20.04
CA ASP A 4999 -9.08 46.47 -20.59
C ASP A 4999 -9.65 45.54 -21.66
N GLU A 5000 -10.97 45.35 -21.60
CA GLU A 5000 -11.62 44.39 -22.50
C GLU A 5000 -11.57 44.82 -23.95
N THR A 5001 -11.53 46.13 -24.21
CA THR A 5001 -11.50 46.61 -25.59
C THR A 5001 -10.21 46.23 -26.29
N GLU A 5002 -9.13 46.01 -25.53
CA GLU A 5002 -7.82 45.71 -26.10
C GLU A 5002 -7.54 44.21 -26.19
N HIS A 5003 -8.51 43.37 -25.86
CA HIS A 5003 -8.31 41.93 -25.95
C HIS A 5003 -8.12 41.50 -27.40
N THR A 5004 -7.21 40.57 -27.61
CA THR A 5004 -7.01 39.99 -28.93
C THR A 5004 -8.06 38.92 -29.18
N GLY A 5005 -7.90 38.14 -30.25
CA GLY A 5005 -8.91 37.14 -30.57
C GLY A 5005 -8.98 36.03 -29.52
N GLN A 5006 -7.84 35.40 -29.23
CA GLN A 5006 -7.82 34.35 -28.22
C GLN A 5006 -8.16 34.89 -26.85
N GLU A 5007 -7.64 36.09 -26.52
CA GLU A 5007 -7.95 36.69 -25.23
C GLU A 5007 -9.44 36.95 -25.10
N SER A 5008 -10.07 37.49 -26.15
CA SER A 5008 -11.50 37.74 -26.10
C SER A 5008 -12.30 36.43 -26.00
N TYR A 5009 -11.85 35.39 -26.71
CA TYR A 5009 -12.54 34.10 -26.63
C TYR A 5009 -12.47 33.54 -25.21
N VAL A 5010 -11.29 33.61 -24.59
CA VAL A 5010 -11.15 33.07 -23.24
C VAL A 5010 -11.95 33.91 -22.25
N TRP A 5011 -11.96 35.23 -22.43
CA TRP A 5011 -12.74 36.09 -21.56
C TRP A 5011 -14.24 35.78 -21.68
N LYS A 5012 -14.71 35.57 -22.91
CA LYS A 5012 -16.12 35.21 -23.10
C LYS A 5012 -16.44 33.88 -22.45
N MET A 5013 -15.57 32.88 -22.62
CA MET A 5013 -15.78 31.59 -21.97
C MET A 5013 -15.75 31.74 -20.46
N TYR A 5014 -14.97 32.69 -19.94
CA TYR A 5014 -15.00 33.02 -18.52
C TYR A 5014 -16.35 33.56 -18.11
N GLN A 5015 -16.94 34.42 -18.95
CA GLN A 5015 -18.21 35.05 -18.59
C GLN A 5015 -19.32 34.01 -18.41
N GLU A 5016 -19.38 33.02 -19.29
CA GLU A 5016 -20.40 31.99 -19.17
C GLU A 5016 -19.95 30.80 -18.31
N ARG A 5017 -18.78 30.88 -17.71
CA ARG A 5017 -18.27 29.84 -16.81
C ARG A 5017 -18.20 28.48 -17.52
N CYS A 5018 -17.68 28.48 -18.74
CA CYS A 5018 -17.44 27.25 -19.50
C CYS A 5018 -15.95 26.97 -19.50
N TRP A 5019 -15.55 25.84 -18.92
CA TRP A 5019 -14.15 25.47 -18.78
C TRP A 5019 -13.71 24.48 -19.86
N ASP A 5020 -14.26 24.61 -21.07
CA ASP A 5020 -13.86 23.74 -22.16
C ASP A 5020 -12.51 24.11 -22.72
N PHE A 5021 -12.08 25.37 -22.57
CA PHE A 5021 -10.81 25.79 -23.14
C PHE A 5021 -9.61 25.17 -22.43
N PHE A 5022 -9.79 24.66 -21.23
CA PHE A 5022 -8.70 23.93 -20.57
C PHE A 5022 -8.46 22.62 -21.29
N PRO A 5023 -7.25 22.35 -21.77
CA PRO A 5023 -7.01 21.09 -22.50
C PRO A 5023 -7.18 19.89 -21.59
N ALA A 5024 -8.14 19.03 -21.93
CA ALA A 5024 -8.43 17.82 -21.17
C ALA A 5024 -8.10 16.62 -22.04
N GLY A 5025 -7.02 15.92 -21.70
CA GLY A 5025 -6.59 14.76 -22.44
C GLY A 5025 -5.79 15.06 -23.70
N ASP A 5026 -5.56 16.33 -24.03
CA ASP A 5026 -4.85 16.72 -25.22
C ASP A 5026 -3.82 17.79 -24.88
N CYS A 5027 -2.79 17.89 -25.71
CA CYS A 5027 -1.77 18.91 -25.53
C CYS A 5027 -1.16 19.23 -26.88
N PHE A 5028 -0.29 20.23 -26.89
CA PHE A 5028 0.31 20.71 -28.14
C PHE A 5028 1.18 19.63 -28.78
N ARG A 5029 2.04 18.99 -27.99
CA ARG A 5029 2.94 18.00 -28.55
C ARG A 5029 2.22 16.75 -29.01
N LYS A 5030 1.17 16.33 -28.29
CA LYS A 5030 0.42 15.16 -28.71
C LYS A 5030 -0.25 15.36 -30.07
N GLN A 5031 -0.84 16.53 -30.27
CA GLN A 5031 -1.50 16.81 -31.55
C GLN A 5031 -0.50 16.86 -32.70
N TYR A 5032 0.67 17.45 -32.46
CA TYR A 5032 1.67 17.67 -33.50
C TYR A 5032 2.89 16.79 -33.32
N GLU A 5033 2.69 15.52 -32.93
CA GLU A 5033 3.82 14.60 -32.81
C GLU A 5033 4.49 14.37 -34.15
N ASP A 5034 3.71 14.26 -35.22
CA ASP A 5034 4.28 13.99 -36.54
C ASP A 5034 5.18 15.14 -36.99
N GLN A 5035 4.75 16.38 -36.78
CA GLN A 5035 5.55 17.52 -37.18
C GLN A 5035 6.74 17.74 -36.27
N LEU A 5036 6.60 17.46 -34.97
CA LEU A 5036 7.69 17.68 -34.03
C LEU A 5036 8.77 16.60 -34.14
N SER A 5037 8.39 15.38 -34.46
CA SER A 5037 9.35 14.29 -34.57
C SER A 5037 9.91 14.17 -35.98
N ASN B 3950 67.32 -7.84 -39.10
CA ASN B 3950 67.23 -6.75 -40.08
C ASN B 3950 65.78 -6.29 -40.23
N PHE B 3951 64.85 -7.10 -39.74
CA PHE B 3951 63.44 -6.77 -39.80
C PHE B 3951 63.06 -5.63 -38.86
N SER B 3952 63.97 -5.20 -37.99
CA SER B 3952 63.65 -4.19 -36.99
C SER B 3952 63.23 -2.88 -37.64
N LYS B 3953 63.95 -2.45 -38.68
CA LYS B 3953 63.61 -1.19 -39.34
C LYS B 3953 62.25 -1.28 -40.03
N ALA B 3954 61.98 -2.41 -40.69
CA ALA B 3954 60.69 -2.58 -41.36
C ALA B 3954 59.55 -2.57 -40.34
N MET B 3955 59.71 -3.27 -39.22
CA MET B 3955 58.67 -3.25 -38.20
C MET B 3955 58.53 -1.87 -37.57
N SER B 3956 59.63 -1.13 -37.40
CA SER B 3956 59.55 0.21 -36.84
C SER B 3956 58.79 1.16 -37.76
N VAL B 3957 59.07 1.10 -39.07
CA VAL B 3957 58.36 1.99 -39.98
C VAL B 3957 56.90 1.55 -40.13
N ALA B 3958 56.64 0.24 -40.05
CA ALA B 3958 55.26 -0.23 -40.07
C ALA B 3958 54.51 0.24 -38.83
N LYS B 3959 55.19 0.32 -37.69
CA LYS B 3959 54.57 0.86 -36.48
C LYS B 3959 54.16 2.31 -36.68
N GLN B 3960 55.03 3.13 -37.27
CA GLN B 3960 54.67 4.51 -37.55
C GLN B 3960 53.51 4.61 -38.54
N VAL B 3961 53.52 3.75 -39.56
CA VAL B 3961 52.43 3.75 -40.53
C VAL B 3961 51.11 3.41 -39.85
N PHE B 3962 51.13 2.41 -38.98
CA PHE B 3962 49.91 2.00 -38.28
C PHE B 3962 49.43 3.09 -37.34
N ASN B 3963 50.35 3.76 -36.64
CA ASN B 3963 49.97 4.85 -35.76
C ASN B 3963 49.39 6.02 -36.55
N SER B 3964 49.97 6.33 -37.71
CA SER B 3964 49.41 7.38 -38.55
C SER B 3964 48.03 7.01 -39.06
N LEU B 3965 47.84 5.75 -39.43
CA LEU B 3965 46.51 5.30 -39.87
C LEU B 3965 45.50 5.42 -38.75
N THR B 3966 45.91 5.09 -37.52
CA THR B 3966 45.03 5.30 -36.37
C THR B 3966 44.70 6.77 -36.19
N GLU B 3967 45.70 7.64 -36.32
CA GLU B 3967 45.49 9.07 -36.16
C GLU B 3967 44.52 9.61 -37.21
N TYR B 3968 44.59 9.12 -38.44
CA TYR B 3968 43.69 9.59 -39.49
C TYR B 3968 42.23 9.25 -39.21
N ILE B 3969 41.95 8.30 -38.33
CA ILE B 3969 40.59 7.82 -38.13
C ILE B 3969 40.15 8.01 -36.69
N GLN B 3970 41.10 8.08 -35.76
CA GLN B 3970 40.76 8.32 -34.37
C GLN B 3970 40.10 9.69 -34.22
N GLY B 3971 39.17 9.79 -33.28
CA GLY B 3971 38.29 10.93 -33.24
C GLY B 3971 37.33 10.84 -34.40
N PRO B 3972 36.38 9.89 -34.32
CA PRO B 3972 35.72 9.35 -35.52
C PRO B 3972 35.27 10.38 -36.55
N CYS B 3973 35.87 10.31 -37.73
CA CYS B 3973 35.48 11.12 -38.87
C CYS B 3973 34.81 10.19 -39.88
N THR B 3974 33.55 10.49 -40.22
CA THR B 3974 32.78 9.60 -41.09
C THR B 3974 33.45 9.42 -42.45
N GLY B 3975 34.05 10.48 -42.99
CA GLY B 3975 34.69 10.36 -44.30
C GLY B 3975 35.89 9.43 -44.28
N ASN B 3976 36.74 9.56 -43.27
CA ASN B 3976 37.96 8.75 -43.21
C ASN B 3976 37.64 7.26 -43.04
N GLN B 3977 36.63 6.95 -42.22
CA GLN B 3977 36.29 5.54 -42.02
C GLN B 3977 35.84 4.88 -43.31
N GLN B 3978 34.98 5.56 -44.08
CA GLN B 3978 34.50 4.98 -45.33
C GLN B 3978 35.60 5.00 -46.39
N SER B 3979 36.52 5.97 -46.34
CA SER B 3979 37.65 5.97 -47.25
C SER B 3979 38.56 4.77 -47.00
N LEU B 3980 38.83 4.48 -45.72
CA LEU B 3980 39.66 3.32 -45.40
C LEU B 3980 38.94 2.01 -45.72
N ALA B 3981 37.63 1.95 -45.47
CA ALA B 3981 36.88 0.74 -45.76
C ALA B 3981 36.87 0.45 -47.25
N HIS B 3982 36.66 1.47 -48.08
CA HIS B 3982 36.63 1.31 -49.53
C HIS B 3982 38.02 1.51 -50.14
N SER B 3983 38.98 0.71 -49.72
CA SER B 3983 40.34 0.80 -50.22
C SER B 3983 40.99 -0.58 -50.16
N ARG B 3984 42.28 -0.64 -50.48
CA ARG B 3984 43.03 -1.89 -50.45
C ARG B 3984 43.71 -2.13 -49.11
N LEU B 3985 43.23 -1.49 -48.04
CA LEU B 3985 43.79 -1.71 -46.72
C LEU B 3985 43.60 -3.16 -46.28
N TRP B 3986 42.39 -3.70 -46.49
CA TRP B 3986 42.06 -5.02 -45.98
C TRP B 3986 42.90 -6.09 -46.66
N ASP B 3987 43.17 -5.94 -47.95
CA ASP B 3987 44.14 -6.83 -48.61
C ASP B 3987 45.51 -6.69 -47.99
N ALA B 3988 45.93 -5.46 -47.71
CA ALA B 3988 47.18 -5.23 -46.99
C ALA B 3988 47.05 -5.59 -45.51
N VAL B 3989 45.84 -5.59 -44.96
CA VAL B 3989 45.65 -6.05 -43.59
C VAL B 3989 46.04 -7.52 -43.47
N VAL B 3990 45.63 -8.35 -44.42
CA VAL B 3990 46.09 -9.73 -44.41
C VAL B 3990 47.38 -9.76 -45.20
N GLY B 3991 48.46 -9.28 -44.59
CA GLY B 3991 49.81 -9.48 -45.05
C GLY B 3991 50.66 -9.76 -43.83
N PHE B 3992 50.07 -9.53 -42.66
CA PHE B 3992 50.74 -9.63 -41.38
C PHE B 3992 50.26 -10.78 -40.52
N LEU B 3993 48.96 -11.11 -40.57
CA LEU B 3993 48.45 -12.20 -39.76
C LEU B 3993 49.12 -13.52 -40.12
N HIS B 3994 49.31 -13.78 -41.42
CA HIS B 3994 50.15 -14.88 -41.86
C HIS B 3994 51.53 -14.79 -41.22
N VAL B 3995 52.16 -13.61 -41.31
CA VAL B 3995 53.44 -13.40 -40.64
C VAL B 3995 53.29 -13.49 -39.13
N PHE B 3996 52.31 -12.77 -38.57
CA PHE B 3996 52.15 -12.71 -37.12
C PHE B 3996 51.97 -14.08 -36.49
N ALA B 3997 51.49 -15.06 -37.25
CA ALA B 3997 51.37 -16.43 -36.75
C ALA B 3997 52.61 -17.25 -37.05
N HIS B 3998 52.97 -17.40 -38.34
CA HIS B 3998 54.04 -18.32 -38.70
C HIS B 3998 55.41 -17.83 -38.23
N MET B 3999 55.71 -16.54 -38.42
CA MET B 3999 57.00 -16.03 -37.97
C MET B 3999 57.10 -16.03 -36.45
N MET B 4000 56.01 -15.74 -35.74
CA MET B 4000 56.07 -15.83 -34.28
C MET B 4000 56.34 -17.25 -33.83
N MET B 4001 55.66 -18.24 -34.44
CA MET B 4001 55.92 -19.62 -34.05
C MET B 4001 57.32 -20.06 -34.42
N LYS B 4002 57.87 -19.50 -35.51
CA LYS B 4002 59.25 -19.79 -35.86
C LYS B 4002 60.23 -19.20 -34.86
N LEU B 4003 60.02 -17.94 -34.46
CA LEU B 4003 60.93 -17.25 -33.56
C LEU B 4003 60.79 -17.68 -32.11
N ALA B 4004 59.64 -18.24 -31.73
CA ALA B 4004 59.43 -18.61 -30.33
C ALA B 4004 60.36 -19.74 -29.92
N GLN B 4005 60.60 -20.69 -30.81
CA GLN B 4005 61.45 -21.84 -30.48
C GLN B 4005 62.87 -21.41 -30.16
N ASP B 4006 63.42 -20.47 -30.92
CA ASP B 4006 64.79 -20.00 -30.71
C ASP B 4006 64.78 -18.89 -29.67
N SER B 4007 65.58 -19.06 -28.62
CA SER B 4007 65.61 -18.08 -27.53
C SER B 4007 66.34 -16.80 -27.92
N SER B 4008 67.06 -16.80 -29.05
CA SER B 4008 67.80 -15.61 -29.46
C SER B 4008 66.95 -14.61 -30.22
N GLN B 4009 65.68 -14.90 -30.46
CA GLN B 4009 64.80 -14.04 -31.24
C GLN B 4009 63.80 -13.27 -30.37
N ILE B 4010 64.11 -13.06 -29.09
CA ILE B 4010 63.16 -12.45 -28.17
C ILE B 4010 62.89 -10.99 -28.55
N GLU B 4011 63.94 -10.26 -28.97
CA GLU B 4011 63.76 -8.87 -29.35
C GLU B 4011 62.88 -8.73 -30.59
N LEU B 4012 63.11 -9.57 -31.60
CA LEU B 4012 62.24 -9.55 -32.77
C LEU B 4012 60.82 -9.99 -32.41
N LEU B 4013 60.70 -10.91 -31.46
CA LEU B 4013 59.39 -11.32 -30.97
C LEU B 4013 58.65 -10.14 -30.37
N LYS B 4014 59.34 -9.35 -29.54
CA LYS B 4014 58.69 -8.19 -28.90
C LYS B 4014 58.36 -7.11 -29.93
N GLU B 4015 59.22 -6.95 -30.94
CA GLU B 4015 58.91 -6.01 -32.02
C GLU B 4015 57.65 -6.42 -32.76
N LEU B 4016 57.51 -7.71 -33.05
CA LEU B 4016 56.27 -8.18 -33.66
C LEU B 4016 55.09 -8.01 -32.71
N LEU B 4017 55.35 -8.14 -31.40
CA LEU B 4017 54.28 -7.98 -30.41
C LEU B 4017 53.70 -6.57 -30.45
N ASP B 4018 54.55 -5.54 -30.34
CA ASP B 4018 53.98 -4.19 -30.34
C ASP B 4018 53.54 -3.78 -31.74
N LEU B 4019 54.09 -4.40 -32.79
CA LEU B 4019 53.57 -4.17 -34.12
C LEU B 4019 52.11 -4.62 -34.22
N GLN B 4020 51.81 -5.84 -33.74
CA GLN B 4020 50.42 -6.28 -33.80
C GLN B 4020 49.57 -5.55 -32.78
N LYS B 4021 50.19 -5.01 -31.72
CA LYS B 4021 49.43 -4.14 -30.81
C LYS B 4021 48.94 -2.89 -31.53
N ASP B 4022 49.83 -2.23 -32.27
CA ASP B 4022 49.39 -1.11 -33.09
C ASP B 4022 48.36 -1.53 -34.13
N MET B 4023 48.55 -2.72 -34.72
CA MET B 4023 47.58 -3.20 -35.70
C MET B 4023 46.19 -3.38 -35.07
N VAL B 4024 46.11 -4.02 -33.91
CA VAL B 4024 44.81 -4.29 -33.31
C VAL B 4024 44.16 -3.01 -32.80
N VAL B 4025 44.96 -2.06 -32.30
CA VAL B 4025 44.34 -0.80 -31.90
C VAL B 4025 43.84 -0.05 -33.13
N MET B 4026 44.53 -0.16 -34.27
CA MET B 4026 44.00 0.44 -35.49
C MET B 4026 42.68 -0.20 -35.90
N LEU B 4027 42.61 -1.53 -35.85
CA LEU B 4027 41.36 -2.21 -36.19
C LEU B 4027 40.22 -1.82 -35.25
N LEU B 4028 40.52 -1.70 -33.95
CA LEU B 4028 39.51 -1.22 -33.02
C LEU B 4028 39.08 0.21 -33.34
N SER B 4029 40.04 1.06 -33.73
CA SER B 4029 39.71 2.44 -34.08
C SER B 4029 38.81 2.51 -35.31
N LEU B 4030 39.02 1.59 -36.27
CA LEU B 4030 38.14 1.55 -37.44
C LEU B 4030 36.70 1.23 -37.03
N LEU B 4031 36.52 0.48 -35.94
CA LEU B 4031 35.18 0.14 -35.45
C LEU B 4031 34.75 1.14 -34.37
N GLU B 4032 34.71 2.41 -34.75
CA GLU B 4032 34.31 3.49 -33.87
C GLU B 4032 33.05 4.12 -34.42
N GLY B 4033 32.06 4.33 -33.56
CA GLY B 4033 30.76 4.76 -34.04
C GLY B 4033 30.10 3.72 -34.91
N ASN B 4034 30.24 2.44 -34.55
CA ASN B 4034 29.75 1.35 -35.37
C ASN B 4034 28.23 1.31 -35.36
N VAL B 4035 27.66 0.92 -36.51
CA VAL B 4035 26.23 0.72 -36.66
C VAL B 4035 25.99 -0.73 -37.04
N VAL B 4036 24.94 -1.32 -36.46
CA VAL B 4036 24.63 -2.71 -36.75
C VAL B 4036 24.35 -2.88 -38.23
N ASN B 4037 24.91 -3.95 -38.81
CA ASN B 4037 24.80 -4.22 -40.25
C ASN B 4037 25.37 -3.05 -41.06
N GLY B 4038 26.40 -2.40 -40.53
CA GLY B 4038 27.07 -1.36 -41.26
C GLY B 4038 28.07 -1.89 -42.26
N MET B 4039 28.48 -1.03 -43.19
CA MET B 4039 29.40 -1.45 -44.24
C MET B 4039 30.74 -1.92 -43.65
N ILE B 4040 31.28 -1.17 -42.69
CA ILE B 4040 32.52 -1.57 -42.06
C ILE B 4040 32.33 -2.83 -41.22
N ALA B 4041 31.22 -2.94 -40.49
CA ALA B 4041 30.97 -4.12 -39.68
C ALA B 4041 30.82 -5.36 -40.54
N ARG B 4042 30.04 -5.27 -41.62
CA ARG B 4042 29.89 -6.41 -42.52
C ARG B 4042 31.18 -6.73 -43.25
N GLN B 4043 32.02 -5.72 -43.49
CA GLN B 4043 33.28 -5.96 -44.19
C GLN B 4043 34.32 -6.61 -43.30
N MET B 4044 34.28 -6.33 -41.99
CA MET B 4044 35.26 -6.89 -41.07
C MET B 4044 35.15 -8.41 -40.99
N VAL B 4045 33.93 -8.94 -40.90
CA VAL B 4045 33.75 -10.38 -40.73
C VAL B 4045 34.20 -11.13 -41.98
N ASP B 4046 34.11 -10.50 -43.16
CA ASP B 4046 34.66 -11.12 -44.36
C ASP B 4046 36.15 -11.36 -44.22
N MET B 4047 36.90 -10.32 -43.86
CA MET B 4047 38.34 -10.46 -43.64
C MET B 4047 38.63 -11.49 -42.56
N LEU B 4048 37.82 -11.50 -41.49
CA LEU B 4048 38.02 -12.47 -40.43
C LEU B 4048 37.85 -13.90 -40.95
N VAL B 4049 36.91 -14.11 -41.86
CA VAL B 4049 36.71 -15.44 -42.43
C VAL B 4049 37.88 -15.81 -43.35
N GLU B 4050 38.32 -14.89 -44.20
CA GLU B 4050 39.36 -15.23 -45.18
C GLU B 4050 40.67 -15.65 -44.51
N SER B 4051 40.97 -15.11 -43.33
CA SER B 4051 42.20 -15.44 -42.61
C SER B 4051 41.89 -16.07 -41.26
N SER B 4052 40.89 -16.94 -41.22
CA SER B 4052 40.46 -17.54 -39.96
C SER B 4052 41.54 -18.43 -39.36
N SER B 4053 42.24 -19.21 -40.19
CA SER B 4053 43.28 -20.09 -39.66
C SER B 4053 44.40 -19.29 -39.00
N ASN B 4054 44.77 -18.16 -39.62
CA ASN B 4054 45.77 -17.30 -39.00
C ASN B 4054 45.28 -16.75 -37.67
N VAL B 4055 43.98 -16.43 -37.58
CA VAL B 4055 43.42 -15.95 -36.31
C VAL B 4055 43.50 -17.02 -35.23
N GLU B 4056 43.12 -18.26 -35.58
CA GLU B 4056 43.20 -19.34 -34.59
C GLU B 4056 44.64 -19.59 -34.17
N MET B 4057 45.58 -19.50 -35.12
CA MET B 4057 46.99 -19.74 -34.78
C MET B 4057 47.57 -18.62 -33.96
N ILE B 4058 47.15 -17.37 -34.21
CA ILE B 4058 47.66 -16.24 -33.46
C ILE B 4058 47.06 -16.19 -32.07
N LEU B 4059 45.82 -16.65 -31.91
CA LEU B 4059 45.18 -16.61 -30.59
C LEU B 4059 45.87 -17.54 -29.60
N LYS B 4060 46.24 -18.75 -30.03
CA LYS B 4060 46.87 -19.72 -29.14
C LYS B 4060 48.37 -19.71 -29.32
N PRO B 4176 34.79 -11.25 -18.31
CA PRO B 4176 35.27 -11.07 -16.94
C PRO B 4176 36.01 -9.75 -16.74
N TYR B 4177 36.80 -9.35 -17.73
CA TYR B 4177 37.50 -8.07 -17.70
C TYR B 4177 36.91 -7.05 -18.66
N LEU B 4178 36.08 -7.47 -19.61
CA LEU B 4178 35.48 -6.53 -20.55
C LEU B 4178 34.46 -5.65 -19.84
N GLY B 4179 34.49 -4.36 -20.17
CA GLY B 4179 33.52 -3.43 -19.63
C GLY B 4179 32.69 -2.79 -20.74
N ARG B 4180 31.39 -3.03 -20.73
CA ARG B 4180 30.50 -2.56 -21.78
C ARG B 4180 29.56 -1.50 -21.23
N ILE B 4181 29.55 -0.33 -21.86
CA ILE B 4181 28.63 0.75 -21.53
C ILE B 4181 28.09 1.32 -22.82
N GLU B 4182 27.00 2.08 -22.70
CA GLU B 4182 26.36 2.75 -23.83
C GLU B 4182 26.24 4.23 -23.51
N ILE B 4183 26.62 5.07 -24.47
CA ILE B 4183 26.56 6.52 -24.31
C ILE B 4183 25.83 7.13 -25.49
N MET B 4184 25.47 8.40 -25.34
CA MET B 4184 24.93 9.22 -26.43
C MET B 4184 26.10 10.01 -27.01
N GLY B 4185 26.58 9.58 -28.16
CA GLY B 4185 27.74 10.21 -28.77
C GLY B 4185 27.39 11.55 -29.39
N ALA B 4186 28.39 12.12 -30.06
CA ALA B 4186 28.22 13.42 -30.71
C ALA B 4186 27.23 13.38 -31.87
N SER B 4187 26.89 12.18 -32.35
CA SER B 4187 25.92 12.01 -33.43
C SER B 4187 24.50 11.82 -32.92
N ARG B 4188 24.27 11.99 -31.61
CA ARG B 4188 22.96 11.81 -30.99
C ARG B 4188 22.44 10.38 -31.20
N ARG B 4189 23.35 9.43 -31.31
CA ARG B 4189 23.01 8.02 -31.53
C ARG B 4189 23.72 7.18 -30.49
N ILE B 4190 23.03 6.16 -29.97
CA ILE B 4190 23.59 5.34 -28.90
C ILE B 4190 24.76 4.51 -29.44
N GLU B 4191 25.89 4.58 -28.75
CA GLU B 4191 27.08 3.81 -29.11
C GLU B 4191 27.54 3.00 -27.91
N ARG B 4192 28.16 1.86 -28.19
CA ARG B 4192 28.66 0.97 -27.14
C ARG B 4192 30.17 1.10 -27.04
N ILE B 4193 30.66 1.21 -25.80
CA ILE B 4193 32.09 1.37 -25.54
C ILE B 4193 32.59 0.15 -24.78
N TYR B 4194 33.71 -0.39 -25.24
CA TYR B 4194 34.38 -1.49 -24.58
C TYR B 4194 35.74 -1.02 -24.06
N PHE B 4195 36.04 -1.38 -22.81
CA PHE B 4195 37.30 -1.00 -22.19
C PHE B 4195 37.78 -2.16 -21.34
N GLU B 4196 38.79 -1.91 -20.52
CA GLU B 4196 39.44 -2.93 -19.71
C GLU B 4196 39.26 -2.62 -18.23
N ILE B 4197 38.97 -3.66 -17.45
CA ILE B 4197 38.82 -3.55 -16.00
C ILE B 4197 39.88 -4.43 -15.35
N SER B 4198 40.65 -3.85 -14.43
CA SER B 4198 41.70 -4.58 -13.74
C SER B 4198 41.10 -5.47 -12.65
N GLU B 4199 41.88 -6.47 -12.25
CA GLU B 4199 41.42 -7.39 -11.20
C GLU B 4199 41.28 -6.67 -9.87
N THR B 4200 42.20 -5.75 -9.56
CA THR B 4200 42.16 -5.05 -8.28
C THR B 4200 40.89 -4.20 -8.16
N ASN B 4201 40.51 -3.51 -9.24
CA ASN B 4201 39.33 -2.67 -9.20
C ASN B 4201 38.08 -3.50 -8.94
N ARG B 4202 37.93 -4.63 -9.65
CA ARG B 4202 36.79 -5.49 -9.43
C ARG B 4202 36.78 -6.05 -8.01
N ALA B 4203 37.95 -6.47 -7.52
CA ALA B 4203 38.04 -7.02 -6.17
C ALA B 4203 37.63 -5.99 -5.13
N GLN B 4204 38.07 -4.74 -5.30
CA GLN B 4204 37.66 -3.69 -4.39
C GLN B 4204 36.17 -3.39 -4.52
N TRP B 4205 35.63 -3.52 -5.73
CA TRP B 4205 34.20 -3.30 -5.93
C TRP B 4205 33.37 -4.33 -5.19
N GLU B 4206 33.83 -5.59 -5.16
CA GLU B 4206 33.07 -6.63 -4.46
C GLU B 4206 33.29 -6.63 -2.96
N MET B 4207 34.09 -5.72 -2.43
CA MET B 4207 34.33 -5.67 -0.99
C MET B 4207 33.03 -5.32 -0.26
N PRO B 4208 32.80 -5.89 0.92
CA PRO B 4208 31.53 -5.65 1.62
C PRO B 4208 31.28 -4.19 1.98
N GLN B 4209 32.32 -3.44 2.36
CA GLN B 4209 32.11 -2.04 2.72
C GLN B 4209 31.70 -1.22 1.49
N VAL B 4210 32.29 -1.51 0.33
CA VAL B 4210 31.88 -0.84 -0.89
C VAL B 4210 30.45 -1.21 -1.26
N LYS B 4211 30.06 -2.46 -1.00
CA LYS B 4211 28.69 -2.88 -1.24
C LYS B 4211 27.72 -2.11 -0.34
N GLU B 4212 28.09 -1.92 0.94
CA GLU B 4212 27.24 -1.16 1.85
C GLU B 4212 27.14 0.30 1.42
N SER B 4213 28.25 0.88 0.97
CA SER B 4213 28.22 2.25 0.47
C SER B 4213 27.31 2.36 -0.75
N LYS B 4214 27.38 1.38 -1.66
CA LYS B 4214 26.51 1.38 -2.83
C LYS B 4214 25.05 1.28 -2.43
N ARG B 4215 24.73 0.39 -1.48
CA ARG B 4215 23.35 0.25 -1.03
C ARG B 4215 22.83 1.54 -0.41
N GLN B 4216 23.65 2.18 0.43
CA GLN B 4216 23.25 3.44 1.03
C GLN B 4216 23.02 4.51 -0.02
N PHE B 4217 23.92 4.60 -1.02
CA PHE B 4217 23.75 5.58 -2.08
C PHE B 4217 22.48 5.32 -2.88
N ILE B 4218 22.21 4.06 -3.19
CA ILE B 4218 21.01 3.73 -3.96
C ILE B 4218 19.76 4.11 -3.19
N PHE B 4219 19.73 3.79 -1.89
CA PHE B 4219 18.58 4.16 -1.08
C PHE B 4219 18.42 5.67 -1.01
N ASP B 4220 19.53 6.39 -0.84
CA ASP B 4220 19.45 7.84 -0.74
C ASP B 4220 18.90 8.46 -2.02
N VAL B 4221 19.37 7.97 -3.17
CA VAL B 4221 18.92 8.55 -4.44
C VAL B 4221 17.47 8.20 -4.72
N VAL B 4222 17.10 6.93 -4.51
CA VAL B 4222 15.74 6.50 -4.87
C VAL B 4222 14.71 7.11 -3.93
N ASN B 4223 15.00 7.13 -2.63
CA ASN B 4223 14.02 7.62 -1.67
C ASN B 4223 13.82 9.13 -1.78
N GLU B 4224 14.89 9.89 -1.53
CA GLU B 4224 14.84 11.35 -1.57
C GLU B 4224 15.88 11.85 -2.58
N GLY B 4225 15.43 11.97 -3.84
CA GLY B 4225 16.30 12.46 -4.89
C GLY B 4225 15.49 12.98 -6.05
N GLY B 4226 16.17 13.73 -6.91
CA GLY B 4226 15.56 14.30 -8.10
C GLY B 4226 16.14 13.67 -9.35
N GLU B 4227 15.28 13.52 -10.38
CA GLU B 4227 15.73 12.93 -11.63
C GLU B 4227 16.71 13.85 -12.37
N ALA B 4228 16.52 15.17 -12.25
CA ALA B 4228 17.40 16.11 -12.91
C ALA B 4228 18.83 16.03 -12.37
N GLU B 4229 18.97 15.89 -11.05
CA GLU B 4229 20.26 15.86 -10.40
C GLU B 4229 20.72 14.45 -10.03
N LYS B 4230 20.01 13.43 -10.51
CA LYS B 4230 20.41 12.05 -10.19
C LYS B 4230 21.79 11.74 -10.76
N MET B 4231 22.07 12.18 -12.00
CA MET B 4231 23.34 11.86 -12.63
C MET B 4231 24.50 12.55 -11.92
N GLU B 4232 24.30 13.79 -11.46
CA GLU B 4232 25.35 14.48 -10.71
C GLU B 4232 25.68 13.73 -9.43
N LEU B 4233 24.65 13.29 -8.69
CA LEU B 4233 24.88 12.52 -7.48
C LEU B 4233 25.58 11.21 -7.78
N PHE B 4234 25.17 10.55 -8.88
CA PHE B 4234 25.80 9.28 -9.25
C PHE B 4234 27.28 9.48 -9.57
N VAL B 4235 27.62 10.54 -10.30
CA VAL B 4235 29.01 10.79 -10.65
C VAL B 4235 29.82 11.14 -9.40
N SER B 4236 29.24 11.92 -8.48
CA SER B 4236 29.93 12.22 -7.24
C SER B 4236 30.18 10.96 -6.42
N PHE B 4237 29.19 10.06 -6.37
CA PHE B 4237 29.37 8.80 -5.65
C PHE B 4237 30.44 7.95 -6.31
N CYS B 4238 30.48 7.93 -7.64
CA CYS B 4238 31.53 7.19 -8.34
C CYS B 4238 32.90 7.76 -8.01
N GLU B 4239 33.03 9.09 -7.97
CA GLU B 4239 34.30 9.70 -7.61
C GLU B 4239 34.72 9.32 -6.19
N ASP B 4240 33.77 9.36 -5.25
CA ASP B 4240 34.08 8.97 -3.88
C ASP B 4240 34.52 7.51 -3.81
N THR B 4241 33.84 6.63 -4.55
CA THR B 4241 34.22 5.22 -4.56
C THR B 4241 35.60 5.03 -5.16
N ILE B 4242 35.94 5.77 -6.21
CA ILE B 4242 37.25 5.66 -6.83
C ILE B 4242 38.34 6.12 -5.86
N PHE B 4243 38.09 7.21 -5.15
CA PHE B 4243 39.07 7.67 -4.16
C PHE B 4243 39.22 6.67 -3.03
N GLU B 4244 38.11 6.06 -2.59
CA GLU B 4244 38.19 4.98 -1.61
C GLU B 4244 39.05 3.83 -2.12
N MET B 4245 38.85 3.44 -3.37
CA MET B 4245 39.66 2.38 -3.95
C MET B 4245 41.14 2.75 -3.96
N GLN B 4246 41.44 4.01 -4.33
CA GLN B 4246 42.83 4.45 -4.40
C GLN B 4246 43.49 4.40 -3.03
N ILE B 4247 42.84 4.93 -1.99
CA ILE B 4247 43.47 4.96 -0.68
C ILE B 4247 43.54 3.55 -0.10
N ALA B 4248 42.54 2.70 -0.37
CA ALA B 4248 42.60 1.31 0.09
C ALA B 4248 43.76 0.57 -0.56
N ALA B 4249 44.00 0.80 -1.85
CA ALA B 4249 45.17 0.20 -2.51
C ALA B 4249 46.46 0.75 -1.92
N GLN B 4250 46.49 2.03 -1.61
CA GLN B 4250 47.69 2.63 -1.03
C GLN B 4250 48.02 2.02 0.32
N ILE B 4251 47.01 1.82 1.16
CA ILE B 4251 47.26 1.31 2.52
C ILE B 4251 47.42 -0.20 2.56
N SER B 4252 47.10 -0.91 1.47
CA SER B 4252 47.19 -2.36 1.48
C SER B 4252 48.63 -2.81 1.62
N GLU B 4253 48.84 -3.84 2.44
CA GLU B 4253 50.18 -4.36 2.70
C GLU B 4253 50.32 -5.75 2.08
N PRO B 4254 51.30 -5.96 1.20
CA PRO B 4254 51.54 -7.26 0.57
C PRO B 4254 52.08 -8.29 1.54
N PHE B 4540 69.30 6.82 11.57
CA PHE B 4540 68.11 6.25 12.19
C PHE B 4540 66.84 6.81 11.54
N TRP B 4541 67.01 7.82 10.69
CA TRP B 4541 65.87 8.40 10.00
C TRP B 4541 65.36 7.51 8.87
N GLY B 4542 66.25 6.70 8.28
CA GLY B 4542 65.81 5.83 7.20
C GLY B 4542 64.81 4.79 7.65
N GLU B 4543 65.09 4.13 8.79
CA GLU B 4543 64.15 3.15 9.33
C GLU B 4543 62.91 3.81 9.91
N LEU B 4544 63.02 5.08 10.33
CA LEU B 4544 61.88 5.76 10.94
C LEU B 4544 60.70 5.85 9.99
N GLU B 4545 60.95 6.28 8.75
CA GLU B 4545 59.87 6.40 7.78
C GLU B 4545 59.24 5.05 7.47
N VAL B 4546 60.07 4.02 7.29
CA VAL B 4546 59.55 2.69 6.97
C VAL B 4546 58.66 2.18 8.11
N GLN B 4547 59.16 2.27 9.33
CA GLN B 4547 58.39 1.79 10.48
C GLN B 4547 57.11 2.59 10.66
N ARG B 4548 57.18 3.91 10.49
CA ARG B 4548 55.99 4.75 10.66
C ARG B 4548 54.93 4.41 9.61
N VAL B 4549 55.35 4.26 8.36
CA VAL B 4549 54.39 3.94 7.30
C VAL B 4549 53.79 2.56 7.52
N LYS B 4550 54.61 1.58 7.91
CA LYS B 4550 54.08 0.25 8.17
C LYS B 4550 53.08 0.27 9.32
N PHE B 4551 53.40 0.98 10.39
CA PHE B 4551 52.49 1.09 11.53
C PHE B 4551 51.18 1.75 11.13
N LEU B 4552 51.27 2.84 10.36
CA LEU B 4552 50.06 3.56 9.99
C LEU B 4552 49.19 2.74 9.05
N ASN B 4553 49.80 2.01 8.12
CA ASN B 4553 49.03 1.13 7.24
C ASN B 4553 48.40 -0.01 8.01
N TYR B 4554 49.11 -0.57 8.99
CA TYR B 4554 48.55 -1.61 9.84
C TYR B 4554 47.35 -1.10 10.62
N LEU B 4555 47.43 0.12 11.14
CA LEU B 4555 46.29 0.71 11.82
C LEU B 4555 45.13 0.97 10.87
N SER B 4556 45.43 1.45 9.66
CA SER B 4556 44.37 1.77 8.70
C SER B 4556 43.64 0.53 8.23
N ARG B 4557 44.37 -0.58 8.06
CA ARG B 4557 43.73 -1.81 7.59
C ARG B 4557 42.72 -2.34 8.60
N ASN B 4558 43.05 -2.27 9.89
CA ASN B 4558 42.21 -2.83 10.94
C ASN B 4558 41.51 -1.78 11.79
N PHE B 4559 40.99 -0.72 11.16
CA PHE B 4559 40.25 0.28 11.91
C PHE B 4559 39.00 -0.33 12.56
N TYR B 4560 38.23 -1.10 11.79
CA TYR B 4560 37.01 -1.68 12.33
C TYR B 4560 37.31 -2.79 13.33
N THR B 4561 38.42 -3.52 13.14
CA THR B 4561 38.82 -4.49 14.14
C THR B 4561 39.15 -3.81 15.46
N LEU B 4562 39.83 -2.66 15.40
CA LEU B 4562 40.12 -1.91 16.62
C LEU B 4562 38.85 -1.34 17.25
N ARG B 4563 37.89 -0.92 16.43
CA ARG B 4563 36.61 -0.45 16.97
C ARG B 4563 35.90 -1.57 17.72
N PHE B 4564 35.87 -2.77 17.12
CA PHE B 4564 35.24 -3.92 17.79
C PHE B 4564 35.99 -4.29 19.06
N LEU B 4565 37.32 -4.20 19.03
CA LEU B 4565 38.10 -4.49 20.23
C LEU B 4565 37.79 -3.50 21.33
N ALA B 4566 37.63 -2.22 20.98
CA ALA B 4566 37.26 -1.22 21.97
C ALA B 4566 35.89 -1.52 22.56
N LEU B 4567 34.94 -1.92 21.71
CA LEU B 4567 33.62 -2.26 22.20
C LEU B 4567 33.67 -3.45 23.16
N PHE B 4568 34.43 -4.49 22.80
CA PHE B 4568 34.57 -5.65 23.66
C PHE B 4568 35.23 -5.27 24.98
N LEU B 4569 36.23 -4.40 24.94
CA LEU B 4569 36.87 -3.95 26.17
C LEU B 4569 35.90 -3.15 27.04
N ALA B 4570 35.01 -2.38 26.41
CA ALA B 4570 33.99 -1.68 27.17
C ALA B 4570 33.08 -2.66 27.91
N PHE B 4571 32.65 -3.72 27.22
CA PHE B 4571 31.84 -4.73 27.90
C PHE B 4571 32.62 -5.39 29.03
N ALA B 4572 33.89 -5.70 28.80
CA ALA B 4572 34.69 -6.35 29.85
C ALA B 4572 34.85 -5.45 31.07
N ILE B 4573 35.13 -4.16 30.85
CA ILE B 4573 35.32 -3.24 31.96
C ILE B 4573 34.01 -3.06 32.72
N ASN B 4574 32.89 -2.93 32.00
CA ASN B 4574 31.60 -2.78 32.68
C ASN B 4574 31.24 -4.03 33.47
N PHE B 4575 31.53 -5.21 32.92
CA PHE B 4575 31.28 -6.43 33.67
C PHE B 4575 32.14 -6.49 34.94
N ILE B 4576 33.39 -6.04 34.85
CA ILE B 4576 34.23 -5.98 36.05
C ILE B 4576 33.64 -5.00 37.06
N LEU B 4577 33.20 -3.83 36.60
CA LEU B 4577 32.59 -2.83 37.47
C LEU B 4577 31.30 -3.33 38.10
N LEU B 4578 30.64 -4.30 37.49
CA LEU B 4578 29.46 -4.91 38.09
C LEU B 4578 29.75 -5.64 39.42
N PHE B 4579 30.99 -5.72 39.89
CA PHE B 4579 31.31 -6.40 41.14
C PHE B 4579 31.71 -5.40 42.22
N TYR B 4580 31.24 -4.17 42.12
CA TYR B 4580 31.63 -3.10 43.01
C TYR B 4580 30.74 -3.07 44.25
N LYS B 4581 31.34 -2.69 45.38
CA LYS B 4581 30.61 -2.42 46.62
C LYS B 4581 31.19 -1.14 47.24
N VAL B 4582 30.39 -0.51 48.10
CA VAL B 4582 30.83 0.70 48.80
C VAL B 4582 30.68 0.47 50.30
N SER B 4583 31.65 0.98 51.06
CA SER B 4583 31.65 0.84 52.51
C SER B 4583 32.29 2.07 53.13
N ASP B 4584 31.91 2.34 54.38
CA ASP B 4584 32.55 3.41 55.14
C ASP B 4584 33.92 2.98 55.66
N SER B 4585 34.05 1.72 56.06
CA SER B 4585 35.33 1.18 56.52
C SER B 4585 36.26 0.95 55.33
N PRO B 4586 37.57 0.94 55.58
CA PRO B 4586 38.52 0.66 54.50
C PRO B 4586 38.32 -0.72 53.91
N PRO B 4587 38.53 -0.89 52.61
CA PRO B 4587 38.43 -2.15 51.85
C PRO B 4587 39.02 -3.35 52.58
N ASN B 4626 30.20 11.03 56.50
CA ASN B 4626 31.30 10.09 56.62
C ASN B 4626 32.03 9.90 55.30
N MET B 4627 33.31 9.57 55.37
CA MET B 4627 34.08 9.29 54.16
C MET B 4627 33.60 7.98 53.53
N VAL B 4628 33.53 7.97 52.20
CA VAL B 4628 33.12 6.81 51.43
C VAL B 4628 34.30 6.32 50.61
N TYR B 4629 34.55 5.01 50.66
CA TYR B 4629 35.64 4.38 49.95
C TYR B 4629 35.09 3.59 48.77
N TYR B 4630 35.74 3.73 47.62
CA TYR B 4630 35.28 3.12 46.37
C TYR B 4630 36.19 1.94 46.08
N PHE B 4631 35.76 0.74 46.49
CA PHE B 4631 36.56 -0.48 46.40
C PHE B 4631 35.79 -1.56 45.68
N LEU B 4632 36.50 -2.39 44.93
CA LEU B 4632 35.88 -3.50 44.21
C LEU B 4632 36.08 -4.78 45.00
N GLU B 4633 34.99 -5.46 45.37
CA GLU B 4633 35.04 -6.60 46.26
C GLU B 4633 34.60 -7.85 45.51
N GLU B 4634 35.44 -8.88 45.54
CA GLU B 4634 35.12 -10.18 44.95
C GLU B 4634 36.07 -11.22 45.52
N SER B 4635 35.83 -12.48 45.18
CA SER B 4635 36.49 -13.60 45.82
C SER B 4635 37.79 -14.02 45.14
N THR B 4636 37.82 -14.02 43.80
CA THR B 4636 38.97 -14.58 43.09
C THR B 4636 40.24 -13.80 43.37
N GLY B 4637 40.15 -12.47 43.41
CA GLY B 4637 41.32 -11.62 43.59
C GLY B 4637 42.00 -11.21 42.32
N TYR B 4638 41.62 -11.77 41.18
CA TYR B 4638 42.22 -11.41 39.89
C TYR B 4638 41.47 -10.32 39.15
N MET B 4639 40.39 -9.79 39.73
CA MET B 4639 39.57 -8.84 38.99
C MET B 4639 40.21 -7.46 38.92
N GLU B 4640 40.88 -7.01 39.99
CA GLU B 4640 41.47 -5.66 39.94
C GLU B 4640 42.67 -5.58 39.00
N PRO B 4641 43.59 -6.56 38.92
CA PRO B 4641 44.64 -6.46 37.89
C PRO B 4641 44.04 -6.45 36.50
N ALA B 4642 43.00 -7.26 36.29
CA ALA B 4642 42.32 -7.29 35.00
C ALA B 4642 41.72 -5.93 34.67
N LEU B 4643 41.08 -5.30 35.65
CA LEU B 4643 40.48 -3.99 35.41
C LEU B 4643 41.55 -2.95 35.07
N TRP B 4644 42.64 -2.95 35.82
CA TRP B 4644 43.71 -1.98 35.57
C TRP B 4644 44.29 -2.16 34.17
N CYS B 4645 44.67 -3.40 33.84
CA CYS B 4645 45.25 -3.68 32.53
C CYS B 4645 44.27 -3.36 31.42
N LEU B 4646 42.98 -3.70 31.61
CA LEU B 4646 41.98 -3.46 30.58
C LEU B 4646 41.76 -1.98 30.36
N SER B 4647 41.81 -1.17 31.42
CA SER B 4647 41.64 0.27 31.25
C SER B 4647 42.83 0.88 30.52
N LEU B 4648 44.06 0.55 30.94
CA LEU B 4648 45.22 1.08 30.24
C LEU B 4648 45.31 0.56 28.81
N LEU B 4649 44.75 -0.62 28.54
CA LEU B 4649 44.70 -1.12 27.17
C LEU B 4649 43.61 -0.43 26.36
N HIS B 4650 42.47 -0.13 26.98
CA HIS B 4650 41.36 0.48 26.27
C HIS B 4650 41.68 1.91 25.88
N THR B 4651 42.39 2.65 26.73
CA THR B 4651 42.81 4.00 26.34
C THR B 4651 43.71 3.96 25.11
N LEU B 4652 44.67 3.03 25.10
CA LEU B 4652 45.56 2.88 23.96
C LEU B 4652 44.77 2.46 22.71
N VAL B 4653 43.80 1.58 22.88
CA VAL B 4653 42.99 1.14 21.74
C VAL B 4653 42.20 2.31 21.16
N ALA B 4654 41.65 3.16 22.03
CA ALA B 4654 40.93 4.35 21.54
C ALA B 4654 41.86 5.29 20.80
N PHE B 4655 43.07 5.49 21.33
CA PHE B 4655 44.04 6.34 20.64
C PHE B 4655 44.39 5.77 19.26
N LEU B 4656 44.59 4.46 19.18
CA LEU B 4656 44.87 3.82 17.91
C LEU B 4656 43.69 3.94 16.96
N CYS B 4657 42.47 3.88 17.50
CA CYS B 4657 41.28 4.05 16.67
C CYS B 4657 41.24 5.45 16.06
N ILE B 4658 41.56 6.47 16.86
CA ILE B 4658 41.57 7.84 16.33
C ILE B 4658 42.65 7.99 15.26
N ILE B 4659 43.84 7.43 15.51
CA ILE B 4659 44.91 7.53 14.51
C ILE B 4659 44.52 6.83 13.22
N GLY B 4660 43.92 5.64 13.32
CA GLY B 4660 43.47 4.94 12.14
C GLY B 4660 42.38 5.68 11.39
N TYR B 4661 41.46 6.32 12.12
CA TYR B 4661 40.43 7.14 11.48
C TYR B 4661 41.06 8.29 10.72
N ASN B 4662 42.06 8.95 11.34
CA ASN B 4662 42.73 10.05 10.67
C ASN B 4662 43.41 9.58 9.39
N CYS B 4663 44.07 8.43 9.45
CA CYS B 4663 44.80 7.95 8.29
C CYS B 4663 43.93 7.25 7.26
N LEU B 4664 42.66 6.97 7.58
CA LEU B 4664 41.79 6.23 6.68
C LEU B 4664 40.60 7.06 6.18
N LYS B 4665 39.83 7.66 7.08
CA LYS B 4665 38.58 8.31 6.71
C LYS B 4665 38.71 9.81 6.49
N VAL B 4666 39.70 10.46 7.13
CA VAL B 4666 39.90 11.89 6.90
C VAL B 4666 40.19 12.22 5.45
N PRO B 4667 41.03 11.45 4.72
CA PRO B 4667 41.27 11.80 3.30
C PRO B 4667 40.00 11.87 2.47
N LEU B 4668 38.99 11.04 2.74
CA LEU B 4668 37.74 11.16 2.01
C LEU B 4668 37.08 12.51 2.27
N VAL B 4669 37.06 12.95 3.53
CA VAL B 4669 36.44 14.23 3.85
C VAL B 4669 37.20 15.38 3.19
N ILE B 4670 38.53 15.33 3.23
CA ILE B 4670 39.32 16.38 2.61
C ILE B 4670 39.09 16.40 1.10
N PHE B 4671 39.06 15.22 0.47
CA PHE B 4671 38.83 15.14 -0.96
C PHE B 4671 37.47 15.69 -1.34
N LYS B 4672 36.44 15.33 -0.58
CA LYS B 4672 35.10 15.83 -0.87
C LYS B 4672 35.03 17.35 -0.71
N ARG B 4673 35.64 17.88 0.35
CA ARG B 4673 35.61 19.32 0.58
C ARG B 4673 36.33 20.06 -0.55
N GLU B 4674 37.51 19.57 -0.94
CA GLU B 4674 38.23 20.21 -2.03
C GLU B 4674 37.47 20.10 -3.34
N LYS B 4675 36.81 18.98 -3.58
CA LYS B 4675 36.04 18.79 -4.80
C LYS B 4675 34.89 19.80 -4.87
N GLU B 4676 34.10 19.89 -3.81
CA GLU B 4676 33.00 20.85 -3.81
C GLU B 4676 33.51 22.29 -3.93
N LEU B 4677 34.62 22.60 -3.25
CA LEU B 4677 35.15 23.95 -3.35
C LEU B 4677 35.62 24.27 -4.77
N ALA B 4678 36.28 23.31 -5.43
CA ALA B 4678 36.73 23.54 -6.79
C ALA B 4678 35.56 23.72 -7.75
N ARG B 4679 34.52 22.90 -7.59
CA ARG B 4679 33.35 23.06 -8.44
C ARG B 4679 32.63 24.38 -8.20
N LYS B 4680 32.57 24.82 -6.94
CA LYS B 4680 31.99 26.13 -6.65
C LYS B 4680 32.81 27.26 -7.26
N LEU B 4681 34.14 27.13 -7.19
CA LEU B 4681 35.00 28.14 -7.79
C LEU B 4681 34.83 28.21 -9.30
N GLU B 4682 34.71 27.05 -9.95
CA GLU B 4682 34.71 26.99 -11.41
C GLU B 4682 33.33 27.26 -12.00
N PHE B 4683 32.35 26.44 -11.65
CA PHE B 4683 31.03 26.48 -12.29
C PHE B 4683 30.02 27.32 -11.53
N ASP B 4684 30.42 27.98 -10.45
CA ASP B 4684 29.53 28.84 -9.69
C ASP B 4684 30.09 30.24 -9.46
N GLY B 4685 31.41 30.38 -9.34
CA GLY B 4685 31.98 31.68 -9.03
C GLY B 4685 31.60 32.18 -7.66
N LEU B 4686 31.69 31.30 -6.66
CA LEU B 4686 31.31 31.62 -5.29
C LEU B 4686 32.07 32.82 -4.76
N TYR B 4687 33.39 32.74 -4.68
CA TYR B 4687 34.20 33.85 -4.21
C TYR B 4687 34.50 34.86 -5.31
N ILE B 4688 34.07 34.60 -6.53
CA ILE B 4688 34.21 35.58 -7.61
C ILE B 4688 33.00 36.50 -7.67
N THR B 4689 31.80 35.94 -7.53
CA THR B 4689 30.56 36.72 -7.59
C THR B 4689 29.75 36.65 -6.31
N GLU B 4690 29.47 35.44 -5.80
CA GLU B 4690 28.50 35.28 -4.72
C GLU B 4690 28.98 35.95 -3.44
N GLN B 4691 30.19 35.61 -2.98
CA GLN B 4691 30.79 36.17 -1.77
C GLN B 4691 29.85 36.06 -0.58
N PRO B 4692 29.66 34.87 -0.01
CA PRO B 4692 28.76 34.74 1.15
C PRO B 4692 29.23 35.59 2.31
N GLY B 4693 28.28 36.25 2.97
CA GLY B 4693 28.63 37.23 3.99
C GLY B 4693 29.16 36.66 5.29
N ASP B 4694 28.29 36.06 6.11
CA ASP B 4694 28.73 35.48 7.38
C ASP B 4694 28.09 34.13 7.65
N ASP B 4695 26.92 33.89 7.07
CA ASP B 4695 26.14 32.70 7.43
C ASP B 4695 26.79 31.42 6.94
N ASP B 4696 27.35 31.44 5.73
CA ASP B 4696 28.01 30.26 5.20
C ASP B 4696 29.35 30.07 5.88
N VAL B 4697 29.33 29.54 7.10
CA VAL B 4697 30.57 29.34 7.86
C VAL B 4697 31.51 28.40 7.13
N LYS B 4698 30.95 27.44 6.37
CA LYS B 4698 31.79 26.57 5.56
C LYS B 4698 32.58 27.37 4.54
N GLY B 4699 31.93 28.28 3.83
CA GLY B 4699 32.63 29.14 2.90
C GLY B 4699 33.60 30.08 3.60
N GLN B 4700 33.22 30.57 4.78
CA GLN B 4700 34.10 31.46 5.52
C GLN B 4700 35.40 30.76 5.90
N TRP B 4701 35.31 29.50 6.32
CA TRP B 4701 36.53 28.75 6.62
C TRP B 4701 37.27 28.34 5.36
N ASP B 4702 36.54 28.10 4.27
CA ASP B 4702 37.18 27.72 3.00
C ASP B 4702 37.91 28.89 2.35
N ARG B 4703 37.60 30.12 2.75
CA ARG B 4703 38.31 31.28 2.21
C ARG B 4703 39.82 31.18 2.46
N LEU B 4704 40.23 30.50 3.53
CA LEU B 4704 41.64 30.52 3.92
C LEU B 4704 42.50 29.59 3.06
N VAL B 4705 41.90 28.69 2.29
CA VAL B 4705 42.68 27.71 1.54
C VAL B 4705 42.86 28.11 0.07
N LEU B 4706 42.19 29.17 -0.38
CA LEU B 4706 42.25 29.54 -1.80
C LEU B 4706 43.67 29.91 -2.21
N ASN B 4707 44.40 30.64 -1.37
CA ASN B 4707 45.71 31.16 -1.72
C ASN B 4707 46.85 30.21 -1.33
N THR B 4708 46.53 29.01 -0.86
CA THR B 4708 47.57 28.08 -0.47
C THR B 4708 48.26 27.48 -1.70
N PRO B 4709 49.57 27.21 -1.61
CA PRO B 4709 50.28 26.61 -2.76
C PRO B 4709 49.80 25.22 -3.12
N SER B 4710 49.14 24.52 -2.21
CA SER B 4710 48.73 23.13 -2.41
C SER B 4710 47.26 22.95 -2.05
N PHE B 4711 46.41 23.82 -2.60
CA PHE B 4711 44.98 23.73 -2.32
C PHE B 4711 44.38 22.40 -2.75
N PRO B 4712 44.56 21.91 -4.00
CA PRO B 4712 43.99 20.59 -4.34
C PRO B 4712 44.96 19.45 -4.08
N SER B 4713 45.23 19.18 -2.81
CA SER B 4713 46.20 18.14 -2.45
C SER B 4713 45.64 16.75 -2.67
N ASN B 4714 44.37 16.52 -2.31
CA ASN B 4714 43.75 15.22 -2.48
C ASN B 4714 42.92 15.11 -3.76
N TYR B 4715 42.26 16.19 -4.17
CA TYR B 4715 41.50 16.19 -5.41
C TYR B 4715 42.44 16.06 -6.59
N TRP B 4716 42.04 15.26 -7.57
CA TRP B 4716 42.85 15.03 -8.78
C TRP B 4716 42.54 16.06 -9.86
N ASP B 4717 42.58 17.34 -9.49
CA ASP B 4717 42.24 18.43 -10.39
C ASP B 4717 43.27 19.55 -10.27
N LYS B 4718 44.56 19.19 -10.36
CA LYS B 4718 45.63 20.15 -10.14
C LYS B 4718 45.53 21.37 -11.06
N PHE B 4719 44.89 21.23 -12.21
CA PHE B 4719 44.72 22.34 -13.15
C PHE B 4719 43.49 23.19 -12.85
N VAL B 4720 42.95 23.10 -11.63
CA VAL B 4720 41.73 23.84 -11.29
C VAL B 4720 42.01 25.33 -11.29
N LYS B 4721 43.20 25.74 -10.85
CA LYS B 4721 43.55 27.16 -10.85
C LYS B 4721 43.56 27.71 -12.27
N ARG B 4722 44.20 27.00 -13.19
CA ARG B 4722 44.22 27.43 -14.59
C ARG B 4722 42.82 27.42 -15.18
N LYS B 4723 42.01 26.42 -14.84
CA LYS B 4723 40.66 26.35 -15.38
C LYS B 4723 39.81 27.53 -14.91
N VAL B 4724 39.87 27.87 -13.62
CA VAL B 4724 39.08 28.99 -13.13
C VAL B 4724 39.62 30.31 -13.66
N LEU B 4725 40.94 30.38 -13.87
CA LEU B 4725 41.52 31.57 -14.47
C LEU B 4725 40.97 31.78 -15.88
N ASP B 4726 41.05 30.74 -16.72
CA ASP B 4726 40.51 30.84 -18.07
C ASP B 4726 39.00 31.10 -18.05
N LYS B 4727 38.31 30.63 -17.02
CA LYS B 4727 36.87 30.82 -16.94
C LYS B 4727 36.52 32.28 -16.65
N HIS B 4728 37.22 32.90 -15.70
CA HIS B 4728 36.76 34.18 -15.17
C HIS B 4728 37.64 35.38 -15.50
N GLY B 4729 38.97 35.21 -15.53
CA GLY B 4729 39.85 36.36 -15.56
C GLY B 4729 39.70 37.22 -16.80
N ASP B 4730 39.33 36.62 -17.94
CA ASP B 4730 39.23 37.36 -19.19
C ASP B 4730 38.23 38.49 -19.12
N ILE B 4731 37.18 38.35 -18.30
CA ILE B 4731 36.15 39.38 -18.17
C ILE B 4731 36.19 40.02 -16.77
N PHE B 4732 36.77 39.33 -15.80
CA PHE B 4732 36.70 39.76 -14.41
C PHE B 4732 38.01 40.36 -13.91
N GLY B 4733 39.13 40.04 -14.55
CA GLY B 4733 40.42 40.59 -14.16
C GLY B 4733 41.46 39.50 -13.93
N ARG B 4734 42.72 39.88 -14.12
CA ARG B 4734 43.84 38.96 -14.04
C ARG B 4734 44.58 39.04 -12.72
N GLU B 4735 44.95 40.25 -12.28
CA GLU B 4735 45.74 40.38 -11.06
C GLU B 4735 44.94 40.00 -9.82
N ARG B 4736 43.65 40.33 -9.78
CA ARG B 4736 42.86 40.04 -8.59
C ARG B 4736 42.67 38.54 -8.42
N ILE B 4737 42.48 37.82 -9.52
CA ILE B 4737 42.37 36.36 -9.44
C ILE B 4737 43.67 35.76 -8.94
N ALA B 4738 44.81 36.27 -9.43
CA ALA B 4738 46.09 35.76 -8.96
C ALA B 4738 46.29 36.02 -7.46
N GLU B 4739 45.88 37.21 -7.00
CA GLU B 4739 45.96 37.51 -5.58
C GLU B 4739 45.05 36.60 -4.75
N LEU B 4740 43.84 36.36 -5.24
CA LEU B 4740 42.89 35.52 -4.51
C LEU B 4740 43.37 34.08 -4.43
N LEU B 4741 43.87 33.55 -5.54
CA LEU B 4741 44.31 32.16 -5.61
C LEU B 4741 45.77 31.97 -5.20
N GLY B 4742 46.50 33.07 -4.97
CA GLY B 4742 47.89 32.95 -4.57
C GLY B 4742 48.78 32.31 -5.63
N MET B 4743 48.56 32.65 -6.89
CA MET B 4743 49.36 32.14 -7.99
C MET B 4743 50.12 33.28 -8.66
N ASP B 4744 51.34 32.98 -9.11
CA ASP B 4744 52.16 33.97 -9.82
C ASP B 4744 51.89 33.84 -11.31
N LEU B 4745 51.41 34.93 -11.92
CA LEU B 4745 51.08 34.90 -13.34
C LEU B 4745 52.33 34.70 -14.19
N ALA B 4746 53.44 35.33 -13.81
CA ALA B 4746 54.67 35.18 -14.58
C ALA B 4746 55.19 33.75 -14.50
N SER B 4747 55.26 33.19 -13.29
CA SER B 4747 55.75 31.83 -13.05
C SER B 4747 57.12 31.59 -13.68
N ASP B 4772 53.63 24.87 4.87
CA ASP B 4772 52.33 25.43 4.54
C ASP B 4772 51.43 25.43 5.77
N VAL B 4773 51.63 26.42 6.65
CA VAL B 4773 50.90 26.46 7.91
C VAL B 4773 49.42 26.72 7.68
N LYS B 4774 49.10 27.56 6.71
CA LYS B 4774 47.70 27.93 6.50
C LYS B 4774 46.88 26.75 5.97
N TYR B 4775 47.44 25.97 5.05
CA TYR B 4775 46.72 24.81 4.56
C TYR B 4775 46.50 23.78 5.66
N GLN B 4776 47.51 23.57 6.50
CA GLN B 4776 47.36 22.65 7.62
C GLN B 4776 46.29 23.15 8.59
N ILE B 4777 46.25 24.46 8.83
CA ILE B 4777 45.22 25.03 9.69
C ILE B 4777 43.84 24.78 9.10
N TRP B 4778 43.68 25.00 7.80
CA TRP B 4778 42.40 24.77 7.16
C TRP B 4778 42.00 23.29 7.24
N LYS B 4779 42.95 22.39 7.00
CA LYS B 4779 42.64 20.96 7.05
C LYS B 4779 42.23 20.55 8.45
N PHE B 4780 42.94 21.04 9.47
CA PHE B 4780 42.59 20.69 10.85
C PHE B 4780 41.24 21.28 11.24
N GLY B 4781 40.93 22.49 10.76
CA GLY B 4781 39.61 23.06 11.03
C GLY B 4781 38.51 22.24 10.38
N VAL B 4782 38.75 21.73 9.17
CA VAL B 4782 37.78 20.86 8.52
C VAL B 4782 37.62 19.57 9.31
N ILE B 4783 38.73 19.01 9.80
CA ILE B 4783 38.68 17.76 10.55
C ILE B 4783 37.88 17.95 11.84
N PHE B 4784 38.13 19.04 12.56
CA PHE B 4784 37.49 19.26 13.85
C PHE B 4784 36.00 19.54 13.72
N THR B 4785 35.50 19.79 12.52
CA THR B 4785 34.08 19.99 12.28
C THR B 4785 33.36 18.66 12.01
N ASP B 4786 34.09 17.64 11.58
CA ASP B 4786 33.51 16.35 11.20
C ASP B 4786 32.91 15.68 12.42
N ASN B 4787 31.70 15.13 12.24
CA ASN B 4787 30.99 14.52 13.37
C ASN B 4787 31.68 13.26 13.87
N SER B 4788 32.15 12.40 12.95
CA SER B 4788 32.75 11.14 13.37
C SER B 4788 34.04 11.37 14.14
N PHE B 4789 34.88 12.30 13.68
CA PHE B 4789 36.11 12.61 14.41
C PHE B 4789 35.78 13.17 15.78
N LEU B 4790 34.75 14.01 15.89
CA LEU B 4790 34.35 14.52 17.18
C LEU B 4790 33.85 13.42 18.10
N TYR B 4791 33.12 12.45 17.56
CA TYR B 4791 32.65 11.33 18.37
C TYR B 4791 33.82 10.50 18.88
N LEU B 4792 34.80 10.26 18.02
CA LEU B 4792 35.98 9.50 18.45
C LEU B 4792 36.79 10.29 19.48
N GLY B 4793 36.87 11.61 19.32
CA GLY B 4793 37.53 12.43 20.33
C GLY B 4793 36.82 12.41 21.67
N TRP B 4794 35.48 12.44 21.66
CA TRP B 4794 34.71 12.30 22.88
C TRP B 4794 34.88 10.93 23.52
N TYR B 4795 34.93 9.87 22.71
CA TYR B 4795 35.24 8.54 23.23
C TYR B 4795 36.61 8.50 23.88
N MET B 4796 37.62 9.11 23.26
CA MET B 4796 38.95 9.19 23.87
C MET B 4796 38.92 10.00 25.17
N VAL B 4797 38.14 11.08 25.21
CA VAL B 4797 38.07 11.91 26.41
C VAL B 4797 37.47 11.12 27.57
N MET B 4798 36.37 10.41 27.31
CA MET B 4798 35.78 9.59 28.36
C MET B 4798 36.70 8.42 28.74
N SER B 4799 37.44 7.88 27.78
CA SER B 4799 38.41 6.84 28.11
C SER B 4799 39.50 7.37 29.04
N LEU B 4800 39.97 8.60 28.78
CA LEU B 4800 40.95 9.21 29.68
C LEU B 4800 40.36 9.45 31.06
N LEU B 4801 39.14 9.99 31.11
CA LEU B 4801 38.51 10.28 32.39
C LEU B 4801 38.16 9.02 33.16
N GLY B 4802 38.03 7.87 32.48
CA GLY B 4802 37.77 6.63 33.18
C GLY B 4802 38.85 6.26 34.17
N HIS B 4803 40.07 6.74 33.95
CA HIS B 4803 41.13 6.54 34.92
C HIS B 4803 40.92 7.38 36.17
N TYR B 4804 40.36 8.59 36.02
CA TYR B 4804 40.00 9.39 37.17
C TYR B 4804 38.91 8.72 37.99
N ASN B 4805 37.87 8.20 37.32
CA ASN B 4805 36.81 7.45 37.98
C ASN B 4805 36.40 6.33 37.02
N ASN B 4806 36.52 5.09 37.49
CA ASN B 4806 36.33 3.93 36.64
C ASN B 4806 34.93 3.87 36.04
N PHE B 4807 33.94 4.44 36.72
CA PHE B 4807 32.57 4.37 36.24
C PHE B 4807 32.33 5.24 35.02
N PHE B 4808 33.28 6.11 34.65
CA PHE B 4808 33.16 6.84 33.39
C PHE B 4808 33.24 5.92 32.19
N PHE B 4809 33.70 4.69 32.37
CA PHE B 4809 33.71 3.69 31.31
C PHE B 4809 32.32 3.17 30.98
N ALA B 4810 31.32 3.49 31.81
CA ALA B 4810 29.95 3.09 31.51
C ALA B 4810 29.36 3.86 30.34
N ALA B 4811 29.85 5.06 30.06
CA ALA B 4811 29.37 5.85 28.93
C ALA B 4811 29.81 5.29 27.59
N HIS B 4812 30.73 4.33 27.58
CA HIS B 4812 31.16 3.68 26.36
C HIS B 4812 30.21 2.60 25.88
N LEU B 4813 29.27 2.17 26.72
CA LEU B 4813 28.21 1.28 26.28
C LEU B 4813 27.27 1.95 25.29
N LEU B 4814 27.25 3.29 25.27
CA LEU B 4814 26.46 4.00 24.27
C LEU B 4814 26.98 3.74 22.87
N ASP B 4815 28.21 3.25 22.75
CA ASP B 4815 28.78 2.96 21.44
C ASP B 4815 28.05 1.81 20.73
N ILE B 4816 27.27 1.02 21.46
CA ILE B 4816 26.53 -0.07 20.81
C ILE B 4816 25.47 0.51 19.87
N ALA B 4817 24.96 1.71 20.18
CA ALA B 4817 23.98 2.33 19.31
C ALA B 4817 24.61 2.71 17.97
N MET B 4818 25.85 3.20 17.98
CA MET B 4818 26.51 3.62 16.75
C MET B 4818 27.34 2.52 16.12
N GLY B 4819 27.45 1.35 16.77
CA GLY B 4819 28.28 0.29 16.26
C GLY B 4819 27.52 -0.79 15.49
N VAL B 4820 26.44 -1.28 16.06
CA VAL B 4820 25.71 -2.41 15.50
C VAL B 4820 24.63 -1.89 14.56
N LYS B 4821 24.50 -2.54 13.39
CA LYS B 4821 23.51 -2.12 12.42
C LYS B 4821 22.08 -2.35 12.91
N THR B 4822 21.85 -3.48 13.59
CA THR B 4822 20.51 -3.82 14.05
C THR B 4822 20.01 -2.79 15.05
N LEU B 4823 20.87 -2.39 15.99
CA LEU B 4823 20.48 -1.38 16.95
C LEU B 4823 20.24 -0.03 16.27
N ARG B 4824 21.03 0.28 15.25
CA ARG B 4824 20.79 1.50 14.49
C ARG B 4824 19.42 1.48 13.83
N THR B 4825 19.06 0.36 13.21
CA THR B 4825 17.74 0.25 12.58
C THR B 4825 16.61 0.33 13.61
N ILE B 4826 16.80 -0.27 14.78
CA ILE B 4826 15.76 -0.22 15.80
C ILE B 4826 15.59 1.20 16.33
N LEU B 4827 16.70 1.89 16.61
CA LEU B 4827 16.63 3.26 17.11
C LEU B 4827 16.23 4.25 16.04
N SER B 4828 16.33 3.87 14.76
CA SER B 4828 15.86 4.75 13.69
C SER B 4828 14.37 4.98 13.79
N SER B 4829 13.61 4.00 14.27
CA SER B 4829 12.18 4.21 14.48
C SER B 4829 11.92 5.30 15.51
N VAL B 4830 12.71 5.33 16.58
CA VAL B 4830 12.55 6.36 17.60
C VAL B 4830 12.97 7.72 17.04
N THR B 4831 14.11 7.77 16.36
CA THR B 4831 14.66 9.05 15.92
C THR B 4831 14.03 9.58 14.63
N HIS B 4832 13.20 8.79 13.96
CA HIS B 4832 12.56 9.26 12.73
C HIS B 4832 11.57 10.38 13.00
N ASN B 4833 10.87 10.30 14.13
CA ASN B 4833 9.89 11.30 14.53
C ASN B 4833 10.31 12.01 15.81
N GLY B 4834 11.59 12.36 15.90
CA GLY B 4834 12.08 13.04 17.09
C GLY B 4834 11.43 14.41 17.30
N LYS B 4835 11.24 15.15 16.22
CA LYS B 4835 10.57 16.44 16.32
C LYS B 4835 9.14 16.28 16.83
N GLN B 4836 8.42 15.30 16.29
CA GLN B 4836 7.05 15.07 16.74
C GLN B 4836 7.01 14.62 18.20
N LEU B 4837 7.97 13.78 18.61
CA LEU B 4837 8.00 13.34 20.00
C LEU B 4837 8.28 14.51 20.95
N VAL B 4838 9.24 15.37 20.59
CA VAL B 4838 9.50 16.55 21.40
C VAL B 4838 8.28 17.45 21.47
N MET B 4839 7.59 17.61 20.34
CA MET B 4839 6.43 18.50 20.32
C MET B 4839 5.29 17.94 21.14
N THR B 4840 5.09 16.61 21.11
CA THR B 4840 4.03 16.04 21.92
C THR B 4840 4.39 16.01 23.40
N VAL B 4841 5.68 15.93 23.74
CA VAL B 4841 6.07 16.12 25.14
C VAL B 4841 5.78 17.54 25.60
N GLY B 4842 6.06 18.53 24.74
CA GLY B 4842 5.70 19.90 25.07
C GLY B 4842 4.21 20.10 25.21
N LEU B 4843 3.43 19.45 24.35
CA LEU B 4843 1.98 19.49 24.47
C LEU B 4843 1.51 18.86 25.78
N LEU B 4844 2.14 17.76 26.18
CA LEU B 4844 1.84 17.16 27.48
C LEU B 4844 2.13 18.13 28.60
N ALA B 4845 3.26 18.82 28.54
CA ALA B 4845 3.60 19.80 29.56
C ALA B 4845 2.56 20.92 29.61
N VAL B 4846 2.13 21.40 28.46
CA VAL B 4846 1.16 22.50 28.41
C VAL B 4846 -0.18 22.06 29.00
N VAL B 4847 -0.66 20.88 28.61
CA VAL B 4847 -1.97 20.44 29.09
C VAL B 4847 -1.92 20.14 30.58
N VAL B 4848 -0.82 19.56 31.07
CA VAL B 4848 -0.69 19.34 32.50
C VAL B 4848 -0.60 20.67 33.24
N TYR B 4849 0.02 21.68 32.65
CA TYR B 4849 0.00 23.01 33.26
C TYR B 4849 -1.42 23.56 33.36
N LEU B 4850 -2.22 23.34 32.31
CA LEU B 4850 -3.61 23.80 32.36
C LEU B 4850 -4.39 23.10 33.48
N TYR B 4851 -4.22 21.78 33.59
CA TYR B 4851 -4.89 21.05 34.66
C TYR B 4851 -4.37 21.48 36.03
N THR B 4852 -3.08 21.82 36.11
CA THR B 4852 -2.52 22.36 37.34
C THR B 4852 -3.18 23.69 37.71
N VAL B 4853 -3.39 24.55 36.72
CA VAL B 4853 -4.06 25.83 36.96
C VAL B 4853 -5.45 25.59 37.53
N VAL B 4854 -6.20 24.70 36.89
CA VAL B 4854 -7.57 24.43 37.35
C VAL B 4854 -7.57 23.85 38.76
N ALA B 4855 -6.73 22.86 39.01
CA ALA B 4855 -6.71 22.21 40.31
C ALA B 4855 -6.22 23.16 41.40
N PHE B 4856 -5.27 24.02 41.06
CA PHE B 4856 -4.76 24.97 42.03
C PHE B 4856 -5.80 26.02 42.37
N ASN B 4857 -6.59 26.47 41.39
CA ASN B 4857 -7.61 27.45 41.67
C ASN B 4857 -8.87 26.86 42.31
N PHE B 4858 -9.08 25.55 42.22
CA PHE B 4858 -10.31 24.97 42.76
C PHE B 4858 -10.14 23.74 43.63
N PHE B 4859 -8.98 23.07 43.62
CA PHE B 4859 -8.85 21.79 44.32
C PHE B 4859 -7.61 21.75 45.21
N ARG B 4860 -7.33 22.83 45.95
CA ARG B 4860 -6.15 22.86 46.79
C ARG B 4860 -6.26 21.91 47.97
N LYS B 4861 -7.48 21.65 48.43
CA LYS B 4861 -7.67 20.89 49.67
C LYS B 4861 -7.18 19.45 49.53
N PHE B 4862 -7.43 18.82 48.39
CA PHE B 4862 -7.25 17.38 48.27
C PHE B 4862 -5.79 16.95 48.22
N TYR B 4863 -4.87 17.87 47.88
CA TYR B 4863 -3.46 17.51 47.71
C TYR B 4863 -2.73 17.51 49.05
N ASN B 4864 -3.18 16.62 49.93
CA ASN B 4864 -2.56 16.41 51.24
C ASN B 4864 -1.86 15.06 51.21
N LYS B 4865 -0.54 15.08 51.10
CA LYS B 4865 0.24 13.85 51.02
C LYS B 4865 0.72 13.35 52.38
N SER B 4866 0.38 14.04 53.46
CA SER B 4866 0.76 13.64 54.81
C SER B 4866 -0.49 13.34 55.61
N GLU B 4867 -0.57 12.13 56.16
CA GLU B 4867 -1.70 11.76 56.99
C GLU B 4867 -1.59 12.27 58.42
N ASP B 4868 -0.40 12.71 58.83
CA ASP B 4868 -0.19 13.21 60.18
C ASP B 4868 -0.73 14.64 60.28
N GLU B 4869 -1.66 14.86 61.20
CA GLU B 4869 -2.24 16.19 61.38
C GLU B 4869 -1.23 17.20 61.90
N ASP B 4870 -0.14 16.73 62.51
CA ASP B 4870 0.87 17.64 63.05
C ASP B 4870 1.56 18.42 61.94
N GLU B 4871 1.86 17.76 60.81
CA GLU B 4871 2.55 18.38 59.68
C GLU B 4871 1.75 18.15 58.42
N PRO B 4872 0.73 18.97 58.16
CA PRO B 4872 -0.02 18.87 56.90
C PRO B 4872 0.87 19.27 55.73
N ASP B 4873 1.01 18.37 54.76
CA ASP B 4873 1.87 18.58 53.60
C ASP B 4873 1.00 18.85 52.39
N MET B 4874 0.79 20.14 52.12
CA MET B 4874 0.07 20.57 50.93
C MET B 4874 1.03 20.63 49.75
N LYS B 4875 0.68 19.92 48.67
CA LYS B 4875 1.49 19.94 47.46
C LYS B 4875 0.81 20.71 46.33
N CYS B 4876 -0.19 21.53 46.64
CA CYS B 4876 -0.78 22.42 45.66
C CYS B 4876 -1.11 23.78 46.25
N ASP B 4877 -0.32 24.23 47.23
CA ASP B 4877 -0.42 25.60 47.73
C ASP B 4877 0.59 26.52 47.06
N ASP B 4878 1.23 26.05 46.00
CA ASP B 4878 2.22 26.80 45.24
C ASP B 4878 2.12 26.36 43.80
N MET B 4879 2.26 27.30 42.86
CA MET B 4879 2.16 26.95 41.46
C MET B 4879 3.29 26.03 41.02
N MET B 4880 4.53 26.34 41.43
CA MET B 4880 5.66 25.49 41.08
C MET B 4880 5.52 24.10 41.69
N THR B 4881 5.15 24.04 42.97
CA THR B 4881 5.04 22.75 43.64
C THR B 4881 3.90 21.92 43.05
N CYS B 4882 2.75 22.54 42.77
CA CYS B 4882 1.64 21.80 42.19
C CYS B 4882 1.95 21.33 40.78
N TYR B 4883 2.61 22.17 39.98
CA TYR B 4883 3.00 21.75 38.64
C TYR B 4883 4.00 20.61 38.69
N LEU B 4884 4.96 20.67 39.60
CA LEU B 4884 5.91 19.57 39.74
C LEU B 4884 5.21 18.29 40.16
N PHE B 4885 4.29 18.39 41.13
CA PHE B 4885 3.55 17.22 41.57
C PHE B 4885 2.75 16.62 40.43
N HIS B 4886 2.07 17.47 39.66
CA HIS B 4886 1.29 16.97 38.53
C HIS B 4886 2.20 16.27 37.51
N MET B 4887 3.16 17.01 36.96
CA MET B 4887 4.06 16.47 35.93
C MET B 4887 4.77 15.20 36.39
N TYR B 4888 5.03 15.06 37.69
CA TYR B 4888 5.72 13.87 38.16
C TYR B 4888 4.73 12.71 38.34
N VAL B 4889 3.81 12.84 39.29
CA VAL B 4889 3.04 11.66 39.67
C VAL B 4889 1.82 11.46 38.77
N GLY B 4890 1.13 12.54 38.36
CA GLY B 4890 -0.06 12.34 37.56
C GLY B 4890 0.23 11.79 36.17
N VAL B 4891 1.44 11.98 35.68
CA VAL B 4891 1.82 11.44 34.38
C VAL B 4891 2.53 10.12 34.61
N ARG B 4892 3.22 9.97 35.74
CA ARG B 4892 3.90 8.73 36.05
C ARG B 4892 2.99 7.66 36.65
N ALA B 4893 1.74 8.00 36.96
CA ALA B 4893 0.81 7.03 37.52
C ALA B 4893 -0.09 6.45 36.44
N GLY B 4894 -0.62 5.26 36.71
CA GLY B 4894 -1.48 4.60 35.74
C GLY B 4894 -2.89 5.12 35.70
N GLY B 4895 -3.39 5.64 36.82
CA GLY B 4895 -4.72 6.19 36.90
C GLY B 4895 -4.82 7.69 36.76
N GLY B 4896 -3.68 8.37 36.64
CA GLY B 4896 -3.70 9.82 36.51
C GLY B 4896 -3.40 10.52 37.82
N ILE B 4897 -4.24 11.49 38.17
CA ILE B 4897 -4.09 12.20 39.44
C ILE B 4897 -5.16 11.83 40.45
N GLY B 4898 -6.23 11.14 40.05
CA GLY B 4898 -7.24 10.74 41.01
C GLY B 4898 -6.80 9.62 41.94
N ASP B 4899 -5.74 8.91 41.59
CA ASP B 4899 -5.19 7.86 42.43
C ASP B 4899 -4.01 8.35 43.27
N GLU B 4900 -3.68 9.63 43.21
CA GLU B 4900 -2.60 10.20 44.00
C GLU B 4900 -3.06 11.20 45.04
N ILE B 4901 -4.33 11.62 45.01
CA ILE B 4901 -4.83 12.65 45.92
C ILE B 4901 -6.04 12.15 46.69
N GLU B 4902 -6.62 13.01 47.50
CA GLU B 4902 -7.72 12.63 48.37
C GLU B 4902 -8.96 12.26 47.55
N ASP B 4903 -9.67 11.24 48.05
CA ASP B 4903 -10.93 10.83 47.42
C ASP B 4903 -11.98 11.92 47.62
N PRO B 4904 -12.55 12.46 46.55
CA PRO B 4904 -13.55 13.53 46.69
C PRO B 4904 -14.95 13.06 47.04
N ALA B 4905 -15.12 11.82 47.47
CA ALA B 4905 -16.46 11.33 47.82
C ALA B 4905 -17.01 12.08 49.02
N GLY B 4906 -18.32 12.34 48.99
CA GLY B 4906 -18.97 13.06 50.06
C GLY B 4906 -18.48 14.49 50.21
N ASP B 4907 -18.38 15.21 49.10
CA ASP B 4907 -17.89 16.58 49.11
C ASP B 4907 -18.71 17.42 48.13
N GLU B 4908 -18.63 18.73 48.31
CA GLU B 4908 -19.34 19.65 47.43
C GLU B 4908 -18.86 19.54 45.99
N TYR B 4909 -17.54 19.45 45.80
CA TYR B 4909 -16.94 19.40 44.47
C TYR B 4909 -16.70 17.97 43.98
N GLU B 4910 -17.49 17.00 44.46
CA GLU B 4910 -17.31 15.63 44.01
C GLU B 4910 -17.63 15.50 42.52
N LEU B 4911 -18.74 16.10 42.08
CA LEU B 4911 -19.11 16.00 40.67
C LEU B 4911 -18.14 16.74 39.77
N TYR B 4912 -17.51 17.79 40.27
CA TYR B 4912 -16.47 18.46 39.51
C TYR B 4912 -15.17 17.67 39.52
N ARG B 4913 -14.84 17.04 40.65
CA ARG B 4913 -13.59 16.31 40.75
C ARG B 4913 -13.62 15.03 39.93
N VAL B 4914 -14.76 14.36 39.85
CA VAL B 4914 -14.83 13.17 39.01
C VAL B 4914 -14.68 13.52 37.54
N VAL B 4915 -15.19 14.67 37.11
CA VAL B 4915 -14.92 15.13 35.75
C VAL B 4915 -13.45 15.48 35.58
N PHE B 4916 -12.86 16.15 36.58
CA PHE B 4916 -11.47 16.57 36.48
C PHE B 4916 -10.52 15.39 36.33
N ASP B 4917 -10.65 14.40 37.22
CA ASP B 4917 -9.74 13.24 37.18
C ASP B 4917 -9.94 12.42 35.92
N ILE B 4918 -11.19 12.21 35.50
CA ILE B 4918 -11.42 11.39 34.32
C ILE B 4918 -10.97 12.10 33.05
N THR B 4919 -11.17 13.41 32.95
CA THR B 4919 -10.63 14.13 31.80
C THR B 4919 -9.12 14.07 31.79
N PHE B 4920 -8.49 14.24 32.96
CA PHE B 4920 -7.06 14.07 33.07
C PHE B 4920 -6.63 12.70 32.55
N PHE B 4921 -7.31 11.66 33.02
CA PHE B 4921 -6.99 10.30 32.59
C PHE B 4921 -7.09 10.17 31.08
N PHE B 4922 -8.29 10.36 30.53
CA PHE B 4922 -8.51 10.20 29.09
C PHE B 4922 -7.51 11.00 28.26
N PHE B 4923 -7.34 12.30 28.57
CA PHE B 4923 -6.57 13.15 27.67
C PHE B 4923 -5.07 12.93 27.83
N VAL B 4924 -4.58 12.92 29.07
CA VAL B 4924 -3.14 12.81 29.28
C VAL B 4924 -2.69 11.36 29.23
N ILE B 4925 -3.24 10.49 30.09
CA ILE B 4925 -2.70 9.16 30.26
C ILE B 4925 -2.97 8.30 29.04
N VAL B 4926 -4.20 8.33 28.53
CA VAL B 4926 -4.57 7.44 27.43
C VAL B 4926 -4.14 8.03 26.10
N ILE B 4927 -4.71 9.17 25.72
CA ILE B 4927 -4.51 9.70 24.38
C ILE B 4927 -3.09 10.21 24.19
N LEU B 4928 -2.59 10.97 25.16
CA LEU B 4928 -1.30 11.62 24.99
C LEU B 4928 -0.12 10.70 25.23
N LEU B 4929 -0.36 9.47 25.65
CA LEU B 4929 0.67 8.44 25.63
C LEU B 4929 0.44 7.38 24.57
N ALA B 4930 -0.76 7.31 23.98
CA ALA B 4930 -0.95 6.51 22.79
C ALA B 4930 -0.46 7.23 21.54
N ILE B 4931 -0.38 8.56 21.60
CA ILE B 4931 0.18 9.32 20.49
C ILE B 4931 1.64 8.94 20.26
N ILE B 4932 2.40 8.78 21.35
CA ILE B 4932 3.81 8.42 21.23
C ILE B 4932 3.96 7.03 20.62
N GLN B 4933 3.16 6.07 21.10
CA GLN B 4933 3.20 4.72 20.55
C GLN B 4933 2.80 4.71 19.08
N GLY B 4934 1.78 5.49 18.73
CA GLY B 4934 1.40 5.59 17.33
C GLY B 4934 2.49 6.20 16.47
N LEU B 4935 3.20 7.20 17.00
CA LEU B 4935 4.32 7.78 16.27
C LEU B 4935 5.40 6.75 16.01
N ILE B 4936 5.73 5.96 17.04
CA ILE B 4936 6.76 4.93 16.87
C ILE B 4936 6.33 3.87 15.85
N ILE B 4937 5.07 3.42 15.94
CA ILE B 4937 4.58 2.39 15.03
C ILE B 4937 4.55 2.91 13.60
N ASP B 4938 4.09 4.15 13.42
CA ASP B 4938 4.09 4.76 12.09
C ASP B 4938 5.50 4.93 11.56
N ALA B 4939 6.47 5.19 12.46
CA ALA B 4939 7.85 5.25 12.04
C ALA B 4939 8.34 3.91 11.52
N PHE B 4940 8.02 2.84 12.25
CA PHE B 4940 8.36 1.49 11.78
C PHE B 4940 7.76 1.24 10.40
N GLY B 4941 6.48 1.53 10.24
CA GLY B 4941 5.80 1.34 8.97
C GLY B 4941 6.38 2.16 7.84
N GLU B 4942 6.73 3.42 8.13
CA GLU B 4942 7.29 4.30 7.13
C GLU B 4942 8.67 3.82 6.68
N LEU B 4943 9.52 3.40 7.62
CA LEU B 4943 10.81 2.88 7.23
C LEU B 4943 10.65 1.61 6.38
N ARG B 4944 9.76 0.71 6.80
CA ARG B 4944 9.56 -0.52 6.06
C ARG B 4944 9.05 -0.26 4.65
N ASP B 4945 8.08 0.64 4.50
CA ASP B 4945 7.53 0.89 3.17
C ASP B 4945 8.49 1.70 2.32
N GLN B 4946 9.34 2.52 2.94
CA GLN B 4946 10.41 3.18 2.18
C GLN B 4946 11.37 2.16 1.60
N GLN B 4947 11.77 1.18 2.40
CA GLN B 4947 12.64 0.12 1.88
C GLN B 4947 11.96 -0.65 0.76
N GLU B 4948 10.68 -0.98 0.94
CA GLU B 4948 9.95 -1.70 -0.10
C GLU B 4948 9.86 -0.88 -1.38
N GLN B 4949 9.59 0.42 -1.25
CA GLN B 4949 9.48 1.28 -2.44
C GLN B 4949 10.82 1.38 -3.16
N VAL B 4950 11.92 1.53 -2.43
CA VAL B 4950 13.23 1.58 -3.07
C VAL B 4950 13.51 0.29 -3.81
N LYS B 4951 13.24 -0.86 -3.17
CA LYS B 4951 13.48 -2.13 -3.84
C LYS B 4951 12.61 -2.28 -5.08
N GLU B 4952 11.33 -1.90 -4.98
CA GLU B 4952 10.42 -2.05 -6.12
C GLU B 4952 10.84 -1.16 -7.28
N ASP B 4953 11.23 0.09 -6.99
CA ASP B 4953 11.70 0.98 -8.03
C ASP B 4953 12.97 0.45 -8.68
N MET B 4954 13.88 -0.12 -7.88
CA MET B 4954 15.12 -0.65 -8.44
C MET B 4954 14.85 -1.85 -9.34
N GLU B 4955 13.93 -2.73 -8.93
CA GLU B 4955 13.66 -3.94 -9.72
C GLU B 4955 12.71 -3.71 -10.88
N THR B 4956 12.01 -2.58 -10.93
CA THR B 4956 11.07 -2.33 -12.03
C THR B 4956 11.58 -1.37 -13.09
N LYS B 4957 12.62 -0.60 -12.81
CA LYS B 4957 13.15 0.36 -13.76
C LYS B 4957 14.67 0.27 -13.81
N CYS B 4958 15.23 0.64 -14.96
CA CYS B 4958 16.68 0.71 -15.10
C CYS B 4958 17.20 1.98 -14.45
N PHE B 4959 18.32 1.85 -13.74
CA PHE B 4959 18.87 2.99 -13.02
C PHE B 4959 19.35 4.09 -13.97
N ILE B 4960 19.95 3.70 -15.10
CA ILE B 4960 20.58 4.67 -15.98
C ILE B 4960 19.57 5.29 -16.94
N CYS B 4961 18.81 4.46 -17.65
CA CYS B 4961 17.93 4.96 -18.69
C CYS B 4961 16.48 5.16 -18.24
N GLY B 4962 16.05 4.47 -17.19
CA GLY B 4962 14.70 4.64 -16.69
C GLY B 4962 13.63 3.88 -17.45
N ILE B 4963 13.99 3.11 -18.47
CA ILE B 4963 13.00 2.33 -19.20
C ILE B 4963 12.55 1.16 -18.34
N GLY B 4964 11.23 0.95 -18.26
CA GLY B 4964 10.69 -0.06 -17.39
C GLY B 4964 11.07 -1.47 -17.81
N SER B 4965 10.95 -2.38 -16.84
CA SER B 4965 11.27 -3.78 -17.10
C SER B 4965 10.31 -4.43 -18.07
N ASP B 4966 9.10 -3.91 -18.22
CA ASP B 4966 8.14 -4.51 -19.14
C ASP B 4966 8.62 -4.45 -20.58
N TYR B 4967 9.40 -3.41 -20.94
CA TYR B 4967 9.94 -3.34 -22.29
C TYR B 4967 10.98 -4.43 -22.52
N PHE B 4968 11.88 -4.64 -21.57
CA PHE B 4968 12.95 -5.60 -21.74
C PHE B 4968 12.49 -7.04 -21.54
N ASP B 4969 11.36 -7.25 -20.90
CA ASP B 4969 10.89 -8.61 -20.62
C ASP B 4969 10.30 -9.31 -21.83
N THR B 4970 10.31 -8.72 -23.03
CA THR B 4970 9.82 -9.44 -24.21
C THR B 4970 10.68 -10.66 -24.50
N THR B 4971 12.00 -10.47 -24.59
CA THR B 4971 12.91 -11.60 -24.67
C THR B 4971 13.12 -12.19 -23.27
N PRO B 4972 13.32 -13.49 -23.17
CA PRO B 4972 13.53 -14.11 -21.85
C PRO B 4972 14.75 -13.52 -21.15
N HIS B 4973 14.60 -13.24 -19.85
CA HIS B 4973 15.65 -12.66 -19.02
C HIS B 4973 16.18 -11.36 -19.61
N GLY B 4974 15.33 -10.61 -20.32
CA GLY B 4974 15.78 -9.40 -20.98
C GLY B 4974 16.21 -8.32 -20.01
N PHE B 4975 15.42 -8.09 -18.96
CA PHE B 4975 15.77 -7.04 -17.99
C PHE B 4975 17.03 -7.40 -17.22
N GLU B 4976 17.18 -8.67 -16.84
CA GLU B 4976 18.38 -9.08 -16.13
C GLU B 4976 19.62 -8.85 -16.97
N THR B 4977 19.60 -9.28 -18.23
CA THR B 4977 20.73 -9.07 -19.11
C THR B 4977 21.00 -7.58 -19.30
N HIS B 4978 19.94 -6.79 -19.53
CA HIS B 4978 20.12 -5.36 -19.73
C HIS B 4978 20.82 -4.72 -18.54
N THR B 4979 20.29 -4.94 -17.34
CA THR B 4979 20.86 -4.32 -16.15
C THR B 4979 22.27 -4.81 -15.87
N LEU B 4980 22.53 -6.11 -16.01
CA LEU B 4980 23.83 -6.64 -15.63
C LEU B 4980 24.92 -6.34 -16.65
N GLU B 4981 24.58 -6.20 -17.94
CA GLU B 4981 25.60 -5.99 -18.96
C GLU B 4981 25.49 -4.63 -19.62
N GLU B 4982 24.33 -4.29 -20.19
CA GLU B 4982 24.23 -3.11 -21.03
C GLU B 4982 24.32 -1.82 -20.21
N HIS B 4983 23.57 -1.74 -19.11
CA HIS B 4983 23.50 -0.50 -18.34
C HIS B 4983 23.90 -0.73 -16.89
N ASN B 4984 24.99 -1.48 -16.67
CA ASN B 4984 25.45 -1.73 -15.32
C ASN B 4984 26.12 -0.48 -14.76
N LEU B 4985 25.62 0.01 -13.62
CA LEU B 4985 26.22 1.19 -13.01
C LEU B 4985 27.66 0.92 -12.58
N ALA B 4986 27.96 -0.32 -12.18
CA ALA B 4986 29.34 -0.68 -11.87
C ALA B 4986 30.23 -0.50 -13.09
N ASN B 4987 29.72 -0.83 -14.28
CA ASN B 4987 30.49 -0.61 -15.50
C ASN B 4987 30.73 0.87 -15.74
N TYR B 4988 29.75 1.71 -15.44
CA TYR B 4988 29.95 3.16 -15.60
C TYR B 4988 31.02 3.66 -14.64
N MET B 4989 30.99 3.20 -13.38
CA MET B 4989 32.02 3.59 -12.44
C MET B 4989 33.40 3.12 -12.89
N PHE B 4990 33.48 1.88 -13.40
CA PHE B 4990 34.75 1.36 -13.89
C PHE B 4990 35.26 2.17 -15.07
N PHE B 4991 34.37 2.56 -15.97
CA PHE B 4991 34.78 3.37 -17.11
C PHE B 4991 35.27 4.74 -16.67
N LEU B 4992 34.59 5.36 -15.69
CA LEU B 4992 35.02 6.67 -15.22
C LEU B 4992 36.39 6.58 -14.56
N MET B 4993 36.61 5.53 -13.77
CA MET B 4993 37.93 5.31 -13.18
C MET B 4993 38.98 5.08 -14.27
N TYR B 4994 38.61 4.33 -15.31
CA TYR B 4994 39.51 4.07 -16.42
C TYR B 4994 39.91 5.37 -17.12
N LEU B 4995 38.96 6.27 -17.30
CA LEU B 4995 39.28 7.59 -17.87
C LEU B 4995 40.21 8.37 -16.94
N ILE B 4996 39.92 8.33 -15.64
CA ILE B 4996 40.71 9.14 -14.70
C ILE B 4996 42.16 8.67 -14.67
N ASN B 4997 42.38 7.36 -14.57
CA ASN B 4997 43.75 6.87 -14.41
C ASN B 4997 44.49 6.69 -15.73
N LYS B 4998 43.84 6.94 -16.87
CA LYS B 4998 44.50 6.84 -18.17
C LYS B 4998 45.03 8.19 -18.60
N ASP B 4999 46.18 8.19 -19.27
CA ASP B 4999 46.75 9.42 -19.79
C ASP B 4999 45.84 10.02 -20.86
N GLU B 5000 45.64 11.33 -20.78
CA GLU B 5000 44.69 11.99 -21.68
C GLU B 5000 45.14 11.97 -23.13
N THR B 5001 46.46 11.93 -23.37
CA THR B 5001 46.95 11.93 -24.74
C THR B 5001 46.59 10.65 -25.47
N GLU B 5002 46.36 9.56 -24.74
CA GLU B 5002 46.06 8.26 -25.33
C GLU B 5002 44.57 7.99 -25.45
N HIS B 5003 43.72 8.95 -25.11
CA HIS B 5003 42.28 8.75 -25.22
C HIS B 5003 41.88 8.59 -26.68
N THR B 5004 40.95 7.68 -26.92
CA THR B 5004 40.38 7.50 -28.25
C THR B 5004 39.32 8.56 -28.50
N GLY B 5005 38.55 8.42 -29.58
CA GLY B 5005 37.56 9.43 -29.89
C GLY B 5005 36.44 9.48 -28.86
N GLN B 5006 35.80 8.34 -28.60
CA GLN B 5006 34.73 8.30 -27.61
C GLN B 5006 35.26 8.61 -26.22
N GLU B 5007 36.45 8.09 -25.88
CA GLU B 5007 37.04 8.38 -24.58
C GLU B 5007 37.30 9.87 -24.43
N SER B 5008 37.84 10.51 -25.46
CA SER B 5008 38.09 11.95 -25.38
C SER B 5008 36.78 12.73 -25.28
N TYR B 5009 35.76 12.30 -26.02
CA TYR B 5009 34.47 12.99 -25.93
C TYR B 5009 33.88 12.90 -24.52
N VAL B 5010 33.94 11.71 -23.92
CA VAL B 5010 33.38 11.55 -22.58
C VAL B 5010 34.21 12.32 -21.57
N TRP B 5011 35.53 12.33 -21.74
CA TRP B 5011 36.38 13.11 -20.83
C TRP B 5011 36.07 14.60 -20.94
N LYS B 5012 35.88 15.10 -22.16
CA LYS B 5012 35.52 16.51 -22.33
C LYS B 5012 34.18 16.82 -21.69
N MET B 5013 33.19 15.95 -21.90
CA MET B 5013 31.90 16.16 -21.26
C MET B 5013 32.01 16.09 -19.75
N TYR B 5014 32.95 15.30 -19.23
CA TYR B 5014 33.27 15.31 -17.81
C TYR B 5014 33.81 16.66 -17.37
N GLN B 5015 34.67 17.26 -18.18
CA GLN B 5015 35.30 18.53 -17.79
C GLN B 5015 34.26 19.63 -17.61
N GLU B 5016 33.28 19.70 -18.50
CA GLU B 5016 32.24 20.72 -18.38
C GLU B 5016 31.05 20.27 -17.54
N ARG B 5017 31.12 19.07 -16.96
CA ARG B 5017 30.06 18.55 -16.08
C ARG B 5017 28.72 18.49 -16.81
N CYS B 5018 28.74 18.00 -18.04
CA CYS B 5018 27.52 17.77 -18.82
C CYS B 5018 27.24 16.27 -18.85
N TRP B 5019 26.10 15.87 -18.30
CA TRP B 5019 25.72 14.47 -18.19
C TRP B 5019 24.75 14.05 -19.28
N ASP B 5020 24.90 14.62 -20.48
CA ASP B 5020 24.04 14.24 -21.59
C ASP B 5020 24.42 12.89 -22.17
N PHE B 5021 25.67 12.46 -22.01
CA PHE B 5021 26.10 11.21 -22.60
C PHE B 5021 25.47 9.99 -21.92
N PHE B 5022 24.94 10.15 -20.71
CA PHE B 5022 24.21 9.05 -20.09
C PHE B 5022 22.91 8.82 -20.83
N PRO B 5023 22.65 7.62 -21.33
CA PRO B 5023 21.40 7.39 -22.08
C PRO B 5023 20.19 7.55 -21.18
N ALA B 5024 19.33 8.51 -21.52
CA ALA B 5024 18.11 8.79 -20.77
C ALA B 5024 16.92 8.48 -21.67
N GLY B 5025 16.22 7.39 -21.35
CA GLY B 5025 15.07 6.97 -22.12
C GLY B 5025 15.38 6.19 -23.39
N ASP B 5026 16.66 5.98 -23.70
CA ASP B 5026 17.06 5.28 -24.90
C ASP B 5026 18.13 4.25 -24.56
N CYS B 5027 18.25 3.24 -25.41
CA CYS B 5027 19.26 2.21 -25.24
C CYS B 5027 19.60 1.61 -26.59
N PHE B 5028 20.60 0.75 -26.60
CA PHE B 5028 21.09 0.17 -27.85
C PHE B 5028 20.02 -0.69 -28.52
N ARG B 5029 19.37 -1.56 -27.75
CA ARG B 5029 18.40 -2.46 -28.35
C ARG B 5029 17.15 -1.72 -28.80
N LYS B 5030 16.72 -0.69 -28.08
CA LYS B 5030 15.55 0.07 -28.50
C LYS B 5030 15.78 0.76 -29.84
N GLN B 5031 16.95 1.36 -30.02
CA GLN B 5031 17.24 2.04 -31.29
C GLN B 5031 17.31 1.05 -32.45
N TYR B 5032 17.89 -0.12 -32.22
CA TYR B 5032 18.13 -1.10 -33.28
C TYR B 5032 17.25 -2.32 -33.12
N GLU B 5033 15.98 -2.13 -32.75
CA GLU B 5033 15.06 -3.26 -32.66
C GLU B 5033 14.85 -3.91 -34.01
N ASP B 5034 14.75 -3.11 -35.07
CA ASP B 5034 14.49 -3.66 -36.41
C ASP B 5034 15.65 -4.55 -36.86
N GLN B 5035 16.89 -4.12 -36.62
CA GLN B 5035 18.04 -4.91 -37.03
C GLN B 5035 18.24 -6.13 -36.13
N LEU B 5036 17.94 -6.01 -34.83
CA LEU B 5036 18.15 -7.11 -33.91
C LEU B 5036 17.08 -8.19 -34.05
N SER B 5037 15.85 -7.80 -34.39
CA SER B 5037 14.77 -8.76 -34.52
C SER B 5037 14.68 -9.29 -35.95
N ASN C 3950 -7.27 -66.64 -40.35
CA ASN C 3950 -6.18 -66.53 -41.31
C ASN C 3950 -5.72 -65.09 -41.43
N PHE C 3951 -6.53 -64.16 -40.93
CA PHE C 3951 -6.21 -62.75 -40.96
C PHE C 3951 -5.08 -62.39 -40.00
N SER C 3952 -4.66 -63.32 -39.14
CA SER C 3952 -3.66 -63.01 -38.12
C SER C 3952 -2.34 -62.58 -38.74
N LYS C 3953 -1.90 -63.28 -39.79
CA LYS C 3953 -0.63 -62.93 -40.43
C LYS C 3953 -0.71 -61.56 -41.10
N ALA C 3954 -1.84 -61.27 -41.76
CA ALA C 3954 -2.00 -59.98 -42.41
C ALA C 3954 -2.00 -58.85 -41.38
N MET C 3955 -2.71 -59.03 -40.27
CA MET C 3955 -2.71 -58.02 -39.23
C MET C 3955 -1.33 -57.88 -38.58
N SER C 3956 -0.60 -58.98 -38.42
CA SER C 3956 0.74 -58.92 -37.84
C SER C 3956 1.69 -58.14 -38.73
N VAL C 3957 1.66 -58.39 -40.04
CA VAL C 3957 2.56 -57.67 -40.94
C VAL C 3957 2.12 -56.21 -41.06
N ALA C 3958 0.81 -55.95 -41.00
CA ALA C 3958 0.34 -54.57 -41.00
C ALA C 3958 0.79 -53.84 -39.75
N LYS C 3959 0.86 -54.54 -38.61
CA LYS C 3959 1.38 -53.94 -37.39
C LYS C 3959 2.83 -53.53 -37.56
N GLN C 3960 3.66 -54.38 -38.17
CA GLN C 3960 5.04 -54.02 -38.41
C GLN C 3960 5.15 -52.85 -39.37
N VAL C 3961 4.31 -52.84 -40.40
CA VAL C 3961 4.32 -51.74 -41.36
C VAL C 3961 3.97 -50.42 -40.67
N PHE C 3962 2.96 -50.46 -39.80
CA PHE C 3962 2.54 -49.26 -39.10
C PHE C 3962 3.62 -48.79 -38.13
N ASN C 3963 4.27 -49.72 -37.43
CA ASN C 3963 5.36 -49.35 -36.53
C ASN C 3963 6.53 -48.76 -37.29
N SER C 3964 6.86 -49.32 -38.46
CA SER C 3964 7.93 -48.75 -39.28
C SER C 3964 7.56 -47.36 -39.77
N LEU C 3965 6.30 -47.16 -40.17
CA LEU C 3965 5.85 -45.84 -40.58
C LEU C 3965 5.97 -44.84 -39.44
N THR C 3966 5.62 -45.27 -38.22
CA THR C 3966 5.81 -44.40 -37.06
C THR C 3966 7.28 -44.07 -36.85
N GLU C 3967 8.15 -45.08 -36.99
CA GLU C 3967 9.58 -44.85 -36.80
C GLU C 3967 10.13 -43.87 -37.82
N TYR C 3968 9.65 -43.92 -39.07
CA TYR C 3968 10.13 -43.00 -40.09
C TYR C 3968 9.78 -41.55 -39.79
N ILE C 3969 8.81 -41.30 -38.92
CA ILE C 3969 8.33 -39.94 -38.71
C ILE C 3969 8.50 -39.52 -37.25
N GLN C 3970 8.57 -40.49 -36.34
CA GLN C 3970 8.79 -40.17 -34.94
C GLN C 3970 10.16 -39.51 -34.77
N GLY C 3971 10.25 -38.60 -33.81
CA GLY C 3971 11.39 -37.73 -33.74
C GLY C 3971 11.32 -36.74 -34.89
N PRO C 3972 10.37 -35.79 -34.80
CA PRO C 3972 9.84 -35.11 -35.99
C PRO C 3972 10.90 -34.65 -36.99
N CYS C 3973 10.84 -35.22 -38.19
CA CYS C 3973 11.66 -34.80 -39.31
C CYS C 3973 10.74 -34.12 -40.32
N THR C 3974 11.05 -32.86 -40.64
CA THR C 3974 10.17 -32.08 -41.50
C THR C 3974 10.01 -32.72 -42.88
N GLY C 3975 11.07 -33.31 -43.42
CA GLY C 3975 10.98 -33.93 -44.73
C GLY C 3975 10.05 -35.13 -44.75
N ASN C 3976 10.17 -36.01 -43.75
CA ASN C 3976 9.37 -37.22 -43.72
C ASN C 3976 7.88 -36.92 -43.56
N GLN C 3977 7.53 -35.92 -42.74
CA GLN C 3977 6.13 -35.58 -42.55
C GLN C 3977 5.49 -35.11 -43.85
N GLN C 3978 6.18 -34.24 -44.58
CA GLN C 3978 5.62 -33.74 -45.84
C GLN C 3978 5.65 -34.81 -46.92
N SER C 3979 6.62 -35.72 -46.85
CA SER C 3979 6.64 -36.84 -47.79
C SER C 3979 5.45 -37.76 -47.57
N LEU C 3980 5.14 -38.06 -46.31
CA LEU C 3980 3.98 -38.90 -46.02
C LEU C 3980 2.67 -38.18 -46.35
N ALA C 3981 2.61 -36.88 -46.08
CA ALA C 3981 1.40 -36.12 -46.39
C ALA C 3981 1.14 -36.09 -47.89
N HIS C 3982 2.17 -35.82 -48.69
CA HIS C 3982 2.03 -35.76 -50.14
C HIS C 3982 2.23 -37.14 -50.77
N SER C 3983 1.40 -38.10 -50.37
CA SER C 3983 1.48 -39.47 -50.88
C SER C 3983 0.09 -40.07 -50.85
N ARG C 3984 0.01 -41.37 -51.15
CA ARG C 3984 -1.25 -42.10 -51.15
C ARG C 3984 -1.53 -42.77 -49.82
N LEU C 3985 -0.91 -42.30 -48.74
CA LEU C 3985 -1.16 -42.87 -47.42
C LEU C 3985 -2.61 -42.66 -47.01
N TRP C 3986 -3.14 -41.45 -47.25
CA TRP C 3986 -4.50 -41.13 -46.80
C TRP C 3986 -5.53 -42.01 -47.49
N ASP C 3987 -5.34 -42.29 -48.78
CA ASP C 3987 -6.19 -43.28 -49.44
C ASP C 3987 -6.02 -44.65 -48.80
N ALA C 3988 -4.78 -45.01 -48.47
CA ALA C 3988 -4.53 -46.25 -47.73
C ALA C 3988 -4.97 -46.13 -46.28
N VAL C 3989 -5.04 -44.92 -45.73
CA VAL C 3989 -5.54 -44.74 -44.37
C VAL C 3989 -7.00 -45.17 -44.30
N VAL C 3990 -7.81 -44.75 -45.26
CA VAL C 3990 -9.18 -45.25 -45.29
C VAL C 3990 -9.17 -46.54 -46.12
N GLY C 3991 -8.68 -47.61 -45.52
CA GLY C 3991 -8.85 -48.95 -46.01
C GLY C 3991 -9.13 -49.86 -44.83
N PHE C 3992 -8.92 -49.29 -43.64
CA PHE C 3992 -9.02 -50.01 -42.38
C PHE C 3992 -10.19 -49.55 -41.52
N LEU C 3993 -10.52 -48.25 -41.54
CA LEU C 3993 -11.63 -47.75 -40.73
C LEU C 3993 -12.94 -48.43 -41.12
N HIS C 3994 -13.18 -48.59 -42.43
CA HIS C 3994 -14.27 -49.43 -42.90
C HIS C 3994 -14.18 -50.82 -42.28
N VAL C 3995 -13.02 -51.45 -42.37
CA VAL C 3995 -12.80 -52.75 -41.74
C VAL C 3995 -12.90 -52.63 -40.23
N PHE C 3996 -12.19 -51.66 -39.64
CA PHE C 3996 -12.13 -51.53 -38.19
C PHE C 3996 -13.52 -51.37 -37.56
N ALA C 3997 -14.49 -50.86 -38.31
CA ALA C 3997 -15.86 -50.74 -37.82
C ALA C 3997 -16.69 -51.98 -38.16
N HIS C 3998 -16.81 -52.30 -39.45
CA HIS C 3998 -17.74 -53.36 -39.86
C HIS C 3998 -17.27 -54.74 -39.39
N MET C 3999 -15.98 -55.05 -39.58
CA MET C 3999 -15.48 -56.34 -39.15
C MET C 3999 -15.50 -56.47 -37.63
N MET C 4000 -15.22 -55.40 -36.88
CA MET C 4000 -15.32 -55.49 -35.43
C MET C 4000 -16.76 -55.75 -34.99
N MET C 4001 -17.72 -55.07 -35.61
CA MET C 4001 -19.11 -55.31 -35.24
C MET C 4001 -19.54 -56.72 -35.65
N LYS C 4002 -18.98 -57.24 -36.73
CA LYS C 4002 -19.27 -58.62 -37.13
C LYS C 4002 -18.70 -59.62 -36.13
N LEU C 4003 -17.46 -59.42 -35.71
CA LEU C 4003 -16.77 -60.35 -34.82
C LEU C 4003 -17.22 -60.23 -33.37
N ALA C 4004 -17.78 -59.09 -32.97
CA ALA C 4004 -18.17 -58.91 -31.58
C ALA C 4004 -19.31 -59.84 -31.20
N GLN C 4005 -20.25 -60.07 -32.12
CA GLN C 4005 -21.40 -60.92 -31.82
C GLN C 4005 -20.97 -62.35 -31.52
N ASP C 4006 -20.03 -62.88 -32.28
CA ASP C 4006 -19.56 -64.26 -32.08
C ASP C 4006 -18.47 -64.27 -31.02
N SER C 4007 -18.64 -65.09 -29.99
CA SER C 4007 -17.69 -65.14 -28.89
C SER C 4007 -16.40 -65.86 -29.27
N SER C 4008 -16.38 -66.55 -30.41
CA SER C 4008 -15.19 -67.29 -30.82
C SER C 4008 -14.17 -66.42 -31.55
N GLN C 4009 -14.46 -65.15 -31.77
CA GLN C 4009 -13.59 -64.26 -32.53
C GLN C 4009 -12.83 -63.28 -31.63
N ILE C 4010 -12.64 -63.61 -30.35
CA ILE C 4010 -12.04 -62.67 -29.41
C ILE C 4010 -10.58 -62.40 -29.77
N GLU C 4011 -9.85 -63.44 -30.19
CA GLU C 4011 -8.45 -63.25 -30.55
C GLU C 4011 -8.29 -62.34 -31.77
N LEU C 4012 -9.12 -62.56 -32.81
CA LEU C 4012 -9.08 -61.67 -33.95
C LEU C 4012 -9.52 -60.26 -33.58
N LEU C 4013 -10.46 -60.16 -32.63
CA LEU C 4013 -10.87 -58.86 -32.13
C LEU C 4013 -9.70 -58.12 -31.50
N LYS C 4014 -8.92 -58.82 -30.67
CA LYS C 4014 -7.78 -58.19 -30.01
C LYS C 4014 -6.68 -57.85 -31.01
N GLU C 4015 -6.51 -58.68 -32.03
CA GLU C 4015 -5.55 -58.36 -33.08
C GLU C 4015 -5.95 -57.08 -33.82
N LEU C 4016 -7.24 -56.94 -34.13
CA LEU C 4016 -7.69 -55.69 -34.72
C LEU C 4016 -7.54 -54.53 -33.75
N LEU C 4017 -7.70 -54.80 -32.44
CA LEU C 4017 -7.54 -53.76 -31.43
C LEU C 4017 -6.13 -53.17 -31.45
N ASP C 4018 -5.12 -54.03 -31.34
CA ASP C 4018 -3.76 -53.46 -31.30
C ASP C 4018 -3.32 -52.99 -32.69
N LEU C 4019 -3.92 -53.53 -33.75
CA LEU C 4019 -3.67 -52.98 -35.08
C LEU C 4019 -4.13 -51.52 -35.16
N GLN C 4020 -5.35 -51.23 -34.70
CA GLN C 4020 -5.80 -49.85 -34.75
C GLN C 4020 -5.09 -49.01 -33.69
N LYS C 4021 -4.56 -49.64 -32.65
CA LYS C 4021 -3.71 -48.90 -31.71
C LYS C 4021 -2.45 -48.39 -32.40
N ASP C 4022 -1.78 -49.27 -33.15
CA ASP C 4022 -0.65 -48.82 -33.95
C ASP C 4022 -1.06 -47.78 -34.98
N MET C 4023 -2.22 -47.95 -35.60
CA MET C 4023 -2.69 -46.96 -36.55
C MET C 4023 -2.88 -45.58 -35.90
N VAL C 4024 -3.54 -45.53 -34.74
CA VAL C 4024 -3.82 -44.23 -34.14
C VAL C 4024 -2.55 -43.60 -33.60
N VAL C 4025 -1.61 -44.40 -33.09
CA VAL C 4025 -0.35 -43.79 -32.67
C VAL C 4025 0.42 -43.27 -33.88
N MET C 4026 0.32 -43.94 -35.03
CA MET C 4026 0.94 -43.39 -36.23
C MET C 4026 0.31 -42.06 -36.63
N LEU C 4027 -1.03 -41.99 -36.60
CA LEU C 4027 -1.70 -40.73 -36.93
C LEU C 4027 -1.32 -39.62 -35.96
N LEU C 4028 -1.22 -39.93 -34.67
CA LEU C 4028 -0.74 -38.94 -33.71
C LEU C 4028 0.69 -38.51 -34.01
N SER C 4029 1.53 -39.46 -34.42
CA SER C 4029 2.92 -39.13 -34.75
C SER C 4029 2.99 -38.21 -35.96
N LEU C 4030 2.08 -38.38 -36.93
CA LEU C 4030 2.04 -37.47 -38.07
C LEU C 4030 1.74 -36.04 -37.62
N LEU C 4031 0.95 -35.88 -36.56
CA LEU C 4031 0.62 -34.55 -36.03
C LEU C 4031 1.60 -34.16 -34.93
N GLU C 4032 2.87 -34.11 -35.30
CA GLU C 4032 3.95 -33.73 -34.39
C GLU C 4032 4.60 -32.45 -34.92
N GLY C 4033 4.80 -31.48 -34.03
CA GLY C 4033 5.23 -30.17 -34.48
C GLY C 4033 4.19 -29.50 -35.37
N ASN C 4034 2.91 -29.66 -35.03
CA ASN C 4034 1.83 -29.14 -35.86
C ASN C 4034 1.79 -27.62 -35.82
N VAL C 4035 1.43 -27.04 -36.97
CA VAL C 4035 1.24 -25.60 -37.10
C VAL C 4035 -0.22 -25.36 -37.49
N VAL C 4036 -0.82 -24.31 -36.90
CA VAL C 4036 -2.21 -24.01 -37.20
C VAL C 4036 -2.36 -23.69 -38.68
N ASN C 4037 -3.43 -24.23 -39.28
CA ASN C 4037 -3.67 -24.12 -40.72
C ASN C 4037 -2.50 -24.68 -41.53
N GLY C 4038 -1.89 -25.74 -41.01
CA GLY C 4038 -0.82 -26.39 -41.73
C GLY C 4038 -1.35 -27.38 -42.76
N MET C 4039 -0.46 -27.76 -43.69
CA MET C 4039 -0.85 -28.68 -44.74
C MET C 4039 -1.29 -30.03 -44.17
N ILE C 4040 -0.54 -30.56 -43.19
CA ILE C 4040 -0.90 -31.83 -42.59
C ILE C 4040 -2.18 -31.69 -41.77
N ALA C 4041 -2.34 -30.58 -41.04
CA ALA C 4041 -3.54 -30.38 -40.24
C ALA C 4041 -4.77 -30.27 -41.12
N ARG C 4042 -4.69 -29.50 -42.21
CA ARG C 4042 -5.83 -29.38 -43.10
C ARG C 4042 -6.10 -30.68 -43.86
N GLN C 4043 -5.06 -31.47 -44.11
CA GLN C 4043 -5.25 -32.74 -44.80
C GLN C 4043 -5.83 -33.80 -43.88
N MET C 4044 -5.61 -33.67 -42.57
CA MET C 4044 -6.20 -34.60 -41.61
C MET C 4044 -7.73 -34.50 -41.60
N VAL C 4045 -8.26 -33.29 -41.57
CA VAL C 4045 -9.70 -33.12 -41.43
C VAL C 4045 -10.42 -33.60 -42.69
N ASP C 4046 -9.79 -33.47 -43.86
CA ASP C 4046 -10.40 -34.01 -45.07
C ASP C 4046 -10.59 -35.51 -44.96
N MET C 4047 -9.53 -36.23 -44.60
CA MET C 4047 -9.62 -37.68 -44.44
C MET C 4047 -10.64 -38.04 -43.37
N LEU C 4048 -10.72 -37.24 -42.30
CA LEU C 4048 -11.74 -37.49 -41.28
C LEU C 4048 -13.15 -37.34 -41.85
N VAL C 4049 -13.35 -36.34 -42.72
CA VAL C 4049 -14.67 -36.10 -43.27
C VAL C 4049 -15.07 -37.21 -44.24
N GLU C 4050 -14.16 -37.64 -45.11
CA GLU C 4050 -14.52 -38.64 -46.11
C GLU C 4050 -14.96 -39.96 -45.48
N SER C 4051 -14.48 -40.26 -44.29
CA SER C 4051 -14.85 -41.49 -43.58
C SER C 4051 -15.46 -41.18 -42.22
N SER C 4052 -16.32 -40.16 -42.16
CA SER C 4052 -16.92 -39.75 -40.90
C SER C 4052 -17.82 -40.83 -40.33
N SER C 4053 -18.61 -41.49 -41.17
CA SER C 4053 -19.52 -42.52 -40.69
C SER C 4053 -18.74 -43.67 -40.05
N ASN C 4054 -17.61 -44.05 -40.64
CA ASN C 4054 -16.77 -45.07 -40.03
C ASN C 4054 -16.25 -44.61 -38.68
N VAL C 4055 -15.91 -43.33 -38.55
CA VAL C 4055 -15.45 -42.80 -37.27
C VAL C 4055 -16.55 -42.89 -36.22
N GLU C 4056 -17.78 -42.50 -36.58
CA GLU C 4056 -18.88 -42.59 -35.63
C GLU C 4056 -19.15 -44.03 -35.22
N MET C 4057 -19.05 -44.96 -36.18
CA MET C 4057 -19.33 -46.36 -35.88
C MET C 4057 -18.21 -46.98 -35.06
N ILE C 4058 -16.97 -46.53 -35.26
CA ILE C 4058 -15.84 -47.09 -34.53
C ILE C 4058 -15.78 -46.52 -33.11
N LEU C 4059 -16.24 -45.28 -32.92
CA LEU C 4059 -16.20 -44.67 -31.60
C LEU C 4059 -17.14 -45.39 -30.63
N LYS C 4060 -18.33 -45.72 -31.08
CA LYS C 4060 -19.32 -46.36 -30.21
C LYS C 4060 -19.31 -47.87 -30.41
N PRO C 4176 -10.98 -34.46 -19.05
CA PRO C 4176 -10.83 -34.97 -17.69
C PRO C 4176 -9.51 -35.72 -17.48
N TYR C 4177 -9.10 -36.49 -18.48
CA TYR C 4177 -7.82 -37.19 -18.44
C TYR C 4177 -6.78 -36.59 -19.38
N LEU C 4178 -7.19 -35.75 -20.32
CA LEU C 4178 -6.24 -35.13 -21.24
C LEU C 4178 -5.37 -34.12 -20.50
N GLY C 4179 -4.08 -34.14 -20.81
CA GLY C 4179 -3.15 -33.18 -20.25
C GLY C 4179 -2.49 -32.33 -21.33
N ARG C 4180 -2.74 -31.03 -21.30
CA ARG C 4180 -2.25 -30.13 -22.33
C ARG C 4180 -1.20 -29.20 -21.75
N ILE C 4181 -0.02 -29.18 -22.36
CA ILE C 4181 1.05 -28.26 -21.99
C ILE C 4181 1.65 -27.69 -23.27
N GLU C 4182 2.40 -26.61 -23.12
CA GLU C 4182 3.08 -25.95 -24.22
C GLU C 4182 4.56 -25.84 -23.90
N ILE C 4183 5.42 -26.20 -24.84
CA ILE C 4183 6.86 -26.14 -24.66
C ILE C 4183 7.48 -25.39 -25.82
N MET C 4184 8.75 -25.03 -25.65
CA MET C 4184 9.59 -24.48 -26.72
C MET C 4184 10.39 -25.64 -27.31
N GLY C 4185 9.97 -26.11 -28.47
CA GLY C 4185 10.62 -27.24 -29.10
C GLY C 4185 11.97 -26.89 -29.68
N ALA C 4186 12.54 -27.88 -30.37
CA ALA C 4186 13.84 -27.70 -31.00
C ALA C 4186 13.82 -26.68 -32.14
N SER C 4187 12.64 -26.33 -32.63
CA SER C 4187 12.48 -25.35 -33.69
C SER C 4187 12.28 -23.94 -33.17
N ARG C 4188 12.43 -23.73 -31.85
CA ARG C 4188 12.24 -22.43 -31.21
C ARG C 4188 10.82 -21.90 -31.43
N ARG C 4189 9.87 -22.81 -31.57
CA ARG C 4189 8.47 -22.46 -31.80
C ARG C 4189 7.60 -23.20 -30.79
N ILE C 4190 6.58 -22.52 -30.27
CA ILE C 4190 5.74 -23.10 -29.22
C ILE C 4190 4.92 -24.25 -29.79
N GLU C 4191 4.99 -25.40 -29.12
CA GLU C 4191 4.22 -26.58 -29.51
C GLU C 4191 3.39 -27.07 -28.33
N ARG C 4192 2.26 -27.68 -28.64
CA ARG C 4192 1.35 -28.19 -27.61
C ARG C 4192 1.48 -29.71 -27.53
N ILE C 4193 1.57 -30.22 -26.30
CA ILE C 4193 1.73 -31.65 -26.06
C ILE C 4193 0.50 -32.17 -25.33
N TYR C 4194 -0.03 -33.28 -25.81
CA TYR C 4194 -1.14 -33.96 -25.18
C TYR C 4194 -0.68 -35.32 -24.67
N PHE C 4195 -1.06 -35.65 -23.44
CA PHE C 4195 -0.68 -36.91 -22.83
C PHE C 4195 -1.85 -37.41 -22.00
N GLU C 4196 -1.61 -38.44 -21.20
CA GLU C 4196 -2.65 -39.09 -20.42
C GLU C 4196 -2.36 -38.95 -18.93
N ILE C 4197 -3.41 -38.67 -18.16
CA ILE C 4197 -3.32 -38.54 -16.71
C ILE C 4197 -4.21 -39.61 -16.08
N SER C 4198 -3.64 -40.40 -15.17
CA SER C 4198 -4.38 -41.46 -14.51
C SER C 4198 -5.29 -40.88 -13.42
N GLU C 4199 -6.29 -41.66 -13.05
CA GLU C 4199 -7.22 -41.23 -12.00
C GLU C 4199 -6.52 -41.11 -10.66
N THR C 4200 -5.61 -42.04 -10.36
CA THR C 4200 -4.93 -42.01 -9.07
C THR C 4200 -4.08 -40.75 -8.91
N ASN C 4201 -3.38 -40.35 -9.98
CA ASN C 4201 -2.53 -39.17 -9.91
C ASN C 4201 -3.36 -37.92 -9.64
N ARG C 4202 -4.49 -37.76 -10.35
CA ARG C 4202 -5.35 -36.62 -10.12
C ARG C 4202 -5.93 -36.64 -8.71
N ALA C 4203 -6.36 -37.82 -8.25
CA ALA C 4203 -6.93 -37.93 -6.91
C ALA C 4203 -5.91 -37.53 -5.85
N GLN C 4204 -4.66 -37.98 -6.02
CA GLN C 4204 -3.62 -37.58 -5.08
C GLN C 4204 -3.31 -36.09 -5.18
N TRP C 4205 -3.43 -35.53 -6.38
CA TRP C 4205 -3.21 -34.10 -6.56
C TRP C 4205 -4.25 -33.27 -5.81
N GLU C 4206 -5.51 -33.73 -5.81
CA GLU C 4206 -6.56 -32.99 -5.12
C GLU C 4206 -6.58 -33.24 -3.62
N MET C 4207 -5.68 -34.05 -3.08
CA MET C 4207 -5.65 -34.31 -1.65
C MET C 4207 -5.30 -33.02 -0.90
N PRO C 4208 -5.89 -32.81 0.28
CA PRO C 4208 -5.66 -31.55 1.01
C PRO C 4208 -4.21 -31.31 1.39
N GLN C 4209 -3.46 -32.36 1.76
CA GLN C 4209 -2.07 -32.15 2.14
C GLN C 4209 -1.24 -31.72 0.94
N VAL C 4210 -1.51 -32.29 -0.24
CA VAL C 4210 -0.82 -31.86 -1.45
C VAL C 4210 -1.18 -30.43 -1.79
N LYS C 4211 -2.44 -30.04 -1.55
CA LYS C 4211 -2.86 -28.66 -1.76
C LYS C 4211 -2.10 -27.71 -0.84
N GLU C 4212 -1.93 -28.10 0.43
CA GLU C 4212 -1.18 -27.27 1.37
C GLU C 4212 0.28 -27.16 0.96
N SER C 4213 0.87 -28.27 0.51
CA SER C 4213 2.25 -28.22 0.02
C SER C 4213 2.38 -27.29 -1.18
N LYS C 4214 1.41 -27.35 -2.10
CA LYS C 4214 1.42 -26.46 -3.26
C LYS C 4214 1.32 -25.00 -2.83
N ARG C 4215 0.42 -24.70 -1.90
CA ARG C 4215 0.27 -23.32 -1.43
C ARG C 4215 1.55 -22.82 -0.78
N GLN C 4216 2.18 -23.66 0.05
CA GLN C 4216 3.43 -23.26 0.68
C GLN C 4216 4.52 -23.02 -0.35
N PHE C 4217 4.62 -23.90 -1.36
CA PHE C 4217 5.61 -23.71 -2.40
C PHE C 4217 5.37 -22.43 -3.19
N ILE C 4218 4.11 -22.15 -3.52
CA ILE C 4218 3.78 -20.94 -4.27
C ILE C 4218 4.16 -19.70 -3.47
N PHE C 4219 3.82 -19.69 -2.18
CA PHE C 4219 4.18 -18.56 -1.34
C PHE C 4219 5.68 -18.40 -1.24
N ASP C 4220 6.41 -19.50 -1.09
CA ASP C 4220 7.86 -19.44 -0.96
C ASP C 4220 8.49 -18.86 -2.22
N VAL C 4221 8.02 -19.30 -3.39
CA VAL C 4221 8.61 -18.84 -4.64
C VAL C 4221 8.26 -17.38 -4.90
N VAL C 4222 6.99 -17.01 -4.70
CA VAL C 4222 6.57 -15.66 -5.05
C VAL C 4222 7.17 -14.64 -4.08
N ASN C 4223 7.17 -14.95 -2.79
CA ASN C 4223 7.64 -13.98 -1.80
C ASN C 4223 9.15 -13.79 -1.88
N GLU C 4224 9.92 -14.86 -1.64
CA GLU C 4224 11.38 -14.81 -1.66
C GLU C 4224 11.89 -15.83 -2.69
N GLY C 4225 12.03 -15.37 -3.93
CA GLY C 4225 12.53 -16.22 -5.00
C GLY C 4225 13.07 -15.38 -6.14
N GLY C 4226 13.83 -16.05 -7.00
CA GLY C 4226 14.41 -15.42 -8.17
C GLY C 4226 13.80 -15.98 -9.44
N GLU C 4227 13.67 -15.11 -10.45
CA GLU C 4227 13.09 -15.54 -11.72
C GLU C 4227 14.02 -16.49 -12.45
N ALA C 4228 15.34 -16.30 -12.31
CA ALA C 4228 16.29 -17.18 -12.98
C ALA C 4228 16.21 -18.61 -12.46
N GLU C 4229 16.05 -18.78 -11.15
CA GLU C 4229 16.01 -20.08 -10.52
C GLU C 4229 14.59 -20.54 -10.18
N LYS C 4230 13.57 -19.83 -10.67
CA LYS C 4230 12.20 -20.23 -10.37
C LYS C 4230 11.89 -21.60 -10.97
N MET C 4231 12.35 -21.86 -12.20
CA MET C 4231 12.04 -23.12 -12.86
C MET C 4231 12.72 -24.29 -12.16
N GLU C 4232 13.95 -24.10 -11.68
CA GLU C 4232 14.63 -25.16 -10.94
C GLU C 4232 13.87 -25.52 -9.67
N LEU C 4233 13.42 -24.50 -8.93
CA LEU C 4233 12.63 -24.75 -7.73
C LEU C 4233 11.32 -25.43 -8.06
N PHE C 4234 10.68 -25.02 -9.16
CA PHE C 4234 9.42 -25.64 -9.56
C PHE C 4234 9.62 -27.11 -9.90
N VAL C 4235 10.69 -27.44 -10.62
CA VAL C 4235 10.94 -28.83 -10.99
C VAL C 4235 11.27 -29.66 -9.75
N SER C 4236 12.04 -29.09 -8.81
CA SER C 4236 12.33 -29.81 -7.58
C SER C 4236 11.06 -30.07 -6.78
N PHE C 4237 10.16 -29.08 -6.72
CA PHE C 4237 8.89 -29.27 -6.02
C PHE C 4237 8.04 -30.33 -6.72
N CYS C 4238 8.04 -30.35 -8.05
CA CYS C 4238 7.32 -31.38 -8.77
C CYS C 4238 7.88 -32.76 -8.46
N GLU C 4239 9.21 -32.89 -8.40
CA GLU C 4239 9.82 -34.17 -8.06
C GLU C 4239 9.42 -34.61 -6.65
N ASP C 4240 9.44 -33.68 -5.69
CA ASP C 4240 9.03 -34.01 -4.34
C ASP C 4240 7.57 -34.45 -4.29
N THR C 4241 6.70 -33.76 -5.03
CA THR C 4241 5.29 -34.14 -5.07
C THR C 4241 5.11 -35.51 -5.69
N ILE C 4242 5.86 -35.83 -6.74
CA ILE C 4242 5.76 -37.13 -7.38
C ILE C 4242 6.21 -38.23 -6.43
N PHE C 4243 7.29 -37.99 -5.69
CA PHE C 4243 7.74 -39.00 -4.72
C PHE C 4243 6.72 -39.17 -3.60
N GLU C 4244 6.10 -38.06 -3.15
CA GLU C 4244 5.01 -38.16 -2.19
C GLU C 4244 3.87 -39.01 -2.73
N MET C 4245 3.49 -38.79 -3.98
CA MET C 4245 2.44 -39.59 -4.59
C MET C 4245 2.82 -41.07 -4.62
N GLN C 4246 4.08 -41.36 -4.98
CA GLN C 4246 4.52 -42.75 -5.06
C GLN C 4246 4.45 -43.43 -3.70
N ILE C 4247 4.97 -42.80 -2.65
CA ILE C 4247 4.97 -43.45 -1.35
C ILE C 4247 3.56 -43.53 -0.79
N ALA C 4248 2.71 -42.53 -1.06
CA ALA C 4248 1.32 -42.60 -0.62
C ALA C 4248 0.58 -43.74 -1.29
N ALA C 4249 0.83 -43.96 -2.59
CA ALA C 4249 0.25 -45.12 -3.27
C ALA C 4249 0.78 -46.42 -2.69
N GLN C 4250 2.07 -46.46 -2.37
CA GLN C 4250 2.65 -47.67 -1.81
C GLN C 4250 2.03 -48.02 -0.47
N ILE C 4251 1.82 -47.03 0.39
CA ILE C 4251 1.28 -47.29 1.73
C ILE C 4251 -0.23 -47.45 1.75
N SER C 4252 -0.92 -47.12 0.66
CA SER C 4252 -2.36 -47.20 0.65
C SER C 4252 -2.82 -48.65 0.76
N GLU C 4253 -3.86 -48.88 1.56
CA GLU C 4253 -4.39 -50.22 1.79
C GLU C 4253 -5.77 -50.35 1.15
N PRO C 4254 -5.96 -51.31 0.24
CA PRO C 4254 -7.25 -51.54 -0.41
C PRO C 4254 -8.30 -52.10 0.54
N PHE C 4540 6.68 -69.49 10.48
CA PHE C 4540 6.10 -68.31 11.11
C PHE C 4540 6.66 -67.03 10.50
N TRP C 4541 7.69 -67.18 9.66
CA TRP C 4541 8.28 -66.03 8.99
C TRP C 4541 7.41 -65.50 7.86
N GLY C 4542 6.60 -66.38 7.24
CA GLY C 4542 5.73 -65.93 6.16
C GLY C 4542 4.70 -64.93 6.62
N GLU C 4543 4.02 -65.23 7.74
CA GLU C 4543 3.04 -64.30 8.28
C GLU C 4543 3.69 -63.07 8.90
N LEU C 4544 4.95 -63.18 9.32
CA LEU C 4544 5.62 -62.06 9.97
C LEU C 4544 5.72 -60.86 9.04
N GLU C 4545 6.17 -61.09 7.80
CA GLU C 4545 6.31 -59.99 6.85
C GLU C 4545 4.96 -59.35 6.53
N VAL C 4546 3.93 -60.19 6.32
CA VAL C 4546 2.61 -59.66 5.99
C VAL C 4546 2.08 -58.79 7.14
N GLN C 4547 2.15 -59.31 8.36
CA GLN C 4547 1.66 -58.56 9.51
C GLN C 4547 2.45 -57.28 9.73
N ARG C 4548 3.77 -57.35 9.57
CA ARG C 4548 4.61 -56.16 9.77
C ARG C 4548 4.29 -55.09 8.74
N VAL C 4549 4.16 -55.48 7.47
CA VAL C 4549 3.85 -54.50 6.43
C VAL C 4549 2.47 -53.91 6.64
N LYS C 4550 1.48 -54.73 7.00
CA LYS C 4550 0.15 -54.21 7.25
C LYS C 4550 0.15 -53.23 8.42
N PHE C 4551 0.86 -53.56 9.50
CA PHE C 4551 0.94 -52.68 10.65
C PHE C 4551 1.60 -51.36 10.28
N LEU C 4552 2.71 -51.44 9.53
CA LEU C 4552 3.43 -50.22 9.18
C LEU C 4552 2.62 -49.33 8.25
N ASN C 4553 1.91 -49.93 7.30
CA ASN C 4553 1.04 -49.14 6.42
C ASN C 4553 -0.11 -48.52 7.19
N TYR C 4554 -0.68 -49.26 8.15
CA TYR C 4554 -1.74 -48.71 8.99
C TYR C 4554 -1.24 -47.52 9.79
N LEU C 4555 -0.02 -47.61 10.33
CA LEU C 4555 0.56 -46.48 11.04
C LEU C 4555 0.83 -45.30 10.11
N SER C 4556 1.33 -45.59 8.91
CA SER C 4556 1.66 -44.51 7.97
C SER C 4556 0.42 -43.78 7.50
N ARG C 4557 -0.68 -44.50 7.30
CA ARG C 4557 -1.91 -43.86 6.82
C ARG C 4557 -2.45 -42.86 7.84
N ASN C 4558 -2.39 -43.21 9.12
CA ASN C 4558 -2.98 -42.39 10.19
C ASN C 4558 -1.94 -41.70 11.05
N PHE C 4559 -0.87 -41.17 10.45
CA PHE C 4559 0.12 -40.44 11.23
C PHE C 4559 -0.49 -39.21 11.89
N TYR C 4560 -1.25 -38.43 11.12
CA TYR C 4560 -1.84 -37.21 11.67
C TYR C 4560 -2.96 -37.53 12.65
N THR C 4561 -3.69 -38.63 12.43
CA THR C 4561 -4.68 -39.06 13.41
C THR C 4561 -4.01 -39.41 14.73
N LEU C 4562 -2.87 -40.09 14.68
CA LEU C 4562 -2.14 -40.39 15.91
C LEU C 4562 -1.57 -39.14 16.56
N ARG C 4563 -1.14 -38.16 15.77
CA ARG C 4563 -0.68 -36.89 16.34
C ARG C 4563 -1.81 -36.19 17.08
N PHE C 4564 -3.00 -36.15 16.47
CA PHE C 4564 -4.15 -35.53 17.13
C PHE C 4564 -4.55 -36.31 18.38
N LEU C 4565 -4.46 -37.64 18.33
CA LEU C 4565 -4.76 -38.44 19.52
C LEU C 4565 -3.78 -38.14 20.63
N ALA C 4566 -2.50 -37.98 20.30
CA ALA C 4566 -1.52 -37.63 21.32
C ALA C 4566 -1.82 -36.27 21.92
N LEU C 4567 -2.22 -35.31 21.08
CA LEU C 4567 -2.56 -33.99 21.60
C LEU C 4567 -3.77 -34.06 22.54
N PHE C 4568 -4.79 -34.81 22.15
CA PHE C 4568 -5.97 -34.97 22.99
C PHE C 4568 -5.61 -35.65 24.31
N LEU C 4569 -4.74 -36.65 24.26
CA LEU C 4569 -4.30 -37.31 25.48
C LEU C 4569 -3.52 -36.36 26.38
N ALA C 4570 -2.74 -35.46 25.77
CA ALA C 4570 -2.05 -34.44 26.56
C ALA C 4570 -3.04 -33.55 27.30
N PHE C 4571 -4.09 -33.10 26.60
CA PHE C 4571 -5.11 -32.31 27.29
C PHE C 4571 -5.79 -33.11 28.40
N ALA C 4572 -6.09 -34.39 28.14
CA ALA C 4572 -6.75 -35.20 29.16
C ALA C 4572 -5.87 -35.37 30.39
N ILE C 4573 -4.58 -35.65 30.18
CA ILE C 4573 -3.68 -35.85 31.31
C ILE C 4573 -3.50 -34.56 32.09
N ASN C 4574 -3.37 -33.43 31.40
CA ASN C 4574 -3.23 -32.16 32.10
C ASN C 4574 -4.48 -31.80 32.87
N PHE C 4575 -5.66 -32.09 32.30
CA PHE C 4575 -6.89 -31.85 33.04
C PHE C 4575 -6.96 -32.72 34.29
N ILE C 4576 -6.52 -33.97 34.19
CA ILE C 4576 -6.47 -34.83 35.38
C ILE C 4576 -5.51 -34.26 36.41
N LEU C 4577 -4.33 -33.82 35.97
CA LEU C 4577 -3.35 -33.22 36.87
C LEU C 4577 -3.85 -31.95 37.51
N LEU C 4578 -4.81 -31.27 36.90
CA LEU C 4578 -5.43 -30.10 37.51
C LEU C 4578 -6.17 -30.41 38.83
N PHE C 4579 -6.27 -31.67 39.27
CA PHE C 4579 -6.96 -32.01 40.51
C PHE C 4579 -5.97 -32.42 41.60
N TYR C 4580 -4.74 -31.95 41.52
CA TYR C 4580 -3.69 -32.36 42.42
C TYR C 4580 -3.68 -31.48 43.68
N LYS C 4581 -3.31 -32.11 44.80
CA LYS C 4581 -3.05 -31.40 46.06
C LYS C 4581 -1.79 -31.99 46.68
N VAL C 4582 -1.16 -31.20 47.57
CA VAL C 4582 0.03 -31.65 48.27
C VAL C 4582 -0.22 -31.53 49.77
N SER C 4583 0.28 -32.51 50.53
CA SER C 4583 0.13 -32.53 51.97
C SER C 4583 1.34 -33.19 52.60
N ASP C 4584 1.60 -32.83 53.86
CA ASP C 4584 2.65 -33.48 54.62
C ASP C 4584 2.21 -34.86 55.11
N SER C 4585 0.95 -35.00 55.49
CA SER C 4585 0.41 -36.27 55.92
C SER C 4585 0.19 -37.20 54.72
N PRO C 4586 0.18 -38.51 54.95
CA PRO C 4586 -0.09 -39.44 53.84
C PRO C 4586 -1.46 -39.23 53.24
N PRO C 4587 -1.61 -39.41 51.93
CA PRO C 4587 -2.86 -39.30 51.16
C PRO C 4587 -4.07 -39.91 51.86
N ASN C 4626 10.26 -31.15 56.12
CA ASN C 4626 9.31 -32.26 56.22
C ASN C 4626 9.14 -32.96 54.88
N MET C 4627 8.81 -34.24 54.93
CA MET C 4627 8.54 -34.99 53.70
C MET C 4627 7.25 -34.50 53.06
N VAL C 4628 7.25 -34.42 51.73
CA VAL C 4628 6.10 -33.99 50.95
C VAL C 4628 5.62 -35.15 50.10
N TYR C 4629 4.32 -35.40 50.13
CA TYR C 4629 3.70 -36.49 49.39
C TYR C 4629 2.92 -35.91 48.21
N TYR C 4630 3.08 -36.54 47.05
CA TYR C 4630 2.49 -36.07 45.80
C TYR C 4630 1.30 -36.98 45.48
N PHE C 4631 0.10 -36.54 45.88
CA PHE C 4631 -1.11 -37.35 45.76
C PHE C 4631 -2.18 -36.56 45.04
N LEU C 4632 -3.01 -37.26 44.27
CA LEU C 4632 -4.10 -36.62 43.54
C LEU C 4632 -5.40 -36.84 44.31
N GLU C 4633 -6.07 -35.75 44.69
CA GLU C 4633 -7.24 -35.82 45.56
C GLU C 4633 -8.47 -35.37 44.81
N GLU C 4634 -9.50 -36.21 44.81
CA GLU C 4634 -10.79 -35.88 44.20
C GLU C 4634 -11.84 -36.84 44.74
N SER C 4635 -13.09 -36.59 44.38
CA SER C 4635 -14.23 -37.26 45.00
C SER C 4635 -14.63 -38.55 44.30
N THR C 4636 -14.62 -38.56 42.96
CA THR C 4636 -15.16 -39.69 42.22
C THR C 4636 -14.39 -40.97 42.49
N GLY C 4637 -13.06 -40.88 42.55
CA GLY C 4637 -12.22 -42.05 42.72
C GLY C 4637 -11.78 -42.71 41.44
N TYR C 4638 -12.33 -42.31 40.29
CA TYR C 4638 -11.96 -42.89 39.01
C TYR C 4638 -10.85 -42.13 38.30
N MET C 4639 -10.33 -41.06 38.90
CA MET C 4639 -9.37 -40.22 38.18
C MET C 4639 -7.99 -40.87 38.12
N GLU C 4640 -7.55 -41.55 39.19
CA GLU C 4640 -6.21 -42.14 39.15
C GLU C 4640 -6.11 -43.33 38.19
N PRO C 4641 -7.09 -44.24 38.08
CA PRO C 4641 -6.97 -45.27 37.03
C PRO C 4641 -6.95 -44.65 35.65
N ALA C 4642 -7.75 -43.61 35.45
CA ALA C 4642 -7.76 -42.91 34.17
C ALA C 4642 -6.40 -42.31 33.87
N LEU C 4643 -5.78 -41.68 34.87
CA LEU C 4643 -4.47 -41.08 34.66
C LEU C 4643 -3.42 -42.14 34.31
N TRP C 4644 -3.43 -43.24 35.05
CA TRP C 4644 -2.46 -44.30 34.79
C TRP C 4644 -2.62 -44.87 33.38
N CYS C 4645 -3.86 -45.24 33.03
CA CYS C 4645 -4.12 -45.80 31.70
C CYS C 4645 -3.79 -44.79 30.61
N LEU C 4646 -4.14 -43.52 30.82
CA LEU C 4646 -3.88 -42.50 29.81
C LEU C 4646 -2.39 -42.27 29.62
N SER C 4647 -1.60 -42.33 30.69
CA SER C 4647 -0.15 -42.16 30.54
C SER C 4647 0.47 -43.34 29.80
N LEU C 4648 0.13 -44.58 30.19
CA LEU C 4648 0.67 -45.72 29.48
C LEU C 4648 0.17 -45.79 28.04
N LEU C 4649 -1.00 -45.23 27.76
CA LEU C 4649 -1.48 -45.16 26.39
C LEU C 4649 -0.79 -44.05 25.61
N HIS C 4650 -0.49 -42.92 26.25
CA HIS C 4650 0.12 -41.80 25.57
C HIS C 4650 1.56 -42.12 25.19
N THR C 4651 2.29 -42.84 26.04
CA THR C 4651 3.64 -43.25 25.66
C THR C 4651 3.62 -44.13 24.42
N LEU C 4652 2.69 -45.09 24.38
CA LEU C 4652 2.56 -45.96 23.22
C LEU C 4652 2.16 -45.15 21.98
N VAL C 4653 1.27 -44.18 22.15
CA VAL C 4653 0.85 -43.35 21.02
C VAL C 4653 2.02 -42.55 20.47
N ALA C 4654 2.87 -42.01 21.36
CA ALA C 4654 4.06 -41.29 20.90
C ALA C 4654 5.01 -42.21 20.16
N PHE C 4655 5.21 -43.43 20.67
CA PHE C 4655 6.06 -44.39 19.97
C PHE C 4655 5.51 -44.71 18.58
N LEU C 4656 4.20 -44.91 18.48
CA LEU C 4656 3.58 -45.17 17.19
C LEU C 4656 3.71 -43.97 16.27
N CYS C 4657 3.64 -42.76 16.83
CA CYS C 4657 3.83 -41.56 16.02
C CYS C 4657 5.23 -41.51 15.43
N ILE C 4658 6.25 -41.84 16.24
CA ILE C 4658 7.62 -41.84 15.73
C ILE C 4658 7.79 -42.90 14.64
N ILE C 4659 7.22 -44.10 14.86
CA ILE C 4659 7.34 -45.15 13.85
C ILE C 4659 6.66 -44.73 12.55
N GLY C 4660 5.46 -44.14 12.65
CA GLY C 4660 4.78 -43.67 11.46
C GLY C 4660 5.53 -42.57 10.75
N TYR C 4661 6.16 -41.66 11.50
CA TYR C 4661 6.98 -40.62 10.89
C TYR C 4661 8.15 -41.24 10.14
N ASN C 4662 8.80 -42.24 10.75
CA ASN C 4662 9.92 -42.90 10.08
C ASN C 4662 9.46 -43.56 8.79
N CYS C 4663 8.31 -44.22 8.82
CA CYS C 4663 7.84 -44.94 7.64
C CYS C 4663 7.16 -44.05 6.61
N LEU C 4664 6.87 -42.79 6.95
CA LEU C 4664 6.15 -41.90 6.06
C LEU C 4664 6.98 -40.70 5.59
N LYS C 4665 7.57 -39.94 6.51
CA LYS C 4665 8.22 -38.69 6.16
C LYS C 4665 9.73 -38.82 5.97
N VAL C 4666 10.37 -39.81 6.59
CA VAL C 4666 11.80 -40.01 6.39
C VAL C 4666 12.15 -40.28 4.93
N PRO C 4667 11.40 -41.10 4.18
CA PRO C 4667 11.77 -41.32 2.76
C PRO C 4667 11.85 -40.04 1.96
N LEU C 4668 11.01 -39.03 2.23
CA LEU C 4668 11.14 -37.77 1.52
C LEU C 4668 12.49 -37.11 1.81
N VAL C 4669 12.91 -37.11 3.08
CA VAL C 4669 14.19 -36.50 3.43
C VAL C 4669 15.34 -37.24 2.77
N ILE C 4670 15.29 -38.58 2.78
CA ILE C 4670 16.35 -39.36 2.17
C ILE C 4670 16.39 -39.10 0.66
N PHE C 4671 15.22 -39.07 0.02
CA PHE C 4671 15.16 -38.81 -1.41
C PHE C 4671 15.72 -37.44 -1.76
N LYS C 4672 15.34 -36.42 -0.98
CA LYS C 4672 15.85 -35.08 -1.24
C LYS C 4672 17.36 -35.01 -1.06
N ARG C 4673 17.88 -35.64 0.00
CA ARG C 4673 19.32 -35.62 0.24
C ARG C 4673 20.07 -36.32 -0.89
N GLU C 4674 19.59 -37.49 -1.31
CA GLU C 4674 20.24 -38.19 -2.40
C GLU C 4674 20.16 -37.41 -3.70
N LYS C 4675 19.03 -36.74 -3.94
CA LYS C 4675 18.86 -35.95 -5.15
C LYS C 4675 19.87 -34.80 -5.19
N GLU C 4676 19.95 -34.03 -4.11
CA GLU C 4676 20.91 -32.92 -4.08
C GLU C 4676 22.35 -33.43 -4.19
N LEU C 4677 22.65 -34.56 -3.53
CA LEU C 4677 24.00 -35.09 -3.62
C LEU C 4677 24.34 -35.54 -5.03
N ALA C 4678 23.39 -36.18 -5.72
CA ALA C 4678 23.64 -36.61 -7.09
C ALA C 4678 23.83 -35.43 -8.02
N ARG C 4679 23.01 -34.38 -7.85
CA ARG C 4679 23.18 -33.20 -8.69
C ARG C 4679 24.50 -32.49 -8.42
N LYS C 4680 24.92 -32.44 -7.15
CA LYS C 4680 26.23 -31.87 -6.83
C LYS C 4680 27.36 -32.69 -7.43
N LEU C 4681 27.23 -34.02 -7.40
CA LEU C 4681 28.26 -34.86 -7.99
C LEU C 4681 28.34 -34.67 -9.50
N GLU C 4682 27.19 -34.54 -10.16
CA GLU C 4682 27.16 -34.51 -11.62
C GLU C 4682 27.43 -33.12 -12.18
N PHE C 4683 26.61 -32.14 -11.83
CA PHE C 4683 26.66 -30.82 -12.45
C PHE C 4683 27.48 -29.82 -11.66
N ASP C 4684 28.13 -30.24 -10.58
CA ASP C 4684 28.98 -29.36 -9.79
C ASP C 4684 30.37 -29.92 -9.55
N GLY C 4685 30.52 -31.24 -9.45
CA GLY C 4685 31.81 -31.83 -9.13
C GLY C 4685 32.29 -31.46 -7.75
N LEU C 4686 31.39 -31.58 -6.76
CA LEU C 4686 31.69 -31.22 -5.38
C LEU C 4686 32.89 -31.98 -4.85
N TYR C 4687 32.80 -33.31 -4.79
CA TYR C 4687 33.91 -34.13 -4.32
C TYR C 4687 34.93 -34.41 -5.41
N ILE C 4688 34.69 -33.96 -6.63
CA ILE C 4688 35.69 -34.07 -7.70
C ILE C 4688 36.61 -32.86 -7.72
N THR C 4689 36.05 -31.66 -7.57
CA THR C 4689 36.83 -30.43 -7.60
C THR C 4689 36.74 -29.64 -6.30
N GLU C 4690 35.52 -29.36 -5.81
CA GLU C 4690 35.35 -28.42 -4.71
C GLU C 4690 36.00 -28.92 -3.43
N GLN C 4691 35.66 -30.13 -3.00
CA GLN C 4691 36.20 -30.75 -1.79
C GLN C 4691 36.07 -29.83 -0.58
N PRO C 4692 34.88 -29.65 -0.03
CA PRO C 4692 34.73 -28.77 1.14
C PRO C 4692 35.56 -29.27 2.31
N GLY C 4693 36.21 -28.33 2.99
CA GLY C 4693 37.17 -28.69 4.02
C GLY C 4693 36.59 -29.24 5.31
N ASP C 4694 35.98 -28.39 6.13
CA ASP C 4694 35.38 -28.86 7.38
C ASP C 4694 34.02 -28.21 7.65
N ASP C 4695 33.79 -27.03 7.08
CA ASP C 4695 32.60 -26.26 7.44
C ASP C 4695 31.33 -26.91 6.92
N ASP C 4696 31.36 -27.44 5.70
CA ASP C 4696 30.19 -28.09 5.14
C ASP C 4696 30.00 -29.45 5.79
N VAL C 4697 29.44 -29.46 7.01
CA VAL C 4697 29.24 -30.70 7.74
C VAL C 4697 28.30 -31.62 6.98
N LYS C 4698 27.36 -31.06 6.22
CA LYS C 4698 26.50 -31.88 5.39
C LYS C 4698 27.31 -32.66 4.37
N GLY C 4699 28.23 -31.99 3.68
CA GLY C 4699 29.11 -32.68 2.74
C GLY C 4699 30.04 -33.66 3.45
N GLN C 4700 30.51 -33.30 4.64
CA GLN C 4700 31.39 -34.19 5.38
C GLN C 4700 30.69 -35.50 5.72
N TRP C 4701 29.41 -35.41 6.13
CA TRP C 4701 28.66 -36.63 6.39
C TRP C 4701 28.27 -37.35 5.11
N ASP C 4702 28.05 -36.61 4.03
CA ASP C 4702 27.68 -37.23 2.76
C ASP C 4702 28.87 -37.94 2.10
N ARG C 4703 30.09 -37.64 2.53
CA ARG C 4703 31.25 -38.35 1.99
C ARG C 4703 31.15 -39.85 2.21
N LEU C 4704 30.46 -40.29 3.26
CA LEU C 4704 30.48 -41.70 3.63
C LEU C 4704 29.56 -42.55 2.75
N VAL C 4705 28.67 -41.94 1.97
CA VAL C 4705 27.69 -42.70 1.20
C VAL C 4705 28.12 -42.85 -0.27
N LEU C 4706 29.19 -42.18 -0.69
CA LEU C 4706 29.57 -42.22 -2.09
C LEU C 4706 29.95 -43.63 -2.54
N ASN C 4707 30.66 -44.37 -1.70
CA ASN C 4707 31.19 -45.67 -2.06
C ASN C 4707 30.23 -46.82 -1.71
N THR C 4708 29.03 -46.51 -1.25
CA THR C 4708 28.09 -47.56 -0.89
C THR C 4708 27.51 -48.22 -2.14
N PRO C 4709 27.24 -49.53 -2.07
CA PRO C 4709 26.66 -50.21 -3.24
C PRO C 4709 25.27 -49.73 -3.61
N SER C 4710 24.56 -49.09 -2.70
CA SER C 4710 23.17 -48.68 -2.91
C SER C 4710 22.99 -47.22 -2.53
N PHE C 4711 23.87 -46.36 -3.06
CA PHE C 4711 23.77 -44.93 -2.76
C PHE C 4711 22.44 -44.33 -3.20
N PRO C 4712 21.97 -44.48 -4.45
CA PRO C 4712 20.66 -43.91 -4.80
C PRO C 4712 19.52 -44.89 -4.57
N SER C 4713 19.23 -45.18 -3.31
CA SER C 4713 18.19 -46.15 -2.99
C SER C 4713 16.79 -45.58 -3.22
N ASN C 4714 16.56 -44.32 -2.84
CA ASN C 4714 15.26 -43.70 -3.02
C ASN C 4714 15.17 -42.85 -4.28
N TYR C 4715 16.26 -42.18 -4.66
CA TYR C 4715 16.27 -41.40 -5.89
C TYR C 4715 16.16 -42.33 -7.09
N TRP C 4716 15.37 -41.90 -8.07
CA TRP C 4716 15.16 -42.69 -9.30
C TRP C 4716 16.20 -42.36 -10.36
N ASP C 4717 17.48 -42.41 -9.97
CA ASP C 4717 18.59 -42.06 -10.85
C ASP C 4717 19.70 -43.09 -10.73
N LYS C 4718 19.34 -44.37 -10.85
CA LYS C 4718 20.30 -45.45 -10.63
C LYS C 4718 21.53 -45.34 -11.53
N PHE C 4719 21.41 -44.68 -12.67
CA PHE C 4719 22.53 -44.49 -13.60
C PHE C 4719 23.37 -43.26 -13.26
N VAL C 4720 23.26 -42.74 -12.03
CA VAL C 4720 24.00 -41.53 -11.67
C VAL C 4720 25.50 -41.81 -11.65
N LYS C 4721 25.90 -43.01 -11.22
CA LYS C 4721 27.32 -43.36 -11.21
C LYS C 4721 27.89 -43.35 -12.62
N ARG C 4722 27.19 -43.97 -13.56
CA ARG C 4722 27.64 -43.96 -14.96
C ARG C 4722 27.64 -42.55 -15.53
N LYS C 4723 26.63 -41.75 -15.18
CA LYS C 4723 26.57 -40.39 -15.70
C LYS C 4723 27.74 -39.55 -15.20
N VAL C 4724 28.06 -39.63 -13.90
CA VAL C 4724 29.18 -38.85 -13.39
C VAL C 4724 30.50 -39.39 -13.91
N LEU C 4725 30.58 -40.70 -14.14
CA LEU C 4725 31.78 -41.27 -14.74
C LEU C 4725 32.00 -40.69 -16.14
N ASP C 4726 30.98 -40.76 -16.99
CA ASP C 4726 31.11 -40.19 -18.33
C ASP C 4726 31.35 -38.69 -18.28
N LYS C 4727 30.87 -38.02 -17.24
CA LYS C 4727 31.06 -36.58 -17.13
C LYS C 4727 32.51 -36.23 -16.82
N HIS C 4728 33.12 -36.94 -15.87
CA HIS C 4728 34.40 -36.49 -15.32
C HIS C 4728 35.59 -37.38 -15.65
N GLY C 4729 35.43 -38.70 -15.70
CA GLY C 4729 36.58 -39.58 -15.73
C GLY C 4729 37.46 -39.41 -16.96
N ASP C 4730 36.87 -39.02 -18.10
CA ASP C 4730 37.63 -38.90 -19.34
C ASP C 4730 38.76 -37.90 -19.23
N ILE C 4731 38.62 -36.86 -18.40
CA ILE C 4731 39.64 -35.84 -18.23
C ILE C 4731 40.26 -35.90 -16.83
N PHE C 4732 39.56 -36.48 -15.87
CA PHE C 4732 39.96 -36.45 -14.48
C PHE C 4732 40.56 -37.77 -14.00
N GLY C 4733 40.24 -38.88 -14.66
CA GLY C 4733 40.79 -40.17 -14.28
C GLY C 4733 39.70 -41.21 -14.09
N ARG C 4734 40.08 -42.47 -14.29
CA ARG C 4734 39.16 -43.60 -14.24
C ARG C 4734 39.22 -44.36 -12.93
N GLU C 4735 40.43 -44.74 -12.48
CA GLU C 4735 40.54 -45.55 -11.27
C GLU C 4735 40.14 -44.76 -10.03
N ARG C 4736 40.47 -43.48 -9.96
CA ARG C 4736 40.16 -42.70 -8.76
C ARG C 4736 38.66 -42.52 -8.60
N ILE C 4737 37.96 -42.31 -9.72
CA ILE C 4737 36.50 -42.20 -9.66
C ILE C 4737 35.89 -43.51 -9.19
N ALA C 4738 36.40 -44.64 -9.68
CA ALA C 4738 35.89 -45.93 -9.24
C ALA C 4738 36.14 -46.14 -7.75
N GLU C 4739 37.31 -45.75 -7.26
CA GLU C 4739 37.59 -45.87 -5.84
C GLU C 4739 36.67 -44.97 -5.01
N LEU C 4740 36.44 -43.74 -5.48
CA LEU C 4740 35.59 -42.81 -4.74
C LEU C 4740 34.14 -43.28 -4.70
N LEU C 4741 33.63 -43.77 -5.82
CA LEU C 4741 32.25 -44.21 -5.92
C LEU C 4741 32.05 -45.67 -5.53
N GLY C 4742 33.15 -46.40 -5.31
CA GLY C 4742 33.02 -47.81 -4.93
C GLY C 4742 32.40 -48.68 -6.01
N MET C 4743 32.76 -48.43 -7.27
CA MET C 4743 32.26 -49.22 -8.38
C MET C 4743 33.41 -49.97 -9.05
N ASP C 4744 33.12 -51.17 -9.52
CA ASP C 4744 34.11 -51.99 -10.23
C ASP C 4744 34.01 -51.69 -11.72
N LEU C 4745 35.10 -51.20 -12.30
CA LEU C 4745 35.09 -50.85 -13.72
C LEU C 4745 34.91 -52.08 -14.60
N ALA C 4746 35.53 -53.20 -14.23
CA ALA C 4746 35.39 -54.42 -15.01
C ALA C 4746 33.96 -54.94 -14.97
N SER C 4747 33.38 -55.03 -13.77
CA SER C 4747 32.02 -55.52 -13.56
C SER C 4747 31.79 -56.88 -14.21
N ASP C 4772 24.82 -53.71 4.31
CA ASP C 4772 25.37 -52.40 4.01
C ASP C 4772 25.35 -51.53 5.25
N VAL C 4773 26.34 -51.73 6.13
CA VAL C 4773 26.36 -51.03 7.41
C VAL C 4773 26.62 -49.55 7.21
N LYS C 4774 27.48 -49.20 6.25
CA LYS C 4774 27.85 -47.80 6.07
C LYS C 4774 26.68 -46.97 5.54
N TYR C 4775 25.91 -47.52 4.60
CA TYR C 4775 24.75 -46.79 4.11
C TYR C 4775 23.71 -46.59 5.20
N GLN C 4776 23.49 -47.62 6.01
CA GLN C 4776 22.55 -47.48 7.13
C GLN C 4776 23.04 -46.43 8.12
N ILE C 4777 24.35 -46.39 8.38
CA ILE C 4777 24.90 -45.38 9.27
C ILE C 4777 24.66 -43.99 8.70
N TRP C 4778 24.90 -43.81 7.40
CA TRP C 4778 24.67 -42.51 6.78
C TRP C 4778 23.20 -42.11 6.85
N LYS C 4779 22.30 -43.06 6.57
CA LYS C 4779 20.87 -42.75 6.61
C LYS C 4779 20.44 -42.37 8.02
N PHE C 4780 20.92 -43.09 9.03
CA PHE C 4780 20.55 -42.77 10.41
C PHE C 4780 21.13 -41.43 10.83
N GLY C 4781 22.35 -41.11 10.38
CA GLY C 4781 22.91 -39.80 10.67
C GLY C 4781 22.10 -38.68 10.03
N VAL C 4782 21.61 -38.90 8.81
CA VAL C 4782 20.75 -37.91 8.17
C VAL C 4782 19.44 -37.78 8.94
N ILE C 4783 18.88 -38.89 9.40
CA ILE C 4783 17.62 -38.85 10.14
C ILE C 4783 17.79 -38.07 11.44
N PHE C 4784 18.88 -38.34 12.17
CA PHE C 4784 19.08 -37.72 13.47
C PHE C 4784 19.36 -36.23 13.38
N THR C 4785 19.63 -35.71 12.18
CA THR C 4785 19.82 -34.28 11.97
C THR C 4785 18.50 -33.56 11.70
N ASP C 4786 17.48 -34.29 11.24
CA ASP C 4786 16.21 -33.70 10.85
C ASP C 4786 15.51 -33.11 12.08
N ASN C 4787 14.96 -31.90 11.91
CA ASN C 4787 14.35 -31.21 13.04
C ASN C 4787 13.08 -31.91 13.51
N SER C 4788 12.23 -32.36 12.58
CA SER C 4788 10.96 -32.98 12.97
C SER C 4788 11.18 -34.28 13.72
N PHE C 4789 12.12 -35.11 13.25
CA PHE C 4789 12.42 -36.35 13.96
C PHE C 4789 12.96 -36.05 15.35
N LEU C 4790 13.79 -35.02 15.49
CA LEU C 4790 14.29 -34.64 16.79
C LEU C 4790 13.18 -34.16 17.71
N TYR C 4791 12.22 -33.41 17.16
CA TYR C 4791 11.08 -32.95 17.97
C TYR C 4791 10.25 -34.13 18.44
N LEU C 4792 10.02 -35.10 17.57
CA LEU C 4792 9.25 -36.29 17.96
C LEU C 4792 10.03 -37.11 19.00
N GLY C 4793 11.35 -37.19 18.85
CA GLY C 4793 12.16 -37.87 19.86
C GLY C 4793 12.11 -37.18 21.21
N TRP C 4794 12.15 -35.85 21.22
CA TRP C 4794 11.99 -35.09 22.46
C TRP C 4794 10.61 -35.28 23.08
N TYR C 4795 9.56 -35.31 22.25
CA TYR C 4795 8.23 -35.63 22.74
C TYR C 4795 8.17 -37.01 23.37
N MET C 4796 8.80 -38.01 22.75
CA MET C 4796 8.87 -39.35 23.33
C MET C 4796 9.66 -39.34 24.64
N VAL C 4797 10.74 -38.56 24.70
CA VAL C 4797 11.55 -38.52 25.92
C VAL C 4797 10.75 -37.93 27.08
N MET C 4798 10.04 -36.83 26.83
CA MET C 4798 9.20 -36.26 27.87
C MET C 4798 8.03 -37.18 28.23
N SER C 4799 7.50 -37.91 27.25
CA SER C 4799 6.46 -38.88 27.55
C SER C 4799 6.98 -39.98 28.46
N LEU C 4800 8.20 -40.46 28.21
CA LEU C 4800 8.80 -41.45 29.10
C LEU C 4800 9.03 -40.88 30.50
N LEU C 4801 9.57 -39.66 30.57
CA LEU C 4801 9.84 -39.05 31.87
C LEU C 4801 8.57 -38.71 32.63
N GLY C 4802 7.43 -38.58 31.93
CA GLY C 4802 6.18 -38.33 32.63
C GLY C 4802 5.80 -39.42 33.59
N HIS C 4803 6.28 -40.64 33.34
CA HIS C 4803 6.06 -41.73 34.30
C HIS C 4803 6.88 -41.52 35.56
N TYR C 4804 8.09 -40.96 35.44
CA TYR C 4804 8.89 -40.63 36.61
C TYR C 4804 8.20 -39.54 37.44
N ASN C 4805 7.69 -38.50 36.78
CA ASN C 4805 6.93 -37.45 37.45
C ASN C 4805 5.83 -37.02 36.48
N ASN C 4806 4.58 -37.15 36.93
CA ASN C 4806 3.43 -36.95 36.07
C ASN C 4806 3.38 -35.54 35.49
N PHE C 4807 3.94 -34.56 36.20
CA PHE C 4807 3.87 -33.18 35.74
C PHE C 4807 4.77 -32.92 34.53
N PHE C 4808 5.64 -33.86 34.16
CA PHE C 4808 6.38 -33.73 32.92
C PHE C 4808 5.48 -33.78 31.70
N PHE C 4809 4.25 -34.25 31.85
CA PHE C 4809 3.27 -34.23 30.78
C PHE C 4809 2.75 -32.85 30.47
N ALA C 4810 3.06 -31.86 31.32
CA ALA C 4810 2.66 -30.48 31.03
C ALA C 4810 3.44 -29.87 29.89
N ALA C 4811 4.65 -30.36 29.61
CA ALA C 4811 5.45 -29.86 28.51
C ALA C 4811 4.91 -30.28 27.15
N HIS C 4812 3.95 -31.19 27.11
CA HIS C 4812 3.33 -31.61 25.87
C HIS C 4812 2.26 -30.64 25.40
N LEU C 4813 1.81 -29.72 26.25
CA LEU C 4813 0.92 -28.66 25.81
C LEU C 4813 1.61 -27.70 24.85
N LEU C 4814 2.94 -27.67 24.84
CA LEU C 4814 3.67 -26.86 23.87
C LEU C 4814 3.43 -27.36 22.46
N ASP C 4815 2.94 -28.59 22.31
CA ASP C 4815 2.67 -29.14 20.98
C ASP C 4815 1.53 -28.40 20.28
N ILE C 4816 0.72 -27.63 21.01
CA ILE C 4816 -0.35 -26.87 20.35
C ILE C 4816 0.24 -25.81 19.44
N ALA C 4817 1.43 -25.30 19.77
CA ALA C 4817 2.07 -24.31 18.93
C ALA C 4817 2.47 -24.91 17.59
N MET C 4818 2.96 -26.15 17.58
CA MET C 4818 3.40 -26.79 16.35
C MET C 4818 2.30 -27.61 15.69
N GLY C 4819 1.12 -27.73 16.32
CA GLY C 4819 0.07 -28.55 15.77
C GLY C 4819 -0.99 -27.78 15.01
N VAL C 4820 -1.50 -26.71 15.59
CA VAL C 4820 -2.62 -25.97 15.03
C VAL C 4820 -2.08 -24.88 14.11
N LYS C 4821 -2.72 -24.73 12.94
CA LYS C 4821 -2.28 -23.72 11.99
C LYS C 4821 -2.53 -22.30 12.49
N THR C 4822 -3.66 -22.08 13.17
CA THR C 4822 -4.01 -20.74 13.64
C THR C 4822 -2.99 -20.25 14.67
N LEU C 4823 -2.61 -21.14 15.60
CA LEU C 4823 -1.61 -20.76 16.58
C LEU C 4823 -0.26 -20.51 15.92
N ARG C 4824 0.07 -21.29 14.90
CA ARG C 4824 1.31 -21.03 14.16
C ARG C 4824 1.29 -19.66 13.52
N THR C 4825 0.18 -19.28 12.89
CA THR C 4825 0.08 -17.95 12.28
C THR C 4825 0.15 -16.84 13.32
N ILE C 4826 -0.48 -17.04 14.48
CA ILE C 4826 -0.44 -16.02 15.53
C ILE C 4826 0.97 -15.87 16.08
N LEU C 4827 1.66 -16.98 16.35
CA LEU C 4827 3.02 -16.92 16.87
C LEU C 4827 4.03 -16.50 15.81
N SER C 4828 3.67 -16.58 14.53
CA SER C 4828 4.56 -16.09 13.48
C SER C 4828 4.79 -14.60 13.61
N SER C 4829 3.81 -13.85 14.10
CA SER C 4829 4.01 -12.43 14.33
C SER C 4829 5.09 -12.19 15.38
N VAL C 4830 5.10 -12.99 16.44
CA VAL C 4830 6.12 -12.85 17.47
C VAL C 4830 7.49 -13.26 16.92
N THR C 4831 7.55 -14.38 16.22
CA THR C 4831 8.83 -14.93 15.79
C THR C 4831 9.38 -14.28 14.52
N HIS C 4832 8.60 -13.44 13.85
CA HIS C 4832 9.08 -12.78 12.64
C HIS C 4832 10.20 -11.79 12.95
N ASN C 4833 10.11 -11.11 14.09
CA ASN C 4833 11.10 -10.13 14.51
C ASN C 4833 11.79 -10.58 15.79
N GLY C 4834 12.14 -11.86 15.87
CA GLY C 4834 12.81 -12.37 17.06
C GLY C 4834 14.17 -11.72 17.30
N LYS C 4835 14.93 -11.52 16.23
CA LYS C 4835 16.22 -10.85 16.36
C LYS C 4835 16.06 -9.43 16.89
N GLN C 4836 15.08 -8.70 16.36
CA GLN C 4836 14.84 -7.33 16.83
C GLN C 4836 14.36 -7.32 18.28
N LEU C 4837 13.53 -8.27 18.66
CA LEU C 4837 13.06 -8.34 20.05
C LEU C 4837 14.22 -8.63 21.00
N VAL C 4838 15.09 -9.58 20.64
CA VAL C 4838 16.25 -9.87 21.46
C VAL C 4838 17.15 -8.64 21.57
N MET C 4839 17.33 -7.94 20.45
CA MET C 4839 18.22 -6.78 20.46
C MET C 4839 17.64 -5.65 21.29
N THR C 4840 16.33 -5.45 21.25
CA THR C 4840 15.74 -4.40 22.07
C THR C 4840 15.69 -4.78 23.54
N VAL C 4841 15.60 -6.08 23.86
CA VAL C 4841 15.77 -6.49 25.25
C VAL C 4841 17.19 -6.21 25.74
N GLY C 4842 18.18 -6.48 24.89
CA GLY C 4842 19.55 -6.13 25.24
C GLY C 4842 19.75 -4.64 25.41
N LEU C 4843 19.11 -3.84 24.56
CA LEU C 4843 19.15 -2.39 24.70
C LEU C 4843 18.51 -1.95 26.01
N LEU C 4844 17.39 -2.58 26.38
CA LEU C 4844 16.78 -2.30 27.68
C LEU C 4844 17.73 -2.62 28.81
N ALA C 4845 18.42 -3.75 28.74
CA ALA C 4845 19.39 -4.10 29.76
C ALA C 4845 20.51 -3.07 29.85
N VAL C 4846 21.01 -2.61 28.71
CA VAL C 4846 22.11 -1.64 28.70
C VAL C 4846 21.66 -0.31 29.30
N VAL C 4847 20.48 0.18 28.91
CA VAL C 4847 20.04 1.48 29.40
C VAL C 4847 19.71 1.40 30.89
N VAL C 4848 19.13 0.29 31.35
CA VAL C 4848 18.89 0.14 32.77
C VAL C 4848 20.21 0.03 33.53
N TYR C 4849 21.23 -0.57 32.94
CA TYR C 4849 22.55 -0.57 33.57
C TYR C 4849 23.09 0.85 33.70
N LEU C 4850 22.89 1.68 32.67
CA LEU C 4850 23.35 3.06 32.75
C LEU C 4850 22.64 3.82 33.87
N TYR C 4851 21.32 3.65 33.96
CA TYR C 4851 20.57 4.30 35.03
C TYR C 4851 20.98 3.75 36.39
N THR C 4852 21.31 2.46 36.45
CA THR C 4852 21.84 1.89 37.68
C THR C 4852 23.16 2.54 38.08
N VAL C 4853 24.04 2.77 37.11
CA VAL C 4853 25.31 3.43 37.38
C VAL C 4853 25.07 4.81 37.97
N VAL C 4854 24.18 5.58 37.33
CA VAL C 4854 23.91 6.94 37.81
C VAL C 4854 23.31 6.91 39.21
N ALA C 4855 22.31 6.06 39.44
CA ALA C 4855 21.65 6.02 40.73
C ALA C 4855 22.58 5.51 41.82
N PHE C 4856 23.44 4.58 41.47
CA PHE C 4856 24.39 4.04 42.44
C PHE C 4856 25.43 5.08 42.82
N ASN C 4857 25.89 5.88 41.86
CA ASN C 4857 26.87 6.90 42.17
C ASN C 4857 26.27 8.15 42.82
N PHE C 4858 24.96 8.36 42.72
CA PHE C 4858 24.37 9.58 43.27
C PHE C 4858 23.12 9.39 44.12
N PHE C 4859 22.46 8.24 44.08
CA PHE C 4859 21.17 8.09 44.76
C PHE C 4859 21.12 6.84 45.63
N ARG C 4860 22.19 6.55 46.37
CA ARG C 4860 22.21 5.36 47.20
C ARG C 4860 21.24 5.44 48.37
N LYS C 4861 20.97 6.66 48.85
CA LYS C 4861 20.20 6.83 50.08
C LYS C 4861 18.76 6.33 49.91
N PHE C 4862 18.14 6.61 48.76
CA PHE C 4862 16.70 6.43 48.62
C PHE C 4862 16.28 4.97 48.54
N TYR C 4863 17.20 4.06 48.19
CA TYR C 4863 16.85 2.65 48.00
C TYR C 4863 16.83 1.89 49.33
N ASN C 4864 15.92 2.33 50.20
CA ASN C 4864 15.70 1.69 51.50
C ASN C 4864 14.34 0.98 51.44
N LYS C 4865 14.37 -0.33 51.30
CA LYS C 4865 13.14 -1.11 51.19
C LYS C 4865 12.62 -1.61 52.54
N SER C 4866 13.30 -1.29 53.64
CA SER C 4866 12.88 -1.69 54.97
C SER C 4866 12.57 -0.45 55.79
N GLU C 4867 11.35 -0.39 56.33
CA GLU C 4867 10.96 0.74 57.17
C GLU C 4867 11.46 0.60 58.60
N ASP C 4868 11.90 -0.60 59.00
CA ASP C 4868 12.38 -0.83 60.35
C ASP C 4868 13.80 -0.30 60.48
N GLU C 4869 14.01 0.62 61.42
CA GLU C 4869 15.34 1.19 61.62
C GLU C 4869 16.34 0.18 62.15
N ASP C 4870 15.86 -0.93 62.73
CA ASP C 4870 16.77 -1.94 63.26
C ASP C 4870 17.56 -2.61 62.15
N GLU C 4871 16.92 -2.90 61.01
CA GLU C 4871 17.56 -3.57 59.88
C GLU C 4871 17.34 -2.74 58.63
N PRO C 4872 18.16 -1.72 58.40
CA PRO C 4872 18.08 -0.95 57.15
C PRO C 4872 18.50 -1.81 55.97
N ASP C 4873 17.61 -1.94 54.98
CA ASP C 4873 17.83 -2.78 53.81
C ASP C 4873 18.13 -1.89 52.62
N MET C 4874 19.41 -1.67 52.37
CA MET C 4874 19.87 -0.94 51.20
C MET C 4874 19.94 -1.87 50.01
N LYS C 4875 19.24 -1.51 48.93
CA LYS C 4875 19.28 -2.30 47.70
C LYS C 4875 20.07 -1.60 46.59
N CYS C 4876 20.88 -0.60 46.94
CA CYS C 4876 21.78 0.00 45.97
C CYS C 4876 23.14 0.32 46.59
N ASP C 4877 23.58 -0.48 47.56
CA ASP C 4877 24.93 -0.39 48.08
C ASP C 4877 25.87 -1.39 47.41
N ASP C 4878 25.42 -2.02 46.33
CA ASP C 4878 26.17 -2.99 45.56
C ASP C 4878 25.75 -2.86 44.11
N MET C 4879 26.71 -2.99 43.19
CA MET C 4879 26.37 -2.87 41.78
C MET C 4879 25.46 -3.99 41.32
N MET C 4880 25.76 -5.23 41.71
CA MET C 4880 24.92 -6.35 41.33
C MET C 4880 23.53 -6.23 41.92
N THR C 4881 23.44 -5.88 43.20
CA THR C 4881 22.14 -5.78 43.85
C THR C 4881 21.32 -4.63 43.27
N CYS C 4882 21.95 -3.48 43.03
CA CYS C 4882 21.21 -2.36 42.46
C CYS C 4882 20.77 -2.64 41.03
N TYR C 4883 21.62 -3.29 40.24
CA TYR C 4883 21.22 -3.65 38.88
C TYR C 4883 20.07 -4.66 38.89
N LEU C 4884 20.12 -5.63 39.79
CA LEU C 4884 19.02 -6.59 39.90
C LEU C 4884 17.73 -5.89 40.32
N PHE C 4885 17.82 -4.99 41.30
CA PHE C 4885 16.64 -4.26 41.74
C PHE C 4885 16.06 -3.44 40.60
N HIS C 4886 16.92 -2.74 39.86
CA HIS C 4886 16.43 -1.96 38.73
C HIS C 4886 15.75 -2.84 37.69
N MET C 4887 16.50 -3.79 37.13
CA MET C 4887 15.97 -4.67 36.08
C MET C 4887 14.70 -5.38 36.51
N TYR C 4888 14.54 -5.67 37.81
CA TYR C 4888 13.34 -6.37 38.25
C TYR C 4888 12.18 -5.38 38.43
N VAL C 4889 12.29 -4.48 39.39
CA VAL C 4889 11.11 -3.71 39.77
C VAL C 4889 10.92 -2.48 38.89
N GLY C 4890 12.00 -1.79 38.50
CA GLY C 4890 11.82 -0.58 37.72
C GLY C 4890 11.30 -0.83 36.32
N VAL C 4891 11.48 -2.05 35.81
CA VAL C 4891 10.97 -2.40 34.50
C VAL C 4891 9.64 -3.12 34.69
N ARG C 4892 9.48 -3.82 35.81
CA ARG C 4892 8.23 -4.51 36.09
C ARG C 4892 7.15 -3.61 36.70
N ALA C 4893 7.48 -2.37 37.03
CA ALA C 4893 6.50 -1.44 37.60
C ALA C 4893 5.95 -0.53 36.52
N GLY C 4894 4.75 0.00 36.78
CA GLY C 4894 4.10 0.87 35.82
C GLY C 4894 4.62 2.29 35.82
N GLY C 4895 5.13 2.76 36.94
CA GLY C 4895 5.67 4.10 37.06
C GLY C 4895 7.17 4.19 36.94
N GLY C 4896 7.86 3.06 36.81
CA GLY C 4896 9.31 3.08 36.70
C GLY C 4896 10.00 2.76 38.01
N ILE C 4897 10.96 3.59 38.40
CA ILE C 4897 11.65 3.42 39.67
C ILE C 4897 11.26 4.46 40.69
N GLY C 4898 10.58 5.55 40.30
CA GLY C 4898 10.16 6.54 41.27
C GLY C 4898 9.04 6.08 42.18
N ASP C 4899 8.33 5.03 41.80
CA ASP C 4899 7.27 4.47 42.62
C ASP C 4899 7.75 3.28 43.45
N GLU C 4900 9.03 2.95 43.40
CA GLU C 4900 9.59 1.85 44.17
C GLU C 4900 10.57 2.30 45.24
N ILE C 4901 10.99 3.57 45.24
CA ILE C 4901 12.01 4.05 46.16
C ILE C 4901 11.50 5.25 46.95
N GLU C 4902 12.35 5.81 47.78
CA GLU C 4902 11.96 6.90 48.67
C GLU C 4902 11.59 8.15 47.86
N ASP C 4903 10.58 8.86 48.36
CA ASP C 4903 10.17 10.12 47.75
C ASP C 4903 11.26 11.16 47.97
N PRO C 4904 11.81 11.77 46.92
CA PRO C 4904 12.87 12.76 47.10
C PRO C 4904 12.41 14.15 47.47
N ALA C 4905 11.16 14.31 47.88
CA ALA C 4905 10.66 15.65 48.24
C ALA C 4905 11.40 16.17 49.46
N GLY C 4906 11.66 17.48 49.46
CA GLY C 4906 12.36 18.12 50.55
C GLY C 4906 13.79 17.63 50.71
N ASP C 4907 14.52 17.55 49.61
CA ASP C 4907 15.90 17.06 49.63
C ASP C 4907 16.75 17.89 48.68
N GLU C 4908 18.06 17.81 48.88
CA GLU C 4908 18.99 18.54 48.01
C GLU C 4908 18.89 18.07 46.57
N TYR C 4909 18.81 16.76 46.36
CA TYR C 4909 18.78 16.18 45.02
C TYR C 4909 17.36 15.95 44.51
N GLU C 4910 16.38 16.73 44.98
CA GLU C 4910 15.02 16.56 44.51
C GLU C 4910 14.90 16.90 43.03
N LEU C 4911 15.51 18.02 42.61
CA LEU C 4911 15.43 18.42 41.21
C LEU C 4911 16.18 17.46 40.30
N TYR C 4912 17.22 16.82 40.80
CA TYR C 4912 17.91 15.79 40.03
C TYR C 4912 17.12 14.49 40.01
N ARG C 4913 16.47 14.15 41.13
CA ARG C 4913 15.74 12.89 41.19
C ARG C 4913 14.47 12.94 40.36
N VAL C 4914 13.80 14.08 40.29
CA VAL C 4914 12.62 14.17 39.44
C VAL C 4914 12.99 14.04 37.96
N VAL C 4915 14.14 14.55 37.56
CA VAL C 4915 14.63 14.31 36.21
C VAL C 4915 14.97 12.84 36.01
N PHE C 4916 15.64 12.23 37.01
CA PHE C 4916 16.06 10.85 36.90
C PHE C 4916 14.88 9.90 36.72
N ASP C 4917 13.88 10.01 37.59
CA ASP C 4917 12.73 9.11 37.52
C ASP C 4917 11.92 9.33 36.25
N ILE C 4918 11.71 10.58 35.85
CA ILE C 4918 10.91 10.84 34.67
C ILE C 4918 11.63 10.40 33.40
N THR C 4919 12.95 10.61 33.32
CA THR C 4919 13.69 10.09 32.17
C THR C 4919 13.63 8.58 32.13
N PHE C 4920 13.78 7.93 33.30
CA PHE C 4920 13.61 6.49 33.38
C PHE C 4920 12.25 6.08 32.83
N PHE C 4921 11.20 6.74 33.29
CA PHE C 4921 9.84 6.43 32.84
C PHE C 4921 9.74 6.56 31.33
N PHE C 4922 9.93 7.77 30.81
CA PHE C 4922 9.80 8.01 29.36
C PHE C 4922 10.61 7.03 28.53
N PHE C 4923 11.90 6.86 28.85
CA PHE C 4923 12.76 6.10 27.96
C PHE C 4923 12.54 4.60 28.09
N VAL C 4924 12.51 4.08 29.32
CA VAL C 4924 12.40 2.64 29.51
C VAL C 4924 10.94 2.19 29.42
N ILE C 4925 10.08 2.73 30.28
CA ILE C 4925 8.74 2.18 30.43
C ILE C 4925 7.90 2.47 29.20
N VAL C 4926 7.94 3.72 28.72
CA VAL C 4926 7.06 4.11 27.61
C VAL C 4926 7.67 3.70 26.27
N ILE C 4927 8.81 4.27 25.92
CA ILE C 4927 9.36 4.10 24.58
C ILE C 4927 9.87 2.67 24.38
N LEU C 4928 10.62 2.16 25.35
CA LEU C 4928 11.28 0.88 25.17
C LEU C 4928 10.35 -0.31 25.38
N LEU C 4929 9.11 -0.08 25.78
CA LEU C 4929 8.08 -1.11 25.73
C LEU C 4929 7.03 -0.85 24.66
N ALA C 4930 6.98 0.35 24.09
CA ALA C 4930 6.19 0.57 22.89
C ALA C 4930 6.93 0.10 21.65
N ILE C 4931 8.26 0.01 21.72
CA ILE C 4931 9.03 -0.53 20.61
C ILE C 4931 8.66 -1.99 20.35
N ILE C 4932 8.49 -2.77 21.43
CA ILE C 4932 8.12 -4.17 21.28
C ILE C 4932 6.74 -4.31 20.65
N GLN C 4933 5.78 -3.51 21.12
CA GLN C 4933 4.43 -3.55 20.55
C GLN C 4933 4.45 -3.13 19.09
N GLY C 4934 5.23 -2.10 18.77
CA GLY C 4934 5.35 -1.69 17.38
C GLY C 4934 5.97 -2.77 16.51
N LEU C 4935 6.96 -3.48 17.04
CA LEU C 4935 7.56 -4.59 16.30
C LEU C 4935 6.52 -5.67 16.01
N ILE C 4936 5.72 -6.02 17.02
CA ILE C 4936 4.70 -7.04 16.82
C ILE C 4936 3.65 -6.60 15.80
N ILE C 4937 3.20 -5.34 15.90
CA ILE C 4937 2.18 -4.83 14.98
C ILE C 4937 2.73 -4.78 13.56
N ASP C 4938 3.97 -4.32 13.40
CA ASP C 4938 4.59 -4.30 12.09
C ASP C 4938 4.77 -5.69 11.53
N ALA C 4939 5.02 -6.68 12.42
CA ALA C 4939 5.10 -8.06 11.96
C ALA C 4939 3.75 -8.54 11.43
N PHE C 4940 2.67 -8.22 12.15
CA PHE C 4940 1.33 -8.55 11.66
C PHE C 4940 1.10 -7.94 10.28
N GLY C 4941 1.39 -6.66 10.15
CA GLY C 4941 1.21 -5.96 8.89
C GLY C 4941 2.05 -6.52 7.76
N GLU C 4942 3.31 -6.86 8.06
CA GLU C 4942 4.20 -7.42 7.06
C GLU C 4942 3.73 -8.78 6.58
N LEU C 4943 3.30 -9.64 7.50
CA LEU C 4943 2.78 -10.93 7.08
C LEU C 4943 1.53 -10.77 6.22
N ARG C 4944 0.62 -9.88 6.64
CA ARG C 4944 -0.61 -9.66 5.89
C ARG C 4944 -0.33 -9.13 4.49
N ASP C 4945 0.58 -8.15 4.37
CA ASP C 4945 0.85 -7.58 3.06
C ASP C 4945 1.67 -8.52 2.20
N GLN C 4946 2.48 -9.39 2.81
CA GLN C 4946 3.15 -10.44 2.05
C GLN C 4946 2.14 -11.40 1.43
N GLN C 4947 1.14 -11.81 2.22
CA GLN C 4947 0.09 -12.67 1.67
C GLN C 4947 -0.66 -11.97 0.55
N GLU C 4948 -0.99 -10.69 0.74
CA GLU C 4948 -1.70 -9.95 -0.30
C GLU C 4948 -0.86 -9.83 -1.56
N GLN C 4949 0.44 -9.57 -1.41
CA GLN C 4949 1.31 -9.44 -2.58
C GLN C 4949 1.43 -10.76 -3.33
N VAL C 4950 1.56 -11.87 -2.61
CA VAL C 4950 1.63 -13.18 -3.27
C VAL C 4950 0.35 -13.45 -4.04
N LYS C 4951 -0.81 -13.19 -3.41
CA LYS C 4951 -2.07 -13.41 -4.10
C LYS C 4951 -2.20 -12.52 -5.33
N GLU C 4952 -1.82 -11.25 -5.20
CA GLU C 4952 -1.96 -10.31 -6.32
C GLU C 4952 -1.06 -10.72 -7.48
N ASP C 4953 0.19 -11.11 -7.18
CA ASP C 4953 1.09 -11.56 -8.22
C ASP C 4953 0.57 -12.82 -8.90
N MET C 4954 -0.01 -13.75 -8.12
CA MET C 4954 -0.53 -14.97 -8.71
C MET C 4954 -1.72 -14.68 -9.61
N GLU C 4955 -2.60 -13.77 -9.21
CA GLU C 4955 -3.80 -13.50 -10.00
C GLU C 4955 -3.56 -12.52 -11.15
N THR C 4956 -2.43 -11.82 -11.17
CA THR C 4956 -2.16 -10.86 -12.25
C THR C 4956 -1.19 -11.36 -13.30
N LYS C 4957 -0.42 -12.40 -13.03
CA LYS C 4957 0.56 -12.91 -13.98
C LYS C 4957 0.47 -14.43 -14.05
N CYS C 4958 0.86 -14.96 -15.21
CA CYS C 4958 0.92 -16.42 -15.37
C CYS C 4958 2.19 -16.95 -14.71
N PHE C 4959 2.05 -18.09 -14.02
CA PHE C 4959 3.18 -18.65 -13.30
C PHE C 4959 4.28 -19.11 -14.24
N ILE C 4960 3.91 -19.69 -15.39
CA ILE C 4960 4.89 -20.31 -16.26
C ILE C 4960 5.53 -19.28 -17.19
N CYS C 4961 4.71 -18.51 -17.90
CA CYS C 4961 5.22 -17.61 -18.92
C CYS C 4961 5.42 -16.17 -18.45
N GLY C 4962 4.71 -15.75 -17.40
CA GLY C 4962 4.87 -14.41 -16.87
C GLY C 4962 4.13 -13.33 -17.62
N ILE C 4963 3.37 -13.67 -18.67
CA ILE C 4963 2.60 -12.67 -19.39
C ILE C 4963 1.42 -12.23 -18.53
N GLY C 4964 1.21 -10.92 -18.43
CA GLY C 4964 0.18 -10.39 -17.57
C GLY C 4964 -1.22 -10.76 -18.01
N SER C 4965 -2.14 -10.65 -17.06
CA SER C 4965 -3.54 -10.98 -17.34
C SER C 4965 -4.18 -10.00 -18.31
N ASP C 4966 -3.65 -8.79 -18.42
CA ASP C 4966 -4.24 -7.81 -19.33
C ASP C 4966 -4.16 -8.27 -20.78
N TYR C 4967 -3.12 -9.04 -21.14
CA TYR C 4967 -3.02 -9.56 -22.50
C TYR C 4967 -4.11 -10.59 -22.77
N PHE C 4968 -4.33 -11.51 -21.83
CA PHE C 4968 -5.30 -12.58 -22.04
C PHE C 4968 -6.74 -12.12 -21.85
N ASP C 4969 -6.96 -11.00 -21.19
CA ASP C 4969 -8.32 -10.54 -20.92
C ASP C 4969 -9.01 -9.92 -22.13
N THR C 4970 -8.40 -9.92 -23.32
CA THR C 4970 -9.10 -9.41 -24.50
C THR C 4970 -10.32 -10.26 -24.82
N THR C 4971 -10.13 -11.57 -24.93
CA THR C 4971 -11.25 -12.48 -25.04
C THR C 4971 -11.86 -12.72 -23.66
N PRO C 4972 -13.17 -12.93 -23.58
CA PRO C 4972 -13.80 -13.16 -22.27
C PRO C 4972 -13.23 -14.39 -21.58
N HIS C 4973 -12.96 -14.26 -20.28
CA HIS C 4973 -12.40 -15.32 -19.46
C HIS C 4973 -11.08 -15.85 -20.04
N GLY C 4974 -10.33 -14.98 -20.72
CA GLY C 4974 -9.11 -15.42 -21.37
C GLY C 4974 -8.04 -15.87 -20.39
N PHE C 4975 -7.82 -15.10 -19.33
CA PHE C 4975 -6.79 -15.46 -18.35
C PHE C 4975 -7.16 -16.73 -17.61
N GLU C 4976 -8.43 -16.89 -17.25
CA GLU C 4976 -8.85 -18.10 -16.56
C GLU C 4976 -8.61 -19.33 -17.42
N THR C 4977 -9.02 -19.29 -18.68
CA THR C 4977 -8.80 -20.40 -19.58
C THR C 4977 -7.31 -20.67 -19.76
N HIS C 4978 -6.51 -19.61 -19.96
CA HIS C 4978 -5.08 -19.78 -20.15
C HIS C 4978 -4.45 -20.50 -18.96
N THR C 4979 -4.69 -19.99 -17.75
CA THR C 4979 -4.09 -20.59 -16.56
C THR C 4979 -4.58 -22.00 -16.31
N LEU C 4980 -5.88 -22.25 -16.47
CA LEU C 4980 -6.42 -23.56 -16.12
C LEU C 4980 -6.10 -24.63 -17.16
N GLU C 4981 -5.95 -24.28 -18.44
CA GLU C 4981 -5.72 -25.27 -19.47
C GLU C 4981 -4.35 -25.15 -20.11
N GLU C 4982 -4.01 -23.98 -20.66
CA GLU C 4982 -2.81 -23.87 -21.48
C GLU C 4982 -1.53 -23.97 -20.65
N HIS C 4983 -1.47 -23.24 -19.53
CA HIS C 4983 -0.25 -23.19 -18.75
C HIS C 4983 -0.49 -23.61 -17.30
N ASN C 4984 -1.25 -24.70 -17.11
CA ASN C 4984 -1.52 -25.18 -15.77
C ASN C 4984 -0.27 -25.87 -15.21
N LEU C 4985 0.20 -25.39 -14.05
CA LEU C 4985 1.38 -26.00 -13.43
C LEU C 4985 1.10 -27.44 -13.03
N ALA C 4986 -0.14 -27.74 -12.66
CA ALA C 4986 -0.51 -29.13 -12.38
C ALA C 4986 -0.31 -30.00 -13.61
N ASN C 4987 -0.62 -29.48 -14.79
CA ASN C 4987 -0.39 -30.23 -16.02
C ASN C 4987 1.09 -30.46 -16.25
N TYR C 4988 1.93 -29.48 -15.92
CA TYR C 4988 3.38 -29.68 -16.06
C TYR C 4988 3.87 -30.77 -15.11
N MET C 4989 3.39 -30.76 -13.86
CA MET C 4989 3.77 -31.81 -12.93
C MET C 4989 3.30 -33.18 -13.42
N PHE C 4990 2.07 -33.25 -13.94
CA PHE C 4990 1.56 -34.51 -14.46
C PHE C 4990 2.39 -35.00 -15.63
N PHE C 4991 2.79 -34.09 -16.52
CA PHE C 4991 3.62 -34.48 -17.65
C PHE C 4991 4.98 -34.98 -17.20
N LEU C 4992 5.58 -34.32 -16.20
CA LEU C 4992 6.89 -34.76 -15.72
C LEU C 4992 6.79 -36.13 -15.09
N MET C 4993 5.73 -36.37 -14.31
CA MET C 4993 5.50 -37.70 -13.75
C MET C 4993 5.28 -38.73 -14.85
N TYR C 4994 4.56 -38.34 -15.91
CA TYR C 4994 4.31 -39.22 -17.03
C TYR C 4994 5.61 -39.62 -17.72
N LEU C 4995 6.52 -38.66 -17.88
CA LEU C 4995 7.84 -38.97 -18.43
C LEU C 4995 8.62 -39.91 -17.51
N ILE C 4996 8.56 -39.65 -16.20
CA ILE C 4996 9.35 -40.46 -15.26
C ILE C 4996 8.88 -41.91 -15.26
N ASN C 4997 7.57 -42.13 -15.18
CA ASN C 4997 7.08 -43.50 -15.05
C ASN C 4997 6.92 -44.22 -16.39
N LYS C 4998 7.18 -43.55 -17.51
CA LYS C 4998 7.10 -44.18 -18.83
C LYS C 4998 8.46 -44.70 -19.25
N ASP C 4999 8.46 -45.84 -19.94
CA ASP C 4999 9.71 -46.41 -20.45
C ASP C 4999 10.32 -45.48 -21.50
N GLU C 5000 11.63 -45.28 -21.40
CA GLU C 5000 12.30 -44.31 -22.27
C GLU C 5000 12.30 -44.74 -23.73
N THR C 5001 12.27 -46.05 -23.99
CA THR C 5001 12.29 -46.52 -25.37
C THR C 5001 11.01 -46.15 -26.11
N GLU C 5002 9.91 -45.93 -25.39
CA GLU C 5002 8.63 -45.62 -26.00
C GLU C 5002 8.35 -44.13 -26.09
N HIS C 5003 9.30 -43.29 -25.72
CA HIS C 5003 9.11 -41.85 -25.81
C HIS C 5003 8.96 -41.42 -27.26
N THR C 5004 8.06 -40.47 -27.51
CA THR C 5004 7.90 -39.90 -28.83
C THR C 5004 8.97 -38.82 -29.04
N GLY C 5005 8.83 -38.04 -30.11
CA GLY C 5005 9.85 -37.04 -30.39
C GLY C 5005 9.89 -35.94 -29.34
N GLN C 5006 8.74 -35.31 -29.09
CA GLN C 5006 8.69 -34.26 -28.08
C GLN C 5006 8.98 -34.81 -26.69
N GLU C 5007 8.45 -36.00 -26.38
CA GLU C 5007 8.73 -36.62 -25.09
C GLU C 5007 10.21 -36.87 -24.92
N SER C 5008 10.87 -37.40 -25.95
CA SER C 5008 12.30 -37.65 -25.86
C SER C 5008 13.08 -36.35 -25.72
N TYR C 5009 12.67 -35.31 -26.45
CA TYR C 5009 13.35 -34.02 -26.33
C TYR C 5009 13.25 -33.46 -24.91
N VAL C 5010 12.05 -33.53 -24.33
CA VAL C 5010 11.86 -32.99 -22.98
C VAL C 5010 12.63 -33.84 -21.97
N TRP C 5011 12.64 -35.16 -22.17
CA TRP C 5011 13.40 -36.02 -21.27
C TRP C 5011 14.90 -35.71 -21.34
N LYS C 5012 15.41 -35.50 -22.55
CA LYS C 5012 16.82 -35.14 -22.70
C LYS C 5012 17.12 -33.81 -22.04
N MET C 5013 16.26 -32.81 -22.24
CA MET C 5013 16.46 -31.53 -21.57
C MET C 5013 16.38 -31.66 -20.06
N TYR C 5014 15.57 -32.62 -19.58
CA TYR C 5014 15.56 -32.96 -18.16
C TYR C 5014 16.91 -33.51 -17.71
N GLN C 5015 17.52 -34.36 -18.53
CA GLN C 5015 18.78 -34.99 -18.13
C GLN C 5015 19.88 -33.96 -17.91
N GLU C 5016 19.96 -32.96 -18.79
CA GLU C 5016 20.98 -31.92 -18.63
C GLU C 5016 20.52 -30.75 -17.79
N ARG C 5017 19.31 -30.83 -17.22
CA ARG C 5017 18.77 -29.78 -16.33
C ARG C 5017 18.73 -28.43 -17.04
N CYS C 5018 18.25 -28.42 -18.28
CA CYS C 5018 18.04 -27.19 -19.04
C CYS C 5018 16.54 -26.91 -19.08
N TRP C 5019 16.13 -25.79 -18.52
CA TRP C 5019 14.73 -25.41 -18.42
C TRP C 5019 14.32 -24.42 -19.50
N ASP C 5020 14.91 -24.55 -20.69
CA ASP C 5020 14.54 -23.67 -21.80
C ASP C 5020 13.20 -24.04 -22.40
N PHE C 5021 12.77 -25.30 -22.27
CA PHE C 5021 11.52 -25.72 -22.88
C PHE C 5021 10.30 -25.10 -22.21
N PHE C 5022 10.44 -24.59 -20.99
CA PHE C 5022 9.34 -23.87 -20.37
C PHE C 5022 9.11 -22.55 -21.09
N PRO C 5023 7.92 -22.28 -21.61
CA PRO C 5023 7.70 -21.02 -22.34
C PRO C 5023 7.85 -19.82 -21.42
N ALA C 5024 8.81 -18.96 -21.73
CA ALA C 5024 9.08 -17.75 -20.95
C ALA C 5024 8.78 -16.55 -21.84
N GLY C 5025 7.69 -15.86 -21.52
CA GLY C 5025 7.28 -14.69 -22.28
C GLY C 5025 6.52 -14.98 -23.56
N ASP C 5026 6.31 -16.26 -23.89
CA ASP C 5026 5.63 -16.64 -25.12
C ASP C 5026 4.59 -17.71 -24.80
N CYS C 5027 3.59 -17.81 -25.67
CA CYS C 5027 2.56 -18.83 -25.53
C CYS C 5027 1.99 -19.14 -26.90
N PHE C 5028 1.12 -20.15 -26.93
CA PHE C 5028 0.56 -20.62 -28.20
C PHE C 5028 -0.29 -19.54 -28.86
N ARG C 5029 -1.17 -18.90 -28.09
CA ARG C 5029 -2.06 -17.91 -28.69
C ARG C 5029 -1.32 -16.66 -29.11
N LYS C 5030 -0.29 -16.24 -28.37
CA LYS C 5030 0.47 -15.06 -28.75
C LYS C 5030 1.17 -15.27 -30.09
N GLN C 5031 1.78 -16.44 -30.29
CA GLN C 5031 2.47 -16.71 -31.55
C GLN C 5031 1.51 -16.76 -32.72
N TYR C 5032 0.33 -17.34 -32.52
CA TYR C 5032 -0.63 -17.56 -33.59
C TYR C 5032 -1.86 -16.68 -33.44
N GLU C 5033 -1.67 -15.42 -33.05
CA GLU C 5033 -2.80 -14.49 -32.95
C GLU C 5033 -3.44 -14.26 -34.31
N ASP C 5034 -2.61 -14.14 -35.36
CA ASP C 5034 -3.15 -13.87 -36.70
C ASP C 5034 -4.04 -15.02 -37.18
N GLN C 5035 -3.61 -16.25 -36.96
CA GLN C 5035 -4.40 -17.40 -37.39
C GLN C 5035 -5.62 -17.63 -36.51
N LEU C 5036 -5.52 -17.35 -35.21
CA LEU C 5036 -6.64 -17.57 -34.31
C LEU C 5036 -7.71 -16.50 -34.44
N SER C 5037 -7.32 -15.27 -34.74
CA SER C 5037 -8.28 -14.18 -34.89
C SER C 5037 -8.80 -14.06 -36.32
N ASN D 3950 -66.08 7.96 -41.13
CA ASN D 3950 -65.96 6.88 -42.11
C ASN D 3950 -64.51 6.42 -42.22
N PHE D 3951 -63.59 7.23 -41.70
CA PHE D 3951 -62.17 6.90 -41.72
C PHE D 3951 -61.83 5.75 -40.77
N SER D 3952 -62.77 5.33 -39.93
CA SER D 3952 -62.48 4.31 -38.92
C SER D 3952 -62.04 3.00 -39.56
N LYS D 3953 -62.73 2.58 -40.62
CA LYS D 3953 -62.36 1.32 -41.28
C LYS D 3953 -60.99 1.41 -41.93
N ALA D 3954 -60.69 2.55 -42.57
CA ALA D 3954 -59.38 2.72 -43.20
C ALA D 3954 -58.28 2.70 -42.15
N MET D 3955 -58.47 3.40 -41.03
CA MET D 3955 -57.47 3.37 -39.98
C MET D 3955 -57.34 1.99 -39.35
N SER D 3956 -58.45 1.25 -39.22
CA SER D 3956 -58.39 -0.09 -38.66
C SER D 3956 -57.59 -1.03 -39.56
N VAL D 3957 -57.83 -0.98 -40.87
CA VAL D 3957 -57.10 -1.86 -41.77
C VAL D 3957 -55.64 -1.42 -41.87
N ALA D 3958 -55.38 -0.11 -41.78
CA ALA D 3958 -54.00 0.36 -41.75
C ALA D 3958 -53.29 -0.12 -40.50
N LYS D 3959 -54.00 -0.20 -39.37
CA LYS D 3959 -53.43 -0.75 -38.15
C LYS D 3959 -53.00 -2.20 -38.34
N GLN D 3960 -53.85 -3.01 -38.97
CA GLN D 3960 -53.49 -4.39 -39.23
C GLN D 3960 -52.30 -4.48 -40.18
N VAL D 3961 -52.27 -3.63 -41.20
CA VAL D 3961 -51.16 -3.62 -42.14
C VAL D 3961 -49.85 -3.28 -41.42
N PHE D 3962 -49.90 -2.28 -40.54
CA PHE D 3962 -48.71 -1.88 -39.81
C PHE D 3962 -48.25 -2.97 -38.86
N ASN D 3963 -49.20 -3.64 -38.18
CA ASN D 3963 -48.84 -4.74 -37.30
C ASN D 3963 -48.24 -5.90 -38.07
N SER D 3964 -48.79 -6.21 -39.25
CA SER D 3964 -48.20 -7.26 -40.08
C SER D 3964 -46.80 -6.88 -40.54
N LEU D 3965 -46.60 -5.61 -40.92
CA LEU D 3965 -45.27 -5.16 -41.30
C LEU D 3965 -44.29 -5.30 -40.15
N THR D 3966 -44.73 -4.97 -38.94
CA THR D 3966 -43.89 -5.18 -37.76
C THR D 3966 -43.56 -6.65 -37.58
N GLU D 3967 -44.56 -7.52 -37.75
CA GLU D 3967 -44.34 -8.95 -37.58
C GLU D 3967 -43.34 -9.49 -38.59
N TYR D 3968 -43.38 -8.98 -39.83
CA TYR D 3968 -42.44 -9.45 -40.85
C TYR D 3968 -40.99 -9.10 -40.52
N ILE D 3969 -40.76 -8.15 -39.63
CA ILE D 3969 -39.40 -7.67 -39.40
C ILE D 3969 -39.00 -7.86 -37.93
N GLN D 3970 -39.99 -7.95 -37.04
CA GLN D 3970 -39.68 -8.20 -35.63
C GLN D 3970 -39.03 -9.57 -35.48
N GLY D 3971 -38.13 -9.68 -34.51
CA GLY D 3971 -37.25 -10.82 -34.45
C GLY D 3971 -36.25 -10.72 -35.58
N PRO D 3972 -35.30 -9.77 -35.47
CA PRO D 3972 -34.60 -9.23 -36.64
C PRO D 3972 -34.13 -10.27 -37.65
N CYS D 3973 -34.69 -10.19 -38.85
CA CYS D 3973 -34.25 -10.99 -39.98
C CYS D 3973 -33.55 -10.05 -40.96
N THR D 3974 -32.29 -10.36 -41.27
CA THR D 3974 -31.50 -9.46 -42.11
C THR D 3974 -32.12 -9.28 -43.49
N GLY D 3975 -32.71 -10.33 -44.05
CA GLY D 3975 -33.30 -10.22 -45.38
C GLY D 3975 -34.51 -9.29 -45.40
N ASN D 3976 -35.40 -9.43 -44.41
CA ASN D 3976 -36.61 -8.63 -44.39
C ASN D 3976 -36.31 -7.14 -44.19
N GLN D 3977 -35.33 -6.81 -43.35
CA GLN D 3977 -34.99 -5.41 -43.14
C GLN D 3977 -34.50 -4.74 -44.41
N GLN D 3978 -33.62 -5.42 -45.15
CA GLN D 3978 -33.10 -4.84 -46.39
C GLN D 3978 -34.15 -4.85 -47.48
N SER D 3979 -35.07 -5.82 -47.45
CA SER D 3979 -36.17 -5.81 -48.41
C SER D 3979 -37.10 -4.64 -48.18
N LEU D 3980 -37.42 -4.35 -46.91
CA LEU D 3980 -38.26 -3.20 -46.61
C LEU D 3980 -37.53 -1.89 -46.91
N ALA D 3981 -36.23 -1.83 -46.62
CA ALA D 3981 -35.47 -0.61 -46.91
C ALA D 3981 -35.42 -0.32 -48.40
N HIS D 3982 -35.14 -1.34 -49.20
CA HIS D 3982 -35.07 -1.17 -50.66
C HIS D 3982 -36.43 -1.37 -51.31
N SER D 3983 -37.39 -0.53 -50.92
CA SER D 3983 -38.75 -0.61 -51.45
C SER D 3983 -39.37 0.78 -51.40
N ARG D 3984 -40.66 0.86 -51.73
CA ARG D 3984 -41.39 2.12 -51.71
C ARG D 3984 -42.07 2.38 -50.37
N LEU D 3985 -41.62 1.74 -49.30
CA LEU D 3985 -42.21 1.97 -47.99
C LEU D 3985 -42.01 3.41 -47.54
N TRP D 3986 -40.80 3.94 -47.76
CA TRP D 3986 -40.48 5.29 -47.28
C TRP D 3986 -41.35 6.34 -47.97
N ASP D 3987 -41.62 6.17 -49.26
CA ASP D 3987 -42.60 7.03 -49.93
C ASP D 3987 -43.97 6.84 -49.31
N ALA D 3988 -44.34 5.60 -49.00
CA ALA D 3988 -45.59 5.34 -48.28
C ALA D 3988 -45.49 5.76 -46.82
N VAL D 3989 -44.28 5.81 -46.25
CA VAL D 3989 -44.12 6.30 -44.89
C VAL D 3989 -44.55 7.75 -44.79
N VAL D 3990 -44.12 8.58 -45.74
CA VAL D 3990 -44.62 9.95 -45.75
C VAL D 3990 -45.90 9.95 -46.60
N GLY D 3991 -46.98 9.46 -46.02
CA GLY D 3991 -48.31 9.63 -46.53
C GLY D 3991 -49.23 9.89 -45.35
N PHE D 3992 -48.69 9.67 -44.16
CA PHE D 3992 -49.42 9.74 -42.91
C PHE D 3992 -48.97 10.90 -42.03
N LEU D 3993 -47.67 11.23 -42.02
CA LEU D 3993 -47.19 12.31 -41.19
C LEU D 3993 -47.87 13.63 -41.56
N HIS D 3994 -48.00 13.90 -42.87
CA HIS D 3994 -48.84 15.00 -43.33
C HIS D 3994 -50.23 14.90 -42.73
N VAL D 3995 -50.86 13.73 -42.85
CA VAL D 3995 -52.17 13.51 -42.24
C VAL D 3995 -52.07 13.58 -40.73
N PHE D 3996 -51.11 12.86 -40.14
CA PHE D 3996 -51.00 12.78 -38.68
C PHE D 3996 -50.85 14.15 -38.03
N ALA D 3997 -50.33 15.14 -38.76
CA ALA D 3997 -50.22 16.50 -38.25
C ALA D 3997 -51.45 17.33 -38.58
N HIS D 3998 -51.75 17.49 -39.88
CA HIS D 3998 -52.80 18.42 -40.28
C HIS D 3998 -54.19 17.93 -39.85
N MET D 3999 -54.50 16.65 -40.06
CA MET D 3999 -55.80 16.14 -39.65
C MET D 3999 -55.95 16.14 -38.14
N MET D 4000 -54.88 15.84 -37.38
CA MET D 4000 -55.00 15.92 -35.93
C MET D 4000 -55.27 17.35 -35.47
N MET D 4001 -54.57 18.32 -36.06
CA MET D 4001 -54.82 19.71 -35.67
C MET D 4001 -56.23 20.15 -36.09
N LYS D 4002 -56.74 19.60 -37.19
CA LYS D 4002 -58.11 19.90 -37.60
C LYS D 4002 -59.12 19.31 -36.63
N LEU D 4003 -58.92 18.06 -36.23
CA LEU D 4003 -59.87 17.36 -35.36
C LEU D 4003 -59.77 17.78 -33.90
N ALA D 4004 -58.63 18.34 -33.48
CA ALA D 4004 -58.47 18.71 -32.08
C ALA D 4004 -59.40 19.85 -31.69
N GLN D 4005 -59.63 20.79 -32.60
CA GLN D 4005 -60.48 21.94 -32.30
C GLN D 4005 -61.91 21.50 -32.02
N ASP D 4006 -62.44 20.57 -32.80
CA ASP D 4006 -63.81 20.10 -32.63
C ASP D 4006 -63.84 18.99 -31.59
N SER D 4007 -64.67 19.15 -30.56
CA SER D 4007 -64.74 18.18 -29.49
C SER D 4007 -65.45 16.90 -29.90
N SER D 4008 -66.13 16.89 -31.05
CA SER D 4008 -66.86 15.70 -31.48
C SER D 4008 -65.99 14.70 -32.22
N GLN D 4009 -64.71 15.00 -32.42
CA GLN D 4009 -63.81 14.14 -33.18
C GLN D 4009 -62.84 13.37 -32.29
N ILE D 4010 -63.18 13.15 -31.01
CA ILE D 4010 -62.26 12.54 -30.07
C ILE D 4010 -61.98 11.09 -30.45
N GLU D 4011 -63.02 10.36 -30.89
CA GLU D 4011 -62.82 8.96 -31.27
C GLU D 4011 -61.90 8.83 -32.49
N LEU D 4012 -62.10 9.67 -33.51
CA LEU D 4012 -61.20 9.66 -34.65
C LEU D 4012 -59.80 10.09 -34.24
N LEU D 4013 -59.71 11.02 -33.28
CA LEU D 4013 -58.41 11.42 -32.75
C LEU D 4013 -57.68 10.24 -32.13
N LYS D 4014 -58.39 9.44 -31.32
CA LYS D 4014 -57.78 8.29 -30.67
C LYS D 4014 -57.41 7.21 -31.69
N GLU D 4015 -58.24 7.05 -32.72
CA GLU D 4015 -57.90 6.11 -33.79
C GLU D 4015 -56.61 6.52 -34.50
N LEU D 4016 -56.46 7.82 -34.79
CA LEU D 4016 -55.21 8.28 -35.36
C LEU D 4016 -54.06 8.11 -34.37
N LEU D 4017 -54.35 8.25 -33.06
CA LEU D 4017 -53.32 8.08 -32.04
C LEU D 4017 -52.74 6.66 -32.07
N ASP D 4018 -53.59 5.65 -31.99
CA ASP D 4018 -53.02 4.29 -31.97
C ASP D 4018 -52.53 3.88 -33.36
N LEU D 4019 -53.06 4.50 -34.42
CA LEU D 4019 -52.49 4.26 -35.74
C LEU D 4019 -51.03 4.73 -35.80
N GLN D 4020 -50.75 5.94 -35.31
CA GLN D 4020 -49.36 6.39 -35.33
C GLN D 4020 -48.54 5.66 -34.28
N LYS D 4021 -49.18 5.12 -33.25
CA LYS D 4021 -48.45 4.25 -32.32
C LYS D 4021 -47.94 3.00 -33.02
N ASP D 4022 -48.80 2.35 -33.80
CA ASP D 4022 -48.34 1.22 -34.61
C ASP D 4022 -47.29 1.65 -35.61
N MET D 4023 -47.45 2.83 -36.21
CA MET D 4023 -46.45 3.31 -37.15
C MET D 4023 -45.08 3.49 -36.48
N VAL D 4024 -45.04 4.13 -35.31
CA VAL D 4024 -43.76 4.40 -34.68
C VAL D 4024 -43.13 3.12 -34.15
N VAL D 4025 -43.94 2.17 -33.67
CA VAL D 4025 -43.34 0.91 -33.26
C VAL D 4025 -42.79 0.16 -34.48
N MET D 4026 -43.45 0.28 -35.64
CA MET D 4026 -42.89 -0.32 -36.84
C MET D 4026 -41.55 0.31 -37.21
N LEU D 4027 -41.48 1.65 -37.15
CA LEU D 4027 -40.22 2.32 -37.45
C LEU D 4027 -39.12 1.93 -36.48
N LEU D 4028 -39.45 1.81 -35.19
CA LEU D 4028 -38.47 1.32 -34.23
C LEU D 4028 -38.04 -0.11 -34.54
N SER D 4029 -38.98 -0.95 -34.98
CA SER D 4029 -38.65 -2.33 -35.34
C SER D 4029 -37.71 -2.38 -36.53
N LEU D 4030 -37.87 -1.45 -37.48
CA LEU D 4030 -36.93 -1.39 -38.61
C LEU D 4030 -35.51 -1.10 -38.14
N LEU D 4031 -35.37 -0.33 -37.06
CA LEU D 4031 -34.05 -0.01 -36.51
C LEU D 4031 -33.67 -1.00 -35.42
N GLU D 4032 -33.62 -2.27 -35.81
CA GLU D 4032 -33.25 -3.37 -34.92
C GLU D 4032 -31.97 -4.01 -35.44
N GLY D 4033 -31.01 -4.22 -34.54
CA GLY D 4033 -29.69 -4.64 -34.98
C GLY D 4033 -29.01 -3.59 -35.84
N ASN D 4034 -29.17 -2.32 -35.48
CA ASN D 4034 -28.64 -1.22 -36.28
C ASN D 4034 -27.12 -1.18 -36.23
N VAL D 4035 -26.52 -0.80 -37.36
CA VAL D 4035 -25.08 -0.61 -37.47
C VAL D 4035 -24.83 0.85 -37.83
N VAL D 4036 -23.80 1.44 -37.21
CA VAL D 4036 -23.49 2.84 -37.49
C VAL D 4036 -23.16 3.02 -38.96
N ASN D 4037 -23.69 4.09 -39.55
CA ASN D 4037 -23.55 4.36 -40.98
C ASN D 4037 -24.10 3.20 -41.81
N GLY D 4038 -25.17 2.59 -41.32
CA GLY D 4038 -25.81 1.53 -42.07
C GLY D 4038 -26.78 2.07 -43.11
N MET D 4039 -27.16 1.20 -44.06
CA MET D 4039 -28.06 1.61 -45.11
C MET D 4039 -29.42 2.04 -44.55
N ILE D 4040 -29.96 1.27 -43.60
CA ILE D 4040 -31.23 1.62 -43.01
C ILE D 4040 -31.11 2.89 -42.16
N ALA D 4041 -30.01 3.03 -41.42
CA ALA D 4041 -29.82 4.22 -40.59
C ALA D 4041 -29.70 5.47 -41.45
N ARG D 4042 -28.92 5.40 -42.53
CA ARG D 4042 -28.78 6.56 -43.40
C ARG D 4042 -30.07 6.84 -44.17
N GLN D 4043 -30.86 5.81 -44.45
CA GLN D 4043 -32.12 6.01 -45.15
C GLN D 4043 -33.19 6.58 -44.24
N MET D 4044 -33.08 6.33 -42.93
CA MET D 4044 -34.02 6.91 -41.97
C MET D 4044 -33.93 8.44 -41.94
N VAL D 4045 -32.71 8.97 -41.88
CA VAL D 4045 -32.54 10.41 -41.71
C VAL D 4045 -33.01 11.15 -42.97
N ASP D 4046 -32.85 10.54 -44.15
CA ASP D 4046 -33.39 11.17 -45.36
C ASP D 4046 -34.89 11.36 -45.26
N MET D 4047 -35.61 10.28 -44.93
CA MET D 4047 -37.06 10.37 -44.78
C MET D 4047 -37.44 11.37 -43.71
N LEU D 4048 -36.66 11.44 -42.63
CA LEU D 4048 -36.92 12.44 -41.59
C LEU D 4048 -36.77 13.86 -42.13
N VAL D 4049 -35.76 14.07 -42.99
CA VAL D 4049 -35.50 15.41 -43.51
C VAL D 4049 -36.60 15.82 -44.49
N GLU D 4050 -37.02 14.92 -45.38
CA GLU D 4050 -38.00 15.30 -46.39
C GLU D 4050 -39.33 15.74 -45.77
N SER D 4051 -39.64 15.23 -44.59
CA SER D 4051 -40.88 15.58 -43.89
C SER D 4051 -40.59 16.17 -42.52
N SER D 4052 -39.57 17.03 -42.43
CA SER D 4052 -39.18 17.61 -41.15
C SER D 4052 -40.27 18.50 -40.58
N SER D 4053 -40.92 19.31 -41.42
CA SER D 4053 -41.96 20.21 -40.93
C SER D 4053 -43.12 19.42 -40.32
N ASN D 4054 -43.49 18.30 -40.94
CA ASN D 4054 -44.52 17.45 -40.36
C ASN D 4054 -44.08 16.91 -39.01
N VAL D 4055 -42.79 16.57 -38.87
CA VAL D 4055 -42.28 16.09 -37.59
C VAL D 4055 -42.39 17.17 -36.52
N GLU D 4056 -41.99 18.40 -36.86
CA GLU D 4056 -42.09 19.49 -35.89
C GLU D 4056 -43.55 19.75 -35.50
N MET D 4057 -44.46 19.66 -36.47
CA MET D 4057 -45.86 19.93 -36.18
C MET D 4057 -46.50 18.81 -35.39
N ILE D 4058 -46.04 17.57 -35.61
CA ILE D 4058 -46.61 16.42 -34.90
C ILE D 4058 -46.07 16.34 -33.48
N LEU D 4059 -44.82 16.79 -33.26
CA LEU D 4059 -44.23 16.74 -31.93
C LEU D 4059 -44.96 17.65 -30.96
N LYS D 4060 -45.29 18.86 -31.40
CA LYS D 4060 -45.94 19.83 -30.51
C LYS D 4060 -47.45 19.82 -30.74
N PRO D 4176 -34.20 11.30 -19.34
CA PRO D 4176 -34.73 11.13 -17.98
C PRO D 4176 -35.48 9.81 -17.81
N TYR D 4177 -36.24 9.41 -18.83
CA TYR D 4177 -36.94 8.13 -18.82
C TYR D 4177 -36.32 7.11 -19.76
N LEU D 4178 -35.46 7.54 -20.69
CA LEU D 4178 -34.83 6.60 -21.61
C LEU D 4178 -33.84 5.72 -20.88
N GLY D 4179 -33.85 4.43 -21.21
CA GLY D 4179 -32.90 3.49 -20.65
C GLY D 4179 -32.04 2.85 -21.73
N ARG D 4180 -30.74 3.10 -21.67
CA ARG D 4180 -29.82 2.63 -22.70
C ARG D 4180 -28.89 1.57 -22.13
N ILE D 4181 -28.87 0.40 -22.76
CA ILE D 4181 -27.95 -0.68 -22.40
C ILE D 4181 -27.37 -1.25 -23.68
N GLU D 4182 -26.29 -2.00 -23.52
CA GLU D 4182 -25.61 -2.67 -24.64
C GLU D 4182 -25.50 -4.15 -24.33
N ILE D 4183 -25.85 -4.99 -25.29
CA ILE D 4183 -25.80 -6.44 -25.13
C ILE D 4183 -25.03 -7.04 -26.29
N MET D 4184 -24.67 -8.32 -26.14
CA MET D 4184 -24.10 -9.13 -27.21
C MET D 4184 -25.26 -9.92 -27.83
N GLY D 4185 -25.71 -9.49 -29.00
CA GLY D 4185 -26.83 -10.12 -29.65
C GLY D 4185 -26.47 -11.46 -30.25
N ALA D 4186 -27.45 -12.03 -30.96
CA ALA D 4186 -27.26 -13.32 -31.61
C ALA D 4186 -26.23 -13.27 -32.73
N SER D 4187 -25.87 -12.08 -33.21
CA SER D 4187 -24.88 -11.91 -34.25
C SER D 4187 -23.47 -11.72 -33.70
N ARG D 4188 -23.28 -11.89 -32.38
CA ARG D 4188 -21.99 -11.71 -31.72
C ARG D 4188 -21.46 -10.28 -31.91
N ARG D 4189 -22.37 -9.33 -32.05
CA ARG D 4189 -22.02 -7.93 -32.25
C ARG D 4189 -22.77 -7.08 -31.23
N ILE D 4190 -22.10 -6.06 -30.69
CA ILE D 4190 -22.69 -5.24 -29.63
C ILE D 4190 -23.84 -4.42 -30.20
N GLU D 4191 -24.99 -4.49 -29.55
CA GLU D 4191 -26.17 -3.72 -29.95
C GLU D 4191 -26.67 -2.91 -28.75
N ARG D 4192 -27.28 -1.77 -29.05
CA ARG D 4192 -27.81 -0.88 -28.02
C ARG D 4192 -29.32 -1.01 -27.96
N ILE D 4193 -29.85 -1.12 -26.74
CA ILE D 4193 -31.29 -1.29 -26.52
C ILE D 4193 -31.81 -0.07 -25.78
N TYR D 4194 -32.92 0.47 -26.26
CA TYR D 4194 -33.61 1.57 -25.62
C TYR D 4194 -34.98 1.10 -25.14
N PHE D 4195 -35.32 1.46 -23.91
CA PHE D 4195 -36.59 1.07 -23.33
C PHE D 4195 -37.11 2.23 -22.48
N GLU D 4196 -38.14 1.97 -21.70
CA GLU D 4196 -38.81 3.00 -20.91
C GLU D 4196 -38.68 2.68 -19.43
N ILE D 4197 -38.42 3.72 -18.63
CA ILE D 4197 -38.31 3.60 -17.18
C ILE D 4197 -39.39 4.48 -16.56
N SER D 4198 -40.18 3.90 -15.67
CA SER D 4198 -41.26 4.63 -15.00
C SER D 4198 -40.69 5.52 -13.89
N GLU D 4199 -41.48 6.52 -13.51
CA GLU D 4199 -41.06 7.42 -12.45
C GLU D 4199 -40.96 6.70 -11.12
N THR D 4200 -41.89 5.78 -10.84
CA THR D 4200 -41.88 5.08 -9.56
C THR D 4200 -40.62 4.23 -9.40
N ASN D 4201 -40.21 3.54 -10.48
CA ASN D 4201 -39.03 2.70 -10.40
C ASN D 4201 -37.78 3.53 -10.10
N ARG D 4202 -37.62 4.66 -10.80
CA ARG D 4202 -36.48 5.52 -10.54
C ARG D 4202 -36.52 6.08 -9.12
N ALA D 4203 -37.71 6.50 -8.67
CA ALA D 4203 -37.83 7.04 -7.32
C ALA D 4203 -37.45 6.01 -6.27
N GLN D 4204 -37.89 4.76 -6.46
CA GLN D 4204 -37.51 3.71 -5.54
C GLN D 4204 -36.01 3.40 -5.62
N TRP D 4205 -35.44 3.54 -6.81
CA TRP D 4205 -34.01 3.32 -6.97
C TRP D 4205 -33.19 4.35 -6.20
N GLU D 4206 -33.65 5.61 -6.18
CA GLU D 4206 -32.92 6.65 -5.46
C GLU D 4206 -33.18 6.64 -3.96
N MET D 4207 -34.00 5.73 -3.46
CA MET D 4207 -34.28 5.68 -2.03
C MET D 4207 -33.01 5.32 -1.26
N PRO D 4208 -32.81 5.89 -0.07
CA PRO D 4208 -31.56 5.64 0.67
C PRO D 4208 -31.33 4.19 1.03
N GLN D 4209 -32.38 3.43 1.37
CA GLN D 4209 -32.18 2.03 1.73
C GLN D 4209 -31.74 1.22 0.52
N VAL D 4210 -32.28 1.51 -0.66
CA VAL D 4210 -31.84 0.85 -1.87
C VAL D 4210 -30.40 1.21 -2.19
N LYS D 4211 -30.02 2.47 -1.92
CA LYS D 4211 -28.63 2.89 -2.11
C LYS D 4211 -27.70 2.11 -1.19
N GLU D 4212 -28.10 1.92 0.08
CA GLU D 4212 -27.28 1.16 1.01
C GLU D 4212 -27.17 -0.30 0.58
N SER D 4213 -28.27 -0.88 0.10
CA SER D 4213 -28.22 -2.25 -0.41
C SER D 4213 -27.27 -2.36 -1.60
N LYS D 4214 -27.32 -1.37 -2.51
CA LYS D 4214 -26.41 -1.37 -3.65
C LYS D 4214 -24.96 -1.27 -3.20
N ARG D 4215 -24.67 -0.39 -2.24
CA ARG D 4215 -23.30 -0.25 -1.75
C ARG D 4215 -22.81 -1.53 -1.12
N GLN D 4216 -23.66 -2.18 -0.31
CA GLN D 4216 -23.27 -3.44 0.30
C GLN D 4216 -23.01 -4.51 -0.75
N PHE D 4217 -23.88 -4.59 -1.77
CA PHE D 4217 -23.68 -5.57 -2.83
C PHE D 4217 -22.38 -5.31 -3.59
N ILE D 4218 -22.10 -4.05 -3.89
CA ILE D 4218 -20.88 -3.70 -4.62
C ILE D 4218 -19.65 -4.10 -3.81
N PHE D 4219 -19.66 -3.78 -2.51
CA PHE D 4219 -18.54 -4.15 -1.67
C PHE D 4219 -18.38 -5.66 -1.60
N ASP D 4220 -19.49 -6.39 -1.46
CA ASP D 4220 -19.42 -7.84 -1.37
C ASP D 4220 -18.83 -8.45 -2.63
N VAL D 4221 -19.25 -7.96 -3.79
CA VAL D 4221 -18.77 -8.53 -5.05
C VAL D 4221 -17.31 -8.18 -5.28
N VAL D 4222 -16.94 -6.91 -5.06
CA VAL D 4222 -15.59 -6.48 -5.37
C VAL D 4222 -14.58 -7.10 -4.40
N ASN D 4223 -14.91 -7.12 -3.11
CA ASN D 4223 -13.96 -7.61 -2.12
C ASN D 4223 -13.76 -9.12 -2.23
N GLU D 4224 -14.83 -9.89 -2.02
CA GLU D 4224 -14.78 -11.35 -2.06
C GLU D 4224 -15.79 -11.84 -3.11
N GLY D 4225 -15.31 -11.96 -4.35
CA GLY D 4225 -16.15 -12.44 -5.43
C GLY D 4225 -15.29 -12.97 -6.57
N GLY D 4226 -15.95 -13.71 -7.45
CA GLY D 4226 -15.30 -14.27 -8.62
C GLY D 4226 -15.84 -13.64 -9.89
N GLU D 4227 -14.96 -13.49 -10.89
CA GLU D 4227 -15.38 -12.89 -12.15
C GLU D 4227 -16.32 -13.81 -12.92
N ALA D 4228 -16.13 -15.13 -12.80
CA ALA D 4228 -17.00 -16.07 -13.49
C ALA D 4228 -18.44 -15.99 -12.99
N GLU D 4229 -18.62 -15.86 -11.68
CA GLU D 4229 -19.93 -15.83 -11.07
C GLU D 4229 -20.40 -14.42 -10.71
N LYS D 4230 -19.68 -13.39 -11.17
CA LYS D 4230 -20.08 -12.02 -10.85
C LYS D 4230 -21.45 -11.70 -11.46
N MET D 4231 -21.69 -12.14 -12.71
CA MET D 4231 -22.94 -11.82 -13.38
C MET D 4231 -24.12 -12.51 -12.71
N GLU D 4232 -23.94 -13.75 -12.25
CA GLU D 4232 -25.00 -14.45 -11.53
C GLU D 4232 -25.38 -13.70 -10.26
N LEU D 4233 -24.37 -13.26 -9.49
CA LEU D 4233 -24.64 -12.50 -8.28
C LEU D 4233 -25.32 -11.19 -8.60
N PHE D 4234 -24.89 -10.52 -9.68
CA PHE D 4234 -25.50 -9.25 -10.07
C PHE D 4234 -26.97 -9.45 -10.44
N VAL D 4235 -27.29 -10.51 -11.18
CA VAL D 4235 -28.67 -10.75 -11.57
C VAL D 4235 -29.52 -11.10 -10.35
N SER D 4236 -28.96 -11.89 -9.42
CA SER D 4236 -29.70 -12.20 -8.20
C SER D 4236 -29.97 -10.94 -7.38
N PHE D 4237 -28.98 -10.04 -7.30
CA PHE D 4237 -29.18 -8.78 -6.58
C PHE D 4237 -30.23 -7.92 -7.27
N CYS D 4238 -30.23 -7.91 -8.60
CA CYS D 4238 -31.26 -7.16 -9.33
C CYS D 4238 -32.64 -7.73 -9.05
N GLU D 4239 -32.77 -9.06 -9.01
CA GLU D 4239 -34.05 -9.68 -8.69
C GLU D 4239 -34.51 -9.30 -7.29
N ASP D 4240 -33.59 -9.34 -6.32
CA ASP D 4240 -33.94 -8.96 -4.96
C ASP D 4240 -34.38 -7.50 -4.90
N THR D 4241 -33.69 -6.61 -5.61
CA THR D 4241 -34.06 -5.21 -5.63
C THR D 4241 -35.43 -5.01 -6.27
N ILE D 4242 -35.73 -5.75 -7.33
CA ILE D 4242 -37.03 -5.63 -7.99
C ILE D 4242 -38.14 -6.10 -7.06
N PHE D 4243 -37.91 -7.19 -6.34
CA PHE D 4243 -38.93 -7.66 -5.39
C PHE D 4243 -39.11 -6.65 -4.26
N GLU D 4244 -38.02 -6.05 -3.78
CA GLU D 4244 -38.13 -4.97 -2.80
C GLU D 4244 -38.97 -3.82 -3.33
N MET D 4245 -38.73 -3.42 -4.58
CA MET D 4245 -39.52 -2.36 -5.18
C MET D 4245 -41.00 -2.75 -5.24
N GLN D 4246 -41.29 -3.99 -5.62
CA GLN D 4246 -42.67 -4.43 -5.73
C GLN D 4246 -43.38 -4.38 -4.38
N ILE D 4247 -42.76 -4.92 -3.33
CA ILE D 4247 -43.42 -4.95 -2.03
C ILE D 4247 -43.52 -3.54 -1.45
N ALA D 4248 -42.51 -2.69 -1.69
CA ALA D 4248 -42.59 -1.32 -1.23
C ALA D 4248 -43.72 -0.56 -1.91
N ALA D 4249 -43.92 -0.79 -3.21
CA ALA D 4249 -45.07 -0.19 -3.90
C ALA D 4249 -46.37 -0.73 -3.35
N GLN D 4250 -46.42 -2.03 -3.05
CA GLN D 4250 -47.64 -2.62 -2.51
C GLN D 4250 -48.01 -2.02 -1.17
N ILE D 4251 -47.03 -1.83 -0.29
CA ILE D 4251 -47.31 -1.31 1.06
C ILE D 4251 -47.47 0.20 1.10
N SER D 4252 -47.12 0.90 0.02
CA SER D 4252 -47.21 2.35 0.03
C SER D 4252 -48.66 2.80 0.13
N GLU D 4253 -48.89 3.83 0.95
CA GLU D 4253 -50.24 4.36 1.17
C GLU D 4253 -50.36 5.75 0.55
N PRO D 4254 -51.31 5.96 -0.37
CA PRO D 4254 -51.53 7.26 -1.00
C PRO D 4254 -52.11 8.29 -0.04
N PHE D 4540 -69.62 -6.86 9.40
CA PHE D 4540 -68.46 -6.29 10.06
C PHE D 4540 -67.17 -6.84 9.45
N TRP D 4541 -67.31 -7.85 8.60
CA TRP D 4541 -66.14 -8.43 7.93
C TRP D 4541 -65.61 -7.54 6.82
N GLY D 4542 -66.46 -6.72 6.21
CA GLY D 4542 -66.01 -5.84 5.15
C GLY D 4542 -65.01 -4.81 5.64
N GLU D 4543 -65.33 -4.15 6.76
CA GLU D 4543 -64.41 -3.18 7.34
C GLU D 4543 -63.18 -3.84 7.96
N LEU D 4544 -63.30 -5.11 8.36
CA LEU D 4544 -62.19 -5.79 9.01
C LEU D 4544 -60.98 -5.88 8.10
N GLU D 4545 -61.19 -6.30 6.84
CA GLU D 4545 -60.08 -6.43 5.91
C GLU D 4545 -59.44 -5.07 5.62
N VAL D 4546 -60.26 -4.03 5.42
CA VAL D 4546 -59.74 -2.71 5.12
C VAL D 4546 -58.89 -2.20 6.29
N GLN D 4547 -59.42 -2.29 7.50
CA GLN D 4547 -58.68 -1.82 8.67
C GLN D 4547 -57.41 -2.62 8.89
N ARG D 4548 -57.47 -3.94 8.71
CA ARG D 4548 -56.29 -4.78 8.91
C ARG D 4548 -55.20 -4.44 7.90
N VAL D 4549 -55.58 -4.28 6.63
CA VAL D 4549 -54.59 -3.96 5.61
C VAL D 4549 -54.00 -2.58 5.85
N LYS D 4550 -54.82 -1.60 6.22
CA LYS D 4550 -54.31 -0.27 6.50
C LYS D 4550 -53.34 -0.30 7.67
N PHE D 4551 -53.69 -1.02 8.74
CA PHE D 4551 -52.82 -1.13 9.90
C PHE D 4551 -51.50 -1.78 9.54
N LEU D 4552 -51.56 -2.87 8.77
CA LEU D 4552 -50.35 -3.60 8.43
C LEU D 4552 -49.44 -2.76 7.52
N ASN D 4553 -50.03 -2.03 6.57
CA ASN D 4553 -49.23 -1.15 5.72
C ASN D 4553 -48.62 -0.01 6.52
N TYR D 4554 -49.37 0.53 7.48
CA TYR D 4554 -48.83 1.58 8.35
C TYR D 4554 -47.65 1.07 9.15
N LEU D 4555 -47.75 -0.15 9.67
CA LEU D 4555 -46.63 -0.75 10.39
C LEU D 4555 -45.44 -1.00 9.47
N SER D 4556 -45.71 -1.48 8.25
CA SER D 4556 -44.61 -1.80 7.33
C SER D 4556 -43.87 -0.54 6.88
N ARG D 4557 -44.60 0.56 6.69
CA ARG D 4557 -43.95 1.79 6.24
C ARG D 4557 -42.97 2.32 7.29
N ASN D 4558 -43.33 2.24 8.56
CA ASN D 4558 -42.53 2.80 9.65
C ASN D 4558 -41.85 1.75 10.51
N PHE D 4559 -41.31 0.69 9.89
CA PHE D 4559 -40.59 -0.32 10.66
C PHE D 4559 -39.37 0.29 11.35
N TYR D 4560 -38.58 1.06 10.60
CA TYR D 4560 -37.37 1.64 11.18
C TYR D 4560 -37.70 2.75 12.18
N THR D 4561 -38.80 3.48 11.96
CA THR D 4561 -39.24 4.45 12.95
C THR D 4561 -39.61 3.76 14.25
N LEU D 4562 -40.29 2.62 14.17
CA LEU D 4562 -40.61 1.86 15.39
C LEU D 4562 -39.37 1.29 16.04
N ARG D 4563 -38.38 0.87 15.26
CA ARG D 4563 -37.12 0.40 15.84
C ARG D 4563 -36.43 1.52 16.61
N PHE D 4564 -36.38 2.72 16.01
CA PHE D 4564 -35.77 3.86 16.70
C PHE D 4564 -36.56 4.24 17.95
N LEU D 4565 -37.89 4.15 17.88
CA LEU D 4565 -38.71 4.43 19.06
C LEU D 4565 -38.42 3.43 20.16
N ALA D 4566 -38.26 2.15 19.81
CA ALA D 4566 -37.92 1.15 20.82
C ALA D 4566 -36.57 1.45 21.45
N LEU D 4567 -35.60 1.86 20.62
CA LEU D 4567 -34.29 2.20 21.16
C LEU D 4567 -34.37 3.38 22.12
N PHE D 4568 -35.12 4.42 21.74
CA PHE D 4568 -35.28 5.58 22.60
C PHE D 4568 -35.98 5.20 23.90
N LEU D 4569 -36.99 4.32 23.83
CA LEU D 4569 -37.66 3.87 25.04
C LEU D 4569 -36.72 3.07 25.93
N ALA D 4570 -35.82 2.30 25.32
CA ALA D 4570 -34.81 1.60 26.12
C ALA D 4570 -33.93 2.57 26.88
N PHE D 4571 -33.47 3.64 26.21
CA PHE D 4571 -32.69 4.64 26.92
C PHE D 4571 -33.50 5.30 28.03
N ALA D 4572 -34.77 5.62 27.76
CA ALA D 4572 -35.60 6.26 28.78
C ALA D 4572 -35.79 5.35 30.00
N ILE D 4573 -36.07 4.07 29.76
CA ILE D 4573 -36.29 3.15 30.87
C ILE D 4573 -35.01 2.96 31.67
N ASN D 4574 -33.87 2.83 30.98
CA ASN D 4574 -32.61 2.68 31.70
C ASN D 4574 -32.26 3.92 32.50
N PHE D 4575 -32.53 5.11 31.95
CA PHE D 4575 -32.31 6.33 32.71
C PHE D 4575 -33.19 6.38 33.95
N ILE D 4576 -34.45 5.93 33.82
CA ILE D 4576 -35.32 5.87 35.00
C ILE D 4576 -34.76 4.89 36.02
N LEU D 4577 -34.32 3.72 35.57
CA LEU D 4577 -33.73 2.72 36.46
C LEU D 4577 -32.46 3.21 37.13
N LEU D 4578 -31.78 4.18 36.54
CA LEU D 4578 -30.62 4.79 37.18
C LEU D 4578 -30.95 5.51 38.50
N PHE D 4579 -32.21 5.60 38.93
CA PHE D 4579 -32.57 6.27 40.18
C PHE D 4579 -33.00 5.27 41.24
N TYR D 4580 -32.52 4.04 41.15
CA TYR D 4580 -32.94 2.97 42.03
C TYR D 4580 -32.09 2.93 43.29
N LYS D 4581 -32.72 2.55 44.40
CA LYS D 4581 -32.03 2.27 45.66
C LYS D 4581 -32.63 1.00 46.26
N VAL D 4582 -31.86 0.36 47.14
CA VAL D 4582 -32.32 -0.86 47.82
C VAL D 4582 -32.22 -0.63 49.32
N SER D 4583 -33.21 -1.14 50.06
CA SER D 4583 -33.24 -1.01 51.51
C SER D 4583 -33.92 -2.23 52.11
N ASP D 4584 -33.57 -2.51 53.36
CA ASP D 4584 -34.23 -3.58 54.10
C ASP D 4584 -35.62 -3.15 54.58
N SER D 4585 -35.76 -1.89 54.98
CA SER D 4585 -37.04 -1.36 55.40
C SER D 4585 -37.95 -1.12 54.19
N PRO D 4586 -39.27 -1.11 54.40
CA PRO D 4586 -40.19 -0.84 53.28
C PRO D 4586 -39.96 0.56 52.71
N PRO D 4587 -40.13 0.72 51.40
CA PRO D 4587 -40.01 1.99 50.65
C PRO D 4587 -40.63 3.19 51.36
N ASN D 4626 -31.92 -11.21 55.50
CA ASN D 4626 -33.03 -10.27 55.60
C ASN D 4626 -33.72 -10.07 54.26
N MET D 4627 -35.00 -9.74 54.29
CA MET D 4627 -35.73 -9.45 53.06
C MET D 4627 -35.23 -8.15 52.45
N VAL D 4628 -35.13 -8.13 51.12
CA VAL D 4628 -34.69 -6.97 50.37
C VAL D 4628 -35.84 -6.48 49.51
N TYR D 4629 -36.09 -5.17 49.56
CA TYR D 4629 -37.17 -4.54 48.81
C TYR D 4629 -36.58 -3.74 47.65
N TYR D 4630 -37.19 -3.88 46.48
CA TYR D 4630 -36.70 -3.27 45.25
C TYR D 4630 -37.61 -2.07 44.94
N PHE D 4631 -37.18 -0.88 45.36
CA PHE D 4631 -37.98 0.33 45.25
C PHE D 4631 -37.18 1.42 44.56
N LEU D 4632 -37.87 2.26 43.79
CA LEU D 4632 -37.22 3.36 43.09
C LEU D 4632 -37.45 4.64 43.88
N GLU D 4633 -36.37 5.31 44.29
CA GLU D 4633 -36.45 6.46 45.18
C GLU D 4633 -35.99 7.71 44.45
N GLU D 4634 -36.83 8.74 44.46
CA GLU D 4634 -36.49 10.04 43.88
C GLU D 4634 -37.46 11.08 44.42
N SER D 4635 -37.20 12.34 44.09
CA SER D 4635 -37.88 13.46 44.72
C SER D 4635 -39.16 13.88 44.00
N THR D 4636 -39.15 13.89 42.66
CA THR D 4636 -40.28 14.44 41.91
C THR D 4636 -41.56 13.66 42.15
N GLY D 4637 -41.47 12.34 42.19
CA GLY D 4637 -42.64 11.49 42.33
C GLY D 4637 -43.29 11.08 41.04
N TYR D 4638 -42.87 11.64 39.91
CA TYR D 4638 -43.43 11.29 38.61
C TYR D 4638 -42.66 10.19 37.89
N MET D 4639 -41.60 9.67 38.50
CA MET D 4639 -40.76 8.71 37.78
C MET D 4639 -41.40 7.33 37.68
N GLU D 4640 -42.09 6.88 38.73
CA GLU D 4640 -42.68 5.54 38.66
C GLU D 4640 -43.86 5.46 37.68
N PRO D 4641 -44.77 6.44 37.58
CA PRO D 4641 -45.78 6.34 36.52
C PRO D 4641 -45.14 6.34 35.14
N ALA D 4642 -44.09 7.15 34.97
CA ALA D 4642 -43.38 7.18 33.70
C ALA D 4642 -42.77 5.83 33.38
N LEU D 4643 -42.16 5.19 34.38
CA LEU D 4643 -41.55 3.88 34.16
C LEU D 4643 -42.61 2.84 33.78
N TRP D 4644 -43.73 2.83 34.50
CA TRP D 4644 -44.78 1.87 34.21
C TRP D 4644 -45.33 2.06 32.79
N CYS D 4645 -45.69 3.30 32.46
CA CYS D 4645 -46.23 3.58 31.13
C CYS D 4645 -45.22 3.27 30.05
N LEU D 4646 -43.95 3.61 30.28
CA LEU D 4646 -42.91 3.37 29.28
C LEU D 4646 -42.68 1.89 29.07
N SER D 4647 -42.76 1.08 30.12
CA SER D 4647 -42.58 -0.37 29.95
C SER D 4647 -43.75 -0.97 29.18
N LEU D 4648 -44.99 -0.64 29.57
CA LEU D 4648 -46.13 -1.17 28.83
C LEU D 4648 -46.17 -0.65 27.40
N LEU D 4649 -45.61 0.53 27.15
CA LEU D 4649 -45.52 1.03 25.78
C LEU D 4649 -44.40 0.35 25.01
N HIS D 4650 -43.28 0.05 25.66
CA HIS D 4650 -42.15 -0.57 24.98
C HIS D 4650 -42.46 -1.99 24.57
N THR D 4651 -43.20 -2.73 25.40
CA THR D 4651 -43.60 -4.08 24.99
C THR D 4651 -44.46 -4.04 23.74
N LEU D 4652 -45.42 -3.10 23.70
CA LEU D 4652 -46.27 -2.95 22.53
C LEU D 4652 -45.45 -2.53 21.31
N VAL D 4653 -44.48 -1.65 21.51
CA VAL D 4653 -43.64 -1.21 20.40
C VAL D 4653 -42.83 -2.37 19.84
N ALA D 4654 -42.31 -3.23 20.72
CA ALA D 4654 -41.57 -4.41 20.25
C ALA D 4654 -42.49 -5.36 19.49
N PHE D 4655 -43.71 -5.56 19.98
CA PHE D 4655 -44.66 -6.40 19.25
C PHE D 4655 -44.96 -5.82 17.87
N LEU D 4656 -45.16 -4.52 17.79
CA LEU D 4656 -45.40 -3.87 16.50
C LEU D 4656 -44.19 -3.99 15.59
N CYS D 4657 -42.99 -3.93 16.17
CA CYS D 4657 -41.77 -4.10 15.38
C CYS D 4657 -41.72 -5.50 14.77
N ILE D 4658 -42.06 -6.52 15.55
CA ILE D 4658 -42.05 -7.88 15.02
C ILE D 4658 -43.10 -8.03 13.91
N ILE D 4659 -44.30 -7.48 14.12
CA ILE D 4659 -45.33 -7.57 13.10
C ILE D 4659 -44.90 -6.87 11.81
N GLY D 4660 -44.31 -5.68 11.95
CA GLY D 4660 -43.82 -4.98 10.77
C GLY D 4660 -42.71 -5.71 10.06
N TYR D 4661 -41.82 -6.35 10.81
CA TYR D 4661 -40.77 -7.17 10.21
C TYR D 4661 -41.37 -8.32 9.43
N ASN D 4662 -42.38 -8.98 10.01
CA ASN D 4662 -43.03 -10.09 9.32
C ASN D 4662 -43.68 -9.61 8.02
N CYS D 4663 -44.34 -8.45 8.06
CA CYS D 4663 -45.03 -7.97 6.88
C CYS D 4663 -44.13 -7.27 5.88
N LEU D 4664 -42.88 -6.98 6.24
CA LEU D 4664 -41.97 -6.25 5.37
C LEU D 4664 -40.77 -7.08 4.91
N LYS D 4665 -40.03 -7.68 5.83
CA LYS D 4665 -38.77 -8.33 5.49
C LYS D 4665 -38.89 -9.83 5.26
N VAL D 4666 -39.90 -10.48 5.87
CA VAL D 4666 -40.09 -11.91 5.63
C VAL D 4666 -40.34 -12.23 4.17
N PRO D 4667 -41.15 -11.47 3.41
CA PRO D 4667 -41.34 -11.80 1.99
C PRO D 4667 -40.06 -11.88 1.20
N LEU D 4668 -39.06 -11.04 1.50
CA LEU D 4668 -37.78 -11.16 0.81
C LEU D 4668 -37.13 -12.52 1.08
N VAL D 4669 -37.15 -12.96 2.34
CA VAL D 4669 -36.55 -14.24 2.68
C VAL D 4669 -37.28 -15.38 1.99
N ILE D 4670 -38.61 -15.34 1.99
CA ILE D 4670 -39.38 -16.39 1.34
C ILE D 4670 -39.11 -16.40 -0.16
N PHE D 4671 -39.06 -15.22 -0.78
CA PHE D 4671 -38.79 -15.14 -2.21
C PHE D 4671 -37.41 -15.69 -2.55
N LYS D 4672 -36.40 -15.32 -1.75
CA LYS D 4672 -35.06 -15.83 -2.00
C LYS D 4672 -34.99 -17.34 -1.84
N ARG D 4673 -35.63 -17.88 -0.80
CA ARG D 4673 -35.61 -19.32 -0.58
C ARG D 4673 -36.30 -20.05 -1.73
N GLU D 4674 -37.46 -19.57 -2.16
CA GLU D 4674 -38.15 -20.20 -3.27
C GLU D 4674 -37.35 -20.09 -4.56
N LYS D 4675 -36.68 -18.96 -4.77
CA LYS D 4675 -35.87 -18.77 -5.97
C LYS D 4675 -34.72 -19.78 -6.01
N GLU D 4676 -33.96 -19.88 -4.92
CA GLU D 4676 -32.85 -20.84 -4.89
C GLU D 4676 -33.37 -22.27 -5.03
N LEU D 4677 -34.50 -22.59 -4.39
CA LEU D 4677 -35.03 -23.94 -4.51
C LEU D 4677 -35.46 -24.25 -5.94
N ALA D 4678 -36.10 -23.30 -6.62
CA ALA D 4678 -36.51 -23.53 -7.99
C ALA D 4678 -35.31 -23.69 -8.92
N ARG D 4679 -34.27 -22.87 -8.72
CA ARG D 4679 -33.07 -23.02 -9.54
C ARG D 4679 -32.36 -24.35 -9.28
N LYS D 4680 -32.34 -24.80 -8.02
CA LYS D 4680 -31.77 -26.11 -7.72
C LYS D 4680 -32.58 -27.23 -8.35
N LEU D 4681 -33.90 -27.10 -8.33
CA LEU D 4681 -34.74 -28.12 -8.95
C LEU D 4681 -34.53 -28.17 -10.46
N GLU D 4682 -34.39 -27.01 -11.10
CA GLU D 4682 -34.34 -26.96 -12.56
C GLU D 4682 -32.94 -27.22 -13.11
N PHE D 4683 -31.96 -26.39 -12.73
CA PHE D 4683 -30.64 -26.44 -13.33
C PHE D 4683 -29.65 -27.28 -12.54
N ASP D 4684 -30.09 -27.94 -11.47
CA ASP D 4684 -29.21 -28.81 -10.69
C ASP D 4684 -29.78 -30.21 -10.48
N GLY D 4685 -31.10 -30.35 -10.40
CA GLY D 4685 -31.69 -31.65 -10.11
C GLY D 4685 -31.35 -32.15 -8.73
N LEU D 4686 -31.48 -31.28 -7.73
CA LEU D 4686 -31.13 -31.60 -6.35
C LEU D 4686 -31.90 -32.81 -5.85
N TYR D 4687 -33.23 -32.72 -5.81
CA TYR D 4687 -34.06 -33.83 -5.37
C TYR D 4687 -34.32 -34.84 -6.48
N ILE D 4688 -33.85 -34.57 -7.69
CA ILE D 4688 -33.95 -35.55 -8.77
C ILE D 4688 -32.74 -36.47 -8.80
N THR D 4689 -31.55 -35.92 -8.62
CA THR D 4689 -30.31 -36.70 -8.65
C THR D 4689 -29.54 -36.63 -7.34
N GLU D 4690 -29.27 -35.42 -6.82
CA GLU D 4690 -28.34 -35.26 -5.71
C GLU D 4690 -28.86 -35.94 -4.45
N GLN D 4691 -30.08 -35.60 -4.02
CA GLN D 4691 -30.72 -36.16 -2.83
C GLN D 4691 -29.81 -36.06 -1.61
N PRO D 4692 -29.64 -34.87 -1.04
CA PRO D 4692 -28.78 -34.74 0.15
C PRO D 4692 -29.29 -35.59 1.30
N GLY D 4693 -28.36 -36.26 1.98
CA GLY D 4693 -28.74 -37.24 2.99
C GLY D 4693 -29.30 -36.68 4.28
N ASP D 4694 -28.46 -36.08 5.12
CA ASP D 4694 -28.95 -35.50 6.38
C ASP D 4694 -28.31 -34.15 6.68
N ASP D 4695 -27.12 -33.91 6.13
CA ASP D 4695 -26.36 -32.72 6.52
C ASP D 4695 -26.99 -31.44 6.01
N ASP D 4696 -27.50 -31.45 4.78
CA ASP D 4696 -28.15 -30.27 4.24
C ASP D 4696 -29.52 -30.09 4.87
N VAL D 4697 -29.54 -29.55 6.10
CA VAL D 4697 -30.80 -29.36 6.82
C VAL D 4697 -31.71 -28.42 6.06
N LYS D 4698 -31.13 -27.46 5.32
CA LYS D 4698 -31.94 -26.58 4.49
C LYS D 4698 -32.71 -27.38 3.45
N GLY D 4699 -32.03 -28.29 2.76
CA GLY D 4699 -32.71 -29.15 1.80
C GLY D 4699 -33.69 -30.09 2.47
N GLN D 4700 -33.35 -30.59 3.65
CA GLN D 4700 -34.26 -31.48 4.37
C GLN D 4700 -35.57 -30.78 4.71
N TRP D 4701 -35.49 -29.51 5.13
CA TRP D 4701 -36.71 -28.77 5.40
C TRP D 4701 -37.42 -28.35 4.12
N ASP D 4702 -36.65 -28.11 3.05
CA ASP D 4702 -37.25 -27.73 1.77
C ASP D 4702 -37.95 -28.89 1.09
N ARG D 4703 -37.66 -30.13 1.50
CA ARG D 4703 -38.36 -31.28 0.93
C ARG D 4703 -39.87 -31.19 1.13
N LEU D 4704 -40.32 -30.51 2.19
CA LEU D 4704 -41.74 -30.53 2.54
C LEU D 4704 -42.58 -29.60 1.65
N VAL D 4705 -41.95 -28.70 0.90
CA VAL D 4705 -42.70 -27.71 0.13
C VAL D 4705 -42.84 -28.11 -1.34
N LEU D 4706 -42.16 -29.17 -1.77
CA LEU D 4706 -42.18 -29.53 -3.19
C LEU D 4706 -43.58 -29.90 -3.65
N ASN D 4707 -44.33 -30.63 -2.84
CA ASN D 4707 -45.63 -31.15 -3.23
C ASN D 4707 -46.78 -30.20 -2.87
N THR D 4708 -46.48 -29.00 -2.39
CA THR D 4708 -47.53 -28.07 -2.02
C THR D 4708 -48.18 -27.47 -3.27
N PRO D 4709 -49.49 -27.20 -3.22
CA PRO D 4709 -50.16 -26.60 -4.39
C PRO D 4709 -49.67 -25.21 -4.73
N SER D 4710 -49.04 -24.50 -3.80
CA SER D 4710 -48.63 -23.12 -3.98
C SER D 4710 -47.17 -22.94 -3.58
N PHE D 4711 -46.31 -23.81 -4.11
CA PHE D 4711 -44.88 -23.72 -3.78
C PHE D 4711 -44.27 -22.39 -4.19
N PRO D 4712 -44.41 -21.89 -5.44
CA PRO D 4712 -43.84 -20.58 -5.76
C PRO D 4712 -44.82 -19.44 -5.53
N SER D 4713 -45.12 -19.17 -4.26
CA SER D 4713 -46.10 -18.13 -3.93
C SER D 4713 -45.53 -16.74 -4.13
N ASN D 4714 -44.28 -16.51 -3.73
CA ASN D 4714 -43.65 -15.21 -3.88
C ASN D 4714 -42.78 -15.10 -5.13
N TYR D 4715 -42.11 -16.18 -5.52
CA TYR D 4715 -41.31 -16.17 -6.74
C TYR D 4715 -42.22 -16.04 -7.95
N TRP D 4716 -41.78 -15.23 -8.91
CA TRP D 4716 -42.55 -15.00 -10.14
C TRP D 4716 -42.21 -16.03 -11.22
N ASP D 4717 -42.27 -17.31 -10.85
CA ASP D 4717 -41.90 -18.40 -11.75
C ASP D 4717 -42.93 -19.51 -11.66
N LYS D 4718 -44.22 -19.16 -11.79
CA LYS D 4718 -45.29 -20.12 -11.60
C LYS D 4718 -45.17 -21.33 -12.53
N PHE D 4719 -44.49 -21.19 -13.65
CA PHE D 4719 -44.29 -22.29 -14.59
C PHE D 4719 -43.07 -23.14 -14.26
N VAL D 4720 -42.57 -23.06 -13.02
CA VAL D 4720 -41.36 -23.80 -12.65
C VAL D 4720 -41.64 -25.29 -12.66
N LYS D 4721 -42.84 -25.71 -12.26
CA LYS D 4721 -43.19 -27.12 -12.27
C LYS D 4721 -43.16 -27.67 -13.69
N ARG D 4722 -43.77 -26.96 -14.63
CA ARG D 4722 -43.75 -27.39 -16.03
C ARG D 4722 -42.33 -27.38 -16.58
N LYS D 4723 -41.53 -26.37 -16.21
CA LYS D 4723 -40.16 -26.30 -16.71
C LYS D 4723 -39.33 -27.48 -16.22
N VAL D 4724 -39.43 -27.82 -14.93
CA VAL D 4724 -38.66 -28.94 -14.42
C VAL D 4724 -39.18 -30.26 -14.97
N LEU D 4725 -40.50 -30.34 -15.22
CA LEU D 4725 -41.06 -31.53 -15.85
C LEU D 4725 -40.46 -31.73 -17.24
N ASP D 4726 -40.52 -30.69 -18.08
CA ASP D 4726 -39.92 -30.79 -19.41
C ASP D 4726 -38.43 -31.04 -19.35
N LYS D 4727 -37.77 -30.57 -18.29
CA LYS D 4727 -36.33 -30.76 -18.16
C LYS D 4727 -35.98 -32.22 -17.87
N HIS D 4728 -36.71 -32.85 -16.94
CA HIS D 4728 -36.27 -34.13 -16.41
C HIS D 4728 -37.15 -35.32 -16.76
N GLY D 4729 -38.47 -35.16 -16.83
CA GLY D 4729 -39.35 -36.31 -16.90
C GLY D 4729 -39.16 -37.17 -18.14
N ASP D 4730 -38.76 -36.56 -19.26
CA ASP D 4730 -38.62 -37.30 -20.51
C ASP D 4730 -37.62 -38.43 -20.41
N ILE D 4731 -36.59 -38.30 -19.56
CA ILE D 4731 -35.57 -39.32 -19.40
C ILE D 4731 -35.65 -39.97 -18.01
N PHE D 4732 -36.25 -39.28 -17.05
CA PHE D 4732 -36.24 -39.71 -15.66
C PHE D 4732 -37.56 -40.32 -15.21
N GLY D 4733 -38.66 -39.99 -15.87
CA GLY D 4733 -39.96 -40.54 -15.53
C GLY D 4733 -41.00 -39.46 -15.33
N ARG D 4734 -42.26 -39.84 -15.56
CA ARG D 4734 -43.39 -38.91 -15.51
C ARG D 4734 -44.17 -39.00 -14.21
N GLU D 4735 -44.55 -40.21 -13.79
CA GLU D 4735 -45.38 -40.34 -12.59
C GLU D 4735 -44.61 -39.96 -11.33
N ARG D 4736 -43.32 -40.30 -11.25
CA ARG D 4736 -42.57 -40.01 -10.03
C ARG D 4736 -42.38 -38.51 -9.85
N ILE D 4737 -42.16 -37.79 -10.94
CA ILE D 4737 -42.05 -36.33 -10.86
C ILE D 4737 -43.37 -35.73 -10.40
N ALA D 4738 -44.49 -36.23 -10.92
CA ALA D 4738 -45.79 -35.73 -10.49
C ALA D 4738 -46.02 -36.00 -9.00
N GLU D 4739 -45.64 -37.19 -8.53
CA GLU D 4739 -45.78 -37.48 -7.11
C GLU D 4739 -44.88 -36.58 -6.25
N LEU D 4740 -43.65 -36.34 -6.70
CA LEU D 4740 -42.73 -35.50 -5.94
C LEU D 4740 -43.21 -34.06 -5.87
N LEU D 4741 -43.67 -33.53 -7.00
CA LEU D 4741 -44.11 -32.14 -7.08
C LEU D 4741 -45.58 -31.96 -6.71
N GLY D 4742 -46.31 -33.04 -6.51
CA GLY D 4742 -47.73 -32.93 -6.15
C GLY D 4742 -48.58 -32.29 -7.23
N MET D 4743 -48.32 -32.63 -8.49
CA MET D 4743 -49.09 -32.11 -9.61
C MET D 4743 -49.83 -33.25 -10.31
N ASP D 4744 -51.03 -32.95 -10.79
CA ASP D 4744 -51.83 -33.93 -11.53
C ASP D 4744 -51.51 -33.80 -13.01
N LEU D 4745 -51.01 -34.89 -13.61
CA LEU D 4745 -50.64 -34.86 -15.02
C LEU D 4745 -51.87 -34.66 -15.91
N ALA D 4746 -52.99 -35.29 -15.57
CA ALA D 4746 -54.20 -35.13 -16.37
C ALA D 4746 -54.72 -33.70 -16.30
N SER D 4747 -54.82 -33.14 -15.09
CA SER D 4747 -55.32 -31.78 -14.87
C SER D 4747 -56.67 -31.55 -15.54
N ASP D 4772 -53.76 -24.89 3.14
CA ASP D 4772 -52.45 -25.44 2.85
C ASP D 4772 -51.59 -25.44 4.10
N VAL D 4773 -51.81 -26.44 4.97
CA VAL D 4773 -51.12 -26.48 6.26
C VAL D 4773 -49.64 -26.74 6.07
N LYS D 4774 -49.28 -27.58 5.10
CA LYS D 4774 -47.87 -27.95 4.93
C LYS D 4774 -47.04 -26.77 4.44
N TYR D 4775 -47.58 -25.98 3.50
CA TYR D 4775 -46.84 -24.82 3.04
C TYR D 4775 -46.66 -23.79 4.15
N GLN D 4776 -47.69 -23.59 4.95
CA GLN D 4776 -47.57 -22.67 6.09
C GLN D 4776 -46.53 -23.17 7.08
N ILE D 4777 -46.50 -24.49 7.32
CA ILE D 4777 -45.50 -25.06 8.22
C ILE D 4777 -44.10 -24.80 7.67
N TRP D 4778 -43.90 -25.02 6.37
CA TRP D 4778 -42.60 -24.78 5.77
C TRP D 4778 -42.20 -23.31 5.87
N LYS D 4779 -43.14 -22.41 5.60
CA LYS D 4779 -42.83 -20.98 5.66
C LYS D 4779 -42.47 -20.57 7.08
N PHE D 4780 -43.21 -21.07 8.08
CA PHE D 4780 -42.91 -20.73 9.46
C PHE D 4780 -41.57 -21.32 9.89
N GLY D 4781 -41.24 -22.52 9.43
CA GLY D 4781 -39.93 -23.09 9.73
C GLY D 4781 -38.81 -22.27 9.11
N VAL D 4782 -39.02 -21.77 7.90
CA VAL D 4782 -38.02 -20.88 7.29
C VAL D 4782 -37.89 -19.59 8.08
N ILE D 4783 -39.01 -19.04 8.54
CA ILE D 4783 -38.98 -17.78 9.30
C ILE D 4783 -38.23 -17.98 10.61
N PHE D 4784 -38.50 -19.08 11.31
CA PHE D 4784 -37.89 -19.31 12.62
C PHE D 4784 -36.41 -19.58 12.55
N THR D 4785 -35.87 -19.83 11.35
CA THR D 4785 -34.44 -20.02 11.16
C THR D 4785 -33.72 -18.70 10.92
N ASP D 4786 -34.43 -17.67 10.47
CA ASP D 4786 -33.84 -16.39 10.11
C ASP D 4786 -33.27 -15.71 11.35
N ASN D 4787 -32.06 -15.16 11.21
CA ASN D 4787 -31.39 -14.56 12.36
C ASN D 4787 -32.09 -13.31 12.84
N SER D 4788 -32.53 -12.44 11.92
CA SER D 4788 -33.15 -11.18 12.32
C SER D 4788 -34.46 -11.41 13.05
N PHE D 4789 -35.29 -12.34 12.55
CA PHE D 4789 -36.53 -12.65 13.24
C PHE D 4789 -36.25 -13.22 14.63
N LEU D 4790 -35.22 -14.05 14.76
CA LEU D 4790 -34.85 -14.58 16.07
C LEU D 4790 -34.40 -13.48 17.01
N TYR D 4791 -33.64 -12.51 16.49
CA TYR D 4791 -33.20 -11.39 17.32
C TYR D 4791 -34.38 -10.56 17.79
N LEU D 4792 -35.34 -10.31 16.91
CA LEU D 4792 -36.53 -9.56 17.30
C LEU D 4792 -37.37 -10.35 18.31
N GLY D 4793 -37.44 -11.67 18.13
CA GLY D 4793 -38.14 -12.49 19.12
C GLY D 4793 -37.47 -12.47 20.48
N TRP D 4794 -36.14 -12.52 20.51
CA TRP D 4794 -35.40 -12.37 21.76
C TRP D 4794 -35.59 -11.00 22.40
N TYR D 4795 -35.61 -9.93 21.59
CA TYR D 4795 -35.94 -8.61 22.10
C TYR D 4795 -37.33 -8.57 22.71
N MET D 4796 -38.32 -9.18 22.06
CA MET D 4796 -39.66 -9.27 22.63
C MET D 4796 -39.68 -10.07 23.92
N VAL D 4797 -38.90 -11.16 23.98
CA VAL D 4797 -38.87 -11.99 25.18
C VAL D 4797 -38.30 -11.21 26.36
N MET D 4798 -37.19 -10.49 26.14
CA MET D 4798 -36.64 -9.67 27.21
C MET D 4798 -37.57 -8.51 27.57
N SER D 4799 -38.28 -7.96 26.59
CA SER D 4799 -39.26 -6.92 26.89
C SER D 4799 -40.37 -7.46 27.79
N LEU D 4800 -40.84 -8.68 27.51
CA LEU D 4800 -41.85 -9.30 28.37
C LEU D 4800 -41.29 -9.54 29.77
N LEU D 4801 -40.08 -10.09 29.86
CA LEU D 4801 -39.49 -10.38 31.16
C LEU D 4801 -39.16 -9.12 31.94
N GLY D 4802 -39.01 -7.97 31.27
CA GLY D 4802 -38.78 -6.74 31.98
C GLY D 4802 -39.88 -6.37 32.94
N HIS D 4803 -41.10 -6.85 32.68
CA HIS D 4803 -42.19 -6.65 33.61
C HIS D 4803 -42.01 -7.49 34.87
N TYR D 4804 -41.45 -8.70 34.73
CA TYR D 4804 -41.13 -9.51 35.89
C TYR D 4804 -40.06 -8.84 36.74
N ASN D 4805 -39.00 -8.32 36.11
CA ASN D 4805 -37.97 -7.57 36.80
C ASN D 4805 -37.52 -6.45 35.86
N ASN D 4806 -37.66 -5.20 36.33
CA ASN D 4806 -37.44 -4.04 35.49
C ASN D 4806 -36.02 -3.98 34.93
N PHE D 4807 -35.05 -4.55 35.64
CA PHE D 4807 -33.67 -4.48 35.20
C PHE D 4807 -33.39 -5.35 33.99
N PHE D 4808 -34.33 -6.22 33.59
CA PHE D 4808 -34.18 -6.94 32.33
C PHE D 4808 -34.21 -6.01 31.13
N PHE D 4809 -34.68 -4.79 31.30
CA PHE D 4809 -34.65 -3.79 30.24
C PHE D 4809 -33.26 -3.26 29.96
N ALA D 4810 -32.29 -3.59 30.82
CA ALA D 4810 -30.91 -3.19 30.56
C ALA D 4810 -30.28 -3.95 29.41
N ALA D 4811 -30.77 -5.15 29.11
CA ALA D 4811 -30.25 -5.94 27.99
C ALA D 4811 -30.65 -5.37 26.64
N HIS D 4812 -31.57 -4.41 26.61
CA HIS D 4812 -31.96 -3.76 25.37
C HIS D 4812 -30.98 -2.69 24.93
N LEU D 4813 -30.08 -2.26 25.80
CA LEU D 4813 -29.01 -1.36 25.39
C LEU D 4813 -28.04 -2.03 24.43
N LEU D 4814 -28.01 -3.36 24.40
CA LEU D 4814 -27.19 -4.08 23.43
C LEU D 4814 -27.67 -3.81 22.02
N ASP D 4815 -28.89 -3.32 21.86
CA ASP D 4815 -29.42 -3.02 20.53
C ASP D 4815 -28.68 -1.87 19.85
N ILE D 4816 -27.92 -1.08 20.61
CA ILE D 4816 -27.15 0.00 19.98
C ILE D 4816 -26.07 -0.57 19.08
N ALA D 4817 -25.57 -1.77 19.39
CA ALA D 4817 -24.57 -2.39 18.56
C ALA D 4817 -25.15 -2.77 17.20
N MET D 4818 -26.39 -3.26 17.17
CA MET D 4818 -27.01 -3.67 15.92
C MET D 4818 -27.82 -2.56 15.27
N GLY D 4819 -27.96 -1.40 15.92
CA GLY D 4819 -28.77 -0.34 15.37
C GLY D 4819 -27.99 0.74 14.64
N VAL D 4820 -26.92 1.23 15.25
CA VAL D 4820 -26.17 2.36 14.71
C VAL D 4820 -25.07 1.84 13.79
N LYS D 4821 -24.91 2.50 12.64
CA LYS D 4821 -23.88 2.08 11.69
C LYS D 4821 -22.47 2.32 12.23
N THR D 4822 -22.26 3.44 12.92
CA THR D 4822 -20.93 3.78 13.42
C THR D 4822 -20.46 2.74 14.44
N LEU D 4823 -21.35 2.34 15.34
CA LEU D 4823 -20.99 1.33 16.32
C LEU D 4823 -20.73 -0.02 15.64
N ARG D 4824 -21.49 -0.33 14.60
CA ARG D 4824 -21.23 -1.55 13.84
C ARG D 4824 -19.84 -1.52 13.22
N THR D 4825 -19.45 -0.40 12.62
CA THR D 4825 -18.12 -0.29 12.03
C THR D 4825 -17.02 -0.37 13.09
N ILE D 4826 -17.24 0.23 14.25
CA ILE D 4826 -16.24 0.18 15.31
C ILE D 4826 -16.09 -1.25 15.84
N LEU D 4827 -17.20 -1.94 16.08
CA LEU D 4827 -17.15 -3.31 16.58
C LEU D 4827 -16.71 -4.30 15.51
N SER D 4828 -16.78 -3.91 14.23
CA SER D 4828 -16.28 -4.79 13.18
C SER D 4828 -14.79 -5.02 13.32
N SER D 4829 -14.04 -4.05 13.84
CA SER D 4829 -12.61 -4.26 14.09
C SER D 4829 -12.40 -5.35 15.12
N VAL D 4830 -13.21 -5.38 16.17
CA VAL D 4830 -13.09 -6.41 17.19
C VAL D 4830 -13.49 -7.77 16.61
N THR D 4831 -14.60 -7.82 15.89
CA THR D 4831 -15.14 -9.10 15.43
C THR D 4831 -14.48 -9.62 14.16
N HIS D 4832 -13.63 -8.83 13.51
CA HIS D 4832 -12.95 -9.30 12.30
C HIS D 4832 -11.97 -10.42 12.61
N ASN D 4833 -11.30 -10.35 13.76
CA ASN D 4833 -10.33 -11.34 14.18
C ASN D 4833 -10.79 -12.06 15.44
N GLY D 4834 -12.07 -12.41 15.49
CA GLY D 4834 -12.60 -13.10 16.66
C GLY D 4834 -11.95 -14.46 16.89
N LYS D 4835 -11.74 -15.20 15.81
CA LYS D 4835 -11.07 -16.51 15.93
C LYS D 4835 -9.66 -16.34 16.48
N GLN D 4836 -8.92 -15.35 15.98
CA GLN D 4836 -7.56 -15.12 16.47
C GLN D 4836 -7.57 -14.67 17.93
N LEU D 4837 -8.54 -13.84 18.32
CA LEU D 4837 -8.61 -13.40 19.71
C LEU D 4837 -8.92 -14.57 20.64
N VAL D 4838 -9.86 -15.44 20.24
CA VAL D 4838 -10.16 -16.61 21.05
C VAL D 4838 -8.93 -17.51 21.15
N MET D 4839 -8.22 -17.68 20.04
CA MET D 4839 -7.06 -18.57 20.05
C MET D 4839 -5.94 -18.00 20.91
N THR D 4840 -5.74 -16.68 20.89
CA THR D 4840 -4.70 -16.11 21.73
C THR D 4840 -5.11 -16.09 23.21
N VAL D 4841 -6.41 -16.01 23.51
CA VAL D 4841 -6.84 -16.20 24.89
C VAL D 4841 -6.56 -17.62 25.35
N GLY D 4842 -6.82 -18.60 24.49
CA GLY D 4842 -6.47 -19.98 24.82
C GLY D 4842 -4.99 -20.18 25.00
N LEU D 4843 -4.18 -19.53 24.17
CA LEU D 4843 -2.73 -19.57 24.34
C LEU D 4843 -2.31 -18.95 25.66
N LEU D 4844 -2.94 -17.84 26.05
CA LEU D 4844 -2.68 -17.24 27.35
C LEU D 4844 -3.01 -18.21 28.47
N ALA D 4845 -4.14 -18.91 28.37
CA ALA D 4845 -4.51 -19.90 29.37
C ALA D 4845 -3.47 -21.01 29.45
N VAL D 4846 -3.00 -21.50 28.31
CA VAL D 4846 -2.03 -22.59 28.29
C VAL D 4846 -0.71 -22.15 28.92
N VAL D 4847 -0.22 -20.97 28.55
CA VAL D 4847 1.07 -20.53 29.07
C VAL D 4847 0.98 -20.23 30.56
N VAL D 4848 -0.14 -19.66 31.02
CA VAL D 4848 -0.31 -19.44 32.45
C VAL D 4848 -0.43 -20.77 33.18
N TYR D 4849 -1.02 -21.79 32.56
CA TYR D 4849 -1.03 -23.12 33.17
C TYR D 4849 0.39 -23.66 33.31
N LEU D 4850 1.23 -23.44 32.29
CA LEU D 4850 2.61 -23.90 32.38
C LEU D 4850 3.35 -23.21 33.53
N TYR D 4851 3.18 -21.89 33.64
CA TYR D 4851 3.82 -21.16 34.73
C TYR D 4851 3.25 -21.59 36.08
N THR D 4852 1.96 -21.93 36.12
CA THR D 4852 1.37 -22.48 37.33
C THR D 4852 2.01 -23.81 37.71
N VAL D 4853 2.26 -24.67 36.73
CA VAL D 4853 2.92 -25.94 36.99
C VAL D 4853 4.29 -25.71 37.60
N VAL D 4854 5.06 -24.81 36.99
CA VAL D 4854 6.42 -24.55 37.49
C VAL D 4854 6.37 -23.98 38.90
N ALA D 4855 5.52 -22.97 39.13
CA ALA D 4855 5.46 -22.32 40.43
C ALA D 4855 4.95 -23.28 41.50
N PHE D 4856 4.01 -24.15 41.13
CA PHE D 4856 3.46 -25.11 42.08
C PHE D 4856 4.50 -26.15 42.45
N ASN D 4857 5.31 -26.60 41.49
CA ASN D 4857 6.33 -27.58 41.80
C ASN D 4857 7.56 -27.00 42.48
N PHE D 4858 7.77 -25.69 42.41
CA PHE D 4858 8.98 -25.11 42.98
C PHE D 4858 8.78 -23.87 43.85
N PHE D 4859 7.63 -23.21 43.80
CA PHE D 4859 7.47 -21.93 44.50
C PHE D 4859 6.21 -21.89 45.35
N ARG D 4860 5.92 -22.97 46.08
CA ARG D 4860 4.71 -23.01 46.89
C ARG D 4860 4.78 -22.06 48.07
N LYS D 4861 5.99 -21.80 48.57
CA LYS D 4861 6.14 -21.04 49.81
C LYS D 4861 5.64 -19.60 49.67
N PHE D 4862 5.94 -18.97 48.53
CA PHE D 4862 5.76 -17.53 48.41
C PHE D 4862 4.30 -17.10 48.32
N TYR D 4863 3.40 -18.02 47.95
CA TYR D 4863 1.99 -17.66 47.74
C TYR D 4863 1.21 -17.66 49.05
N ASN D 4864 1.64 -16.77 49.95
CA ASN D 4864 0.98 -16.57 51.24
C ASN D 4864 0.28 -15.22 51.19
N LYS D 4865 -1.04 -15.24 51.04
CA LYS D 4865 -1.82 -14.01 50.94
C LYS D 4865 -2.33 -13.51 52.29
N SER D 4866 -2.03 -14.21 53.38
CA SER D 4866 -2.45 -13.81 54.71
C SER D 4866 -1.22 -13.52 55.55
N GLU D 4867 -1.16 -12.31 56.12
CA GLU D 4867 -0.05 -11.93 56.98
C GLU D 4867 -0.21 -12.45 58.40
N ASP D 4868 -1.42 -12.90 58.77
CA ASP D 4868 -1.66 -13.40 60.12
C ASP D 4868 -1.13 -14.83 60.22
N GLU D 4869 -0.23 -15.06 61.18
CA GLU D 4869 0.34 -16.39 61.36
C GLU D 4869 -0.68 -17.40 61.86
N ASP D 4870 -1.80 -16.92 62.43
CA ASP D 4870 -2.82 -17.84 62.93
C ASP D 4870 -3.47 -18.62 61.80
N GLU D 4871 -3.74 -17.96 60.67
CA GLU D 4871 -4.39 -18.57 59.52
C GLU D 4871 -3.55 -18.33 58.28
N PRO D 4872 -2.52 -19.15 58.05
CA PRO D 4872 -1.74 -19.05 56.82
C PRO D 4872 -2.58 -19.45 55.61
N ASP D 4873 -2.70 -18.54 54.64
CA ASP D 4873 -3.52 -18.74 53.46
C ASP D 4873 -2.61 -19.02 52.27
N MET D 4874 -2.39 -20.30 52.00
CA MET D 4874 -1.63 -20.73 50.84
C MET D 4874 -2.56 -20.79 49.63
N LYS D 4875 -2.18 -20.07 48.57
CA LYS D 4875 -2.95 -20.09 47.33
C LYS D 4875 -2.24 -20.86 46.21
N CYS D 4876 -1.24 -21.67 46.56
CA CYS D 4876 -0.63 -22.56 45.59
C CYS D 4876 -0.32 -23.93 46.19
N ASP D 4877 -1.13 -24.38 47.14
CA ASP D 4877 -1.05 -25.75 47.64
C ASP D 4877 -2.04 -26.67 46.94
N ASP D 4878 -2.65 -26.20 45.86
CA ASP D 4878 -3.62 -26.94 45.06
C ASP D 4878 -3.47 -26.49 43.63
N MET D 4879 -3.58 -27.44 42.68
CA MET D 4879 -3.44 -27.08 41.29
C MET D 4879 -4.56 -26.16 40.82
N MET D 4880 -5.80 -26.47 41.19
CA MET D 4880 -6.92 -25.62 40.80
C MET D 4880 -6.80 -24.24 41.43
N THR D 4881 -6.47 -24.17 42.71
CA THR D 4881 -6.38 -22.88 43.39
C THR D 4881 -5.23 -22.06 42.84
N CYS D 4882 -4.07 -22.67 42.59
CA CYS D 4882 -2.94 -21.93 42.05
C CYS D 4882 -3.20 -21.46 40.63
N TYR D 4883 -3.84 -22.30 39.82
CA TYR D 4883 -4.19 -21.87 38.46
C TYR D 4883 -5.19 -20.73 38.48
N LEU D 4884 -6.18 -20.80 39.36
CA LEU D 4884 -7.13 -19.70 39.48
C LEU D 4884 -6.45 -18.42 39.92
N PHE D 4885 -5.56 -18.52 40.92
CA PHE D 4885 -4.83 -17.35 41.39
C PHE D 4885 -4.00 -16.75 40.27
N HIS D 4886 -3.29 -17.59 39.52
CA HIS D 4886 -2.49 -17.09 38.42
C HIS D 4886 -3.36 -16.40 37.37
N MET D 4887 -4.30 -17.14 36.79
CA MET D 4887 -5.16 -16.58 35.74
C MET D 4887 -5.88 -15.32 36.18
N TYR D 4888 -6.19 -15.18 37.47
CA TYR D 4888 -6.89 -13.99 37.92
C TYR D 4888 -5.91 -12.83 38.14
N VAL D 4889 -5.02 -12.96 39.11
CA VAL D 4889 -4.26 -11.79 39.52
C VAL D 4889 -3.01 -11.58 38.66
N GLY D 4890 -2.32 -12.66 38.27
CA GLY D 4890 -1.10 -12.46 37.50
C GLY D 4890 -1.33 -11.91 36.11
N VAL D 4891 -2.54 -12.09 35.58
CA VAL D 4891 -2.88 -11.55 34.27
C VAL D 4891 -3.60 -10.23 34.48
N ARG D 4892 -4.32 -10.08 35.59
CA ARG D 4892 -5.01 -8.84 35.88
C ARG D 4892 -4.12 -7.78 36.52
N ALA D 4893 -2.88 -8.11 36.86
CA ALA D 4893 -1.97 -7.15 37.46
C ALA D 4893 -1.03 -6.57 36.40
N GLY D 4894 -0.51 -5.37 36.69
CA GLY D 4894 0.37 -4.71 35.75
C GLY D 4894 1.79 -5.23 35.76
N GLY D 4895 2.25 -5.75 36.89
CA GLY D 4895 3.58 -6.30 37.01
C GLY D 4895 3.68 -7.80 36.87
N GLY D 4896 2.55 -8.49 36.71
CA GLY D 4896 2.57 -9.94 36.58
C GLY D 4896 2.23 -10.64 37.87
N ILE D 4897 3.06 -11.61 38.25
CA ILE D 4897 2.87 -12.32 39.51
C ILE D 4897 3.90 -11.95 40.55
N GLY D 4898 4.99 -11.27 40.19
CA GLY D 4898 5.97 -10.86 41.18
C GLY D 4898 5.50 -9.76 42.10
N ASP D 4899 4.45 -9.04 41.72
CA ASP D 4899 3.88 -8.00 42.55
C ASP D 4899 2.67 -8.49 43.35
N GLU D 4900 2.34 -9.78 43.27
CA GLU D 4900 1.24 -10.34 44.02
C GLU D 4900 1.67 -11.34 45.08
N ILE D 4901 2.94 -11.76 45.09
CA ILE D 4901 3.42 -12.79 46.00
C ILE D 4901 4.60 -12.29 46.81
N GLU D 4902 5.15 -13.16 47.64
CA GLU D 4902 6.23 -12.79 48.55
C GLU D 4902 7.49 -12.41 47.77
N ASP D 4903 8.19 -11.40 48.29
CA ASP D 4903 9.46 -10.98 47.70
C ASP D 4903 10.50 -12.07 47.93
N PRO D 4904 11.12 -12.61 46.87
CA PRO D 4904 12.10 -13.68 47.05
C PRO D 4904 13.49 -13.21 47.44
N ALA D 4905 13.65 -11.97 47.87
CA ALA D 4905 14.98 -11.48 48.27
C ALA D 4905 15.49 -12.24 49.48
N GLY D 4906 16.80 -12.50 49.49
CA GLY D 4906 17.42 -13.22 50.58
C GLY D 4906 16.93 -14.65 50.71
N ASP D 4907 16.86 -15.36 49.60
CA ASP D 4907 16.37 -16.74 49.59
C ASP D 4907 17.22 -17.57 48.63
N GLU D 4908 17.13 -18.89 48.81
CA GLU D 4908 17.87 -19.80 47.94
C GLU D 4908 17.43 -19.68 46.49
N TYR D 4909 16.12 -19.59 46.26
CA TYR D 4909 15.56 -19.54 44.91
C TYR D 4909 15.34 -18.11 44.42
N GLU D 4910 16.11 -17.14 44.92
CA GLU D 4910 15.94 -15.77 44.47
C GLU D 4910 16.31 -15.63 43.00
N LEU D 4911 17.43 -16.23 42.59
CA LEU D 4911 17.85 -16.13 41.19
C LEU D 4911 16.91 -16.86 40.26
N TYR D 4912 16.25 -17.92 40.73
CA TYR D 4912 15.24 -18.59 39.94
C TYR D 4912 13.94 -17.80 39.91
N ARG D 4913 13.58 -17.17 41.03
CA ARG D 4913 12.32 -16.44 41.10
C ARG D 4913 12.38 -15.16 40.28
N VAL D 4914 13.53 -14.48 40.24
CA VAL D 4914 13.62 -13.29 39.41
C VAL D 4914 13.52 -13.64 37.93
N VAL D 4915 14.03 -14.78 37.51
CA VAL D 4915 13.81 -15.24 36.15
C VAL D 4915 12.34 -15.58 35.93
N PHE D 4916 11.72 -16.26 36.91
CA PHE D 4916 10.34 -16.69 36.76
C PHE D 4916 9.40 -15.50 36.59
N ASP D 4917 9.49 -14.52 37.48
CA ASP D 4917 8.59 -13.36 37.42
C ASP D 4917 8.83 -12.54 36.17
N ILE D 4918 10.09 -12.32 35.79
CA ILE D 4918 10.36 -11.50 34.62
C ILE D 4918 9.94 -12.20 33.33
N THR D 4919 10.15 -13.51 33.24
CA THR D 4919 9.65 -14.23 32.07
C THR D 4919 8.14 -14.17 32.01
N PHE D 4920 7.47 -14.35 33.16
CA PHE D 4920 6.03 -14.18 33.23
C PHE D 4920 5.63 -12.81 32.70
N PHE D 4921 6.28 -11.76 33.19
CA PHE D 4921 5.98 -10.40 32.76
C PHE D 4921 6.13 -10.27 31.25
N PHE D 4922 7.34 -10.46 30.74
CA PHE D 4922 7.61 -10.29 29.30
C PHE D 4922 6.63 -11.09 28.45
N PHE D 4923 6.47 -12.38 28.74
CA PHE D 4923 5.72 -13.23 27.82
C PHE D 4923 4.21 -13.02 27.93
N VAL D 4924 3.68 -13.01 29.16
CA VAL D 4924 2.23 -12.90 29.32
C VAL D 4924 1.78 -11.44 29.26
N ILE D 4925 2.31 -10.59 30.14
CA ILE D 4925 1.76 -9.25 30.30
C ILE D 4925 2.07 -8.39 29.09
N VAL D 4926 3.32 -8.42 28.63
CA VAL D 4926 3.73 -7.52 27.54
C VAL D 4926 3.34 -8.11 26.19
N ILE D 4927 3.92 -9.25 25.83
CA ILE D 4927 3.76 -9.77 24.47
C ILE D 4927 2.34 -10.28 24.24
N LEU D 4928 1.81 -11.05 25.19
CA LEU D 4928 0.52 -11.71 24.98
C LEU D 4928 -0.66 -10.78 25.19
N LEU D 4929 -0.44 -9.54 25.62
CA LEU D 4929 -1.47 -8.52 25.57
C LEU D 4929 -1.19 -7.45 24.52
N ALA D 4930 0.02 -7.38 23.97
CA ALA D 4930 0.26 -6.57 22.78
C ALA D 4930 -0.20 -7.30 21.52
N ILE D 4931 -0.29 -8.63 21.57
CA ILE D 4931 -0.81 -9.38 20.44
C ILE D 4931 -2.27 -9.00 20.17
N ILE D 4932 -3.06 -8.85 21.24
CA ILE D 4932 -4.46 -8.48 21.08
C ILE D 4932 -4.59 -7.09 20.47
N GLN D 4933 -3.81 -6.14 20.97
CA GLN D 4933 -3.84 -4.78 20.42
C GLN D 4933 -3.39 -4.77 18.97
N GLY D 4934 -2.35 -5.54 18.64
CA GLY D 4934 -1.93 -5.65 17.26
C GLY D 4934 -2.99 -6.25 16.36
N LEU D 4935 -3.72 -7.25 16.87
CA LEU D 4935 -4.81 -7.83 16.10
C LEU D 4935 -5.89 -6.79 15.82
N ILE D 4936 -6.25 -6.01 16.83
CA ILE D 4936 -7.28 -4.98 16.64
C ILE D 4936 -6.81 -3.92 15.64
N ILE D 4937 -5.56 -3.47 15.77
CA ILE D 4937 -5.04 -2.44 14.88
C ILE D 4937 -4.96 -2.96 13.45
N ASP D 4938 -4.51 -4.20 13.27
CA ASP D 4938 -4.46 -4.79 11.94
C ASP D 4938 -5.85 -4.97 11.38
N ALA D 4939 -6.85 -5.23 12.23
CA ALA D 4939 -8.22 -5.29 11.77
C ALA D 4939 -8.70 -3.95 11.25
N PHE D 4940 -8.39 -2.88 11.98
CA PHE D 4940 -8.72 -1.53 11.51
C PHE D 4940 -8.08 -1.27 10.15
N GLY D 4941 -6.80 -1.56 10.03
CA GLY D 4941 -6.07 -1.37 8.78
C GLY D 4941 -6.62 -2.19 7.63
N GLU D 4942 -6.97 -3.44 7.90
CA GLU D 4942 -7.52 -4.33 6.88
C GLU D 4942 -8.87 -3.84 6.39
N LEU D 4943 -9.74 -3.42 7.31
CA LEU D 4943 -11.03 -2.90 6.88
C LEU D 4943 -10.85 -1.64 6.05
N ARG D 4944 -9.97 -0.73 6.49
CA ARG D 4944 -9.74 0.51 5.77
C ARG D 4944 -9.19 0.25 4.37
N ASP D 4945 -8.21 -0.66 4.25
CA ASP D 4945 -7.62 -0.90 2.94
C ASP D 4945 -8.55 -1.71 2.05
N GLN D 4946 -9.43 -2.53 2.64
CA GLN D 4946 -10.47 -3.19 1.85
C GLN D 4946 -11.41 -2.16 1.24
N GLN D 4947 -11.84 -1.18 2.03
CA GLN D 4947 -12.70 -0.12 1.49
C GLN D 4947 -11.98 0.65 0.39
N GLU D 4948 -10.70 0.98 0.61
CA GLU D 4948 -9.94 1.70 -0.40
C GLU D 4948 -9.81 0.89 -1.68
N GLN D 4949 -9.55 -0.42 -1.55
CA GLN D 4949 -9.40 -1.27 -2.72
C GLN D 4949 -10.71 -1.37 -3.50
N VAL D 4950 -11.83 -1.52 -2.80
CA VAL D 4950 -13.13 -1.57 -3.48
C VAL D 4950 -13.39 -0.28 -4.23
N LYS D 4951 -13.14 0.87 -3.57
CA LYS D 4951 -13.36 2.14 -4.25
C LYS D 4951 -12.44 2.29 -5.46
N GLU D 4952 -11.18 1.91 -5.32
CA GLU D 4952 -10.22 2.07 -6.43
C GLU D 4952 -10.60 1.18 -7.61
N ASP D 4953 -11.01 -0.06 -7.33
CA ASP D 4953 -11.45 -0.95 -8.39
C ASP D 4953 -12.69 -0.41 -9.08
N MET D 4954 -13.63 0.15 -8.30
CA MET D 4954 -14.85 0.68 -8.90
C MET D 4954 -14.55 1.88 -9.79
N GLU D 4955 -13.65 2.76 -9.35
CA GLU D 4955 -13.36 3.97 -10.12
C GLU D 4955 -12.36 3.74 -11.26
N THR D 4956 -11.66 2.61 -11.29
CA THR D 4956 -10.69 2.37 -12.36
C THR D 4956 -11.17 1.41 -13.43
N LYS D 4957 -12.22 0.64 -13.19
CA LYS D 4957 -12.72 -0.33 -14.16
C LYS D 4957 -14.23 -0.23 -14.25
N CYS D 4958 -14.75 -0.60 -15.42
CA CYS D 4958 -16.20 -0.66 -15.60
C CYS D 4958 -16.74 -1.94 -14.98
N PHE D 4959 -17.89 -1.81 -14.30
CA PHE D 4959 -18.46 -2.95 -13.60
C PHE D 4959 -18.91 -4.04 -14.57
N ILE D 4960 -19.47 -3.65 -15.72
CA ILE D 4960 -20.08 -4.62 -16.62
C ILE D 4960 -19.04 -5.24 -17.55
N CYS D 4961 -18.26 -4.40 -18.23
CA CYS D 4961 -17.34 -4.90 -19.25
C CYS D 4961 -15.91 -5.10 -18.76
N GLY D 4962 -15.51 -4.41 -17.69
CA GLY D 4962 -14.18 -4.58 -17.15
C GLY D 4962 -13.08 -3.83 -17.87
N ILE D 4963 -13.41 -3.05 -18.91
CA ILE D 4963 -12.40 -2.27 -19.60
C ILE D 4963 -11.98 -1.10 -18.72
N GLY D 4964 -10.67 -0.89 -18.60
CA GLY D 4964 -10.15 0.11 -17.71
C GLY D 4964 -10.51 1.52 -18.14
N SER D 4965 -10.42 2.43 -17.16
CA SER D 4965 -10.74 3.84 -17.42
C SER D 4965 -9.75 4.49 -18.37
N ASP D 4966 -8.53 3.97 -18.47
CA ASP D 4966 -7.54 4.57 -19.36
C ASP D 4966 -7.98 4.52 -20.82
N TYR D 4967 -8.75 3.48 -21.21
CA TYR D 4967 -9.25 3.41 -22.57
C TYR D 4967 -10.28 4.50 -22.84
N PHE D 4968 -11.21 4.70 -21.91
CA PHE D 4968 -12.27 5.67 -22.12
C PHE D 4968 -11.82 7.11 -21.90
N ASP D 4969 -10.70 7.33 -21.22
CA ASP D 4969 -10.25 8.67 -20.92
C ASP D 4969 -9.62 9.38 -22.11
N THR D 4970 -9.59 8.80 -23.31
CA THR D 4970 -9.07 9.52 -24.47
C THR D 4970 -9.92 10.74 -24.78
N THR D 4971 -11.23 10.55 -24.91
CA THR D 4971 -12.14 11.67 -25.02
C THR D 4971 -12.40 12.26 -23.63
N PRO D 4972 -12.60 13.57 -23.53
CA PRO D 4972 -12.86 14.18 -22.21
C PRO D 4972 -14.10 13.59 -21.55
N HIS D 4973 -13.98 13.32 -20.25
CA HIS D 4973 -15.06 12.72 -19.46
C HIS D 4973 -15.57 11.42 -20.07
N GLY D 4974 -14.69 10.68 -20.75
CA GLY D 4974 -15.13 9.47 -21.42
C GLY D 4974 -15.59 8.39 -20.47
N PHE D 4975 -14.83 8.15 -19.40
CA PHE D 4975 -15.20 7.11 -18.45
C PHE D 4975 -16.49 7.46 -17.72
N GLU D 4976 -16.65 8.72 -17.34
CA GLU D 4976 -17.88 9.13 -16.66
C GLU D 4976 -19.09 8.90 -17.54
N THR D 4977 -19.03 9.34 -18.79
CA THR D 4977 -20.13 9.13 -19.71
C THR D 4977 -20.39 7.64 -19.92
N HIS D 4978 -19.33 6.85 -20.11
CA HIS D 4978 -19.50 5.43 -20.33
C HIS D 4978 -20.23 4.78 -19.16
N THR D 4979 -19.75 5.00 -17.94
CA THR D 4979 -20.36 4.37 -16.77
C THR D 4979 -21.77 4.86 -16.53
N LEU D 4980 -22.02 6.16 -16.68
CA LEU D 4980 -23.34 6.69 -16.33
C LEU D 4980 -24.40 6.39 -17.39
N GLU D 4981 -24.02 6.26 -18.67
CA GLU D 4981 -25.00 6.05 -19.72
C GLU D 4981 -24.87 4.69 -20.38
N GLU D 4982 -23.70 4.36 -20.91
CA GLU D 4982 -23.57 3.17 -21.75
C GLU D 4982 -23.68 1.88 -20.95
N HIS D 4983 -22.97 1.80 -19.83
CA HIS D 4983 -22.93 0.57 -19.06
C HIS D 4983 -23.37 0.79 -17.61
N ASN D 4984 -24.46 1.54 -17.43
CA ASN D 4984 -24.96 1.78 -16.09
C ASN D 4984 -25.66 0.53 -15.56
N LEU D 4985 -25.19 0.03 -14.40
CA LEU D 4985 -25.81 -1.15 -13.81
C LEU D 4985 -27.26 -0.88 -13.43
N ALA D 4986 -27.56 0.36 -13.04
CA ALA D 4986 -28.96 0.72 -12.77
C ALA D 4986 -29.81 0.54 -14.01
N ASN D 4987 -29.27 0.87 -15.19
CA ASN D 4987 -30.00 0.67 -16.43
C ASN D 4987 -30.23 -0.81 -16.68
N TYR D 4988 -29.26 -1.66 -16.36
CA TYR D 4988 -29.45 -3.11 -16.52
C TYR D 4988 -30.55 -3.61 -15.60
N MET D 4989 -30.56 -3.16 -14.34
CA MET D 4989 -31.63 -3.54 -13.43
C MET D 4989 -32.99 -3.07 -13.93
N PHE D 4990 -33.05 -1.83 -14.43
CA PHE D 4990 -34.31 -1.31 -14.96
C PHE D 4990 -34.78 -2.12 -16.15
N PHE D 4991 -33.86 -2.51 -17.03
CA PHE D 4991 -34.23 -3.32 -18.19
C PHE D 4991 -34.74 -4.69 -17.77
N LEU D 4992 -34.09 -5.30 -16.77
CA LEU D 4992 -34.54 -6.62 -16.32
C LEU D 4992 -35.92 -6.53 -15.70
N MET D 4993 -36.17 -5.49 -14.91
CA MET D 4993 -37.51 -5.28 -14.36
C MET D 4993 -38.52 -5.03 -15.48
N TYR D 4994 -38.11 -4.29 -16.51
CA TYR D 4994 -38.98 -4.02 -17.64
C TYR D 4994 -39.37 -5.31 -18.36
N LEU D 4995 -38.41 -6.21 -18.52
CA LEU D 4995 -38.71 -7.53 -19.09
C LEU D 4995 -39.66 -8.32 -18.20
N ILE D 4996 -39.42 -8.28 -16.89
CA ILE D 4996 -40.24 -9.09 -15.98
C ILE D 4996 -41.69 -8.62 -15.99
N ASN D 4997 -41.92 -7.31 -15.89
CA ASN D 4997 -43.28 -6.82 -15.77
C ASN D 4997 -43.99 -6.64 -17.11
N LYS D 4998 -43.30 -6.88 -18.23
CA LYS D 4998 -43.92 -6.78 -19.55
C LYS D 4998 -44.43 -8.13 -20.00
N ASP D 4999 -45.56 -8.12 -20.71
CA ASP D 4999 -46.12 -9.36 -21.25
C ASP D 4999 -45.17 -9.95 -22.30
N GLU D 5000 -44.98 -11.27 -22.22
CA GLU D 5000 -44.00 -11.93 -23.08
C GLU D 5000 -44.41 -11.90 -24.55
N THR D 5001 -45.72 -11.86 -24.83
CA THR D 5001 -46.17 -11.85 -26.22
C THR D 5001 -45.78 -10.57 -26.93
N GLU D 5002 -45.57 -9.48 -26.18
CA GLU D 5002 -45.26 -8.18 -26.77
C GLU D 5002 -43.76 -7.90 -26.83
N HIS D 5003 -42.93 -8.86 -26.47
CA HIS D 5003 -41.49 -8.67 -26.54
C HIS D 5003 -41.03 -8.50 -27.98
N THR D 5004 -40.09 -7.60 -28.20
CA THR D 5004 -39.49 -7.41 -29.51
C THR D 5004 -38.41 -8.47 -29.72
N GLY D 5005 -37.62 -8.32 -30.78
CA GLY D 5005 -36.61 -9.33 -31.07
C GLY D 5005 -35.53 -9.39 -30.00
N GLN D 5006 -34.90 -8.25 -29.72
CA GLN D 5006 -33.87 -8.21 -28.69
C GLN D 5006 -34.43 -8.53 -27.32
N GLU D 5007 -35.63 -8.00 -27.02
CA GLU D 5007 -36.25 -8.30 -25.74
C GLU D 5007 -36.52 -9.79 -25.60
N SER D 5008 -37.04 -10.43 -26.64
CA SER D 5008 -37.29 -11.86 -26.58
C SER D 5008 -36.00 -12.65 -26.44
N TYR D 5009 -34.94 -12.22 -27.14
CA TYR D 5009 -33.65 -12.90 -27.03
C TYR D 5009 -33.11 -12.82 -25.60
N VAL D 5010 -33.19 -11.63 -25.00
CA VAL D 5010 -32.67 -11.47 -23.64
C VAL D 5010 -33.53 -12.25 -22.65
N TRP D 5011 -34.85 -12.27 -22.86
CA TRP D 5011 -35.72 -13.04 -21.99
C TRP D 5011 -35.41 -14.53 -22.08
N LYS D 5012 -35.18 -15.03 -23.30
CA LYS D 5012 -34.82 -16.43 -23.47
C LYS D 5012 -33.50 -16.75 -22.79
N MET D 5013 -32.50 -15.88 -22.96
CA MET D 5013 -31.22 -16.08 -22.28
C MET D 5013 -31.38 -16.03 -20.77
N TYR D 5014 -32.35 -15.24 -20.29
CA TYR D 5014 -32.70 -15.25 -18.87
C TYR D 5014 -33.25 -16.60 -18.45
N GLN D 5015 -34.10 -17.20 -19.30
CA GLN D 5015 -34.73 -18.47 -18.93
C GLN D 5015 -33.70 -19.57 -18.72
N GLU D 5016 -32.69 -19.64 -19.58
CA GLU D 5016 -31.66 -20.66 -19.43
C GLU D 5016 -30.49 -20.20 -18.56
N ARG D 5017 -30.58 -19.02 -17.97
CA ARG D 5017 -29.55 -18.50 -17.06
C ARG D 5017 -28.19 -18.44 -17.75
N CYS D 5018 -28.16 -17.94 -18.98
CA CYS D 5018 -26.92 -17.71 -19.72
C CYS D 5018 -26.64 -16.21 -19.73
N TRP D 5019 -25.52 -15.82 -19.14
CA TRP D 5019 -25.15 -14.41 -19.02
C TRP D 5019 -24.15 -13.98 -20.08
N ASP D 5020 -24.25 -14.55 -21.28
CA ASP D 5020 -23.36 -14.17 -22.37
C ASP D 5020 -23.72 -12.82 -22.95
N PHE D 5021 -24.98 -12.39 -22.83
CA PHE D 5021 -25.40 -11.13 -23.43
C PHE D 5021 -24.79 -9.92 -22.72
N PHE D 5022 -24.29 -10.08 -21.51
CA PHE D 5022 -23.58 -8.99 -20.85
C PHE D 5022 -22.26 -8.75 -21.55
N PRO D 5023 -21.98 -7.56 -22.05
CA PRO D 5023 -20.71 -7.32 -22.76
C PRO D 5023 -19.52 -7.48 -21.82
N ALA D 5024 -18.66 -8.44 -22.14
CA ALA D 5024 -17.46 -8.72 -21.35
C ALA D 5024 -16.24 -8.41 -22.21
N GLY D 5025 -15.55 -7.32 -21.87
CA GLY D 5025 -14.38 -6.90 -22.60
C GLY D 5025 -14.66 -6.12 -23.87
N ASP D 5026 -15.92 -5.89 -24.22
CA ASP D 5026 -16.29 -5.20 -25.44
C ASP D 5026 -17.36 -4.17 -25.12
N CYS D 5027 -17.45 -3.15 -25.97
CA CYS D 5027 -18.47 -2.13 -25.82
C CYS D 5027 -18.77 -1.53 -27.19
N PHE D 5028 -19.77 -0.66 -27.22
CA PHE D 5028 -20.23 -0.08 -28.49
C PHE D 5028 -19.14 0.78 -29.12
N ARG D 5029 -18.51 1.65 -28.33
CA ARG D 5029 -17.51 2.55 -28.89
C ARG D 5029 -16.25 1.82 -29.31
N LYS D 5030 -15.85 0.77 -28.58
CA LYS D 5030 -14.66 0.01 -28.96
C LYS D 5030 -14.85 -0.66 -30.32
N GLN D 5031 -16.02 -1.26 -30.54
CA GLN D 5031 -16.27 -1.94 -31.81
C GLN D 5031 -16.30 -0.95 -32.97
N TYR D 5032 -16.89 0.22 -32.76
CA TYR D 5032 -17.10 1.20 -33.82
C TYR D 5032 -16.22 2.43 -33.63
N GLU D 5033 -14.96 2.23 -33.22
CA GLU D 5033 -14.04 3.36 -33.10
C GLU D 5033 -13.79 4.02 -34.44
N ASP D 5034 -13.65 3.22 -35.50
CA ASP D 5034 -13.36 3.78 -36.83
C ASP D 5034 -14.50 4.67 -37.31
N GLN D 5035 -15.74 4.23 -37.11
CA GLN D 5035 -16.89 5.03 -37.55
C GLN D 5035 -17.12 6.24 -36.65
N LEU D 5036 -16.86 6.12 -35.35
CA LEU D 5036 -17.10 7.22 -34.43
C LEU D 5036 -16.02 8.30 -34.53
N SER D 5037 -14.79 7.91 -34.82
CA SER D 5037 -13.70 8.87 -34.93
C SER D 5037 -13.56 9.41 -36.35
PG AGS E . 7.46 24.26 -4.84
S1G AGS E . 8.88 23.77 -6.09
O2G AGS E . 6.55 25.34 -5.49
O3G AGS E . 8.10 24.84 -3.55
PB AGS E . 6.30 21.89 -5.56
O1B AGS E . 7.48 21.00 -5.72
O2B AGS E . 5.07 21.15 -5.08
O3B AGS E . 6.60 23.01 -4.49
PA AGS E . 6.05 21.82 -8.33
O1A AGS E . 7.32 21.07 -8.43
O2A AGS E . 5.85 22.88 -9.42
O3A AGS E . 5.90 22.58 -6.94
O5' AGS E . 4.88 20.76 -8.34
C5' AGS E . 5.10 19.41 -7.89
C4' AGS E . 4.95 18.47 -9.07
O4' AGS E . 3.71 18.76 -9.76
C3' AGS E . 6.05 18.57 -10.13
O3' AGS E . 6.92 17.45 -10.06
C2' AGS E . 5.30 18.61 -11.47
O2' AGS E . 5.80 17.64 -12.39
C1' AGS E . 3.85 18.29 -11.08
N9 AGS E . 2.85 18.92 -11.91
C8 AGS E . 1.87 18.29 -12.66
N7 AGS E . 1.10 19.12 -13.32
C5 AGS E . 1.59 20.37 -12.99
C6 AGS E . 1.19 21.67 -13.36
N6 AGS E . 0.18 21.93 -14.19
N1 AGS E . 1.89 22.71 -12.85
C2 AGS E . 2.91 22.46 -12.02
N3 AGS E . 3.37 21.27 -11.60
C4 AGS E . 2.66 20.27 -12.12
ZN ZN F . -0.60 18.55 -19.33
PG AGS G . 24.32 -7.37 -4.63
S1G AGS G . 23.86 -8.78 -5.91
O2G AGS G . 25.42 -6.46 -5.25
O3G AGS G . 24.89 -8.04 -3.34
PB AGS G . 21.97 -6.21 -5.36
O1B AGS G . 21.08 -7.38 -5.55
O2B AGS G . 21.21 -4.97 -4.87
O3B AGS G . 23.07 -6.52 -4.28
PA AGS G . 21.93 -5.91 -8.13
O1A AGS G . 21.19 -7.18 -8.26
O2A AGS G . 23.00 -5.70 -9.21
O3A AGS G . 22.67 -5.79 -6.72
O5' AGS G . 20.87 -4.74 -8.13
C5' AGS G . 19.52 -4.96 -7.71
C4' AGS G . 18.60 -4.78 -8.89
O4' AGS G . 18.89 -3.54 -9.56
C3' AGS G . 18.71 -5.88 -9.98
O3' AGS G . 17.59 -6.74 -9.93
C2' AGS G . 18.77 -5.10 -11.30
O2' AGS G . 17.81 -5.58 -12.24
C1' AGS G . 18.44 -3.66 -10.89
N9 AGS G . 19.09 -2.64 -11.69
C8 AGS G . 18.47 -1.66 -12.43
N7 AGS G . 19.30 -0.87 -13.07
C5 AGS G . 20.55 -1.37 -12.73
C6 AGS G . 21.85 -0.96 -13.08
N6 AGS G . 22.12 0.06 -13.88
N1 AGS G . 22.89 -1.67 -12.56
C2 AGS G . 22.62 -2.70 -11.76
N3 AGS G . 21.43 -3.16 -11.36
C4 AGS G . 20.44 -2.45 -11.88
ZN ZN H . 18.82 0.93 -19.05
PG AGS I . -7.30 -24.24 -5.14
S1G AGS I . -8.69 -23.75 -6.44
O2G AGS I . -6.38 -25.32 -5.77
O3G AGS I . -7.99 -24.83 -3.88
PB AGS I . -6.13 -21.87 -5.82
O1B AGS I . -7.30 -20.99 -6.01
O2B AGS I . -4.90 -21.12 -5.30
O3B AGS I . -6.46 -22.99 -4.76
PA AGS I . -5.79 -21.79 -8.58
O1A AGS I . -7.06 -21.05 -8.72
O2A AGS I . -5.57 -22.84 -9.68
O3A AGS I . -5.69 -22.56 -7.19
O5' AGS I . -4.62 -20.73 -8.55
C5' AGS I . -4.85 -19.38 -8.11
C4' AGS I . -4.66 -18.45 -9.28
O4' AGS I . -3.40 -18.72 -9.93
C3' AGS I . -5.74 -18.54 -10.37
O3' AGS I . -6.60 -17.41 -10.32
C2' AGS I . -4.94 -18.57 -11.69
O2' AGS I . -5.41 -17.60 -12.62
C1' AGS I . -3.51 -18.25 -11.25
N9 AGS I . -2.47 -18.88 -12.05
C8 AGS I . -1.48 -18.25 -12.77
N7 AGS I . -0.69 -19.07 -13.41
C5 AGS I . -1.18 -20.33 -13.10
C6 AGS I . -0.78 -21.63 -13.46
N6 AGS I . 0.26 -21.88 -14.26
N1 AGS I . -1.49 -22.67 -12.97
C2 AGS I . -2.54 -22.42 -12.18
N3 AGS I . -3.00 -21.24 -11.76
C4 AGS I . -2.28 -20.22 -12.26
ZN ZN J . 1.20 -18.49 -19.36
PG AGS K . -24.17 7.39 -5.35
S1G AGS K . -23.66 8.80 -6.62
O2G AGS K . -25.24 6.47 -6.01
O3G AGS K . -24.78 8.05 -4.08
PB AGS K . -21.79 6.23 -6.02
O1B AGS K . -20.90 7.40 -6.17
O2B AGS K . -21.05 4.99 -5.51
O3B AGS K . -22.93 6.54 -4.97
PA AGS K . -21.67 5.94 -8.78
O1A AGS K . -20.92 7.21 -8.89
O2A AGS K . -22.71 5.73 -9.90
O3A AGS K . -22.46 5.81 -7.40
O5' AGS K . -20.61 4.76 -8.75
C5' AGS K . -19.27 4.99 -8.29
C4' AGS K . -18.31 4.82 -9.45
O4' AGS K . -18.58 3.57 -10.13
C3' AGS K . -18.39 5.91 -10.53
O3' AGS K . -17.27 6.78 -10.45
C2' AGS K . -18.41 5.14 -11.86
O2' AGS K . -17.43 5.62 -12.76
C1' AGS K . -18.10 3.70 -11.44
N9 AGS K . -18.71 2.68 -12.27
C8 AGS K . -18.08 1.70 -12.99
N7 AGS K . -18.89 0.92 -13.65
C5 AGS K . -20.14 1.41 -13.35
C6 AGS K . -21.44 1.01 -13.74
N6 AGS K . -21.68 -0.02 -14.56
N1 AGS K . -22.49 1.71 -13.26
C2 AGS K . -22.25 2.74 -12.44
N3 AGS K . -21.07 3.21 -12.00
C4 AGS K . -20.05 2.49 -12.50
ZN ZN L . -18.22 -0.87 -19.63
#